data_2AJD
#
_entry.id   2AJD
#
_cell.length_a   63.400
_cell.length_b   122.070
_cell.length_c   134.030
_cell.angle_alpha   111.41
_cell.angle_beta   95.27
_cell.angle_gamma   94.52
#
_symmetry.space_group_name_H-M   'P 1'
#
loop_
_entity.id
_entity.type
_entity.pdbx_description
1 polymer 'Dipeptidyl peptidase 4'
2 branched 2-acetamido-2-deoxy-beta-D-glucopyranose-(1-4)-2-acetamido-2-deoxy-beta-D-glucopyranose
3 branched beta-D-mannopyranose-(1-4)-2-acetamido-2-deoxy-beta-D-glucopyranose-(1-4)-2-acetamido-2-deoxy-beta-D-glucopyranose
4 non-polymer 2-acetamido-2-deoxy-beta-D-glucopyranose
5 non-polymer 'SULFATE ION'
6 non-polymer (2R)-N-[(2R)-2-(DIHYDROXYBORYL)-1-L-PROLYLPYRROLIDIN-2-YL]-N-[(5R)-5-(DIHYDROXYBORYL)-1-L-PROLYLPYRROLIDIN-2-YL]-L-PROLINAMIDE
7 water water
#
_entity_poly.entity_id   1
_entity_poly.type   'polypeptide(L)'
_entity_poly.pdbx_seq_one_letter_code
;SRRTYTLTDYLKSTFRVKFYTLQWISDHEYLYKQENNILLFNAEYGNSSIFLENSTFDELGYSTNDYSVSPDRQFILFEY
NYVKQWRHSYTASYDIYDLNKRQLITEERIPNNTQWITWSPVGHKLAYVWNNDIYVKNEPNLSSQRITWTGKENVIYNGV
TDWVYEEEVFSAYSALWWSPNGTFLAYAQFNDTEVPLIEYSFYSDESLQYPKTVRIPYPKAGAENPTVKFFVVDTRTLSP
NASVTSYQIVPPASVLIGDHYLCGVTWVTEERISLQWIRRAQNYSIIDICDYDESTGRWISSVARQHIEISTTGWVGRFR
PAEPHFTSDGNSFYKIISNEEGYKHICHFQTDKSNCTFITKGAWEVIGIEALTSDYLYYISNEHKGMPGGRNLYRIQLND
YTKVTCLSCELNPERCQYYSASFSNKAKYYQLRCFGPGLPLYTLHSSSSDKELRVLEDNSALDKMLQDVQMPSKKLDVIN
LHGTKFWYQMILPPHFDKSKKYPLLIEVYAGPCSQKVDTVFRLSWATYLASTENIIVASFDGRGSGYQGDKIMHAINRRL
GTFEVEDQIEATRQFSKMGFVDDKRIAIWGWSYGGYVTSMVLGAGSGVFKCGIAVAPVSKWEYYDSVYTERYMGLPTPED
NLDYYRNSTVMSRAENFKQVEYLLIHGTADDNVHFQQSAQLSKALVDAGVDFQTMWYTDEDHGIASNMAHQHIYTHMSHF
LKQCFSLP
;
_entity_poly.pdbx_strand_id   A,B,C,D
#
loop_
_chem_comp.id
_chem_comp.type
_chem_comp.name
_chem_comp.formula
BMA D-saccharide, beta linking beta-D-mannopyranose 'C6 H12 O6'
BPR non-polymer (2R)-N-[(2R)-2-(DIHYDROXYBORYL)-1-L-PROLYLPYRROLIDIN-2-YL]-N-[(5R)-5-(DIHYDROXYBORYL)-1-L-PROLYLPYRROLIDIN-2-YL]-L-PROLINAMIDE 'C9 H17 B N2 O3'
NAG D-saccharide, beta linking 2-acetamido-2-deoxy-beta-D-glucopyranose 'C8 H15 N O6'
SO4 non-polymer 'SULFATE ION' 'O4 S -2'
#
# COMPACT_ATOMS: atom_id res chain seq x y z
N SER A 1 30.60 -62.59 -35.33
CA SER A 1 30.21 -61.47 -36.25
C SER A 1 28.85 -61.75 -36.90
N ARG A 2 27.96 -62.38 -36.14
CA ARG A 2 26.63 -62.68 -36.62
C ARG A 2 25.60 -61.85 -35.87
N ARG A 3 26.06 -60.78 -35.20
CA ARG A 3 25.16 -59.90 -34.47
C ARG A 3 25.19 -58.48 -35.03
N THR A 4 24.12 -57.73 -34.76
CA THR A 4 23.95 -56.37 -35.25
C THR A 4 23.98 -55.27 -34.16
N TYR A 5 24.00 -54.02 -34.60
CA TYR A 5 23.98 -52.87 -33.68
C TYR A 5 22.54 -52.75 -33.20
N THR A 6 22.25 -53.32 -32.04
CA THR A 6 20.88 -53.29 -31.51
C THR A 6 20.39 -51.96 -30.93
N LEU A 7 19.10 -51.92 -30.64
CA LEU A 7 18.48 -50.74 -30.05
C LEU A 7 19.12 -50.55 -28.70
N THR A 8 19.29 -51.63 -27.96
CA THR A 8 19.92 -51.52 -26.65
C THR A 8 21.37 -51.05 -26.76
N ASP A 9 22.07 -51.44 -27.82
CA ASP A 9 23.44 -50.96 -27.98
C ASP A 9 23.40 -49.44 -28.08
N TYR A 10 22.37 -48.90 -28.70
CA TYR A 10 22.26 -47.45 -28.83
C TYR A 10 21.89 -46.80 -27.50
N LEU A 11 20.81 -47.27 -26.89
CA LEU A 11 20.33 -46.71 -25.63
C LEU A 11 21.28 -46.83 -24.44
N LYS A 12 22.08 -47.90 -24.40
CA LYS A 12 23.02 -48.09 -23.30
C LYS A 12 24.44 -47.65 -23.66
N SER A 13 24.63 -47.21 -24.91
CA SER A 13 25.95 -46.78 -25.39
C SER A 13 27.00 -47.83 -25.10
N THR A 14 26.65 -49.09 -25.33
CA THR A 14 27.55 -50.19 -25.05
C THR A 14 28.83 -50.07 -25.86
N PHE A 15 28.82 -49.19 -26.85
CA PHE A 15 30.00 -48.99 -27.68
C PHE A 15 30.45 -47.58 -27.39
N ARG A 16 31.50 -47.48 -26.57
CA ARG A 16 32.05 -46.20 -26.14
C ARG A 16 32.88 -45.45 -27.16
N VAL A 17 32.51 -44.22 -27.48
CA VAL A 17 33.34 -43.46 -28.40
C VAL A 17 34.16 -42.53 -27.51
N LYS A 18 35.47 -42.74 -27.49
CA LYS A 18 36.35 -41.94 -26.65
C LYS A 18 36.76 -40.61 -27.30
N PHE A 19 36.99 -39.61 -26.45
CA PHE A 19 37.42 -38.31 -26.93
C PHE A 19 38.63 -37.88 -26.11
N TYR A 20 39.08 -36.67 -26.30
CA TYR A 20 40.22 -36.19 -25.55
C TYR A 20 40.00 -34.74 -25.27
N THR A 21 39.78 -34.41 -24.00
CA THR A 21 39.53 -33.05 -23.58
C THR A 21 40.74 -32.46 -22.86
N LEU A 22 41.19 -31.30 -23.29
CA LEU A 22 42.33 -30.66 -22.65
C LEU A 22 42.05 -29.19 -22.48
N GLN A 23 42.91 -28.49 -21.73
CA GLN A 23 42.76 -27.05 -21.54
C GLN A 23 44.12 -26.37 -21.63
N TRP A 24 44.23 -25.40 -22.54
CA TRP A 24 45.47 -24.68 -22.72
C TRP A 24 45.59 -23.68 -21.58
N ILE A 25 46.70 -23.73 -20.84
CA ILE A 25 46.88 -22.80 -19.75
C ILE A 25 48.05 -21.88 -20.06
N SER A 26 48.86 -22.31 -21.03
CA SER A 26 50.02 -21.54 -21.49
C SER A 26 50.09 -21.62 -23.01
N ASP A 27 51.21 -21.22 -23.59
CA ASP A 27 51.40 -21.25 -25.03
C ASP A 27 51.97 -22.59 -25.48
N HIS A 28 52.10 -23.53 -24.56
CA HIS A 28 52.65 -24.84 -24.92
C HIS A 28 52.33 -25.91 -23.88
N GLU A 29 51.60 -25.53 -22.84
CA GLU A 29 51.26 -26.50 -21.80
C GLU A 29 49.73 -26.63 -21.70
N TYR A 30 49.25 -27.81 -21.34
CA TYR A 30 47.81 -28.02 -21.20
C TYR A 30 47.42 -29.01 -20.07
N LEU A 31 46.23 -28.82 -19.50
CA LEU A 31 45.74 -29.67 -18.41
C LEU A 31 44.89 -30.80 -18.94
N TYR A 32 44.97 -31.96 -18.29
CA TYR A 32 44.23 -33.12 -18.75
C TYR A 32 43.89 -34.05 -17.60
N LYS A 33 42.60 -34.16 -17.31
CA LYS A 33 42.12 -35.01 -16.22
C LYS A 33 42.24 -36.48 -16.63
N GLN A 34 43.15 -37.20 -15.99
CA GLN A 34 43.33 -38.63 -16.29
C GLN A 34 43.20 -39.45 -15.01
N GLU A 35 42.65 -40.66 -15.14
CA GLU A 35 42.47 -41.55 -13.99
C GLU A 35 42.04 -40.74 -12.78
N ASN A 36 41.27 -39.70 -13.05
CA ASN A 36 40.74 -38.80 -12.05
C ASN A 36 41.76 -37.88 -11.40
N ASN A 37 42.73 -37.43 -12.18
CA ASN A 37 43.73 -36.51 -11.66
C ASN A 37 44.31 -35.63 -12.75
N ILE A 38 44.24 -34.33 -12.52
CA ILE A 38 44.76 -33.38 -13.49
C ILE A 38 46.27 -33.59 -13.67
N LEU A 39 46.72 -33.49 -14.92
CA LEU A 39 48.14 -33.65 -15.24
C LEU A 39 48.54 -32.50 -16.13
N LEU A 40 49.72 -31.93 -15.93
CA LEU A 40 50.16 -30.85 -16.81
C LEU A 40 50.95 -31.48 -17.93
N PHE A 41 50.51 -31.25 -19.16
CA PHE A 41 51.20 -31.79 -20.32
C PHE A 41 51.98 -30.67 -20.99
N ASN A 42 53.19 -31.01 -21.42
CA ASN A 42 54.07 -30.08 -22.11
C ASN A 42 53.97 -30.40 -23.60
N ALA A 43 53.17 -29.63 -24.32
CA ALA A 43 52.94 -29.85 -25.75
C ALA A 43 54.21 -30.13 -26.55
N GLU A 44 55.29 -29.45 -26.20
CA GLU A 44 56.56 -29.61 -26.92
C GLU A 44 57.17 -31.01 -26.89
N TYR A 45 57.17 -31.64 -25.72
CA TYR A 45 57.79 -32.95 -25.60
C TYR A 45 56.86 -34.14 -25.40
N GLY A 46 55.78 -33.93 -24.66
CA GLY A 46 54.84 -35.02 -24.44
C GLY A 46 54.93 -35.51 -23.01
N ASN A 47 55.96 -35.05 -22.30
CA ASN A 47 56.14 -35.43 -20.92
C ASN A 47 55.10 -34.70 -20.07
N SER A 48 54.56 -35.39 -19.09
CA SER A 48 53.56 -34.80 -18.22
C SER A 48 54.02 -34.78 -16.77
N SER A 49 53.12 -34.33 -15.89
CA SER A 49 53.40 -34.27 -14.47
C SER A 49 52.08 -34.13 -13.73
N ILE A 50 52.04 -34.59 -12.49
CA ILE A 50 50.83 -34.50 -11.70
C ILE A 50 50.62 -33.06 -11.24
N PHE A 51 49.47 -32.51 -11.61
CA PHE A 51 49.12 -31.13 -11.24
C PHE A 51 48.19 -31.16 -10.05
N LEU A 52 47.50 -32.28 -9.90
CA LEU A 52 46.60 -32.49 -8.78
C LEU A 52 46.19 -33.95 -8.78
N GLU A 53 46.70 -34.67 -7.78
CA GLU A 53 46.45 -36.10 -7.61
C GLU A 53 44.98 -36.37 -7.40
N ASN A 54 44.52 -37.56 -7.76
CA ASN A 54 43.13 -37.92 -7.50
C ASN A 54 43.15 -37.89 -5.97
N SER A 55 42.35 -38.71 -5.31
CA SER A 55 42.36 -38.69 -3.83
C SER A 55 42.02 -37.28 -3.34
N THR A 56 42.87 -36.30 -3.67
CA THR A 56 42.65 -34.91 -3.30
C THR A 56 41.21 -34.55 -3.69
N PHE A 57 40.63 -35.35 -4.57
CA PHE A 57 39.26 -35.18 -4.99
C PHE A 57 38.39 -35.95 -4.00
N ASP A 58 37.88 -35.25 -3.00
CA ASP A 58 37.04 -35.85 -1.96
C ASP A 58 35.56 -35.45 -2.12
N GLU A 59 34.84 -36.23 -2.93
CA GLU A 59 33.42 -36.02 -3.20
C GLU A 59 32.77 -34.95 -2.33
N LEU A 60 33.14 -33.69 -2.58
CA LEU A 60 32.60 -32.57 -1.80
C LEU A 60 31.13 -32.42 -2.13
N GLY A 61 30.27 -32.94 -1.25
CA GLY A 61 28.85 -32.87 -1.47
C GLY A 61 28.42 -33.96 -2.43
N TYR A 62 28.88 -33.87 -3.67
CA TYR A 62 28.55 -34.86 -4.69
C TYR A 62 29.80 -35.29 -5.47
N SER A 63 29.96 -34.73 -6.66
CA SER A 63 31.09 -35.06 -7.54
C SER A 63 31.63 -33.82 -8.25
N THR A 64 32.96 -33.80 -8.48
CA THR A 64 33.59 -32.66 -9.14
C THR A 64 33.39 -32.70 -10.65
N ASN A 65 32.26 -32.13 -11.07
CA ASN A 65 31.89 -32.10 -12.47
C ASN A 65 32.77 -31.23 -13.35
N ASP A 66 33.33 -30.18 -12.77
CA ASP A 66 34.15 -29.28 -13.58
C ASP A 66 35.13 -28.48 -12.74
N TYR A 67 36.25 -28.13 -13.36
CA TYR A 67 37.27 -27.37 -12.66
C TYR A 67 37.90 -26.31 -13.55
N SER A 68 38.29 -25.20 -12.95
CA SER A 68 38.94 -24.12 -13.69
C SER A 68 40.06 -23.55 -12.84
N VAL A 69 41.27 -23.54 -13.39
CA VAL A 69 42.43 -23.02 -12.68
C VAL A 69 42.65 -21.56 -13.01
N SER A 70 43.02 -20.75 -12.02
CA SER A 70 43.27 -19.33 -12.25
C SER A 70 44.46 -19.27 -13.21
N PRO A 71 44.57 -18.18 -14.00
CA PRO A 71 45.67 -18.04 -14.95
C PRO A 71 47.08 -18.06 -14.37
N ASP A 72 47.26 -17.57 -13.13
CA ASP A 72 48.59 -17.58 -12.52
C ASP A 72 48.85 -18.90 -11.84
N ARG A 73 47.95 -19.86 -12.05
CA ARG A 73 48.06 -21.20 -11.49
C ARG A 73 48.19 -21.28 -9.96
N GLN A 74 47.75 -20.24 -9.25
CA GLN A 74 47.84 -20.22 -7.81
C GLN A 74 46.67 -20.88 -7.11
N PHE A 75 45.53 -20.92 -7.80
CA PHE A 75 44.33 -21.53 -7.25
C PHE A 75 43.63 -22.31 -8.33
N ILE A 76 42.72 -23.18 -7.91
CA ILE A 76 41.94 -23.95 -8.86
C ILE A 76 40.51 -23.89 -8.35
N LEU A 77 39.56 -23.74 -9.26
CA LEU A 77 38.15 -23.66 -8.92
C LEU A 77 37.49 -25.02 -9.10
N PHE A 78 36.73 -25.47 -8.11
CA PHE A 78 36.02 -26.73 -8.20
C PHE A 78 34.52 -26.45 -8.25
N GLU A 79 33.81 -27.13 -9.15
CA GLU A 79 32.38 -26.97 -9.28
C GLU A 79 31.68 -28.23 -8.80
N TYR A 80 30.69 -28.09 -7.93
CA TYR A 80 29.94 -29.24 -7.47
C TYR A 80 28.48 -28.86 -7.27
N ASN A 81 27.65 -29.83 -6.93
CA ASN A 81 26.22 -29.56 -6.72
C ASN A 81 25.56 -28.89 -7.92
N TYR A 82 26.02 -29.28 -9.11
CA TYR A 82 25.52 -28.75 -10.38
C TYR A 82 24.03 -29.01 -10.54
N VAL A 83 23.27 -27.95 -10.81
CA VAL A 83 21.83 -28.11 -11.01
C VAL A 83 21.38 -27.42 -12.28
N LYS A 84 21.34 -28.19 -13.37
CA LYS A 84 20.94 -27.67 -14.67
C LYS A 84 19.67 -26.82 -14.67
N GLN A 85 19.65 -25.84 -15.56
CA GLN A 85 18.49 -24.98 -15.71
C GLN A 85 17.97 -25.09 -17.15
N TRP A 86 18.37 -24.16 -18.01
CA TRP A 86 17.90 -24.21 -19.39
C TRP A 86 18.87 -25.00 -20.27
N ARG A 87 19.24 -24.44 -21.42
CA ARG A 87 20.15 -25.16 -22.31
C ARG A 87 21.63 -24.99 -21.97
N HIS A 88 21.97 -23.81 -21.45
CA HIS A 88 23.36 -23.51 -21.09
C HIS A 88 23.49 -23.18 -19.61
N SER A 89 22.42 -22.62 -19.06
CA SER A 89 22.38 -22.20 -17.68
C SER A 89 22.35 -23.33 -16.66
N TYR A 90 22.70 -22.96 -15.42
CA TYR A 90 22.73 -23.87 -14.30
C TYR A 90 23.34 -23.16 -13.09
N THR A 91 23.11 -23.73 -11.92
CA THR A 91 23.67 -23.21 -10.68
C THR A 91 24.58 -24.31 -10.13
N ALA A 92 25.36 -23.97 -9.12
CA ALA A 92 26.26 -24.95 -8.54
C ALA A 92 26.89 -24.33 -7.32
N SER A 93 27.73 -25.12 -6.67
CA SER A 93 28.44 -24.66 -5.49
C SER A 93 29.88 -24.73 -5.91
N TYR A 94 30.69 -23.82 -5.42
CA TYR A 94 32.08 -23.79 -5.80
C TYR A 94 33.10 -23.71 -4.67
N ASP A 95 34.18 -24.46 -4.84
CA ASP A 95 35.26 -24.44 -3.88
C ASP A 95 36.51 -23.90 -4.60
N ILE A 96 37.38 -23.23 -3.84
CA ILE A 96 38.62 -22.73 -4.39
C ILE A 96 39.73 -23.42 -3.61
N TYR A 97 40.68 -23.99 -4.32
CA TYR A 97 41.76 -24.71 -3.68
C TYR A 97 43.11 -24.01 -3.91
N ASP A 98 43.84 -23.75 -2.83
CA ASP A 98 45.13 -23.09 -2.91
C ASP A 98 46.20 -24.11 -3.28
N LEU A 99 46.80 -23.93 -4.45
CA LEU A 99 47.82 -24.85 -4.94
C LEU A 99 49.17 -24.70 -4.25
N ASN A 100 49.34 -23.59 -3.54
CA ASN A 100 50.60 -23.37 -2.83
C ASN A 100 50.45 -24.10 -1.50
N LYS A 101 49.68 -23.50 -0.59
CA LYS A 101 49.42 -24.09 0.72
C LYS A 101 48.89 -25.51 0.53
N ARG A 102 48.33 -25.79 -0.64
CA ARG A 102 47.77 -27.10 -0.95
C ARG A 102 46.62 -27.39 0.01
N GLN A 103 45.97 -26.32 0.45
CA GLN A 103 44.83 -26.43 1.37
C GLN A 103 43.58 -26.03 0.60
N LEU A 104 42.46 -26.06 1.31
CA LEU A 104 41.20 -25.69 0.71
C LEU A 104 40.85 -24.37 1.38
N ILE A 105 40.35 -23.40 0.60
CA ILE A 105 40.01 -22.11 1.19
C ILE A 105 38.71 -22.32 1.97
N THR A 106 38.68 -21.85 3.21
CA THR A 106 37.50 -22.04 4.04
C THR A 106 36.83 -20.76 4.53
N GLU A 107 37.58 -19.67 4.59
CA GLU A 107 36.97 -18.42 5.02
C GLU A 107 36.48 -17.75 3.73
N GLU A 108 35.35 -17.07 3.81
CA GLU A 108 34.80 -16.37 2.65
C GLU A 108 34.61 -17.25 1.41
N ARG A 109 33.64 -18.16 1.48
CA ARG A 109 33.35 -19.10 0.39
C ARG A 109 32.38 -18.50 -0.63
N ILE A 110 32.35 -19.08 -1.83
CA ILE A 110 31.45 -18.63 -2.88
C ILE A 110 30.05 -19.10 -2.52
N PRO A 111 29.04 -18.22 -2.63
CA PRO A 111 27.64 -18.51 -2.31
C PRO A 111 27.07 -19.81 -2.90
N ASN A 112 26.11 -20.39 -2.19
CA ASN A 112 25.48 -21.60 -2.66
C ASN A 112 24.49 -21.09 -3.72
N ASN A 113 24.32 -21.84 -4.81
CA ASN A 113 23.42 -21.46 -5.90
C ASN A 113 24.03 -20.41 -6.83
N THR A 114 25.35 -20.37 -6.92
CA THR A 114 26.00 -19.41 -7.79
C THR A 114 25.61 -19.64 -9.26
N GLN A 115 25.30 -18.55 -9.95
CA GLN A 115 24.83 -18.62 -11.34
C GLN A 115 25.88 -18.59 -12.43
N TRP A 116 27.00 -17.94 -12.16
CA TRP A 116 28.07 -17.86 -13.12
C TRP A 116 29.25 -17.29 -12.35
N ILE A 117 30.44 -17.83 -12.61
CA ILE A 117 31.64 -17.40 -11.92
C ILE A 117 32.81 -17.49 -12.91
N THR A 118 33.80 -16.62 -12.74
CA THR A 118 34.91 -16.62 -13.68
C THR A 118 36.19 -15.97 -13.18
N TRP A 119 37.32 -16.60 -13.48
CA TRP A 119 38.62 -16.05 -13.11
C TRP A 119 38.81 -14.85 -14.03
N SER A 120 39.64 -13.91 -13.60
CA SER A 120 39.92 -12.74 -14.43
C SER A 120 40.93 -13.30 -15.42
N PRO A 121 41.27 -12.53 -16.48
CA PRO A 121 42.22 -13.00 -17.50
C PRO A 121 43.61 -13.30 -16.93
N VAL A 122 44.12 -12.39 -16.12
CA VAL A 122 45.43 -12.53 -15.50
C VAL A 122 45.34 -12.51 -13.98
N GLY A 123 46.19 -13.30 -13.34
CA GLY A 123 46.16 -13.33 -11.89
C GLY A 123 45.15 -14.33 -11.35
N HIS A 124 44.28 -13.86 -10.46
CA HIS A 124 43.29 -14.74 -9.86
C HIS A 124 42.09 -14.02 -9.26
N LYS A 125 41.67 -12.94 -9.91
CA LYS A 125 40.49 -12.23 -9.42
C LYS A 125 39.35 -13.19 -9.72
N LEU A 126 38.15 -12.83 -9.33
CA LEU A 126 36.96 -13.64 -9.60
C LEU A 126 35.82 -12.68 -9.72
N ALA A 127 34.90 -13.01 -10.62
CA ALA A 127 33.68 -12.23 -10.84
C ALA A 127 32.62 -13.34 -10.82
N TYR A 128 31.49 -13.09 -10.19
CA TYR A 128 30.47 -14.13 -10.19
C TYR A 128 29.12 -13.55 -10.02
N VAL A 129 28.11 -14.31 -10.43
CA VAL A 129 26.74 -13.83 -10.30
C VAL A 129 25.99 -14.72 -9.34
N TRP A 130 25.12 -14.08 -8.57
CA TRP A 130 24.33 -14.76 -7.57
C TRP A 130 23.08 -13.93 -7.42
N ASN A 131 21.91 -14.59 -7.40
CA ASN A 131 20.64 -13.89 -7.32
C ASN A 131 20.63 -12.66 -8.22
N ASN A 132 21.05 -12.89 -9.46
CA ASN A 132 21.11 -11.87 -10.50
C ASN A 132 21.91 -10.61 -10.23
N ASP A 133 22.87 -10.70 -9.32
CA ASP A 133 23.70 -9.54 -9.02
C ASP A 133 25.15 -9.99 -9.15
N ILE A 134 26.04 -9.03 -9.41
CA ILE A 134 27.47 -9.29 -9.60
C ILE A 134 28.32 -9.10 -8.35
N TYR A 135 29.33 -9.95 -8.18
CA TYR A 135 30.22 -9.87 -7.03
C TYR A 135 31.69 -10.04 -7.43
N VAL A 136 32.60 -9.21 -6.92
CA VAL A 136 34.03 -9.32 -7.26
C VAL A 136 34.95 -9.68 -6.10
N LYS A 137 35.62 -10.82 -6.19
CA LYS A 137 36.56 -11.26 -5.16
C LYS A 137 38.00 -11.11 -5.67
N ASN A 138 38.70 -10.03 -5.30
CA ASN A 138 40.07 -9.89 -5.77
C ASN A 138 40.86 -11.08 -5.26
N GLU A 139 40.80 -11.34 -3.96
CA GLU A 139 41.50 -12.47 -3.37
C GLU A 139 40.46 -13.50 -2.92
N PRO A 140 40.80 -14.78 -3.02
CA PRO A 140 39.85 -15.82 -2.61
C PRO A 140 39.37 -15.71 -1.16
N ASN A 141 40.29 -15.90 -0.22
CA ASN A 141 39.96 -15.84 1.21
C ASN A 141 39.32 -14.54 1.70
N LEU A 142 39.50 -13.46 0.97
CA LEU A 142 38.92 -12.18 1.36
C LEU A 142 37.44 -12.13 1.00
N SER A 143 36.74 -11.09 1.43
CA SER A 143 35.31 -11.00 1.14
C SER A 143 35.12 -10.49 -0.28
N SER A 144 33.88 -10.59 -0.76
CA SER A 144 33.52 -10.17 -2.10
C SER A 144 32.81 -8.83 -2.06
N GLN A 145 33.04 -8.03 -3.09
CA GLN A 145 32.43 -6.71 -3.21
C GLN A 145 31.26 -6.75 -4.18
N ARG A 146 30.07 -6.46 -3.69
CA ARG A 146 28.87 -6.47 -4.52
C ARG A 146 28.94 -5.29 -5.50
N ILE A 147 28.67 -5.57 -6.77
CA ILE A 147 28.73 -4.57 -7.83
C ILE A 147 27.37 -4.01 -8.27
N THR A 148 26.32 -4.80 -8.09
CA THR A 148 24.99 -4.34 -8.49
C THR A 148 23.98 -4.68 -7.42
N TRP A 149 22.87 -3.94 -7.40
CA TRP A 149 21.85 -4.18 -6.40
C TRP A 149 20.45 -4.36 -7.00
N THR A 150 20.35 -4.19 -8.32
CA THR A 150 19.10 -4.30 -9.05
C THR A 150 18.59 -5.74 -9.33
N GLY A 151 19.48 -6.71 -9.24
CA GLY A 151 19.07 -8.08 -9.50
C GLY A 151 17.76 -8.55 -8.88
N LYS A 152 16.91 -9.14 -9.72
CA LYS A 152 15.62 -9.65 -9.29
C LYS A 152 15.24 -10.84 -10.16
N GLU A 153 14.86 -11.92 -9.51
CA GLU A 153 14.45 -13.13 -10.21
C GLU A 153 13.33 -12.86 -11.18
N ASN A 154 13.50 -13.42 -12.37
CA ASN A 154 12.52 -13.30 -13.45
C ASN A 154 12.31 -11.87 -13.91
N VAL A 155 13.09 -10.91 -13.42
CA VAL A 155 12.88 -9.54 -13.86
C VAL A 155 14.13 -8.77 -14.30
N ILE A 156 15.17 -8.80 -13.48
CA ILE A 156 16.39 -8.10 -13.80
C ILE A 156 17.60 -8.98 -13.71
N TYR A 157 18.35 -9.00 -14.80
CA TYR A 157 19.53 -9.83 -14.86
C TYR A 157 20.83 -9.02 -15.04
N ASN A 158 21.74 -9.17 -14.08
CA ASN A 158 23.03 -8.51 -14.15
C ASN A 158 24.12 -9.58 -14.29
N GLY A 159 24.78 -9.63 -15.45
CA GLY A 159 25.87 -10.58 -15.62
C GLY A 159 25.53 -11.92 -16.24
N VAL A 160 24.23 -12.18 -16.35
CA VAL A 160 23.73 -13.42 -16.95
C VAL A 160 22.51 -13.06 -17.78
N THR A 161 22.31 -13.83 -18.84
CA THR A 161 21.21 -13.63 -19.76
C THR A 161 19.86 -14.18 -19.31
N ASP A 162 18.78 -13.63 -19.85
CA ASP A 162 17.45 -14.14 -19.52
C ASP A 162 17.22 -15.33 -20.44
N TRP A 163 15.98 -15.81 -20.60
CA TRP A 163 15.74 -17.00 -21.43
C TRP A 163 16.05 -16.82 -22.92
N VAL A 164 15.53 -15.77 -23.52
CA VAL A 164 15.73 -15.56 -24.95
C VAL A 164 17.16 -15.19 -25.37
N TYR A 165 17.91 -14.49 -24.53
CA TYR A 165 19.29 -14.14 -24.90
C TYR A 165 20.17 -15.34 -24.71
N GLU A 166 19.71 -16.25 -23.85
CA GLU A 166 20.51 -17.44 -23.56
C GLU A 166 20.31 -18.42 -24.68
N GLU A 167 19.07 -18.53 -25.10
CA GLU A 167 18.70 -19.46 -26.13
C GLU A 167 19.00 -18.99 -27.55
N GLU A 168 18.74 -17.72 -27.86
CA GLU A 168 18.94 -17.23 -29.22
C GLU A 168 19.99 -16.18 -29.56
N VAL A 169 20.51 -15.46 -28.56
CA VAL A 169 21.47 -14.41 -28.87
C VAL A 169 22.94 -14.58 -28.48
N PHE A 170 23.22 -15.30 -27.40
CA PHE A 170 24.60 -15.53 -26.96
C PHE A 170 24.91 -16.99 -26.92
N SER A 171 23.88 -17.80 -26.79
CA SER A 171 24.03 -19.25 -26.69
C SER A 171 24.78 -19.60 -25.41
N ALA A 172 24.73 -18.72 -24.42
CA ALA A 172 25.43 -18.96 -23.16
C ALA A 172 24.74 -18.23 -22.02
N TYR A 173 24.98 -18.66 -20.79
CA TYR A 173 24.35 -18.00 -19.67
C TYR A 173 24.98 -16.65 -19.37
N SER A 174 26.30 -16.60 -19.49
CA SER A 174 27.10 -15.41 -19.22
C SER A 174 26.91 -14.13 -20.02
N ALA A 175 27.11 -13.01 -19.34
CA ALA A 175 27.04 -11.65 -19.87
C ALA A 175 28.01 -10.83 -19.01
N LEU A 176 29.22 -11.38 -18.85
CA LEU A 176 30.32 -10.83 -18.06
C LEU A 176 31.62 -10.89 -18.88
N TRP A 177 32.32 -9.78 -19.02
CA TRP A 177 33.55 -9.76 -19.80
C TRP A 177 34.66 -8.95 -19.12
N TRP A 178 35.65 -9.63 -18.56
CA TRP A 178 36.78 -8.95 -17.93
C TRP A 178 37.63 -8.35 -19.04
N SER A 179 38.37 -7.29 -18.72
CA SER A 179 39.30 -6.66 -19.68
C SER A 179 40.51 -7.59 -19.73
N PRO A 180 41.33 -7.48 -20.79
CA PRO A 180 42.51 -8.34 -20.96
C PRO A 180 43.43 -8.43 -19.73
N ASN A 181 43.52 -7.35 -18.98
CA ASN A 181 44.37 -7.33 -17.80
C ASN A 181 43.62 -7.25 -16.46
N GLY A 182 42.30 -7.39 -16.49
CA GLY A 182 41.51 -7.37 -15.26
C GLY A 182 41.17 -6.02 -14.67
N THR A 183 41.42 -4.95 -15.42
CA THR A 183 41.14 -3.60 -14.93
C THR A 183 39.63 -3.41 -14.94
N PHE A 184 39.05 -3.61 -16.11
CA PHE A 184 37.62 -3.44 -16.29
C PHE A 184 36.86 -4.76 -16.26
N LEU A 185 35.61 -4.68 -15.85
CA LEU A 185 34.71 -5.83 -15.81
C LEU A 185 33.47 -5.32 -16.49
N ALA A 186 33.15 -5.86 -17.65
CA ALA A 186 31.96 -5.43 -18.37
C ALA A 186 30.82 -6.42 -18.19
N TYR A 187 29.59 -5.92 -18.14
CA TYR A 187 28.45 -6.81 -18.01
C TYR A 187 27.28 -6.21 -18.72
N ALA A 188 26.28 -7.06 -18.98
CA ALA A 188 25.04 -6.65 -19.61
C ALA A 188 23.97 -6.73 -18.55
N GLN A 189 22.96 -5.88 -18.64
CA GLN A 189 21.88 -5.94 -17.70
C GLN A 189 20.64 -6.17 -18.51
N PHE A 190 19.83 -7.16 -18.14
CA PHE A 190 18.59 -7.41 -18.88
C PHE A 190 17.33 -7.04 -18.08
N ASN A 191 16.36 -6.47 -18.76
CA ASN A 191 15.12 -6.10 -18.09
C ASN A 191 13.95 -6.82 -18.78
N ASP A 192 13.39 -7.82 -18.09
CA ASP A 192 12.25 -8.60 -18.63
C ASP A 192 10.90 -8.10 -18.15
N THR A 193 10.87 -6.95 -17.52
CA THR A 193 9.61 -6.45 -16.99
C THR A 193 8.34 -6.51 -17.83
N GLU A 194 8.42 -6.19 -19.12
CA GLU A 194 7.22 -6.20 -19.96
C GLU A 194 7.07 -7.39 -20.88
N VAL A 195 7.94 -8.38 -20.69
CA VAL A 195 7.97 -9.61 -21.45
C VAL A 195 6.90 -10.54 -20.90
N PRO A 196 5.99 -11.03 -21.75
CA PRO A 196 4.92 -11.91 -21.28
C PRO A 196 5.45 -13.20 -20.67
N LEU A 197 4.67 -13.78 -19.78
CA LEU A 197 5.08 -15.01 -19.12
C LEU A 197 4.48 -16.26 -19.71
N ILE A 198 5.34 -17.24 -20.01
CA ILE A 198 4.86 -18.53 -20.49
C ILE A 198 4.73 -19.35 -19.20
N GLU A 199 3.61 -20.04 -19.06
CA GLU A 199 3.38 -20.84 -17.87
C GLU A 199 2.92 -22.25 -18.22
N TYR A 200 3.44 -23.22 -17.46
CA TYR A 200 3.06 -24.59 -17.67
C TYR A 200 3.21 -25.39 -16.38
N SER A 201 2.60 -26.56 -16.33
CA SER A 201 2.67 -27.36 -15.11
C SER A 201 3.91 -28.20 -14.99
N PHE A 202 4.39 -28.32 -13.76
CA PHE A 202 5.52 -29.19 -13.49
C PHE A 202 4.95 -30.11 -12.39
N TYR A 203 4.80 -31.40 -12.69
CA TYR A 203 4.19 -32.30 -11.72
C TYR A 203 5.12 -32.77 -10.63
N SER A 204 6.41 -32.75 -10.95
CA SER A 204 7.46 -33.15 -10.03
C SER A 204 7.32 -34.56 -9.58
N ASP A 205 7.99 -34.86 -8.48
CA ASP A 205 7.96 -36.18 -7.90
C ASP A 205 6.58 -36.61 -7.40
N GLU A 206 6.24 -37.86 -7.68
CA GLU A 206 4.97 -38.47 -7.30
C GLU A 206 4.40 -38.07 -5.97
N SER A 207 5.27 -37.72 -5.02
CA SER A 207 4.80 -37.36 -3.70
C SER A 207 4.28 -35.94 -3.54
N LEU A 208 4.53 -35.08 -4.52
CA LEU A 208 4.06 -33.69 -4.44
C LEU A 208 2.55 -33.72 -4.61
N GLN A 209 1.81 -33.24 -3.62
CA GLN A 209 0.35 -33.27 -3.74
C GLN A 209 -0.27 -32.28 -4.73
N TYR A 210 0.42 -31.18 -5.03
CA TYR A 210 -0.11 -30.22 -6.00
C TYR A 210 0.95 -29.88 -7.03
N PRO A 211 0.59 -29.85 -8.32
CA PRO A 211 1.53 -29.54 -9.40
C PRO A 211 1.96 -28.10 -9.23
N LYS A 212 3.16 -27.77 -9.67
CA LYS A 212 3.63 -26.40 -9.55
C LYS A 212 3.46 -25.74 -10.92
N THR A 213 3.33 -24.43 -10.95
CA THR A 213 3.24 -23.78 -12.25
C THR A 213 4.56 -23.04 -12.54
N VAL A 214 5.30 -23.50 -13.53
CA VAL A 214 6.53 -22.82 -13.89
C VAL A 214 6.19 -21.56 -14.70
N ARG A 215 6.86 -20.46 -14.37
CA ARG A 215 6.65 -19.18 -15.04
C ARG A 215 7.97 -18.66 -15.56
N ILE A 216 8.01 -18.35 -16.86
CA ILE A 216 9.24 -17.86 -17.49
C ILE A 216 8.99 -16.68 -18.41
N PRO A 217 9.79 -15.61 -18.28
CA PRO A 217 9.62 -14.44 -19.16
C PRO A 217 10.05 -14.92 -20.53
N TYR A 218 9.11 -15.03 -21.46
CA TYR A 218 9.40 -15.57 -22.78
C TYR A 218 8.71 -14.80 -23.91
N PRO A 219 9.48 -14.06 -24.72
CA PRO A 219 8.84 -13.30 -25.81
C PRO A 219 8.54 -14.15 -27.03
N LYS A 220 7.27 -14.23 -27.40
CA LYS A 220 6.86 -15.01 -28.58
C LYS A 220 6.82 -14.04 -29.77
N ALA A 221 6.86 -14.56 -30.99
CA ALA A 221 6.85 -13.68 -32.16
C ALA A 221 6.02 -12.41 -31.99
N GLY A 222 6.67 -11.27 -32.21
CA GLY A 222 5.95 -10.00 -32.11
C GLY A 222 5.59 -9.42 -30.75
N ALA A 223 5.97 -10.10 -29.67
CA ALA A 223 5.68 -9.62 -28.32
C ALA A 223 6.80 -8.81 -27.73
N GLU A 224 6.49 -8.13 -26.64
CA GLU A 224 7.43 -7.26 -25.95
C GLU A 224 8.72 -7.99 -25.58
N ASN A 225 9.86 -7.46 -26.01
CA ASN A 225 11.15 -8.07 -25.74
C ASN A 225 11.88 -7.50 -24.53
N PRO A 226 12.84 -8.27 -23.98
CA PRO A 226 13.58 -7.76 -22.84
C PRO A 226 14.46 -6.60 -23.38
N THR A 227 14.67 -5.57 -22.57
CA THR A 227 15.51 -4.46 -23.02
C THR A 227 16.92 -4.73 -22.51
N VAL A 228 17.90 -3.99 -23.01
CA VAL A 228 19.29 -4.22 -22.60
C VAL A 228 20.12 -2.95 -22.34
N LYS A 229 21.08 -3.09 -21.43
CA LYS A 229 22.02 -2.01 -21.09
C LYS A 229 23.40 -2.63 -20.92
N PHE A 230 24.40 -1.88 -21.37
CA PHE A 230 25.79 -2.34 -21.26
C PHE A 230 26.56 -1.44 -20.27
N PHE A 231 27.42 -2.05 -19.47
CA PHE A 231 28.17 -1.30 -18.48
C PHE A 231 29.63 -1.71 -18.43
N VAL A 232 30.49 -0.72 -18.22
CA VAL A 232 31.90 -1.00 -18.07
C VAL A 232 32.29 -0.52 -16.66
N VAL A 233 32.71 -1.45 -15.82
CA VAL A 233 33.10 -1.11 -14.46
C VAL A 233 34.62 -1.10 -14.25
N ASP A 234 35.11 -0.04 -13.62
CA ASP A 234 36.53 0.14 -13.32
C ASP A 234 36.73 -0.51 -11.95
N THR A 235 37.33 -1.69 -11.92
CA THR A 235 37.52 -2.37 -10.64
C THR A 235 38.59 -1.78 -9.75
N ARG A 236 39.32 -0.80 -10.27
CA ARG A 236 40.40 -0.18 -9.51
C ARG A 236 39.93 0.47 -8.23
N THR A 237 38.78 1.14 -8.28
CA THR A 237 38.26 1.81 -7.10
C THR A 237 37.28 0.96 -6.27
N LEU A 238 37.09 -0.30 -6.64
CA LEU A 238 36.18 -1.14 -5.87
C LEU A 238 36.56 -1.12 -4.40
N SER A 239 35.76 -0.41 -3.61
CA SER A 239 36.03 -0.30 -2.18
C SER A 239 34.73 -0.28 -1.34
N PRO A 240 34.71 -1.03 -0.24
CA PRO A 240 33.55 -1.10 0.64
C PRO A 240 32.96 0.26 1.03
N ASN A 241 33.78 1.30 0.96
CA ASN A 241 33.29 2.63 1.29
C ASN A 241 33.23 3.50 0.06
N ALA A 242 33.14 2.87 -1.10
CA ALA A 242 33.11 3.65 -2.33
C ALA A 242 31.98 3.28 -3.26
N SER A 243 31.47 4.28 -3.97
CA SER A 243 30.41 4.04 -4.94
C SER A 243 31.10 3.24 -6.04
N VAL A 244 30.32 2.64 -6.93
CA VAL A 244 30.92 1.89 -8.01
C VAL A 244 31.21 2.83 -9.18
N THR A 245 32.36 2.66 -9.80
CA THR A 245 32.70 3.49 -10.95
C THR A 245 32.36 2.68 -12.19
N SER A 246 31.33 3.12 -12.94
CA SER A 246 30.95 2.42 -14.15
C SER A 246 30.37 3.38 -15.17
N TYR A 247 30.67 3.12 -16.44
CA TYR A 247 30.20 3.93 -17.55
C TYR A 247 29.16 3.08 -18.32
N GLN A 248 28.08 3.69 -18.80
CA GLN A 248 27.11 2.91 -19.54
C GLN A 248 27.31 3.22 -21.01
N ILE A 249 27.55 2.18 -21.82
CA ILE A 249 27.74 2.39 -23.25
C ILE A 249 26.45 2.07 -24.01
N VAL A 250 26.02 3.02 -24.83
CA VAL A 250 24.80 2.88 -25.61
C VAL A 250 25.12 2.56 -27.06
N PRO A 251 24.15 1.98 -27.78
CA PRO A 251 24.34 1.61 -29.19
C PRO A 251 24.38 2.79 -30.14
N PRO A 252 25.02 2.64 -31.30
CA PRO A 252 25.07 3.76 -32.24
C PRO A 252 23.66 4.26 -32.47
N ALA A 253 23.52 5.44 -33.04
CA ALA A 253 22.18 5.99 -33.29
C ALA A 253 21.30 5.13 -34.21
N SER A 254 21.89 4.52 -35.23
CA SER A 254 21.14 3.72 -36.18
C SER A 254 20.41 2.50 -35.57
N VAL A 255 20.91 1.98 -34.46
CA VAL A 255 20.27 0.84 -33.81
C VAL A 255 19.36 1.33 -32.68
N LEU A 256 19.83 2.37 -32.00
CA LEU A 256 19.14 2.97 -30.86
C LEU A 256 17.78 3.53 -31.26
N ILE A 257 17.54 3.61 -32.56
CA ILE A 257 16.28 4.16 -33.01
C ILE A 257 15.12 3.31 -32.46
N GLY A 258 14.98 2.07 -32.90
CA GLY A 258 13.91 1.21 -32.40
C GLY A 258 14.43 0.07 -31.53
N ASP A 259 13.68 -1.04 -31.45
CA ASP A 259 14.10 -2.19 -30.66
C ASP A 259 15.39 -2.78 -31.19
N HIS A 260 16.15 -3.41 -30.32
CA HIS A 260 17.39 -4.00 -30.72
C HIS A 260 17.88 -5.06 -29.72
N TYR A 261 19.03 -5.66 -30.05
CA TYR A 261 19.68 -6.68 -29.23
C TYR A 261 21.18 -6.40 -29.15
N LEU A 262 21.85 -7.04 -28.20
CA LEU A 262 23.28 -6.94 -28.08
C LEU A 262 23.67 -8.36 -28.40
N CYS A 263 24.41 -8.55 -29.49
CA CYS A 263 24.79 -9.89 -29.88
C CYS A 263 26.23 -10.27 -29.68
N GLY A 264 27.06 -9.31 -29.24
CA GLY A 264 28.47 -9.66 -29.06
C GLY A 264 29.37 -8.66 -28.37
N VAL A 265 30.33 -9.21 -27.62
CA VAL A 265 31.29 -8.42 -26.87
C VAL A 265 32.71 -8.93 -27.09
N THR A 266 33.60 -8.02 -27.46
CA THR A 266 34.99 -8.41 -27.70
C THR A 266 35.99 -7.32 -27.26
N TRP A 267 36.79 -7.62 -26.25
CA TRP A 267 37.80 -6.68 -25.77
C TRP A 267 38.93 -6.64 -26.79
N VAL A 268 39.36 -5.45 -27.15
CA VAL A 268 40.44 -5.31 -28.12
C VAL A 268 41.79 -5.12 -27.41
N THR A 269 41.76 -4.23 -26.41
CA THR A 269 42.92 -3.91 -25.58
C THR A 269 42.34 -3.44 -24.26
N GLU A 270 43.16 -3.41 -23.21
CA GLU A 270 42.71 -2.95 -21.92
C GLU A 270 41.93 -1.65 -21.99
N GLU A 271 42.09 -0.90 -23.08
CA GLU A 271 41.40 0.37 -23.22
C GLU A 271 40.51 0.44 -24.43
N ARG A 272 40.39 -0.66 -25.17
CA ARG A 272 39.53 -0.66 -26.36
C ARG A 272 38.54 -1.83 -26.37
N ILE A 273 37.25 -1.52 -26.38
CA ILE A 273 36.24 -2.58 -26.39
C ILE A 273 35.31 -2.55 -27.60
N SER A 274 35.09 -3.72 -28.21
CA SER A 274 34.22 -3.81 -29.39
C SER A 274 32.79 -4.37 -29.12
N LEU A 275 31.79 -3.52 -29.33
CA LEU A 275 30.39 -3.89 -29.14
C LEU A 275 29.71 -4.12 -30.48
N GLN A 276 28.89 -5.17 -30.56
CA GLN A 276 28.17 -5.47 -31.79
C GLN A 276 26.67 -5.58 -31.48
N TRP A 277 25.89 -4.68 -32.08
CA TRP A 277 24.45 -4.66 -31.88
C TRP A 277 23.72 -5.02 -33.17
N ILE A 278 22.50 -5.51 -33.03
CA ILE A 278 21.71 -5.85 -34.20
C ILE A 278 20.29 -5.41 -33.91
N ARG A 279 19.57 -5.03 -34.95
CA ARG A 279 18.21 -4.55 -34.82
C ARG A 279 17.24 -5.72 -34.69
N ARG A 280 16.09 -5.47 -34.09
CA ARG A 280 15.09 -6.53 -33.91
C ARG A 280 14.85 -7.17 -35.28
N ALA A 281 14.78 -6.32 -36.31
CA ALA A 281 14.60 -6.77 -37.69
C ALA A 281 15.66 -7.83 -38.00
N GLN A 282 16.93 -7.52 -37.71
CA GLN A 282 18.05 -8.45 -37.91
C GLN A 282 18.68 -8.53 -39.29
N ASN A 283 18.37 -7.55 -40.13
CA ASN A 283 18.95 -7.49 -41.47
C ASN A 283 19.81 -6.23 -41.45
N TYR A 284 20.31 -5.91 -40.26
CA TYR A 284 21.15 -4.73 -40.02
C TYR A 284 21.81 -4.80 -38.65
N SER A 285 23.11 -5.07 -38.63
CA SER A 285 23.89 -5.13 -37.40
C SER A 285 25.03 -4.15 -37.57
N ILE A 286 25.63 -3.74 -36.45
CA ILE A 286 26.71 -2.78 -36.52
C ILE A 286 27.73 -2.95 -35.39
N ILE A 287 29.01 -2.88 -35.73
CA ILE A 287 30.11 -2.98 -34.76
C ILE A 287 30.49 -1.56 -34.32
N ASP A 288 30.64 -1.35 -33.02
CA ASP A 288 31.00 -0.04 -32.50
C ASP A 288 32.21 -0.19 -31.60
N ILE A 289 33.36 0.28 -32.09
CA ILE A 289 34.60 0.18 -31.33
C ILE A 289 34.78 1.38 -30.42
N CYS A 290 34.77 1.09 -29.12
CA CYS A 290 34.88 2.08 -28.06
C CYS A 290 36.22 2.07 -27.35
N ASP A 291 36.78 3.27 -27.16
CA ASP A 291 38.07 3.43 -26.49
C ASP A 291 37.92 4.24 -25.20
N TYR A 292 38.61 3.80 -24.16
CA TYR A 292 38.59 4.47 -22.87
C TYR A 292 39.33 5.83 -22.92
N ASP A 293 38.79 6.81 -22.22
CA ASP A 293 39.37 8.15 -22.14
C ASP A 293 39.81 8.29 -20.68
N GLU A 294 41.11 8.09 -20.47
CA GLU A 294 41.71 8.14 -19.14
C GLU A 294 41.39 9.38 -18.32
N SER A 295 41.05 10.48 -18.99
CA SER A 295 40.76 11.72 -18.28
C SER A 295 39.33 11.90 -17.79
N THR A 296 38.40 11.12 -18.31
CA THR A 296 36.99 11.23 -17.91
C THR A 296 36.36 9.93 -17.47
N GLY A 297 37.01 8.81 -17.75
CA GLY A 297 36.43 7.54 -17.37
C GLY A 297 35.35 7.11 -18.36
N ARG A 298 34.99 8.02 -19.26
CA ARG A 298 33.99 7.74 -20.28
C ARG A 298 34.53 6.77 -21.27
N TRP A 299 33.64 6.15 -22.04
CA TRP A 299 34.08 5.25 -23.09
C TRP A 299 33.48 5.87 -24.35
N ILE A 300 34.36 6.36 -25.22
CA ILE A 300 33.91 7.01 -26.43
C ILE A 300 33.90 6.14 -27.69
N SER A 301 32.95 6.46 -28.58
CA SER A 301 32.81 5.75 -29.84
C SER A 301 32.76 6.80 -30.98
N SER A 302 32.87 6.37 -32.23
CA SER A 302 32.80 7.35 -33.31
C SER A 302 32.52 6.71 -34.64
N VAL A 303 31.97 7.50 -35.53
CA VAL A 303 31.62 7.06 -36.89
C VAL A 303 32.77 6.35 -37.58
N ALA A 304 33.95 6.95 -37.50
CA ALA A 304 35.11 6.35 -38.13
C ALA A 304 35.28 4.90 -37.70
N ARG A 305 34.92 4.63 -36.44
CA ARG A 305 35.09 3.31 -35.85
C ARG A 305 33.87 2.40 -35.81
N GLN A 306 32.88 2.67 -36.65
CA GLN A 306 31.70 1.82 -36.69
C GLN A 306 31.62 1.11 -38.04
N HIS A 307 31.18 -0.14 -38.03
CA HIS A 307 31.07 -0.93 -39.24
C HIS A 307 29.74 -1.63 -39.32
N ILE A 308 28.96 -1.26 -40.32
CA ILE A 308 27.60 -1.77 -40.54
C ILE A 308 27.50 -2.96 -41.47
N GLU A 309 26.81 -4.00 -41.03
CA GLU A 309 26.65 -5.18 -41.88
C GLU A 309 25.16 -5.34 -42.11
N ILE A 310 24.75 -5.42 -43.37
CA ILE A 310 23.32 -5.60 -43.69
C ILE A 310 23.06 -6.74 -44.66
N SER A 311 21.78 -7.09 -44.83
CA SER A 311 21.39 -8.14 -45.75
C SER A 311 20.13 -7.64 -46.43
N THR A 312 20.03 -7.86 -47.74
CA THR A 312 18.84 -7.44 -48.49
C THR A 312 17.92 -8.63 -48.77
N THR A 313 18.48 -9.83 -48.75
CA THR A 313 17.69 -11.02 -49.00
C THR A 313 17.24 -11.70 -47.71
N GLY A 314 17.87 -11.33 -46.60
CA GLY A 314 17.47 -11.94 -45.35
C GLY A 314 18.08 -11.38 -44.09
N TRP A 315 18.57 -12.29 -43.25
CA TRP A 315 19.16 -11.91 -41.98
C TRP A 315 20.68 -11.93 -42.06
N VAL A 316 21.33 -11.18 -41.16
CA VAL A 316 22.79 -11.10 -41.10
C VAL A 316 23.41 -12.35 -40.47
N GLY A 317 24.48 -12.86 -41.06
CA GLY A 317 25.15 -14.04 -40.53
C GLY A 317 24.32 -15.31 -40.51
N ARG A 318 24.89 -16.38 -39.94
CA ARG A 318 24.18 -17.66 -39.84
C ARG A 318 23.12 -17.68 -38.74
N PHE A 319 23.53 -17.47 -37.50
CA PHE A 319 22.57 -17.43 -36.41
C PHE A 319 22.75 -16.11 -35.64
N ARG A 320 23.71 -15.31 -36.13
CA ARG A 320 24.05 -13.97 -35.62
C ARG A 320 25.26 -13.50 -36.42
N PRO A 321 25.48 -12.17 -36.50
CA PRO A 321 26.66 -11.79 -37.28
C PRO A 321 27.92 -12.46 -36.72
N ALA A 322 28.86 -12.81 -37.60
CA ALA A 322 30.10 -13.43 -37.17
C ALA A 322 30.84 -12.45 -36.28
N GLU A 323 31.70 -12.96 -35.40
CA GLU A 323 32.44 -12.09 -34.48
C GLU A 323 33.73 -11.50 -35.04
N PRO A 324 34.05 -10.25 -34.68
CA PRO A 324 35.27 -9.58 -35.15
C PRO A 324 36.53 -10.13 -34.46
N HIS A 325 37.58 -10.36 -35.24
CA HIS A 325 38.82 -10.88 -34.68
C HIS A 325 39.91 -9.86 -34.83
N PHE A 326 40.14 -9.10 -33.76
CA PHE A 326 41.15 -8.07 -33.78
C PHE A 326 42.57 -8.56 -33.69
N THR A 327 43.46 -7.75 -34.24
CA THR A 327 44.89 -8.00 -34.23
C THR A 327 45.35 -7.52 -32.88
N SER A 328 46.45 -8.07 -32.40
CA SER A 328 47.00 -7.67 -31.11
C SER A 328 46.97 -6.15 -30.84
N ASP A 329 47.48 -5.36 -31.78
CA ASP A 329 47.49 -3.90 -31.60
C ASP A 329 46.08 -3.34 -31.65
N GLY A 330 45.15 -4.15 -32.13
CA GLY A 330 43.76 -3.72 -32.20
C GLY A 330 43.39 -2.65 -33.22
N ASN A 331 44.30 -2.35 -34.14
CA ASN A 331 44.00 -1.32 -35.15
C ASN A 331 43.27 -1.87 -36.37
N SER A 332 43.21 -3.19 -36.47
CA SER A 332 42.51 -3.84 -37.58
C SER A 332 41.92 -5.15 -37.11
N PHE A 333 41.02 -5.72 -37.91
CA PHE A 333 40.43 -6.99 -37.55
C PHE A 333 39.94 -7.76 -38.76
N TYR A 334 39.75 -9.05 -38.52
CA TYR A 334 39.29 -9.98 -39.53
C TYR A 334 37.91 -10.53 -39.12
N LYS A 335 37.02 -10.67 -40.10
CA LYS A 335 35.68 -11.15 -39.81
C LYS A 335 34.91 -11.60 -41.06
N ILE A 336 34.24 -12.75 -40.93
CA ILE A 336 33.46 -13.37 -41.99
C ILE A 336 32.13 -12.67 -42.31
N ILE A 337 31.94 -12.31 -43.58
CA ILE A 337 30.70 -11.68 -44.07
C ILE A 337 30.40 -12.26 -45.46
N SER A 338 29.17 -12.12 -45.91
CA SER A 338 28.79 -12.65 -47.22
C SER A 338 29.46 -11.97 -48.42
N ASN A 339 29.65 -12.74 -49.49
CA ASN A 339 30.27 -12.31 -50.75
C ASN A 339 29.38 -11.38 -51.55
N GLU A 340 29.84 -11.04 -52.75
CA GLU A 340 29.07 -10.21 -53.68
C GLU A 340 28.29 -11.30 -54.36
N GLU A 341 28.72 -12.54 -54.10
CA GLU A 341 28.12 -13.75 -54.64
C GLU A 341 27.44 -14.58 -53.55
N GLY A 342 27.37 -14.02 -52.35
CA GLY A 342 26.70 -14.71 -51.27
C GLY A 342 27.44 -15.81 -50.52
N TYR A 343 28.75 -15.90 -50.67
CA TYR A 343 29.47 -16.91 -49.91
C TYR A 343 30.16 -16.24 -48.73
N LYS A 344 30.08 -16.91 -47.57
CA LYS A 344 30.68 -16.41 -46.34
C LYS A 344 32.20 -16.49 -46.45
N HIS A 345 32.84 -15.34 -46.33
CA HIS A 345 34.30 -15.25 -46.44
C HIS A 345 34.92 -14.19 -45.54
N ILE A 346 36.17 -14.46 -45.18
CA ILE A 346 36.93 -13.57 -44.32
C ILE A 346 37.33 -12.28 -45.04
N CYS A 347 36.91 -11.15 -44.46
CA CYS A 347 37.26 -9.85 -45.00
C CYS A 347 38.18 -9.25 -43.95
N HIS A 348 39.16 -8.42 -44.38
CA HIS A 348 40.10 -7.78 -43.44
C HIS A 348 39.62 -6.34 -43.22
N PHE A 349 39.43 -5.96 -41.96
CA PHE A 349 38.93 -4.61 -41.64
C PHE A 349 39.94 -3.73 -40.92
N GLN A 350 39.81 -2.42 -41.16
CA GLN A 350 40.65 -1.41 -40.54
C GLN A 350 39.77 -0.72 -39.52
N THR A 351 40.15 -0.81 -38.24
CA THR A 351 39.36 -0.23 -37.17
C THR A 351 38.79 1.16 -37.42
N ASP A 352 39.56 2.07 -38.04
CA ASP A 352 39.03 3.41 -38.31
C ASP A 352 38.61 3.69 -39.76
N LYS A 353 38.51 2.63 -40.57
CA LYS A 353 38.09 2.79 -41.98
C LYS A 353 36.73 2.11 -42.23
N SER A 354 36.28 2.12 -43.49
CA SER A 354 35.01 1.50 -43.81
C SER A 354 35.09 0.41 -44.86
N ASN A 355 36.17 0.40 -45.65
CA ASN A 355 36.34 -0.61 -46.68
C ASN A 355 37.05 -1.82 -46.13
N CYS A 356 36.71 -2.99 -46.63
CA CYS A 356 37.37 -4.20 -46.20
C CYS A 356 37.81 -4.99 -47.41
N THR A 357 38.74 -5.92 -47.21
CA THR A 357 39.23 -6.71 -48.30
C THR A 357 39.13 -8.19 -47.97
N PHE A 358 38.47 -8.94 -48.85
CA PHE A 358 38.34 -10.36 -48.62
C PHE A 358 39.70 -10.95 -48.86
N ILE A 359 40.05 -12.01 -48.14
CA ILE A 359 41.34 -12.65 -48.30
C ILE A 359 41.11 -14.10 -48.69
N THR A 360 39.83 -14.44 -48.81
CA THR A 360 39.38 -15.77 -49.22
C THR A 360 38.20 -15.57 -50.16
N LYS A 361 38.08 -16.44 -51.16
CA LYS A 361 36.98 -16.36 -52.11
C LYS A 361 36.75 -17.76 -52.65
N GLY A 362 35.60 -18.00 -53.28
CA GLY A 362 35.34 -19.32 -53.82
C GLY A 362 33.93 -19.82 -53.57
N ALA A 363 33.54 -20.88 -54.27
CA ALA A 363 32.22 -21.47 -54.14
C ALA A 363 32.29 -22.44 -52.97
N TRP A 364 32.53 -21.86 -51.79
CA TRP A 364 32.64 -22.60 -50.53
C TRP A 364 32.56 -21.55 -49.44
N GLU A 365 32.46 -22.00 -48.18
CA GLU A 365 32.34 -21.05 -47.07
C GLU A 365 33.34 -21.26 -45.95
N VAL A 366 33.55 -20.20 -45.19
CA VAL A 366 34.45 -20.24 -44.06
C VAL A 366 33.55 -20.46 -42.85
N ILE A 367 33.75 -21.56 -42.13
CA ILE A 367 32.93 -21.85 -40.95
C ILE A 367 33.35 -20.91 -39.83
N GLY A 368 34.65 -20.83 -39.57
CA GLY A 368 35.11 -19.93 -38.52
C GLY A 368 36.60 -19.62 -38.43
N ILE A 369 36.92 -18.51 -37.80
CA ILE A 369 38.30 -18.15 -37.64
C ILE A 369 38.74 -18.77 -36.32
N GLU A 370 39.88 -19.46 -36.35
CA GLU A 370 40.38 -20.15 -35.16
C GLU A 370 41.47 -19.49 -34.33
N ALA A 371 42.35 -18.71 -34.95
CA ALA A 371 43.44 -18.06 -34.24
C ALA A 371 44.06 -17.00 -35.13
N LEU A 372 44.72 -16.01 -34.53
CA LEU A 372 45.33 -14.96 -35.32
C LEU A 372 46.62 -14.37 -34.77
N THR A 373 47.75 -14.88 -35.27
CA THR A 373 49.04 -14.34 -34.86
C THR A 373 49.32 -13.17 -35.80
N SER A 374 50.41 -12.46 -35.56
CA SER A 374 50.77 -11.31 -36.38
C SER A 374 51.11 -11.74 -37.81
N ASP A 375 51.26 -13.04 -38.02
CA ASP A 375 51.61 -13.54 -39.33
C ASP A 375 50.54 -14.34 -40.05
N TYR A 376 50.03 -15.38 -39.41
CA TYR A 376 49.00 -16.22 -40.03
C TYR A 376 47.59 -15.96 -39.51
N LEU A 377 46.63 -16.65 -40.12
CA LEU A 377 45.23 -16.59 -39.75
C LEU A 377 44.80 -18.02 -39.91
N TYR A 378 44.39 -18.65 -38.82
CA TYR A 378 43.95 -20.03 -38.92
C TYR A 378 42.42 -20.08 -38.94
N TYR A 379 41.87 -20.80 -39.89
CA TYR A 379 40.42 -20.91 -40.00
C TYR A 379 40.02 -22.30 -40.46
N ILE A 380 38.71 -22.51 -40.42
CA ILE A 380 38.07 -23.78 -40.78
C ILE A 380 37.09 -23.60 -41.94
N SER A 381 37.18 -24.41 -42.97
CA SER A 381 36.21 -24.28 -44.06
C SER A 381 35.84 -25.61 -44.73
N ASN A 382 34.81 -25.56 -45.58
CA ASN A 382 34.33 -26.75 -46.28
C ASN A 382 34.71 -26.75 -47.76
N GLU A 383 35.83 -26.10 -48.09
CA GLU A 383 36.29 -26.05 -49.47
C GLU A 383 36.83 -27.38 -50.03
N HIS A 384 37.58 -28.10 -49.21
CA HIS A 384 38.16 -29.37 -49.62
C HIS A 384 37.14 -30.23 -50.38
N LYS A 385 37.56 -30.81 -51.50
CA LYS A 385 36.68 -31.65 -52.30
C LYS A 385 35.32 -30.98 -52.48
N GLY A 386 35.31 -29.66 -52.43
CA GLY A 386 34.12 -28.86 -52.60
C GLY A 386 32.86 -29.27 -51.86
N MET A 387 32.95 -30.28 -51.00
CA MET A 387 31.78 -30.71 -50.25
C MET A 387 31.53 -29.89 -48.98
N PRO A 388 30.39 -29.18 -48.94
CA PRO A 388 30.04 -28.34 -47.80
C PRO A 388 29.93 -29.06 -46.45
N GLY A 389 29.75 -30.38 -46.48
CA GLY A 389 29.64 -31.12 -45.23
C GLY A 389 30.99 -31.58 -44.69
N GLY A 390 32.04 -30.93 -45.14
CA GLY A 390 33.37 -31.28 -44.70
C GLY A 390 33.98 -30.13 -43.94
N ARG A 391 34.89 -30.44 -43.03
CA ARG A 391 35.53 -29.41 -42.24
C ARG A 391 37.03 -29.63 -42.22
N ASN A 392 37.77 -28.56 -42.52
CA ASN A 392 39.23 -28.64 -42.51
C ASN A 392 39.93 -27.37 -42.02
N LEU A 393 41.10 -27.55 -41.44
CA LEU A 393 41.88 -26.44 -40.90
C LEU A 393 42.82 -25.85 -41.95
N TYR A 394 42.70 -24.55 -42.14
CA TYR A 394 43.54 -23.86 -43.10
C TYR A 394 44.32 -22.77 -42.40
N ARG A 395 45.45 -22.40 -42.98
CA ARG A 395 46.27 -21.32 -42.46
C ARG A 395 46.63 -20.41 -43.61
N ILE A 396 46.19 -19.16 -43.55
CA ILE A 396 46.51 -18.23 -44.61
C ILE A 396 47.58 -17.26 -44.12
N GLN A 397 48.57 -17.00 -44.97
CA GLN A 397 49.68 -16.10 -44.63
C GLN A 397 49.26 -14.64 -44.83
N LEU A 398 49.14 -13.91 -43.73
CA LEU A 398 48.71 -12.52 -43.75
C LEU A 398 49.34 -11.50 -44.70
N ASN A 399 50.61 -11.70 -45.09
CA ASN A 399 51.27 -10.76 -46.01
C ASN A 399 51.12 -11.21 -47.48
N ASP A 400 50.50 -12.37 -47.66
CA ASP A 400 50.27 -12.95 -48.98
C ASP A 400 49.04 -13.87 -48.93
N TYR A 401 47.86 -13.29 -49.12
CA TYR A 401 46.61 -14.07 -49.07
C TYR A 401 46.61 -15.21 -50.08
N THR A 402 47.70 -15.32 -50.84
CA THR A 402 47.83 -16.37 -51.84
C THR A 402 48.39 -17.61 -51.16
N LYS A 403 49.26 -17.37 -50.19
CA LYS A 403 49.90 -18.44 -49.45
C LYS A 403 48.93 -19.08 -48.45
N VAL A 404 48.08 -19.96 -48.95
CA VAL A 404 47.12 -20.63 -48.09
C VAL A 404 47.44 -22.11 -48.13
N THR A 405 47.40 -22.75 -46.98
CA THR A 405 47.71 -24.17 -46.88
C THR A 405 46.69 -24.96 -46.06
N CYS A 406 46.60 -26.27 -46.28
CA CYS A 406 45.65 -27.07 -45.53
C CYS A 406 46.35 -28.07 -44.61
N LEU A 407 46.18 -27.89 -43.31
CA LEU A 407 46.80 -28.74 -42.30
C LEU A 407 46.11 -30.07 -41.97
N SER A 408 44.83 -30.21 -42.31
CA SER A 408 44.13 -31.46 -41.99
C SER A 408 43.71 -32.27 -43.20
N CYS A 409 43.60 -31.62 -44.34
CA CYS A 409 43.18 -32.27 -45.59
C CYS A 409 43.76 -33.64 -45.89
N GLU A 410 45.08 -33.73 -45.82
CA GLU A 410 45.76 -34.98 -46.16
C GLU A 410 46.22 -35.89 -45.02
N LEU A 411 46.00 -35.50 -43.77
CA LEU A 411 46.43 -36.33 -42.64
C LEU A 411 45.89 -37.75 -42.74
N ASN A 412 44.59 -37.87 -42.95
CA ASN A 412 43.94 -39.17 -43.11
C ASN A 412 42.74 -38.84 -43.97
N PRO A 413 42.96 -38.67 -45.28
CA PRO A 413 41.96 -38.33 -46.30
C PRO A 413 40.69 -39.16 -46.32
N GLU A 414 40.79 -40.45 -45.97
CA GLU A 414 39.64 -41.35 -45.97
C GLU A 414 38.87 -41.33 -44.65
N ARG A 415 39.61 -41.38 -43.55
CA ARG A 415 39.00 -41.40 -42.23
C ARG A 415 38.67 -40.01 -41.66
N CYS A 416 39.41 -39.00 -42.07
CA CYS A 416 39.18 -37.69 -41.54
C CYS A 416 38.89 -36.58 -42.53
N GLN A 417 37.64 -36.13 -42.53
CA GLN A 417 37.18 -35.07 -43.42
C GLN A 417 36.43 -33.99 -42.65
N TYR A 418 36.15 -34.25 -41.38
CA TYR A 418 35.46 -33.30 -40.52
C TYR A 418 36.34 -33.03 -39.29
N TYR A 419 36.82 -31.80 -39.16
CA TYR A 419 37.72 -31.43 -38.05
C TYR A 419 37.33 -30.15 -37.29
N SER A 420 37.89 -29.99 -36.11
CA SER A 420 37.72 -28.75 -35.33
C SER A 420 39.11 -28.63 -34.72
N ALA A 421 39.47 -27.45 -34.22
CA ALA A 421 40.79 -27.35 -33.61
C ALA A 421 40.76 -26.56 -32.32
N SER A 422 41.81 -26.74 -31.54
CA SER A 422 41.99 -26.03 -30.29
C SER A 422 43.43 -25.52 -30.31
N PHE A 423 43.61 -24.21 -30.39
CA PHE A 423 44.95 -23.66 -30.42
C PHE A 423 45.47 -23.32 -29.03
N SER A 424 46.79 -23.39 -28.89
CA SER A 424 47.46 -23.05 -27.64
C SER A 424 47.48 -21.53 -27.58
N ASN A 425 47.99 -20.96 -26.49
CA ASN A 425 48.00 -19.52 -26.27
C ASN A 425 48.48 -18.58 -27.39
N LYS A 426 49.62 -18.84 -28.00
CA LYS A 426 50.09 -17.96 -29.06
C LYS A 426 49.92 -18.59 -30.43
N ALA A 427 49.30 -19.77 -30.43
CA ALA A 427 49.05 -20.54 -31.64
C ALA A 427 50.32 -21.30 -32.02
N LYS A 428 51.04 -21.76 -31.00
CA LYS A 428 52.27 -22.50 -31.24
C LYS A 428 51.90 -23.96 -31.46
N TYR A 429 50.80 -24.36 -30.87
CA TYR A 429 50.35 -25.74 -30.98
C TYR A 429 48.85 -25.76 -31.10
N TYR A 430 48.35 -26.92 -31.50
CA TYR A 430 46.93 -27.11 -31.61
C TYR A 430 46.68 -28.58 -31.59
N GLN A 431 45.44 -28.91 -31.27
CA GLN A 431 44.99 -30.29 -31.22
C GLN A 431 44.00 -30.38 -32.37
N LEU A 432 44.09 -31.44 -33.17
CA LEU A 432 43.16 -31.63 -34.28
C LEU A 432 42.19 -32.72 -33.94
N ARG A 433 40.92 -32.35 -33.83
CA ARG A 433 39.91 -33.32 -33.51
C ARG A 433 39.21 -33.72 -34.81
N CYS A 434 39.33 -35.00 -35.15
CA CYS A 434 38.70 -35.56 -36.34
C CYS A 434 37.43 -36.25 -35.84
N PHE A 435 36.27 -35.77 -36.28
CA PHE A 435 35.01 -36.37 -35.87
C PHE A 435 34.42 -37.33 -36.90
N GLY A 436 35.10 -37.47 -38.04
CA GLY A 436 34.61 -38.37 -39.07
C GLY A 436 35.19 -38.15 -40.46
N PRO A 437 34.81 -38.97 -41.46
CA PRO A 437 33.90 -40.12 -41.46
C PRO A 437 34.26 -41.40 -40.72
N GLY A 438 35.54 -41.57 -40.38
CA GLY A 438 35.91 -42.78 -39.66
C GLY A 438 35.73 -42.57 -38.16
N LEU A 439 36.24 -43.48 -37.34
CA LEU A 439 36.14 -43.31 -35.90
C LEU A 439 36.87 -42.01 -35.52
N PRO A 440 36.36 -41.28 -34.53
CA PRO A 440 37.04 -40.05 -34.14
C PRO A 440 38.53 -40.23 -33.85
N LEU A 441 39.32 -39.20 -34.18
CA LEU A 441 40.77 -39.26 -33.95
C LEU A 441 41.28 -37.94 -33.42
N TYR A 442 42.02 -38.00 -32.32
CA TYR A 442 42.57 -36.79 -31.70
C TYR A 442 44.10 -36.80 -31.77
N THR A 443 44.68 -35.70 -32.26
CA THR A 443 46.12 -35.59 -32.38
C THR A 443 46.61 -34.20 -32.00
N LEU A 444 47.91 -34.08 -31.75
CA LEU A 444 48.51 -32.81 -31.34
C LEU A 444 49.53 -32.37 -32.38
N HIS A 445 49.62 -31.06 -32.63
CA HIS A 445 50.57 -30.55 -33.63
C HIS A 445 51.33 -29.30 -33.23
N SER A 446 52.48 -29.12 -33.87
CA SER A 446 53.33 -27.96 -33.63
C SER A 446 53.07 -27.02 -34.80
N SER A 447 52.79 -25.76 -34.52
CA SER A 447 52.51 -24.78 -35.57
C SER A 447 53.77 -24.41 -36.35
N SER A 448 54.92 -24.58 -35.69
CA SER A 448 56.22 -24.27 -36.25
C SER A 448 56.58 -25.00 -37.54
N SER A 449 56.35 -26.31 -37.58
CA SER A 449 56.70 -27.10 -38.77
C SER A 449 55.55 -27.97 -39.27
N ASP A 450 54.46 -28.00 -38.53
CA ASP A 450 53.31 -28.81 -38.92
C ASP A 450 53.73 -30.29 -38.97
N LYS A 451 54.11 -30.81 -37.79
CA LYS A 451 54.53 -32.20 -37.63
C LYS A 451 53.53 -32.90 -36.74
N GLU A 452 53.26 -34.16 -37.07
CA GLU A 452 52.32 -35.00 -36.35
C GLU A 452 52.48 -35.01 -34.84
N LEU A 453 53.64 -34.61 -34.34
CA LEU A 453 53.91 -34.61 -32.91
C LEU A 453 53.47 -35.95 -32.29
N ARG A 454 52.17 -36.17 -32.09
CA ARG A 454 51.66 -37.44 -31.55
C ARG A 454 50.13 -37.60 -31.55
N VAL A 455 49.68 -38.80 -31.22
CA VAL A 455 48.25 -39.13 -31.16
C VAL A 455 47.77 -39.15 -29.72
N LEU A 456 46.66 -38.46 -29.48
CA LEU A 456 46.07 -38.36 -28.15
C LEU A 456 44.98 -39.42 -27.90
N GLU A 457 44.24 -39.74 -28.95
CA GLU A 457 43.17 -40.73 -28.82
C GLU A 457 42.71 -41.20 -30.19
N ASP A 458 42.98 -42.47 -30.49
CA ASP A 458 42.61 -43.03 -31.79
C ASP A 458 41.38 -43.97 -31.78
N ASN A 459 40.70 -44.06 -30.64
CA ASN A 459 39.54 -44.93 -30.55
C ASN A 459 39.84 -46.34 -31.04
N SER A 460 41.09 -46.79 -30.87
CA SER A 460 41.46 -48.12 -31.33
C SER A 460 40.69 -49.20 -30.57
N ALA A 461 40.25 -48.85 -29.36
CA ALA A 461 39.47 -49.79 -28.56
C ALA A 461 38.10 -50.00 -29.22
N LEU A 462 37.46 -48.90 -29.63
CA LEU A 462 36.17 -48.97 -30.29
C LEU A 462 36.27 -49.80 -31.57
N ASP A 463 37.14 -49.36 -32.47
CA ASP A 463 37.35 -50.05 -33.73
C ASP A 463 37.38 -51.56 -33.53
N LYS A 464 38.10 -51.98 -32.49
CA LYS A 464 38.25 -53.39 -32.15
C LYS A 464 36.89 -54.06 -31.98
N MET A 465 36.04 -53.44 -31.19
CA MET A 465 34.71 -53.96 -30.90
C MET A 465 33.76 -54.02 -32.09
N LEU A 466 33.88 -53.05 -32.98
CA LEU A 466 33.00 -52.97 -34.15
C LEU A 466 33.19 -54.02 -35.22
N GLN A 467 34.42 -54.45 -35.45
CA GLN A 467 34.68 -55.45 -36.48
C GLN A 467 34.22 -56.84 -36.05
N ASP A 468 33.26 -56.87 -35.14
CA ASP A 468 32.71 -58.11 -34.66
C ASP A 468 31.19 -57.89 -34.50
N VAL A 469 30.65 -57.04 -35.36
CA VAL A 469 29.24 -56.67 -35.38
C VAL A 469 28.92 -56.06 -36.75
N GLN A 470 27.76 -56.39 -37.30
CA GLN A 470 27.37 -55.89 -38.62
C GLN A 470 26.93 -54.45 -38.65
N MET A 471 27.86 -53.58 -39.00
CA MET A 471 27.57 -52.16 -39.08
C MET A 471 27.02 -51.72 -40.43
N PRO A 472 26.19 -50.67 -40.42
CA PRO A 472 25.61 -50.15 -41.66
C PRO A 472 26.67 -49.30 -42.36
N SER A 473 26.50 -49.06 -43.65
CA SER A 473 27.46 -48.23 -44.38
C SER A 473 26.75 -46.94 -44.78
N LYS A 474 27.45 -45.83 -44.67
CA LYS A 474 26.87 -44.54 -45.00
C LYS A 474 27.58 -43.95 -46.22
N LYS A 475 26.80 -43.44 -47.16
CA LYS A 475 27.35 -42.85 -48.37
C LYS A 475 26.75 -41.48 -48.63
N LEU A 476 27.60 -40.51 -48.95
CA LEU A 476 27.16 -39.16 -49.25
C LEU A 476 27.10 -38.97 -50.76
N ASP A 477 26.23 -38.09 -51.21
CA ASP A 477 26.10 -37.85 -52.63
C ASP A 477 25.22 -36.67 -52.94
N VAL A 478 25.23 -36.31 -54.21
CA VAL A 478 24.47 -35.16 -54.68
C VAL A 478 23.32 -35.53 -55.60
N ILE A 479 22.30 -34.69 -55.63
CA ILE A 479 21.18 -34.86 -56.55
C ILE A 479 20.79 -33.45 -57.00
N ASN A 480 20.10 -33.37 -58.12
CA ASN A 480 19.73 -32.08 -58.68
C ASN A 480 18.28 -31.72 -58.48
N LEU A 481 18.02 -30.51 -57.96
CA LEU A 481 16.64 -30.04 -57.77
C LEU A 481 16.57 -28.65 -58.39
N HIS A 482 15.55 -28.44 -59.23
CA HIS A 482 15.36 -27.18 -59.96
C HIS A 482 16.66 -26.49 -60.37
N GLY A 483 17.64 -27.28 -60.82
CA GLY A 483 18.91 -26.73 -61.24
C GLY A 483 20.08 -26.82 -60.27
N THR A 484 19.79 -26.65 -59.00
CA THR A 484 20.82 -26.68 -57.98
C THR A 484 21.26 -28.06 -57.55
N LYS A 485 22.55 -28.21 -57.31
CA LYS A 485 23.12 -29.47 -56.84
C LYS A 485 22.95 -29.51 -55.32
N PHE A 486 22.32 -30.56 -54.82
CA PHE A 486 22.10 -30.70 -53.38
C PHE A 486 22.66 -31.99 -52.77
N TRP A 487 22.99 -31.95 -51.49
CA TRP A 487 23.57 -33.13 -50.86
C TRP A 487 22.63 -33.97 -50.04
N TYR A 488 22.90 -35.26 -50.01
CA TYR A 488 22.09 -36.18 -49.25
C TYR A 488 22.96 -37.29 -48.71
N GLN A 489 22.42 -38.08 -47.79
CA GLN A 489 23.17 -39.18 -47.20
C GLN A 489 22.23 -40.32 -46.89
N MET A 490 22.72 -41.53 -47.05
CA MET A 490 21.93 -42.71 -46.76
C MET A 490 22.68 -43.68 -45.86
N ILE A 491 21.98 -44.18 -44.83
CA ILE A 491 22.53 -45.14 -43.89
C ILE A 491 21.98 -46.42 -44.45
N LEU A 492 22.83 -47.22 -45.09
CA LEU A 492 22.40 -48.47 -45.72
C LEU A 492 22.63 -49.65 -44.82
N PRO A 493 21.62 -50.53 -44.70
CA PRO A 493 21.73 -51.71 -43.86
C PRO A 493 22.96 -52.53 -44.26
N PRO A 494 23.29 -53.57 -43.46
CA PRO A 494 24.45 -54.42 -43.76
C PRO A 494 24.04 -55.45 -44.82
N HIS A 495 25.02 -56.04 -45.51
CA HIS A 495 24.75 -57.03 -46.55
C HIS A 495 23.73 -56.45 -47.54
N PHE A 496 24.00 -55.25 -48.03
CA PHE A 496 23.08 -54.57 -48.93
C PHE A 496 22.73 -55.30 -50.22
N ASP A 497 21.55 -55.94 -50.22
CA ASP A 497 21.06 -56.67 -51.37
C ASP A 497 20.18 -55.78 -52.23
N LYS A 498 20.74 -55.30 -53.35
CA LYS A 498 20.03 -54.44 -54.28
C LYS A 498 18.76 -55.03 -54.87
N SER A 499 18.64 -56.35 -54.89
CA SER A 499 17.44 -56.97 -55.46
C SER A 499 16.27 -56.75 -54.50
N LYS A 500 16.61 -56.45 -53.26
CA LYS A 500 15.60 -56.24 -52.24
C LYS A 500 15.10 -54.80 -52.22
N LYS A 501 13.82 -54.65 -51.89
CA LYS A 501 13.23 -53.33 -51.79
C LYS A 501 13.13 -53.05 -50.28
N TYR A 502 13.87 -52.02 -49.86
CA TYR A 502 13.94 -51.60 -48.46
C TYR A 502 13.09 -50.41 -48.07
N PRO A 503 12.46 -50.48 -46.89
CA PRO A 503 11.63 -49.36 -46.42
C PRO A 503 12.61 -48.22 -46.16
N LEU A 504 12.17 -47.00 -46.39
CA LEU A 504 13.04 -45.84 -46.26
C LEU A 504 12.53 -44.83 -45.24
N LEU A 505 13.44 -44.27 -44.45
CA LEU A 505 13.10 -43.30 -43.41
C LEU A 505 13.84 -42.00 -43.67
N ILE A 506 13.13 -40.91 -43.67
CA ILE A 506 13.82 -39.67 -43.87
C ILE A 506 13.94 -39.08 -42.49
N GLU A 507 15.16 -38.80 -42.09
CA GLU A 507 15.41 -38.17 -40.80
C GLU A 507 15.66 -36.72 -41.26
N VAL A 508 14.84 -35.82 -40.75
CA VAL A 508 14.90 -34.44 -41.14
C VAL A 508 14.96 -33.37 -40.06
N TYR A 509 15.78 -32.34 -40.33
CA TYR A 509 15.84 -31.16 -39.48
C TYR A 509 15.33 -30.04 -40.40
N ALA A 510 16.17 -29.67 -41.36
CA ALA A 510 15.86 -28.67 -42.38
C ALA A 510 15.51 -27.27 -41.94
N GLY A 511 16.06 -26.80 -40.83
CA GLY A 511 15.76 -25.46 -40.37
C GLY A 511 16.73 -24.48 -41.00
N PRO A 512 16.41 -23.17 -41.04
CA PRO A 512 17.38 -22.28 -41.65
C PRO A 512 18.79 -22.54 -41.18
N CYS A 513 19.72 -22.52 -42.14
CA CYS A 513 21.14 -22.76 -41.92
C CYS A 513 21.50 -24.13 -41.34
N SER A 514 20.55 -25.03 -41.28
CA SER A 514 20.82 -26.36 -40.78
C SER A 514 21.69 -27.12 -41.76
N GLN A 515 22.22 -28.26 -41.30
CA GLN A 515 23.05 -29.16 -42.11
C GLN A 515 23.00 -30.57 -41.55
N LYS A 516 22.10 -31.39 -42.11
CA LYS A 516 21.94 -32.77 -41.69
C LYS A 516 22.81 -33.71 -42.50
N VAL A 517 23.50 -33.20 -43.51
CA VAL A 517 24.37 -34.04 -44.33
C VAL A 517 25.82 -33.64 -44.09
N ASP A 518 26.57 -34.49 -43.40
CA ASP A 518 27.98 -34.19 -43.13
C ASP A 518 28.77 -35.48 -43.00
N THR A 519 30.04 -35.37 -42.63
CA THR A 519 30.89 -36.56 -42.50
C THR A 519 31.19 -36.96 -41.06
N VAL A 520 30.56 -36.28 -40.12
CA VAL A 520 30.73 -36.58 -38.70
C VAL A 520 30.34 -38.04 -38.51
N PHE A 521 31.06 -38.76 -37.65
CA PHE A 521 30.74 -40.17 -37.39
C PHE A 521 29.74 -40.21 -36.24
N ARG A 522 28.71 -41.04 -36.35
CA ARG A 522 27.70 -41.13 -35.30
C ARG A 522 27.16 -42.52 -35.02
N LEU A 523 26.99 -42.83 -33.74
CA LEU A 523 26.40 -44.11 -33.35
C LEU A 523 25.02 -43.63 -32.94
N SER A 524 24.01 -43.83 -33.79
CA SER A 524 22.66 -43.31 -33.51
C SER A 524 21.51 -44.32 -33.58
N TRP A 525 20.28 -43.79 -33.56
CA TRP A 525 19.07 -44.63 -33.64
C TRP A 525 19.00 -45.24 -35.04
N ALA A 526 19.38 -44.46 -36.05
CA ALA A 526 19.40 -44.90 -37.44
C ALA A 526 20.37 -46.07 -37.62
N THR A 527 21.48 -46.03 -36.90
CA THR A 527 22.47 -47.11 -36.93
C THR A 527 21.73 -48.40 -36.63
N TYR A 528 20.91 -48.38 -35.59
CA TYR A 528 20.14 -49.54 -35.19
C TYR A 528 19.11 -49.93 -36.26
N LEU A 529 18.43 -48.95 -36.83
CA LEU A 529 17.43 -49.23 -37.86
C LEU A 529 18.04 -49.86 -39.10
N ALA A 530 19.17 -49.31 -39.55
CA ALA A 530 19.85 -49.86 -40.71
C ALA A 530 20.39 -51.24 -40.34
N SER A 531 21.31 -51.28 -39.37
CA SER A 531 21.91 -52.51 -38.90
C SER A 531 20.97 -53.65 -38.55
N THR A 532 20.03 -53.39 -37.65
CA THR A 532 19.13 -54.45 -37.22
C THR A 532 17.77 -54.55 -37.91
N GLU A 533 17.15 -53.41 -38.19
CA GLU A 533 15.84 -53.38 -38.82
C GLU A 533 15.83 -53.35 -40.33
N ASN A 534 17.03 -53.25 -40.93
CA ASN A 534 17.12 -53.21 -42.38
C ASN A 534 16.24 -52.13 -42.97
N ILE A 535 16.36 -50.96 -42.39
CA ILE A 535 15.63 -49.81 -42.85
C ILE A 535 16.70 -48.84 -43.30
N ILE A 536 16.55 -48.29 -44.50
CA ILE A 536 17.50 -47.31 -45.00
C ILE A 536 17.01 -45.98 -44.44
N VAL A 537 17.93 -45.18 -43.92
CA VAL A 537 17.59 -43.90 -43.37
C VAL A 537 18.37 -42.83 -44.15
N ALA A 538 17.68 -41.80 -44.62
CA ALA A 538 18.36 -40.77 -45.37
C ALA A 538 18.04 -39.36 -44.89
N SER A 539 18.90 -38.41 -45.29
CA SER A 539 18.71 -37.02 -44.94
C SER A 539 19.04 -36.14 -46.14
N PHE A 540 18.34 -35.02 -46.27
CA PHE A 540 18.57 -34.15 -47.41
C PHE A 540 18.69 -32.70 -47.01
N ASP A 541 19.72 -32.02 -47.50
CA ASP A 541 19.89 -30.60 -47.21
C ASP A 541 19.46 -29.80 -48.45
N GLY A 542 18.24 -29.26 -48.43
CA GLY A 542 17.72 -28.50 -49.56
C GLY A 542 17.74 -26.99 -49.41
N ARG A 543 16.75 -26.30 -49.98
CA ARG A 543 16.74 -24.85 -49.90
C ARG A 543 16.53 -24.40 -48.46
N GLY A 544 17.28 -23.36 -48.10
CA GLY A 544 17.22 -22.85 -46.75
C GLY A 544 18.38 -23.32 -45.90
N SER A 545 18.91 -24.52 -46.18
CA SER A 545 20.06 -25.03 -45.41
C SER A 545 21.28 -24.11 -45.52
N GLY A 546 22.39 -24.49 -44.88
CA GLY A 546 23.56 -23.61 -44.90
C GLY A 546 24.94 -24.07 -45.33
N TYR A 547 25.90 -23.16 -45.17
CA TYR A 547 27.30 -23.41 -45.53
C TYR A 547 27.37 -23.68 -47.03
N GLN A 548 26.61 -22.92 -47.80
CA GLN A 548 26.57 -23.11 -49.25
C GLN A 548 26.28 -21.82 -49.96
N GLY A 549 26.24 -20.74 -49.20
CA GLY A 549 25.95 -19.47 -49.77
C GLY A 549 24.56 -19.01 -49.41
N ASP A 550 24.39 -17.69 -49.41
CA ASP A 550 23.15 -17.02 -49.08
C ASP A 550 22.00 -17.39 -50.02
N LYS A 551 22.30 -17.51 -51.31
CA LYS A 551 21.26 -17.82 -52.29
C LYS A 551 20.48 -19.02 -51.82
N ILE A 552 21.18 -20.12 -51.56
CA ILE A 552 20.52 -21.30 -51.06
C ILE A 552 19.97 -21.10 -49.65
N MET A 553 20.76 -20.55 -48.75
CA MET A 553 20.31 -20.39 -47.37
C MET A 553 19.19 -19.39 -47.15
N HIS A 554 19.27 -18.23 -47.79
CA HIS A 554 18.24 -17.20 -47.63
C HIS A 554 16.98 -17.47 -48.43
N ALA A 555 16.98 -18.61 -49.11
CA ALA A 555 15.87 -19.01 -49.95
C ALA A 555 14.50 -18.92 -49.29
N ILE A 556 14.40 -19.46 -48.08
CA ILE A 556 13.13 -19.46 -47.36
C ILE A 556 12.90 -18.19 -46.55
N ASN A 557 13.71 -17.15 -46.77
CA ASN A 557 13.52 -15.93 -46.00
C ASN A 557 12.08 -15.49 -46.07
N ARG A 558 11.54 -15.18 -44.90
CA ARG A 558 10.16 -14.75 -44.73
C ARG A 558 9.11 -15.75 -45.18
N ARG A 559 9.52 -16.97 -45.50
CA ARG A 559 8.56 -17.97 -45.92
C ARG A 559 8.81 -19.40 -45.44
N LEU A 560 9.07 -19.54 -44.14
CA LEU A 560 9.30 -20.86 -43.52
C LEU A 560 8.09 -21.74 -43.75
N GLY A 561 8.33 -23.02 -43.96
CA GLY A 561 7.25 -23.96 -44.18
C GLY A 561 7.03 -24.23 -45.65
N THR A 562 7.73 -23.49 -46.50
CA THR A 562 7.57 -23.64 -47.94
C THR A 562 8.63 -24.46 -48.66
N PHE A 563 9.66 -23.82 -49.21
CA PHE A 563 10.69 -24.55 -49.95
C PHE A 563 11.37 -25.70 -49.27
N GLU A 564 11.84 -25.50 -48.04
CA GLU A 564 12.53 -26.58 -47.33
C GLU A 564 11.64 -27.80 -47.19
N VAL A 565 10.34 -27.60 -47.01
CA VAL A 565 9.39 -28.73 -46.91
C VAL A 565 9.23 -29.40 -48.29
N GLU A 566 8.88 -28.58 -49.29
CA GLU A 566 8.72 -29.05 -50.66
C GLU A 566 9.97 -29.80 -51.10
N ASP A 567 11.14 -29.19 -50.93
CA ASP A 567 12.41 -29.82 -51.29
C ASP A 567 12.58 -31.22 -50.68
N GLN A 568 12.13 -31.43 -49.44
CA GLN A 568 12.24 -32.75 -48.82
C GLN A 568 11.34 -33.72 -49.60
N ILE A 569 10.13 -33.27 -49.93
CA ILE A 569 9.21 -34.11 -50.69
C ILE A 569 9.81 -34.46 -52.05
N GLU A 570 10.22 -33.43 -52.79
CA GLU A 570 10.79 -33.60 -54.13
C GLU A 570 11.98 -34.57 -54.16
N ALA A 571 12.85 -34.48 -53.15
CA ALA A 571 14.01 -35.36 -53.04
C ALA A 571 13.66 -36.79 -52.62
N THR A 572 12.65 -36.97 -51.77
CA THR A 572 12.27 -38.35 -51.37
C THR A 572 11.75 -39.06 -52.60
N ARG A 573 11.06 -38.32 -53.45
CA ARG A 573 10.56 -38.88 -54.69
C ARG A 573 11.72 -39.51 -55.46
N GLN A 574 12.73 -38.71 -55.79
CA GLN A 574 13.88 -39.27 -56.48
C GLN A 574 14.38 -40.47 -55.72
N PHE A 575 14.50 -40.36 -54.40
CA PHE A 575 14.98 -41.51 -53.62
C PHE A 575 14.10 -42.75 -53.83
N SER A 576 12.79 -42.53 -53.96
CA SER A 576 11.86 -43.63 -54.17
C SER A 576 11.95 -44.23 -55.57
N LYS A 577 12.48 -43.46 -56.53
CA LYS A 577 12.64 -43.94 -57.90
C LYS A 577 13.60 -45.12 -57.88
N MET A 578 14.71 -44.93 -57.16
CA MET A 578 15.74 -45.96 -57.05
C MET A 578 15.09 -47.30 -56.73
N GLY A 579 15.79 -48.38 -57.06
CA GLY A 579 15.22 -49.71 -56.86
C GLY A 579 15.23 -50.40 -55.51
N PHE A 580 16.20 -50.08 -54.66
CA PHE A 580 16.30 -50.71 -53.34
C PHE A 580 15.34 -50.09 -52.33
N VAL A 581 14.57 -49.11 -52.81
CA VAL A 581 13.60 -48.40 -52.02
C VAL A 581 12.17 -48.88 -52.29
N ASP A 582 11.48 -49.33 -51.25
CA ASP A 582 10.08 -49.78 -51.39
C ASP A 582 9.21 -48.54 -51.29
N ASP A 583 9.10 -47.80 -52.39
CA ASP A 583 8.30 -46.57 -52.40
C ASP A 583 6.95 -46.70 -51.70
N LYS A 584 6.47 -47.91 -51.44
CA LYS A 584 5.21 -47.98 -50.73
C LYS A 584 5.40 -48.10 -49.19
N ARG A 585 6.65 -47.95 -48.74
CA ARG A 585 6.96 -47.99 -47.30
C ARG A 585 8.06 -46.95 -47.00
N ILE A 586 7.66 -45.70 -46.90
CA ILE A 586 8.56 -44.60 -46.61
C ILE A 586 7.96 -43.73 -45.51
N ALA A 587 8.81 -43.34 -44.57
CA ALA A 587 8.33 -42.48 -43.50
C ALA A 587 9.32 -41.33 -43.33
N ILE A 588 8.93 -40.34 -42.55
CA ILE A 588 9.78 -39.18 -42.32
C ILE A 588 9.66 -38.80 -40.84
N TRP A 589 10.80 -38.58 -40.18
CA TRP A 589 10.75 -38.20 -38.78
C TRP A 589 11.66 -37.05 -38.47
N GLY A 590 11.30 -36.29 -37.43
CA GLY A 590 12.09 -35.13 -37.03
C GLY A 590 11.74 -34.53 -35.68
N TRP A 591 12.75 -33.89 -35.10
CA TRP A 591 12.68 -33.26 -33.78
C TRP A 591 12.75 -31.75 -33.94
N SER A 592 11.99 -31.03 -33.11
CA SER A 592 11.99 -29.57 -33.12
C SER A 592 11.58 -29.11 -34.52
N TYR A 593 12.45 -28.35 -35.19
CA TYR A 593 12.13 -27.88 -36.55
C TYR A 593 11.78 -29.10 -37.41
N GLY A 594 12.65 -30.12 -37.35
CA GLY A 594 12.43 -31.34 -38.09
C GLY A 594 11.08 -31.98 -37.76
N GLY A 595 10.55 -31.67 -36.59
CA GLY A 595 9.26 -32.23 -36.21
C GLY A 595 8.19 -31.38 -36.86
N TYR A 596 8.56 -30.14 -37.15
CA TYR A 596 7.70 -29.17 -37.80
C TYR A 596 7.64 -29.52 -39.28
N VAL A 597 8.83 -29.56 -39.86
CA VAL A 597 9.00 -29.88 -41.27
C VAL A 597 8.26 -31.18 -41.58
N THR A 598 8.57 -32.21 -40.80
CA THR A 598 7.96 -33.53 -40.92
C THR A 598 6.43 -33.47 -40.90
N SER A 599 5.89 -32.59 -40.07
CA SER A 599 4.45 -32.49 -39.95
C SER A 599 3.87 -31.82 -41.15
N MET A 600 4.58 -30.83 -41.66
CA MET A 600 4.13 -30.12 -42.86
C MET A 600 4.15 -31.14 -43.99
N VAL A 601 5.23 -31.91 -44.11
CA VAL A 601 5.30 -32.91 -45.16
C VAL A 601 4.08 -33.82 -45.18
N LEU A 602 3.74 -34.41 -44.03
CA LEU A 602 2.59 -35.29 -43.98
C LEU A 602 1.27 -34.59 -44.35
N GLY A 603 1.13 -33.33 -43.99
CA GLY A 603 -0.09 -32.61 -44.28
C GLY A 603 -0.09 -32.07 -45.69
N ALA A 604 1.00 -32.30 -46.41
CA ALA A 604 1.15 -31.83 -47.77
C ALA A 604 0.24 -32.62 -48.71
N GLY A 605 -0.12 -33.84 -48.31
CA GLY A 605 -0.97 -34.67 -49.16
C GLY A 605 -0.31 -35.07 -50.47
N SER A 606 0.99 -35.34 -50.43
CA SER A 606 1.76 -35.74 -51.60
C SER A 606 1.68 -37.26 -51.78
N GLY A 607 1.06 -37.93 -50.81
CA GLY A 607 0.94 -39.38 -50.88
C GLY A 607 2.27 -40.10 -50.97
N VAL A 608 3.37 -39.39 -50.74
CA VAL A 608 4.70 -40.01 -50.81
C VAL A 608 5.07 -40.78 -49.55
N PHE A 609 4.71 -40.24 -48.39
CA PHE A 609 5.02 -40.88 -47.12
C PHE A 609 3.86 -41.64 -46.50
N LYS A 610 4.16 -42.82 -45.99
CA LYS A 610 3.14 -43.65 -45.37
C LYS A 610 2.90 -43.20 -43.94
N CYS A 611 3.96 -42.74 -43.28
CA CYS A 611 3.82 -42.33 -41.89
C CYS A 611 4.96 -41.40 -41.45
N GLY A 612 4.82 -40.83 -40.26
CA GLY A 612 5.84 -39.94 -39.74
C GLY A 612 5.74 -39.68 -38.24
N ILE A 613 6.86 -39.27 -37.66
CA ILE A 613 6.88 -38.96 -36.24
C ILE A 613 7.43 -37.56 -36.02
N ALA A 614 6.69 -36.74 -35.25
CA ALA A 614 7.08 -35.37 -34.92
C ALA A 614 7.32 -35.28 -33.42
N VAL A 615 8.55 -34.91 -33.03
CA VAL A 615 8.88 -34.78 -31.62
C VAL A 615 9.10 -33.33 -31.26
N ALA A 616 8.34 -32.83 -30.29
CA ALA A 616 8.46 -31.44 -29.85
C ALA A 616 8.67 -30.55 -31.08
N PRO A 617 7.64 -30.44 -31.93
CA PRO A 617 7.74 -29.61 -33.14
C PRO A 617 7.08 -28.25 -33.03
N VAL A 618 7.56 -27.29 -33.82
CA VAL A 618 6.95 -25.97 -33.89
C VAL A 618 5.75 -26.29 -34.76
N SER A 619 4.58 -25.76 -34.40
CA SER A 619 3.35 -26.01 -35.16
C SER A 619 2.73 -24.71 -35.72
N LYS A 620 2.99 -23.60 -35.03
CA LYS A 620 2.47 -22.32 -35.43
C LYS A 620 3.50 -21.31 -34.97
N TRP A 621 4.19 -20.70 -35.93
CA TRP A 621 5.28 -19.77 -35.61
C TRP A 621 5.03 -18.62 -34.64
N GLU A 622 3.77 -18.26 -34.42
CA GLU A 622 3.48 -17.21 -33.46
C GLU A 622 3.62 -17.74 -32.03
N TYR A 623 3.92 -19.03 -31.89
CA TYR A 623 4.08 -19.65 -30.58
C TYR A 623 5.57 -19.74 -30.20
N TYR A 624 6.47 -19.62 -31.18
CA TYR A 624 7.90 -19.74 -30.86
C TYR A 624 8.52 -18.40 -30.41
N ASP A 625 9.68 -18.45 -29.74
CA ASP A 625 10.27 -17.21 -29.24
C ASP A 625 10.42 -16.20 -30.37
N SER A 626 10.66 -14.95 -30.04
CA SER A 626 10.73 -13.92 -31.08
C SER A 626 12.05 -13.66 -31.75
N VAL A 627 13.18 -13.90 -31.08
CA VAL A 627 14.46 -13.67 -31.71
C VAL A 627 14.62 -14.59 -32.91
N TYR A 628 14.35 -15.88 -32.72
CA TYR A 628 14.49 -16.83 -33.83
C TYR A 628 13.45 -16.56 -34.93
N THR A 629 12.19 -16.70 -34.57
CA THR A 629 11.09 -16.51 -35.50
C THR A 629 11.18 -15.25 -36.35
N GLU A 630 11.23 -14.11 -35.69
CA GLU A 630 11.31 -12.81 -36.36
C GLU A 630 12.53 -12.66 -37.27
N ARG A 631 13.55 -13.51 -37.06
CA ARG A 631 14.75 -13.43 -37.88
C ARG A 631 14.46 -13.96 -39.29
N TYR A 632 13.49 -14.84 -39.37
CA TYR A 632 13.14 -15.41 -40.65
C TYR A 632 11.73 -15.09 -41.10
N MET A 633 10.94 -14.38 -40.30
CA MET A 633 9.56 -14.12 -40.69
C MET A 633 9.09 -12.70 -40.49
N GLY A 634 9.91 -11.87 -39.87
CA GLY A 634 9.48 -10.51 -39.63
C GLY A 634 8.36 -10.57 -38.60
N LEU A 635 7.55 -9.53 -38.52
CA LEU A 635 6.47 -9.50 -37.54
C LEU A 635 5.16 -10.04 -38.09
N PRO A 636 4.38 -10.71 -37.23
CA PRO A 636 3.08 -11.26 -37.63
C PRO A 636 1.98 -10.20 -37.68
N THR A 637 2.12 -9.23 -38.58
CA THR A 637 1.11 -8.19 -38.72
C THR A 637 0.79 -8.12 -40.18
N PRO A 638 -0.42 -7.67 -40.54
CA PRO A 638 -0.74 -7.60 -41.97
C PRO A 638 0.01 -6.46 -42.67
N GLU A 639 0.75 -5.69 -41.89
CA GLU A 639 1.53 -4.59 -42.43
C GLU A 639 2.93 -5.16 -42.68
N ASP A 640 3.10 -6.42 -42.31
CA ASP A 640 4.38 -7.10 -42.45
C ASP A 640 4.23 -8.48 -43.11
N ASN A 641 4.40 -9.54 -42.33
CA ASN A 641 4.32 -10.89 -42.89
C ASN A 641 3.22 -11.80 -42.32
N LEU A 642 2.17 -11.21 -41.78
CA LEU A 642 1.07 -11.98 -41.22
C LEU A 642 0.56 -13.13 -42.12
N ASP A 643 0.40 -12.85 -43.40
CA ASP A 643 -0.11 -13.86 -44.32
C ASP A 643 0.70 -15.13 -44.37
N TYR A 644 2.02 -15.02 -44.34
CA TYR A 644 2.88 -16.19 -44.41
C TYR A 644 3.05 -16.86 -43.06
N TYR A 645 2.59 -16.17 -42.02
CA TYR A 645 2.63 -16.69 -40.66
C TYR A 645 1.39 -17.56 -40.57
N ARG A 646 0.26 -17.02 -41.04
CA ARG A 646 -1.00 -17.72 -40.97
C ARG A 646 -1.11 -18.97 -41.79
N ASN A 647 -0.41 -19.04 -42.92
CA ASN A 647 -0.52 -20.23 -43.72
C ASN A 647 0.63 -21.24 -43.64
N SER A 648 1.55 -21.06 -42.70
CA SER A 648 2.60 -22.06 -42.53
C SER A 648 2.40 -22.85 -41.21
N THR A 649 1.17 -22.87 -40.70
CA THR A 649 0.87 -23.58 -39.47
C THR A 649 0.48 -25.00 -39.82
N VAL A 650 0.96 -25.97 -39.07
CA VAL A 650 0.64 -27.36 -39.34
C VAL A 650 -0.85 -27.58 -39.25
N MET A 651 -1.54 -26.76 -38.47
CA MET A 651 -2.97 -26.99 -38.33
C MET A 651 -3.73 -26.73 -39.62
N SER A 652 -3.16 -25.87 -40.46
CA SER A 652 -3.78 -25.51 -41.72
C SER A 652 -3.87 -26.69 -42.66
N ARG A 653 -3.16 -27.77 -42.35
CA ARG A 653 -3.17 -28.97 -43.20
C ARG A 653 -3.77 -30.20 -42.51
N ALA A 654 -4.47 -29.99 -41.41
CA ALA A 654 -5.05 -31.09 -40.65
C ALA A 654 -5.78 -32.15 -41.46
N GLU A 655 -6.62 -31.72 -42.38
CA GLU A 655 -7.39 -32.65 -43.19
C GLU A 655 -6.54 -33.66 -43.95
N ASN A 656 -5.41 -33.23 -44.50
CA ASN A 656 -4.58 -34.18 -45.22
C ASN A 656 -4.07 -35.32 -44.36
N PHE A 657 -4.03 -35.12 -43.06
CA PHE A 657 -3.56 -36.17 -42.16
C PHE A 657 -4.43 -37.42 -42.21
N LYS A 658 -5.68 -37.28 -42.66
CA LYS A 658 -6.55 -38.45 -42.74
C LYS A 658 -5.85 -39.48 -43.63
N GLN A 659 -4.87 -39.05 -44.41
CA GLN A 659 -4.17 -39.92 -45.33
C GLN A 659 -2.87 -40.64 -44.85
N VAL A 660 -2.33 -40.28 -43.69
CA VAL A 660 -1.12 -40.92 -43.22
C VAL A 660 -1.24 -41.35 -41.76
N GLU A 661 -0.23 -42.06 -41.25
CA GLU A 661 -0.20 -42.49 -39.84
C GLU A 661 0.74 -41.52 -39.13
N TYR A 662 0.22 -40.76 -38.17
CA TYR A 662 1.01 -39.75 -37.44
C TYR A 662 1.21 -39.99 -35.94
N LEU A 663 2.47 -39.93 -35.49
CA LEU A 663 2.80 -40.09 -34.07
C LEU A 663 3.32 -38.73 -33.60
N LEU A 664 2.59 -38.14 -32.65
CA LEU A 664 2.93 -36.83 -32.10
C LEU A 664 3.48 -36.93 -30.67
N ILE A 665 4.66 -36.35 -30.44
CA ILE A 665 5.29 -36.43 -29.12
C ILE A 665 5.80 -35.10 -28.58
N HIS A 666 5.69 -34.93 -27.27
CA HIS A 666 6.12 -33.70 -26.63
C HIS A 666 6.27 -33.88 -25.11
N GLY A 667 7.15 -33.09 -24.50
CA GLY A 667 7.33 -33.16 -23.07
C GLY A 667 6.51 -32.04 -22.49
N THR A 668 5.74 -32.31 -21.45
CA THR A 668 4.88 -31.34 -20.81
C THR A 668 5.67 -30.21 -20.16
N ALA A 669 6.99 -30.40 -20.09
CA ALA A 669 7.86 -29.40 -19.50
C ALA A 669 8.82 -28.80 -20.52
N ASP A 670 8.42 -28.75 -21.78
CA ASP A 670 9.28 -28.17 -22.79
C ASP A 670 9.24 -26.66 -22.60
N ASP A 671 10.40 -26.08 -22.32
CA ASP A 671 10.47 -24.64 -22.08
C ASP A 671 10.84 -23.92 -23.37
N ASN A 672 11.33 -24.70 -24.32
CA ASN A 672 11.76 -24.20 -25.62
C ASN A 672 10.60 -24.14 -26.62
N VAL A 673 10.14 -25.31 -27.06
CA VAL A 673 8.97 -25.40 -27.93
C VAL A 673 7.88 -25.85 -26.94
N HIS A 674 7.05 -24.92 -26.49
CA HIS A 674 6.02 -25.23 -25.52
C HIS A 674 5.04 -26.33 -25.92
N PHE A 675 4.63 -27.11 -24.90
CA PHE A 675 3.71 -28.21 -25.06
C PHE A 675 2.47 -27.70 -25.73
N GLN A 676 2.19 -26.42 -25.53
CA GLN A 676 1.06 -25.74 -26.14
C GLN A 676 1.02 -26.00 -27.64
N GLN A 677 2.16 -25.91 -28.29
CA GLN A 677 2.22 -26.13 -29.71
C GLN A 677 1.59 -27.47 -30.13
N SER A 678 1.90 -28.55 -29.42
CA SER A 678 1.35 -29.85 -29.79
C SER A 678 -0.05 -30.05 -29.31
N ALA A 679 -0.39 -29.37 -28.20
CA ALA A 679 -1.72 -29.43 -27.65
C ALA A 679 -2.63 -28.76 -28.67
N GLN A 680 -2.21 -27.59 -29.16
CA GLN A 680 -2.99 -26.87 -30.16
C GLN A 680 -3.06 -27.67 -31.48
N LEU A 681 -1.98 -28.33 -31.84
CA LEU A 681 -1.99 -29.13 -33.06
C LEU A 681 -2.92 -30.35 -32.94
N SER A 682 -2.86 -31.09 -31.83
CA SER A 682 -3.71 -32.28 -31.67
C SER A 682 -5.17 -31.89 -31.57
N LYS A 683 -5.44 -30.70 -31.08
CA LYS A 683 -6.81 -30.22 -30.98
C LYS A 683 -7.35 -29.92 -32.39
N ALA A 684 -6.48 -29.41 -33.26
CA ALA A 684 -6.91 -29.10 -34.61
C ALA A 684 -7.22 -30.42 -35.33
N LEU A 685 -6.38 -31.43 -35.11
CA LEU A 685 -6.64 -32.72 -35.73
C LEU A 685 -7.90 -33.41 -35.20
N VAL A 686 -8.17 -33.34 -33.89
CA VAL A 686 -9.37 -33.96 -33.35
C VAL A 686 -10.60 -33.30 -34.00
N ASP A 687 -10.47 -31.98 -34.13
CA ASP A 687 -11.50 -31.14 -34.70
C ASP A 687 -11.70 -31.35 -36.18
N ALA A 688 -10.73 -31.97 -36.85
CA ALA A 688 -10.85 -32.25 -38.27
C ALA A 688 -11.27 -33.70 -38.41
N GLY A 689 -11.54 -34.32 -37.27
CA GLY A 689 -11.95 -35.71 -37.24
C GLY A 689 -10.87 -36.65 -37.69
N VAL A 690 -9.62 -36.21 -37.65
CA VAL A 690 -8.49 -37.04 -38.06
C VAL A 690 -8.03 -37.93 -36.93
N ASP A 691 -7.68 -39.17 -37.23
CA ASP A 691 -7.18 -40.04 -36.18
C ASP A 691 -5.66 -40.08 -36.24
N PHE A 692 -5.05 -40.09 -35.07
CA PHE A 692 -3.61 -40.14 -34.98
C PHE A 692 -3.18 -40.60 -33.60
N GLN A 693 -1.88 -40.56 -33.37
CA GLN A 693 -1.29 -40.97 -32.09
C GLN A 693 -0.49 -39.88 -31.41
N THR A 694 -0.47 -39.93 -30.09
CA THR A 694 0.26 -38.97 -29.29
C THR A 694 1.00 -39.70 -28.19
N MET A 695 1.99 -39.01 -27.65
CA MET A 695 2.80 -39.50 -26.55
C MET A 695 3.38 -38.29 -25.86
N TRP A 696 2.82 -37.98 -24.71
CA TRP A 696 3.28 -36.85 -23.92
C TRP A 696 4.30 -37.45 -22.98
N TYR A 697 5.25 -36.64 -22.53
CA TYR A 697 6.26 -37.14 -21.60
C TYR A 697 6.29 -36.22 -20.38
N THR A 698 5.70 -36.69 -19.31
CA THR A 698 5.60 -35.94 -18.08
C THR A 698 6.88 -35.32 -17.53
N ASP A 699 6.88 -33.99 -17.41
CA ASP A 699 8.02 -33.24 -16.89
C ASP A 699 9.31 -33.35 -17.72
N GLU A 700 9.23 -33.83 -18.95
CA GLU A 700 10.46 -33.87 -19.74
C GLU A 700 10.57 -32.55 -20.50
N ASP A 701 11.79 -32.17 -20.89
CA ASP A 701 11.91 -30.92 -21.62
C ASP A 701 12.20 -31.11 -23.12
N HIS A 702 12.61 -30.06 -23.81
CA HIS A 702 12.87 -30.15 -25.24
C HIS A 702 13.79 -31.31 -25.67
N GLY A 703 14.63 -31.79 -24.77
CA GLY A 703 15.50 -32.88 -25.13
C GLY A 703 15.04 -34.25 -24.70
N ILE A 704 13.90 -34.34 -23.98
CA ILE A 704 13.41 -35.63 -23.46
C ILE A 704 14.59 -36.52 -23.21
N ALA A 705 15.57 -35.97 -22.49
CA ALA A 705 16.82 -36.66 -22.25
C ALA A 705 16.99 -37.39 -20.90
N SER A 706 15.96 -37.40 -20.05
CA SER A 706 16.15 -38.15 -18.81
C SER A 706 16.44 -39.57 -19.29
N ASN A 707 17.13 -40.35 -18.46
CA ASN A 707 17.47 -41.69 -18.87
C ASN A 707 16.26 -42.51 -19.26
N MET A 708 15.30 -42.63 -18.36
CA MET A 708 14.14 -43.44 -18.67
C MET A 708 13.32 -42.89 -19.83
N ALA A 709 13.21 -41.57 -19.93
CA ALA A 709 12.47 -40.94 -21.02
C ALA A 709 13.18 -41.24 -22.33
N HIS A 710 14.48 -41.02 -22.35
CA HIS A 710 15.28 -41.28 -23.54
C HIS A 710 15.07 -42.68 -24.09
N GLN A 711 15.14 -43.68 -23.20
CA GLN A 711 14.99 -45.07 -23.61
C GLN A 711 13.62 -45.30 -24.18
N HIS A 712 12.62 -44.87 -23.42
CA HIS A 712 11.22 -45.02 -23.77
C HIS A 712 10.77 -44.36 -25.09
N ILE A 713 11.15 -43.12 -25.35
CA ILE A 713 10.75 -42.47 -26.60
C ILE A 713 11.29 -43.22 -27.82
N TYR A 714 12.54 -43.64 -27.74
CA TYR A 714 13.12 -44.38 -28.86
C TYR A 714 12.52 -45.76 -29.01
N THR A 715 12.31 -46.45 -27.89
CA THR A 715 11.68 -47.77 -27.93
C THR A 715 10.30 -47.63 -28.54
N HIS A 716 9.61 -46.56 -28.19
CA HIS A 716 8.27 -46.30 -28.73
C HIS A 716 8.26 -45.95 -30.23
N MET A 717 9.16 -45.06 -30.68
CA MET A 717 9.17 -44.70 -32.10
C MET A 717 9.55 -45.88 -32.95
N SER A 718 10.30 -46.82 -32.36
CA SER A 718 10.71 -48.02 -33.10
C SER A 718 9.50 -48.97 -33.30
N HIS A 719 8.66 -49.13 -32.28
CA HIS A 719 7.49 -50.00 -32.45
C HIS A 719 6.51 -49.42 -33.45
N PHE A 720 6.34 -48.11 -33.40
CA PHE A 720 5.44 -47.42 -34.30
C PHE A 720 5.95 -47.63 -35.72
N LEU A 721 7.25 -47.50 -35.90
CA LEU A 721 7.86 -47.66 -37.20
C LEU A 721 7.84 -49.08 -37.75
N LYS A 722 8.13 -50.06 -36.92
CA LYS A 722 8.12 -51.41 -37.39
C LYS A 722 6.69 -51.79 -37.71
N GLN A 723 5.74 -51.10 -37.10
CA GLN A 723 4.35 -51.40 -37.41
C GLN A 723 3.96 -50.67 -38.70
N CYS A 724 4.43 -49.45 -38.88
CA CYS A 724 4.13 -48.71 -40.10
C CYS A 724 4.71 -49.46 -41.30
N PHE A 725 5.81 -50.16 -41.05
CA PHE A 725 6.46 -50.92 -42.11
C PHE A 725 6.16 -52.41 -42.01
N SER A 726 5.33 -52.78 -41.03
CA SER A 726 4.99 -54.19 -40.81
C SER A 726 6.26 -55.03 -40.83
N LEU A 727 7.11 -54.79 -39.82
CA LEU A 727 8.37 -55.50 -39.64
C LEU A 727 8.36 -56.29 -38.31
N PRO A 728 9.18 -57.36 -38.23
CA PRO A 728 9.25 -58.18 -37.00
C PRO A 728 10.33 -57.77 -35.99
N SER B 1 -29.28 -60.45 -44.90
CA SER B 1 -28.33 -59.33 -44.60
C SER B 1 -28.77 -58.60 -43.34
N ARG B 2 -29.26 -57.37 -43.52
CA ARG B 2 -29.72 -56.48 -42.45
C ARG B 2 -28.58 -55.62 -41.91
N ARG B 3 -28.93 -54.44 -41.41
CA ARG B 3 -27.92 -53.53 -40.91
C ARG B 3 -27.57 -53.78 -39.44
N THR B 4 -26.33 -53.44 -39.07
CA THR B 4 -25.85 -53.58 -37.70
C THR B 4 -25.68 -52.18 -37.12
N TYR B 5 -25.77 -52.06 -35.80
CA TYR B 5 -25.61 -50.75 -35.17
C TYR B 5 -24.14 -50.36 -35.34
N THR B 6 -23.90 -49.40 -36.23
CA THR B 6 -22.54 -48.95 -36.51
C THR B 6 -22.02 -47.99 -35.47
N LEU B 7 -20.70 -47.80 -35.50
CA LEU B 7 -20.03 -46.87 -34.60
C LEU B 7 -20.61 -45.49 -34.84
N THR B 8 -20.80 -45.15 -36.12
CA THR B 8 -21.37 -43.87 -36.51
C THR B 8 -22.76 -43.76 -35.93
N ASP B 9 -23.47 -44.87 -35.90
CA ASP B 9 -24.82 -44.88 -35.33
C ASP B 9 -24.76 -44.42 -33.89
N TYR B 10 -23.75 -44.88 -33.16
CA TYR B 10 -23.57 -44.48 -31.78
C TYR B 10 -23.07 -43.03 -31.69
N LEU B 11 -22.07 -42.70 -32.49
CA LEU B 11 -21.49 -41.35 -32.44
C LEU B 11 -22.38 -40.19 -32.87
N LYS B 12 -23.16 -40.36 -33.94
CA LYS B 12 -24.03 -39.30 -34.43
C LYS B 12 -25.46 -39.42 -33.91
N SER B 13 -25.69 -40.31 -32.96
CA SER B 13 -27.03 -40.51 -32.42
C SER B 13 -28.08 -40.62 -33.52
N THR B 14 -27.74 -41.34 -34.59
CA THR B 14 -28.64 -41.52 -35.73
C THR B 14 -30.00 -42.01 -35.24
N PHE B 15 -30.00 -42.91 -34.26
CA PHE B 15 -31.26 -43.41 -33.71
C PHE B 15 -31.59 -42.62 -32.47
N ARG B 16 -32.62 -41.79 -32.57
CA ARG B 16 -33.06 -40.91 -31.51
C ARG B 16 -33.91 -41.63 -30.47
N VAL B 17 -33.84 -41.15 -29.24
CA VAL B 17 -34.64 -41.72 -28.16
C VAL B 17 -35.40 -40.58 -27.54
N LYS B 18 -36.66 -40.44 -27.92
CA LYS B 18 -37.51 -39.36 -27.39
C LYS B 18 -37.82 -39.55 -25.90
N PHE B 19 -38.31 -38.48 -25.28
CA PHE B 19 -38.67 -38.48 -23.87
C PHE B 19 -39.75 -37.42 -23.68
N TYR B 20 -40.22 -37.25 -22.46
CA TYR B 20 -41.26 -36.25 -22.21
C TYR B 20 -40.92 -35.48 -20.94
N THR B 21 -40.35 -34.29 -21.13
CA THR B 21 -40.00 -33.44 -20.00
C THR B 21 -41.18 -32.52 -19.71
N LEU B 22 -41.62 -32.47 -18.45
CA LEU B 22 -42.73 -31.60 -18.05
C LEU B 22 -42.40 -30.87 -16.77
N GLN B 23 -43.09 -29.77 -16.48
CA GLN B 23 -42.82 -29.03 -15.28
C GLN B 23 -44.13 -28.81 -14.55
N TRP B 24 -44.42 -29.63 -13.56
CA TRP B 24 -45.67 -29.49 -12.81
C TRP B 24 -45.76 -28.06 -12.35
N ILE B 25 -46.96 -27.47 -12.32
CA ILE B 25 -47.08 -26.11 -11.84
C ILE B 25 -48.25 -25.89 -10.90
N SER B 26 -48.99 -26.97 -10.64
CA SER B 26 -50.12 -26.98 -9.71
C SER B 26 -50.37 -28.44 -9.35
N ASP B 27 -51.47 -28.70 -8.67
CA ASP B 27 -51.79 -30.07 -8.28
C ASP B 27 -52.34 -30.87 -9.46
N HIS B 28 -52.63 -30.20 -10.57
CA HIS B 28 -53.17 -30.89 -11.74
C HIS B 28 -52.72 -30.37 -13.12
N GLU B 29 -51.94 -29.30 -13.15
CA GLU B 29 -51.48 -28.75 -14.43
C GLU B 29 -49.95 -28.83 -14.57
N TYR B 30 -49.47 -28.77 -15.81
CA TYR B 30 -48.05 -28.81 -16.05
C TYR B 30 -47.73 -28.17 -17.39
N LEU B 31 -46.49 -27.73 -17.55
CA LEU B 31 -46.05 -27.10 -18.77
C LEU B 31 -45.26 -28.09 -19.60
N TYR B 32 -45.32 -27.94 -20.92
CA TYR B 32 -44.61 -28.82 -21.83
C TYR B 32 -44.16 -27.98 -23.00
N LYS B 33 -42.96 -28.28 -23.50
CA LYS B 33 -42.47 -27.55 -24.66
C LYS B 33 -42.62 -28.48 -25.85
N GLN B 34 -43.45 -28.08 -26.80
CA GLN B 34 -43.71 -28.86 -28.01
C GLN B 34 -43.68 -27.90 -29.19
N GLU B 35 -42.89 -28.22 -30.20
CA GLU B 35 -42.79 -27.38 -31.40
C GLU B 35 -42.22 -26.01 -31.06
N ASN B 36 -41.75 -25.86 -29.83
CA ASN B 36 -41.20 -24.58 -29.35
C ASN B 36 -42.28 -23.69 -28.76
N ASN B 37 -43.48 -24.22 -28.61
CA ASN B 37 -44.55 -23.45 -28.01
C ASN B 37 -44.60 -24.02 -26.62
N ILE B 38 -45.18 -23.28 -25.67
CA ILE B 38 -45.27 -23.79 -24.31
C ILE B 38 -46.74 -24.08 -23.99
N LEU B 39 -47.10 -25.35 -24.05
CA LEU B 39 -48.46 -25.75 -23.76
C LEU B 39 -48.65 -25.94 -22.28
N LEU B 40 -49.87 -25.69 -21.82
CA LEU B 40 -50.23 -25.86 -20.44
C LEU B 40 -51.25 -26.99 -20.43
N PHE B 41 -50.78 -28.22 -20.20
CA PHE B 41 -51.65 -29.38 -20.18
C PHE B 41 -52.38 -29.50 -18.86
N ASN B 42 -53.53 -30.16 -18.90
CA ASN B 42 -54.36 -30.39 -17.73
C ASN B 42 -54.42 -31.89 -17.56
N ALA B 43 -53.72 -32.39 -16.55
CA ALA B 43 -53.64 -33.82 -16.26
C ALA B 43 -54.97 -34.56 -16.21
N GLU B 44 -55.91 -34.03 -15.43
CA GLU B 44 -57.23 -34.65 -15.27
C GLU B 44 -57.82 -35.17 -16.59
N TYR B 45 -57.85 -34.31 -17.61
CA TYR B 45 -58.42 -34.66 -18.91
C TYR B 45 -57.44 -34.88 -20.05
N GLY B 46 -56.41 -34.04 -20.11
CA GLY B 46 -55.42 -34.19 -21.17
C GLY B 46 -55.47 -33.02 -22.12
N ASN B 47 -56.49 -32.19 -21.97
CA ASN B 47 -56.62 -31.02 -22.84
C ASN B 47 -55.54 -30.00 -22.55
N SER B 48 -54.97 -29.46 -23.61
CA SER B 48 -53.91 -28.47 -23.50
C SER B 48 -54.35 -27.11 -24.05
N SER B 49 -53.51 -26.10 -23.84
CA SER B 49 -53.75 -24.76 -24.32
C SER B 49 -52.44 -23.99 -24.37
N ILE B 50 -52.14 -23.40 -25.52
CA ILE B 50 -50.89 -22.65 -25.69
C ILE B 50 -50.69 -21.68 -24.52
N PHE B 51 -49.47 -21.64 -24.00
CA PHE B 51 -49.14 -20.74 -22.89
C PHE B 51 -48.25 -19.63 -23.43
N LEU B 52 -47.43 -19.97 -24.42
CA LEU B 52 -46.57 -19.02 -25.06
C LEU B 52 -46.31 -19.61 -26.43
N GLU B 53 -46.69 -18.86 -27.47
CA GLU B 53 -46.53 -19.32 -28.86
C GLU B 53 -45.09 -19.25 -29.34
N ASN B 54 -44.71 -20.21 -30.17
CA ASN B 54 -43.34 -20.25 -30.69
C ASN B 54 -43.08 -19.01 -31.54
N SER B 55 -44.07 -18.13 -31.56
CA SER B 55 -44.00 -16.86 -32.29
C SER B 55 -43.16 -15.88 -31.48
N THR B 56 -43.15 -16.09 -30.17
CA THR B 56 -42.40 -15.24 -29.25
C THR B 56 -40.90 -15.46 -29.30
N PHE B 57 -40.47 -16.72 -29.27
CA PHE B 57 -39.05 -17.06 -29.33
C PHE B 57 -38.37 -16.52 -30.58
N ASP B 58 -39.11 -16.51 -31.68
CA ASP B 58 -38.56 -16.02 -32.94
C ASP B 58 -38.31 -14.54 -32.85
N GLU B 59 -39.16 -13.83 -32.11
CA GLU B 59 -39.03 -12.38 -31.97
C GLU B 59 -37.97 -11.94 -30.95
N LEU B 60 -37.59 -12.83 -30.02
CA LEU B 60 -36.61 -12.52 -29.00
C LEU B 60 -35.21 -12.48 -29.62
N GLY B 61 -35.05 -13.13 -30.77
CA GLY B 61 -33.78 -13.12 -31.46
C GLY B 61 -32.69 -14.03 -30.92
N TYR B 62 -32.80 -14.44 -29.67
CA TYR B 62 -31.80 -15.32 -29.08
C TYR B 62 -32.28 -16.76 -28.92
N SER B 63 -31.32 -17.68 -28.97
CA SER B 63 -31.61 -19.10 -28.82
C SER B 63 -31.96 -19.38 -27.37
N THR B 64 -33.21 -19.70 -27.11
CA THR B 64 -33.64 -20.00 -25.76
C THR B 64 -33.18 -21.39 -25.37
N ASN B 65 -32.37 -21.45 -24.31
CA ASN B 65 -31.84 -22.72 -23.83
C ASN B 65 -32.66 -23.23 -22.65
N ASP B 66 -33.55 -22.39 -22.15
CA ASP B 66 -34.38 -22.78 -21.03
C ASP B 66 -35.23 -21.63 -20.57
N TYR B 67 -36.31 -21.96 -19.84
CA TYR B 67 -37.22 -20.94 -19.34
C TYR B 67 -37.76 -21.39 -17.99
N SER B 68 -38.40 -20.49 -17.27
CA SER B 68 -38.96 -20.79 -15.98
C SER B 68 -40.07 -19.78 -15.73
N VAL B 69 -41.28 -20.27 -15.49
CA VAL B 69 -42.36 -19.36 -15.26
C VAL B 69 -42.61 -19.16 -13.77
N SER B 70 -42.85 -17.92 -13.38
CA SER B 70 -43.10 -17.57 -12.00
C SER B 70 -44.28 -18.36 -11.47
N PRO B 71 -44.24 -18.76 -10.19
CA PRO B 71 -45.39 -19.53 -9.68
C PRO B 71 -46.75 -18.83 -9.79
N ASP B 72 -46.76 -17.49 -9.83
CA ASP B 72 -48.04 -16.80 -9.98
C ASP B 72 -48.42 -16.77 -11.48
N ARG B 73 -47.53 -17.29 -12.31
CA ARG B 73 -47.81 -17.36 -13.73
C ARG B 73 -47.99 -16.02 -14.44
N GLN B 74 -47.31 -14.99 -13.95
CA GLN B 74 -47.40 -13.68 -14.56
C GLN B 74 -46.17 -13.36 -15.39
N PHE B 75 -45.06 -14.00 -15.07
CA PHE B 75 -43.82 -13.76 -15.81
C PHE B 75 -43.16 -15.07 -16.19
N ILE B 76 -42.24 -14.99 -17.14
CA ILE B 76 -41.47 -16.15 -17.58
C ILE B 76 -40.01 -15.71 -17.70
N LEU B 77 -39.12 -16.60 -17.28
CA LEU B 77 -37.69 -16.30 -17.29
C LEU B 77 -37.00 -16.91 -18.49
N PHE B 78 -36.30 -16.09 -19.25
CA PHE B 78 -35.60 -16.63 -20.40
C PHE B 78 -34.11 -16.68 -20.21
N GLU B 79 -33.54 -17.87 -20.38
CA GLU B 79 -32.11 -18.08 -20.23
C GLU B 79 -31.41 -18.18 -21.59
N TYR B 80 -30.28 -17.49 -21.73
CA TYR B 80 -29.53 -17.53 -22.96
C TYR B 80 -28.06 -17.18 -22.71
N ASN B 81 -27.22 -17.46 -23.70
CA ASN B 81 -25.79 -17.22 -23.57
C ASN B 81 -25.27 -18.14 -22.48
N TYR B 82 -25.84 -19.33 -22.40
CA TYR B 82 -25.45 -20.31 -21.40
C TYR B 82 -23.98 -20.69 -21.50
N VAL B 83 -23.23 -20.53 -20.41
CA VAL B 83 -21.81 -20.90 -20.40
C VAL B 83 -21.53 -21.89 -19.27
N LYS B 84 -21.37 -23.15 -19.65
CA LYS B 84 -21.11 -24.21 -18.71
C LYS B 84 -19.89 -23.93 -17.84
N GLN B 85 -19.96 -24.32 -16.57
CA GLN B 85 -18.81 -24.17 -15.72
C GLN B 85 -18.35 -25.58 -15.37
N TRP B 86 -18.64 -26.04 -14.16
CA TRP B 86 -18.24 -27.39 -13.75
C TRP B 86 -19.35 -28.39 -14.11
N ARG B 87 -19.63 -29.35 -13.24
CA ARG B 87 -20.68 -30.33 -13.53
C ARG B 87 -22.12 -29.77 -13.48
N HIS B 88 -22.41 -28.78 -12.64
CA HIS B 88 -23.75 -28.22 -12.57
C HIS B 88 -23.78 -26.71 -12.71
N SER B 89 -22.65 -26.09 -12.45
CA SER B 89 -22.58 -24.66 -12.49
C SER B 89 -22.43 -24.12 -13.91
N TYR B 90 -22.94 -22.90 -14.10
CA TYR B 90 -22.87 -22.22 -15.36
C TYR B 90 -23.30 -20.79 -15.12
N THR B 91 -22.95 -19.91 -16.04
CA THR B 91 -23.38 -18.51 -15.92
C THR B 91 -24.30 -18.34 -17.12
N ALA B 92 -25.13 -17.31 -17.09
CA ALA B 92 -26.03 -17.07 -18.21
C ALA B 92 -26.67 -15.70 -18.16
N SER B 93 -27.26 -15.32 -19.28
CA SER B 93 -27.95 -14.05 -19.37
C SER B 93 -29.43 -14.36 -19.21
N TYR B 94 -30.19 -13.40 -18.71
CA TYR B 94 -31.60 -13.62 -18.49
C TYR B 94 -32.47 -12.41 -18.81
N ASP B 95 -33.68 -12.69 -19.28
CA ASP B 95 -34.68 -11.68 -19.59
C ASP B 95 -35.93 -12.15 -18.88
N ILE B 96 -36.69 -11.21 -18.35
CA ILE B 96 -37.94 -11.54 -17.70
C ILE B 96 -39.00 -11.12 -18.71
N TYR B 97 -40.03 -11.92 -18.88
CA TYR B 97 -41.04 -11.60 -19.85
C TYR B 97 -42.42 -11.49 -19.21
N ASP B 98 -43.02 -10.30 -19.28
CA ASP B 98 -44.34 -10.07 -18.71
C ASP B 98 -45.39 -10.76 -19.56
N LEU B 99 -45.91 -11.87 -19.08
CA LEU B 99 -46.91 -12.63 -19.82
C LEU B 99 -48.07 -11.74 -20.22
N ASN B 100 -48.75 -11.21 -19.21
CA ASN B 100 -49.91 -10.35 -19.37
C ASN B 100 -49.81 -9.38 -20.55
N LYS B 101 -48.98 -8.34 -20.41
CA LYS B 101 -48.83 -7.35 -21.47
C LYS B 101 -47.93 -7.82 -22.61
N ARG B 102 -47.75 -9.14 -22.72
CA ARG B 102 -46.90 -9.75 -23.74
C ARG B 102 -45.74 -8.90 -24.25
N GLN B 103 -45.09 -8.21 -23.31
CA GLN B 103 -43.94 -7.36 -23.58
C GLN B 103 -42.76 -7.93 -22.80
N LEU B 104 -41.56 -7.41 -23.07
CA LEU B 104 -40.35 -7.88 -22.43
C LEU B 104 -39.74 -6.78 -21.56
N ILE B 105 -39.64 -7.00 -20.25
CA ILE B 105 -39.08 -6.00 -19.36
C ILE B 105 -37.66 -5.69 -19.85
N THR B 106 -37.30 -4.42 -19.87
CA THR B 106 -35.97 -4.04 -20.32
C THR B 106 -35.32 -3.09 -19.32
N GLU B 107 -36.12 -2.61 -18.37
CA GLU B 107 -35.62 -1.72 -17.35
C GLU B 107 -35.23 -2.61 -16.18
N GLU B 108 -34.15 -2.25 -15.49
CA GLU B 108 -33.72 -3.03 -14.35
C GLU B 108 -33.56 -4.48 -14.75
N ARG B 109 -32.79 -4.70 -15.81
CA ARG B 109 -32.54 -6.03 -16.32
C ARG B 109 -31.70 -6.86 -15.35
N ILE B 110 -31.56 -8.15 -15.64
CA ILE B 110 -30.75 -9.06 -14.84
C ILE B 110 -29.35 -9.10 -15.45
N PRO B 111 -28.33 -9.04 -14.62
CA PRO B 111 -26.94 -9.05 -15.09
C PRO B 111 -26.47 -10.21 -16.00
N ASN B 112 -25.61 -9.88 -16.99
CA ASN B 112 -25.02 -10.89 -17.85
C ASN B 112 -24.17 -11.68 -16.84
N ASN B 113 -23.78 -12.90 -17.15
CA ASN B 113 -22.98 -13.68 -16.20
C ASN B 113 -23.67 -14.00 -14.86
N THR B 114 -25.00 -13.98 -14.80
CA THR B 114 -25.61 -14.33 -13.53
C THR B 114 -25.21 -15.77 -13.27
N GLN B 115 -24.96 -16.12 -12.00
CA GLN B 115 -24.52 -17.46 -11.65
C GLN B 115 -25.61 -18.41 -11.21
N TRP B 116 -26.76 -17.88 -10.87
CA TRP B 116 -27.88 -18.69 -10.40
C TRP B 116 -29.04 -17.75 -10.09
N ILE B 117 -30.26 -18.19 -10.38
CA ILE B 117 -31.41 -17.35 -10.13
C ILE B 117 -32.63 -18.23 -9.97
N THR B 118 -33.55 -17.83 -9.10
CA THR B 118 -34.74 -18.64 -8.84
C THR B 118 -35.95 -17.81 -8.39
N TRP B 119 -37.13 -18.14 -8.91
CA TRP B 119 -38.38 -17.47 -8.52
C TRP B 119 -38.67 -17.88 -7.10
N SER B 120 -39.42 -17.06 -6.38
CA SER B 120 -39.79 -17.43 -5.02
C SER B 120 -40.74 -18.61 -5.23
N PRO B 121 -41.07 -19.37 -4.17
CA PRO B 121 -41.99 -20.51 -4.34
C PRO B 121 -43.40 -20.01 -4.68
N VAL B 122 -43.73 -18.83 -4.21
CA VAL B 122 -45.04 -18.24 -4.51
C VAL B 122 -44.83 -16.81 -5.02
N GLY B 123 -45.83 -16.28 -5.72
CA GLY B 123 -45.70 -14.92 -6.24
C GLY B 123 -44.72 -14.86 -7.38
N HIS B 124 -44.02 -13.73 -7.51
CA HIS B 124 -43.05 -13.54 -8.60
C HIS B 124 -41.78 -12.78 -8.19
N LYS B 125 -41.23 -13.15 -7.04
CA LYS B 125 -40.00 -12.56 -6.54
C LYS B 125 -38.90 -13.40 -7.16
N LEU B 126 -37.70 -12.86 -7.18
CA LEU B 126 -36.54 -13.52 -7.75
C LEU B 126 -35.36 -13.28 -6.85
N ALA B 127 -34.44 -14.23 -6.82
CA ALA B 127 -33.22 -14.09 -6.04
C ALA B 127 -32.20 -14.65 -6.98
N TYR B 128 -31.03 -14.04 -7.06
CA TYR B 128 -30.00 -14.58 -7.97
C TYR B 128 -28.64 -14.22 -7.42
N VAL B 129 -27.62 -14.94 -7.85
CA VAL B 129 -26.27 -14.70 -7.39
C VAL B 129 -25.42 -14.17 -8.53
N TRP B 130 -24.83 -13.01 -8.30
CA TRP B 130 -23.97 -12.40 -9.31
C TRP B 130 -22.65 -12.02 -8.65
N ASN B 131 -21.55 -12.54 -9.19
CA ASN B 131 -20.22 -12.28 -8.62
C ASN B 131 -20.18 -12.71 -7.17
N ASN B 132 -20.60 -13.95 -6.91
CA ASN B 132 -20.61 -14.51 -5.56
C ASN B 132 -21.40 -13.74 -4.51
N ASP B 133 -22.26 -12.81 -4.94
CA ASP B 133 -23.10 -12.06 -3.99
C ASP B 133 -24.55 -12.23 -4.41
N ILE B 134 -25.42 -12.30 -3.40
CA ILE B 134 -26.85 -12.52 -3.57
C ILE B 134 -27.68 -11.24 -3.75
N TYR B 135 -28.63 -11.28 -4.67
CA TYR B 135 -29.51 -10.15 -4.91
C TYR B 135 -30.99 -10.59 -4.89
N VAL B 136 -31.85 -9.79 -4.30
CA VAL B 136 -33.26 -10.10 -4.29
C VAL B 136 -33.94 -9.03 -5.13
N LYS B 137 -34.95 -9.44 -5.88
CA LYS B 137 -35.68 -8.53 -6.76
C LYS B 137 -37.17 -8.84 -6.66
N ASN B 138 -37.93 -8.02 -5.93
CA ASN B 138 -39.37 -8.25 -5.77
C ASN B 138 -40.18 -8.10 -7.03
N GLU B 139 -39.88 -7.08 -7.82
CA GLU B 139 -40.61 -6.86 -9.05
C GLU B 139 -39.67 -6.87 -10.24
N PRO B 140 -40.08 -7.56 -11.30
CA PRO B 140 -39.30 -7.66 -12.53
C PRO B 140 -38.97 -6.31 -13.14
N ASN B 141 -39.83 -5.32 -12.90
CA ASN B 141 -39.60 -4.01 -13.47
C ASN B 141 -38.87 -3.11 -12.48
N LEU B 142 -38.66 -3.63 -11.28
CA LEU B 142 -37.98 -2.88 -10.23
C LEU B 142 -36.51 -3.21 -10.10
N SER B 143 -35.81 -2.41 -9.32
CA SER B 143 -34.39 -2.60 -9.07
C SER B 143 -34.25 -3.68 -7.99
N SER B 144 -33.13 -4.40 -8.00
CA SER B 144 -32.90 -5.45 -7.02
C SER B 144 -32.03 -4.99 -5.85
N GLN B 145 -32.35 -5.47 -4.65
CA GLN B 145 -31.66 -5.14 -3.40
C GLN B 145 -30.51 -6.09 -3.10
N ARG B 146 -29.28 -5.57 -2.93
CA ARG B 146 -28.17 -6.45 -2.64
C ARG B 146 -28.28 -7.02 -1.24
N ILE B 147 -27.84 -8.26 -1.06
CA ILE B 147 -27.95 -8.92 0.23
C ILE B 147 -26.61 -9.22 0.88
N THR B 148 -25.57 -9.43 0.08
CA THR B 148 -24.25 -9.71 0.63
C THR B 148 -23.22 -8.86 -0.07
N TRP B 149 -22.12 -8.54 0.60
CA TRP B 149 -21.09 -7.70 0.01
C TRP B 149 -19.72 -8.34 0.06
N THR B 150 -19.64 -9.48 0.70
CA THR B 150 -18.39 -10.19 0.85
C THR B 150 -17.99 -11.02 -0.39
N GLY B 151 -18.92 -11.16 -1.32
CA GLY B 151 -18.66 -11.93 -2.52
C GLY B 151 -17.30 -11.67 -3.14
N LYS B 152 -16.60 -12.75 -3.51
CA LYS B 152 -15.30 -12.64 -4.12
C LYS B 152 -14.79 -13.92 -4.75
N GLU B 153 -14.60 -13.82 -6.05
CA GLU B 153 -14.11 -14.90 -6.88
C GLU B 153 -13.01 -15.71 -6.20
N ASN B 154 -13.07 -17.02 -6.40
CA ASN B 154 -12.11 -17.96 -5.83
C ASN B 154 -11.88 -17.82 -4.33
N VAL B 155 -12.74 -17.08 -3.62
CA VAL B 155 -12.54 -16.90 -2.18
C VAL B 155 -13.81 -16.92 -1.35
N ILE B 156 -14.73 -16.01 -1.60
CA ILE B 156 -15.96 -16.00 -0.83
C ILE B 156 -17.14 -16.29 -1.74
N TYR B 157 -17.99 -17.25 -1.35
CA TYR B 157 -19.15 -17.59 -2.16
C TYR B 157 -20.43 -17.45 -1.39
N ASN B 158 -21.33 -16.59 -1.88
CA ASN B 158 -22.63 -16.41 -1.24
C ASN B 158 -23.70 -16.90 -2.20
N GLY B 159 -24.61 -17.74 -1.74
CA GLY B 159 -25.68 -18.20 -2.61
C GLY B 159 -25.37 -19.35 -3.54
N VAL B 160 -24.10 -19.64 -3.76
CA VAL B 160 -23.75 -20.76 -4.61
C VAL B 160 -22.61 -21.48 -3.93
N THR B 161 -22.38 -22.72 -4.31
CA THR B 161 -21.33 -23.52 -3.71
C THR B 161 -19.96 -23.35 -4.38
N ASP B 162 -18.89 -23.69 -3.65
CA ASP B 162 -17.57 -23.60 -4.23
C ASP B 162 -17.45 -24.93 -4.96
N TRP B 163 -16.27 -25.24 -5.51
CA TRP B 163 -16.08 -26.46 -6.27
C TRP B 163 -16.37 -27.81 -5.58
N VAL B 164 -15.78 -28.07 -4.42
CA VAL B 164 -16.00 -29.36 -3.76
C VAL B 164 -17.43 -29.54 -3.27
N TYR B 165 -18.08 -28.44 -2.90
CA TYR B 165 -19.45 -28.54 -2.42
C TYR B 165 -20.41 -28.87 -3.53
N GLU B 166 -20.09 -28.35 -4.72
CA GLU B 166 -20.91 -28.56 -5.89
C GLU B 166 -20.82 -30.00 -6.29
N GLU B 167 -19.59 -30.44 -6.50
CA GLU B 167 -19.32 -31.79 -6.91
C GLU B 167 -19.61 -32.92 -5.93
N GLU B 168 -19.35 -32.72 -4.64
CA GLU B 168 -19.50 -33.81 -3.68
C GLU B 168 -20.53 -33.69 -2.57
N VAL B 169 -21.10 -32.52 -2.39
CA VAL B 169 -22.04 -32.37 -1.30
C VAL B 169 -23.47 -32.13 -1.72
N PHE B 170 -23.65 -31.23 -2.69
CA PHE B 170 -24.99 -30.87 -3.15
C PHE B 170 -25.23 -31.42 -4.55
N SER B 171 -24.16 -31.88 -5.21
CA SER B 171 -24.31 -32.36 -6.58
C SER B 171 -25.16 -31.26 -7.28
N ALA B 172 -24.94 -30.03 -6.83
CA ALA B 172 -25.66 -28.85 -7.31
C ALA B 172 -24.83 -27.61 -6.98
N TYR B 173 -25.04 -26.56 -7.76
CA TYR B 173 -24.33 -25.29 -7.65
C TYR B 173 -25.04 -24.30 -6.75
N SER B 174 -26.35 -24.51 -6.59
CA SER B 174 -27.19 -23.64 -5.78
C SER B 174 -26.87 -23.81 -4.29
N ALA B 175 -27.00 -22.71 -3.55
CA ALA B 175 -26.73 -22.67 -2.12
C ALA B 175 -27.68 -21.66 -1.52
N LEU B 176 -28.95 -21.74 -1.92
CA LEU B 176 -29.97 -20.86 -1.39
C LEU B 176 -31.34 -21.53 -1.45
N TRP B 177 -32.13 -21.23 -0.44
CA TRP B 177 -33.44 -21.84 -0.22
C TRP B 177 -34.56 -20.89 0.22
N TRP B 178 -35.51 -20.54 -0.66
CA TRP B 178 -36.61 -19.68 -0.20
C TRP B 178 -37.45 -20.52 0.72
N SER B 179 -38.33 -19.88 1.47
CA SER B 179 -39.22 -20.60 2.37
C SER B 179 -40.58 -20.80 1.63
N PRO B 180 -41.42 -21.73 2.13
CA PRO B 180 -42.73 -22.02 1.53
C PRO B 180 -43.49 -20.82 0.98
N ASN B 181 -43.72 -19.82 1.83
CA ASN B 181 -44.44 -18.63 1.40
C ASN B 181 -43.48 -17.45 1.06
N GLY B 182 -42.19 -17.77 0.91
CA GLY B 182 -41.22 -16.76 0.57
C GLY B 182 -40.99 -15.64 1.55
N THR B 183 -41.09 -15.91 2.85
CA THR B 183 -40.85 -14.89 3.86
C THR B 183 -39.34 -14.80 4.07
N PHE B 184 -38.68 -15.95 4.00
CA PHE B 184 -37.24 -16.02 4.22
C PHE B 184 -36.48 -16.52 3.01
N LEU B 185 -35.20 -16.19 2.96
CA LEU B 185 -34.30 -16.64 1.91
C LEU B 185 -33.11 -17.09 2.72
N ALA B 186 -32.88 -18.40 2.76
CA ALA B 186 -31.77 -18.94 3.53
C ALA B 186 -30.68 -19.24 2.55
N TYR B 187 -29.43 -18.92 2.90
CA TYR B 187 -28.32 -19.18 1.99
C TYR B 187 -27.10 -19.56 2.80
N ALA B 188 -26.13 -20.17 2.14
CA ALA B 188 -24.89 -20.59 2.77
C ALA B 188 -23.75 -19.81 2.15
N GLN B 189 -22.73 -19.55 2.96
CA GLN B 189 -21.57 -18.82 2.51
C GLN B 189 -20.39 -19.78 2.56
N PHE B 190 -19.51 -19.71 1.57
CA PHE B 190 -18.35 -20.59 1.57
C PHE B 190 -17.06 -19.76 1.60
N ASN B 191 -16.12 -20.17 2.44
CA ASN B 191 -14.88 -19.46 2.56
C ASN B 191 -13.80 -20.41 2.14
N ASP B 192 -13.20 -20.12 0.99
CA ASP B 192 -12.14 -20.95 0.43
C ASP B 192 -10.73 -20.37 0.61
N THR B 193 -10.57 -19.41 1.52
CA THR B 193 -9.29 -18.77 1.72
C THR B 193 -8.09 -19.70 1.88
N GLU B 194 -8.22 -20.74 2.69
CA GLU B 194 -7.09 -21.61 2.88
C GLU B 194 -7.09 -22.85 2.04
N VAL B 195 -8.09 -22.99 1.18
CA VAL B 195 -8.13 -24.15 0.32
C VAL B 195 -7.11 -23.92 -0.78
N PRO B 196 -6.16 -24.87 -0.94
CA PRO B 196 -5.11 -24.78 -1.95
C PRO B 196 -5.70 -24.65 -3.34
N LEU B 197 -4.88 -24.26 -4.30
CA LEU B 197 -5.34 -24.09 -5.66
C LEU B 197 -4.76 -25.14 -6.60
N ILE B 198 -5.63 -25.78 -7.37
CA ILE B 198 -5.15 -26.72 -8.36
C ILE B 198 -4.93 -25.82 -9.58
N GLU B 199 -3.77 -25.95 -10.21
CA GLU B 199 -3.51 -25.13 -11.36
C GLU B 199 -3.12 -25.96 -12.57
N TYR B 200 -3.63 -25.56 -13.73
CA TYR B 200 -3.34 -26.23 -14.99
C TYR B 200 -3.49 -25.26 -16.18
N SER B 201 -3.10 -25.72 -17.36
CA SER B 201 -3.19 -24.87 -18.53
C SER B 201 -4.42 -25.04 -19.38
N PHE B 202 -4.86 -23.92 -19.93
CA PHE B 202 -5.97 -23.91 -20.84
C PHE B 202 -5.45 -23.17 -22.07
N TYR B 203 -5.18 -23.92 -23.12
CA TYR B 203 -4.67 -23.38 -24.37
C TYR B 203 -5.70 -22.57 -25.11
N SER B 204 -6.95 -23.02 -25.03
CA SER B 204 -8.08 -22.35 -25.67
C SER B 204 -7.90 -22.34 -27.16
N ASP B 205 -8.41 -21.29 -27.78
CA ASP B 205 -8.35 -21.15 -29.22
C ASP B 205 -6.97 -20.97 -29.83
N GLU B 206 -6.77 -21.61 -30.97
CA GLU B 206 -5.53 -21.58 -31.71
C GLU B 206 -4.88 -20.20 -31.80
N SER B 207 -5.70 -19.16 -31.71
CA SER B 207 -5.19 -17.80 -31.81
C SER B 207 -4.64 -17.25 -30.52
N LEU B 208 -5.01 -17.82 -29.39
CA LEU B 208 -4.50 -17.34 -28.11
C LEU B 208 -2.99 -17.57 -28.16
N GLN B 209 -2.22 -16.49 -28.11
CA GLN B 209 -0.77 -16.62 -28.20
C GLN B 209 -0.14 -17.30 -26.97
N TYR B 210 -0.63 -16.97 -25.78
CA TYR B 210 -0.11 -17.59 -24.57
C TYR B 210 -1.22 -18.35 -23.89
N PRO B 211 -0.92 -19.57 -23.40
CA PRO B 211 -1.93 -20.38 -22.72
C PRO B 211 -2.29 -19.67 -21.42
N LYS B 212 -3.51 -19.82 -20.96
CA LYS B 212 -3.80 -19.21 -19.68
C LYS B 212 -3.64 -20.30 -18.61
N THR B 213 -3.70 -19.95 -17.34
CA THR B 213 -3.56 -20.96 -16.29
C THR B 213 -4.82 -20.93 -15.50
N VAL B 214 -5.46 -22.08 -15.34
CA VAL B 214 -6.67 -22.10 -14.56
C VAL B 214 -6.32 -22.39 -13.10
N ARG B 215 -7.04 -21.72 -12.20
CA ARG B 215 -6.81 -21.92 -10.77
C ARG B 215 -8.14 -22.15 -10.09
N ILE B 216 -8.21 -23.21 -9.30
CA ILE B 216 -9.44 -23.51 -8.59
C ILE B 216 -9.15 -23.95 -7.14
N PRO B 217 -9.85 -23.36 -6.17
CA PRO B 217 -9.57 -23.82 -4.81
C PRO B 217 -10.19 -25.23 -4.75
N TYR B 218 -9.36 -26.23 -4.61
CA TYR B 218 -9.81 -27.60 -4.60
C TYR B 218 -9.05 -28.33 -3.51
N PRO B 219 -9.76 -28.81 -2.48
CA PRO B 219 -9.11 -29.54 -1.37
C PRO B 219 -8.85 -30.98 -1.73
N LYS B 220 -7.59 -31.39 -1.69
CA LYS B 220 -7.24 -32.77 -1.98
C LYS B 220 -7.20 -33.56 -0.67
N ALA B 221 -7.13 -34.88 -0.72
CA ALA B 221 -7.13 -35.67 0.54
C ALA B 221 -6.32 -35.04 1.68
N GLY B 222 -7.02 -34.67 2.77
CA GLY B 222 -6.36 -34.09 3.91
C GLY B 222 -5.98 -32.63 3.88
N ALA B 223 -6.12 -31.97 2.74
CA ALA B 223 -5.78 -30.57 2.69
C ALA B 223 -6.80 -29.78 3.50
N GLU B 224 -6.70 -28.46 3.43
CA GLU B 224 -7.58 -27.55 4.14
C GLU B 224 -8.88 -27.39 3.32
N ASN B 225 -10.02 -27.64 3.95
CA ASN B 225 -11.32 -27.56 3.29
C ASN B 225 -11.94 -26.20 3.46
N PRO B 226 -12.95 -25.86 2.63
CA PRO B 226 -13.56 -24.54 2.82
C PRO B 226 -14.40 -24.63 4.08
N THR B 227 -14.77 -23.46 4.60
CA THR B 227 -15.61 -23.37 5.78
C THR B 227 -16.97 -22.88 5.31
N VAL B 228 -17.99 -23.10 6.12
CA VAL B 228 -19.34 -22.73 5.75
C VAL B 228 -20.04 -22.02 6.87
N LYS B 229 -21.02 -21.19 6.50
CA LYS B 229 -21.85 -20.46 7.44
C LYS B 229 -23.23 -20.46 6.82
N PHE B 230 -24.27 -20.49 7.63
CA PHE B 230 -25.64 -20.52 7.12
C PHE B 230 -26.37 -19.27 7.61
N PHE B 231 -27.22 -18.70 6.78
CA PHE B 231 -27.95 -17.50 7.18
C PHE B 231 -29.35 -17.60 6.67
N VAL B 232 -30.28 -17.02 7.40
CA VAL B 232 -31.65 -16.97 6.98
C VAL B 232 -31.97 -15.48 6.99
N VAL B 233 -32.36 -14.98 5.82
CA VAL B 233 -32.69 -13.57 5.63
C VAL B 233 -34.20 -13.37 5.72
N ASP B 234 -34.62 -12.40 6.54
CA ASP B 234 -36.03 -12.08 6.67
C ASP B 234 -36.29 -11.06 5.59
N THR B 235 -36.71 -11.52 4.42
CA THR B 235 -36.94 -10.65 3.28
C THR B 235 -38.06 -9.65 3.44
N ARG B 236 -38.71 -9.63 4.59
CA ARG B 236 -39.80 -8.68 4.76
C ARG B 236 -39.37 -7.22 4.94
N THR B 237 -38.14 -7.00 5.39
CA THR B 237 -37.64 -5.66 5.63
C THR B 237 -36.73 -5.14 4.51
N LEU B 238 -36.56 -5.90 3.45
CA LEU B 238 -35.70 -5.43 2.36
C LEU B 238 -36.17 -4.13 1.75
N SER B 239 -35.51 -3.03 2.10
CA SER B 239 -35.85 -1.77 1.50
C SER B 239 -34.53 -1.09 1.14
N PRO B 240 -34.51 -0.26 0.09
CA PRO B 240 -33.23 0.39 -0.27
C PRO B 240 -32.52 1.19 0.82
N ASN B 241 -33.25 1.70 1.80
CA ASN B 241 -32.60 2.45 2.88
C ASN B 241 -32.70 1.74 4.22
N ALA B 242 -32.57 0.42 4.19
CA ALA B 242 -32.67 -0.38 5.41
C ALA B 242 -31.62 -1.47 5.39
N SER B 243 -31.14 -1.87 6.57
CA SER B 243 -30.14 -2.90 6.65
C SER B 243 -30.79 -4.25 6.37
N VAL B 244 -29.97 -5.22 5.98
CA VAL B 244 -30.45 -6.56 5.75
C VAL B 244 -30.66 -7.19 7.12
N THR B 245 -31.87 -7.72 7.38
CA THR B 245 -32.15 -8.36 8.65
C THR B 245 -31.88 -9.83 8.50
N SER B 246 -30.86 -10.35 9.17
CA SER B 246 -30.53 -11.76 9.01
C SER B 246 -29.99 -12.49 10.27
N TYR B 247 -30.34 -13.76 10.44
CA TYR B 247 -29.88 -14.49 11.62
C TYR B 247 -28.95 -15.58 11.16
N GLN B 248 -27.94 -15.91 11.94
CA GLN B 248 -27.00 -16.93 11.52
C GLN B 248 -27.16 -18.21 12.32
N ILE B 249 -27.36 -19.34 11.64
CA ILE B 249 -27.51 -20.60 12.33
C ILE B 249 -26.22 -21.37 12.29
N VAL B 250 -25.72 -21.74 13.47
CA VAL B 250 -24.48 -22.48 13.60
C VAL B 250 -24.83 -23.94 13.94
N PRO B 251 -23.98 -24.88 13.50
CA PRO B 251 -24.19 -26.31 13.76
C PRO B 251 -24.20 -26.69 15.24
N PRO B 252 -24.75 -27.88 15.57
CA PRO B 252 -24.79 -28.32 16.97
C PRO B 252 -23.39 -28.68 17.46
N ALA B 253 -23.11 -28.41 18.72
CA ALA B 253 -21.79 -28.69 19.28
C ALA B 253 -21.12 -30.00 18.90
N SER B 254 -21.88 -31.08 18.73
CA SER B 254 -21.23 -32.34 18.39
C SER B 254 -20.59 -32.33 17.02
N VAL B 255 -20.90 -31.32 16.23
CA VAL B 255 -20.35 -31.20 14.88
C VAL B 255 -19.24 -30.14 14.82
N LEU B 256 -19.33 -29.18 15.73
CA LEU B 256 -18.36 -28.09 15.81
C LEU B 256 -17.00 -28.47 16.39
N ILE B 257 -16.87 -29.65 16.99
CA ILE B 257 -15.58 -30.00 17.56
C ILE B 257 -14.44 -30.06 16.54
N GLY B 258 -14.76 -30.33 15.30
CA GLY B 258 -13.75 -30.39 14.26
C GLY B 258 -14.30 -29.87 12.94
N ASP B 259 -13.66 -30.25 11.83
CA ASP B 259 -14.14 -29.81 10.52
C ASP B 259 -15.46 -30.52 10.22
N HIS B 260 -16.39 -29.77 9.67
CA HIS B 260 -17.69 -30.31 9.34
C HIS B 260 -18.09 -29.83 7.94
N TYR B 261 -19.28 -30.24 7.50
CA TYR B 261 -19.84 -29.87 6.21
C TYR B 261 -21.33 -29.70 6.44
N LEU B 262 -21.94 -28.86 5.64
CA LEU B 262 -23.37 -28.71 5.66
C LEU B 262 -23.71 -29.61 4.47
N CYS B 263 -24.64 -30.54 4.64
CA CYS B 263 -24.96 -31.40 3.52
C CYS B 263 -26.43 -31.39 3.18
N GLY B 264 -27.23 -30.56 3.85
CA GLY B 264 -28.66 -30.52 3.57
C GLY B 264 -29.49 -29.44 4.23
N VAL B 265 -30.46 -28.92 3.49
CA VAL B 265 -31.35 -27.84 3.92
C VAL B 265 -32.79 -28.27 3.55
N THR B 266 -33.73 -28.19 4.48
CA THR B 266 -35.10 -28.53 4.12
C THR B 266 -36.09 -27.69 4.89
N TRP B 267 -36.83 -26.84 4.18
CA TRP B 267 -37.83 -26.03 4.84
C TRP B 267 -38.96 -26.94 5.29
N VAL B 268 -39.46 -26.74 6.50
CA VAL B 268 -40.55 -27.54 7.02
C VAL B 268 -41.84 -26.72 7.02
N THR B 269 -41.76 -25.49 7.52
CA THR B 269 -42.89 -24.54 7.55
C THR B 269 -42.22 -23.17 7.46
N GLU B 270 -42.99 -22.07 7.37
CA GLU B 270 -42.36 -20.75 7.30
C GLU B 270 -41.55 -20.45 8.54
N GLU B 271 -41.81 -21.18 9.62
CA GLU B 271 -41.11 -20.92 10.89
C GLU B 271 -40.35 -22.12 11.40
N ARG B 272 -39.93 -22.99 10.48
CA ARG B 272 -39.18 -24.17 10.87
C ARG B 272 -38.32 -24.66 9.71
N ILE B 273 -37.01 -24.75 9.96
CA ILE B 273 -36.08 -25.20 8.96
C ILE B 273 -35.26 -26.37 9.51
N SER B 274 -34.92 -27.32 8.66
CA SER B 274 -34.15 -28.48 9.09
C SER B 274 -32.76 -28.45 8.43
N LEU B 275 -31.71 -28.40 9.24
CA LEU B 275 -30.37 -28.39 8.66
C LEU B 275 -29.71 -29.73 8.94
N GLN B 276 -28.92 -30.20 7.99
CA GLN B 276 -28.25 -31.46 8.16
C GLN B 276 -26.73 -31.27 7.97
N TRP B 277 -25.97 -31.55 9.03
CA TRP B 277 -24.53 -31.40 8.96
C TRP B 277 -23.92 -32.75 9.16
N ILE B 278 -22.65 -32.87 8.78
CA ILE B 278 -21.92 -34.11 8.93
C ILE B 278 -20.43 -33.80 9.14
N ARG B 279 -19.82 -34.49 10.10
CA ARG B 279 -18.41 -34.31 10.42
C ARG B 279 -17.56 -34.62 9.22
N ARG B 280 -16.39 -33.98 9.15
CA ARG B 280 -15.52 -34.21 8.02
C ARG B 280 -15.23 -35.70 7.86
N ALA B 281 -15.28 -36.46 8.96
CA ALA B 281 -15.03 -37.90 8.89
C ALA B 281 -16.16 -38.63 8.14
N GLN B 282 -17.40 -38.19 8.34
CA GLN B 282 -18.57 -38.73 7.65
C GLN B 282 -19.17 -40.06 8.11
N ASN B 283 -19.07 -40.32 9.40
CA ASN B 283 -19.65 -41.52 9.96
C ASN B 283 -20.45 -41.00 11.12
N TYR B 284 -20.76 -39.71 11.05
CA TYR B 284 -21.51 -39.04 12.09
C TYR B 284 -22.19 -37.82 11.51
N SER B 285 -23.50 -37.89 11.36
CA SER B 285 -24.26 -36.77 10.84
C SER B 285 -25.34 -36.48 11.84
N ILE B 286 -25.89 -35.27 11.77
CA ILE B 286 -26.96 -34.87 12.65
C ILE B 286 -27.90 -33.93 11.89
N ILE B 287 -29.17 -33.96 12.26
CA ILE B 287 -30.19 -33.12 11.66
C ILE B 287 -30.66 -32.20 12.78
N ASP B 288 -30.57 -30.89 12.55
CA ASP B 288 -30.98 -29.90 13.54
C ASP B 288 -32.20 -29.20 12.98
N ILE B 289 -33.30 -29.24 13.71
CA ILE B 289 -34.57 -28.61 13.31
C ILE B 289 -34.72 -27.34 14.11
N CYS B 290 -34.71 -26.20 13.43
CA CYS B 290 -34.79 -24.88 14.07
C CYS B 290 -36.06 -24.12 13.82
N ASP B 291 -36.63 -23.60 14.91
CA ASP B 291 -37.86 -22.82 14.83
C ASP B 291 -37.62 -21.34 15.09
N TYR B 292 -38.33 -20.54 14.31
CA TYR B 292 -38.24 -19.11 14.35
C TYR B 292 -39.01 -18.57 15.54
N ASP B 293 -38.38 -17.70 16.32
CA ASP B 293 -39.02 -17.09 17.47
C ASP B 293 -39.42 -15.67 17.04
N GLU B 294 -40.72 -15.47 16.85
CA GLU B 294 -41.30 -14.23 16.38
C GLU B 294 -41.05 -12.98 17.18
N SER B 295 -40.60 -13.11 18.42
CA SER B 295 -40.38 -11.92 19.22
C SER B 295 -38.95 -11.38 19.12
N THR B 296 -38.02 -12.21 18.66
CA THR B 296 -36.62 -11.81 18.56
C THR B 296 -35.97 -11.97 17.18
N GLY B 297 -36.58 -12.73 16.30
CA GLY B 297 -36.00 -12.91 14.99
C GLY B 297 -34.98 -14.03 14.96
N ARG B 298 -34.73 -14.65 16.11
CA ARG B 298 -33.78 -15.73 16.10
C ARG B 298 -34.39 -17.09 15.78
N TRP B 299 -33.51 -17.98 15.34
CA TRP B 299 -33.90 -19.34 14.99
C TRP B 299 -33.34 -20.29 16.06
N ILE B 300 -34.22 -20.72 16.94
CA ILE B 300 -33.84 -21.54 18.07
C ILE B 300 -33.75 -23.02 17.80
N SER B 301 -32.71 -23.62 18.33
CA SER B 301 -32.45 -25.03 18.16
C SER B 301 -32.54 -25.76 19.53
N SER B 302 -33.03 -27.00 19.56
CA SER B 302 -33.11 -27.71 20.85
C SER B 302 -32.67 -29.16 20.72
N VAL B 303 -32.12 -29.69 21.81
CA VAL B 303 -31.61 -31.05 21.83
C VAL B 303 -32.71 -32.06 21.48
N ALA B 304 -33.97 -31.70 21.74
CA ALA B 304 -35.07 -32.60 21.43
C ALA B 304 -35.40 -32.66 19.93
N ARG B 305 -35.17 -31.56 19.22
CA ARG B 305 -35.44 -31.53 17.79
C ARG B 305 -34.22 -31.90 16.98
N GLN B 306 -33.28 -32.62 17.60
CA GLN B 306 -32.07 -33.04 16.89
C GLN B 306 -32.09 -34.55 16.69
N HIS B 307 -31.37 -35.03 15.68
CA HIS B 307 -31.33 -36.45 15.39
C HIS B 307 -29.99 -36.86 14.81
N ILE B 308 -29.38 -37.83 15.45
CA ILE B 308 -28.06 -38.29 15.06
C ILE B 308 -28.07 -39.56 14.22
N GLU B 309 -27.14 -39.66 13.27
CA GLU B 309 -27.02 -40.85 12.43
C GLU B 309 -25.56 -41.16 12.37
N ILE B 310 -25.19 -42.39 12.71
CA ILE B 310 -23.79 -42.81 12.70
C ILE B 310 -23.63 -44.12 11.96
N SER B 311 -22.40 -44.48 11.67
CA SER B 311 -22.14 -45.73 10.99
C SER B 311 -20.93 -46.30 11.66
N THR B 312 -21.06 -47.50 12.20
CA THR B 312 -19.95 -48.14 12.86
C THR B 312 -19.18 -48.97 11.85
N THR B 313 -19.84 -49.34 10.75
CA THR B 313 -19.20 -50.14 9.70
C THR B 313 -18.61 -49.32 8.55
N GLY B 314 -18.80 -48.01 8.55
CA GLY B 314 -18.24 -47.21 7.48
C GLY B 314 -18.76 -45.79 7.49
N TRP B 315 -19.17 -45.29 6.32
CA TRP B 315 -19.70 -43.94 6.21
C TRP B 315 -21.23 -43.97 6.26
N VAL B 316 -21.82 -42.78 6.35
CA VAL B 316 -23.26 -42.60 6.39
C VAL B 316 -23.89 -42.33 5.02
N GLY B 317 -25.06 -42.93 4.79
CA GLY B 317 -25.77 -42.75 3.53
C GLY B 317 -25.01 -43.39 2.37
N ARG B 318 -25.38 -43.01 1.15
CA ARG B 318 -24.72 -43.56 -0.03
C ARG B 318 -23.58 -42.64 -0.49
N PHE B 319 -23.91 -41.41 -0.82
CA PHE B 319 -22.91 -40.43 -1.23
C PHE B 319 -23.08 -39.26 -0.27
N ARG B 320 -24.00 -39.45 0.67
CA ARG B 320 -24.32 -38.47 1.71
C ARG B 320 -25.56 -39.01 2.42
N PRO B 321 -25.91 -38.45 3.58
CA PRO B 321 -27.10 -38.98 4.22
C PRO B 321 -28.36 -38.69 3.40
N ALA B 322 -29.41 -39.47 3.62
CA ALA B 322 -30.65 -39.27 2.89
C ALA B 322 -31.35 -38.09 3.53
N GLU B 323 -32.01 -37.26 2.73
CA GLU B 323 -32.71 -36.08 3.21
C GLU B 323 -33.99 -36.47 3.95
N PRO B 324 -34.43 -35.63 4.89
CA PRO B 324 -35.66 -35.99 5.59
C PRO B 324 -36.87 -35.47 4.82
N HIS B 325 -38.02 -36.10 5.04
CA HIS B 325 -39.26 -35.74 4.37
C HIS B 325 -40.28 -35.48 5.46
N PHE B 326 -40.59 -34.21 5.69
CA PHE B 326 -41.50 -33.79 6.73
C PHE B 326 -42.99 -33.82 6.42
N THR B 327 -43.79 -34.12 7.44
CA THR B 327 -45.23 -34.15 7.25
C THR B 327 -45.56 -32.69 7.04
N SER B 328 -46.76 -32.43 6.53
CA SER B 328 -47.19 -31.08 6.25
C SER B 328 -47.16 -30.11 7.43
N ASP B 329 -47.26 -30.64 8.65
CA ASP B 329 -47.24 -29.78 9.82
C ASP B 329 -45.92 -29.86 10.59
N GLY B 330 -44.98 -30.61 10.03
CA GLY B 330 -43.65 -30.74 10.60
C GLY B 330 -43.48 -31.40 11.96
N ASN B 331 -44.51 -32.09 12.45
CA ASN B 331 -44.39 -32.75 13.73
C ASN B 331 -43.66 -34.09 13.62
N SER B 332 -43.37 -34.50 12.40
CA SER B 332 -42.62 -35.73 12.21
C SER B 332 -42.14 -35.78 10.77
N PHE B 333 -41.31 -36.75 10.47
CA PHE B 333 -40.80 -36.86 9.11
C PHE B 333 -40.35 -38.28 8.88
N TYR B 334 -40.17 -38.63 7.62
CA TYR B 334 -39.74 -39.97 7.25
C TYR B 334 -38.39 -39.81 6.58
N LYS B 335 -37.53 -40.80 6.70
CA LYS B 335 -36.22 -40.73 6.12
C LYS B 335 -35.62 -42.10 5.98
N ILE B 336 -34.70 -42.24 5.04
CA ILE B 336 -34.04 -43.50 4.78
C ILE B 336 -32.74 -43.64 5.58
N ILE B 337 -32.69 -44.65 6.44
CA ILE B 337 -31.50 -44.95 7.26
C ILE B 337 -31.29 -46.46 7.17
N SER B 338 -30.13 -46.95 7.59
CA SER B 338 -29.87 -48.39 7.53
C SER B 338 -30.56 -49.14 8.67
N ASN B 339 -31.21 -50.27 8.37
CA ASN B 339 -31.86 -51.04 9.43
C ASN B 339 -30.78 -51.93 10.02
N GLU B 340 -31.15 -52.68 11.05
CA GLU B 340 -30.23 -53.59 11.76
C GLU B 340 -29.51 -54.60 10.87
N GLU B 341 -30.06 -54.90 9.70
CA GLU B 341 -29.42 -55.88 8.83
C GLU B 341 -28.58 -55.24 7.73
N GLY B 342 -28.39 -53.93 7.81
CA GLY B 342 -27.59 -53.24 6.80
C GLY B 342 -28.41 -52.90 5.57
N TYR B 343 -29.73 -52.83 5.74
CA TYR B 343 -30.59 -52.50 4.63
C TYR B 343 -31.27 -51.17 4.83
N LYS B 344 -31.23 -50.36 3.78
CA LYS B 344 -31.79 -49.03 3.81
C LYS B 344 -33.29 -49.03 3.62
N HIS B 345 -33.97 -48.61 4.68
CA HIS B 345 -35.41 -48.58 4.65
C HIS B 345 -35.87 -47.28 5.24
N ILE B 346 -37.17 -47.06 5.14
CA ILE B 346 -37.77 -45.85 5.64
C ILE B 346 -38.13 -45.94 7.12
N CYS B 347 -37.57 -45.02 7.92
CA CYS B 347 -37.89 -44.96 9.33
C CYS B 347 -38.77 -43.72 9.51
N HIS B 348 -39.72 -43.79 10.44
CA HIS B 348 -40.60 -42.66 10.69
C HIS B 348 -40.19 -41.96 11.97
N PHE B 349 -39.78 -40.70 11.87
CA PHE B 349 -39.34 -39.95 13.05
C PHE B 349 -40.30 -38.91 13.55
N GLN B 350 -40.42 -38.85 14.86
CA GLN B 350 -41.26 -37.87 15.54
C GLN B 350 -40.25 -36.73 15.73
N THR B 351 -40.52 -35.59 15.11
CA THR B 351 -39.63 -34.46 15.16
C THR B 351 -38.95 -34.23 16.53
N ASP B 352 -39.68 -34.41 17.63
CA ASP B 352 -39.10 -34.19 18.96
C ASP B 352 -38.68 -35.40 19.81
N LYS B 353 -38.72 -36.62 19.27
CA LYS B 353 -38.31 -37.79 20.05
C LYS B 353 -37.05 -38.34 19.39
N SER B 354 -36.43 -39.39 19.93
CA SER B 354 -35.20 -39.87 19.31
C SER B 354 -35.25 -41.24 18.65
N ASN B 355 -36.20 -42.07 19.07
CA ASN B 355 -36.34 -43.41 18.50
C ASN B 355 -37.18 -43.28 17.23
N CYS B 356 -37.03 -44.22 16.32
CA CYS B 356 -37.83 -44.20 15.09
C CYS B 356 -38.34 -45.59 14.74
N THR B 357 -39.40 -45.61 13.95
CA THR B 357 -40.05 -46.84 13.51
C THR B 357 -39.89 -47.08 12.01
N PHE B 358 -39.32 -48.22 11.66
CA PHE B 358 -39.16 -48.58 10.25
C PHE B 358 -40.53 -48.96 9.67
N ILE B 359 -40.89 -48.44 8.50
CA ILE B 359 -42.18 -48.74 7.88
C ILE B 359 -42.01 -49.69 6.70
N THR B 360 -40.78 -50.12 6.45
CA THR B 360 -40.47 -51.05 5.38
C THR B 360 -39.26 -51.86 5.86
N LYS B 361 -39.15 -53.11 5.41
CA LYS B 361 -38.05 -53.97 5.82
C LYS B 361 -37.91 -55.05 4.76
N GLY B 362 -36.77 -55.72 4.70
CA GLY B 362 -36.56 -56.74 3.69
C GLY B 362 -35.16 -56.70 3.12
N ALA B 363 -34.78 -57.74 2.36
CA ALA B 363 -33.44 -57.83 1.80
C ALA B 363 -33.30 -57.17 0.42
N TRP B 364 -33.78 -55.94 0.36
CA TRP B 364 -33.76 -55.09 -0.82
C TRP B 364 -33.68 -53.71 -0.19
N GLU B 365 -33.60 -52.66 -1.00
CA GLU B 365 -33.50 -51.33 -0.42
C GLU B 365 -34.42 -50.30 -1.03
N VAL B 366 -34.72 -49.27 -0.25
CA VAL B 366 -35.52 -48.16 -0.73
C VAL B 366 -34.52 -47.22 -1.41
N ILE B 367 -34.79 -46.82 -2.65
CA ILE B 367 -33.91 -45.91 -3.38
C ILE B 367 -34.04 -44.48 -2.87
N GLY B 368 -35.28 -44.02 -2.73
CA GLY B 368 -35.55 -42.69 -2.21
C GLY B 368 -37.05 -42.49 -2.10
N ILE B 369 -37.45 -41.47 -1.37
CA ILE B 369 -38.85 -41.15 -1.17
C ILE B 369 -39.25 -40.12 -2.23
N GLU B 370 -40.41 -40.32 -2.87
CA GLU B 370 -40.91 -39.44 -3.93
C GLU B 370 -42.01 -38.45 -3.58
N ALA B 371 -42.83 -38.77 -2.58
CA ALA B 371 -43.91 -37.88 -2.21
C ALA B 371 -44.54 -38.28 -0.89
N LEU B 372 -45.36 -37.40 -0.34
CA LEU B 372 -45.99 -37.69 0.92
C LEU B 372 -47.25 -36.88 1.15
N THR B 373 -48.38 -37.57 1.19
CA THR B 373 -49.66 -36.91 1.48
C THR B 373 -49.98 -37.45 2.86
N SER B 374 -50.94 -36.84 3.56
CA SER B 374 -51.27 -37.32 4.89
C SER B 374 -51.62 -38.81 4.98
N ASP B 375 -52.08 -39.40 3.88
CA ASP B 375 -52.42 -40.82 3.88
C ASP B 375 -51.33 -41.75 3.37
N TYR B 376 -50.71 -41.38 2.24
CA TYR B 376 -49.68 -42.22 1.65
C TYR B 376 -48.28 -41.65 1.59
N LEU B 377 -47.35 -42.52 1.21
CA LEU B 377 -45.94 -42.20 1.07
C LEU B 377 -45.53 -43.01 -0.14
N TYR B 378 -45.12 -42.32 -1.20
CA TYR B 378 -44.67 -42.97 -2.42
C TYR B 378 -43.15 -43.04 -2.44
N TYR B 379 -42.62 -44.13 -2.95
CA TYR B 379 -41.19 -44.27 -2.98
C TYR B 379 -40.73 -45.21 -4.05
N ILE B 380 -39.41 -45.33 -4.18
CA ILE B 380 -38.82 -46.21 -5.16
C ILE B 380 -37.88 -47.14 -4.40
N SER B 381 -37.97 -48.42 -4.74
CA SER B 381 -37.14 -49.45 -4.12
C SER B 381 -36.88 -50.50 -5.20
N ASN B 382 -35.90 -51.35 -4.97
CA ASN B 382 -35.55 -52.38 -5.93
C ASN B 382 -36.08 -53.73 -5.46
N GLU B 383 -37.11 -53.67 -4.64
CA GLU B 383 -37.72 -54.86 -4.09
C GLU B 383 -38.22 -55.90 -5.12
N HIS B 384 -39.05 -55.44 -6.06
CA HIS B 384 -39.64 -56.32 -7.06
C HIS B 384 -38.71 -57.34 -7.71
N LYS B 385 -39.17 -58.57 -7.85
CA LYS B 385 -38.37 -59.61 -8.47
C LYS B 385 -37.04 -59.81 -7.74
N GLY B 386 -36.87 -59.12 -6.62
CA GLY B 386 -35.65 -59.24 -5.84
C GLY B 386 -34.37 -58.81 -6.55
N MET B 387 -34.48 -57.99 -7.59
CA MET B 387 -33.30 -57.53 -8.31
C MET B 387 -32.99 -56.06 -8.04
N PRO B 388 -31.79 -55.79 -7.49
CA PRO B 388 -31.31 -54.45 -7.15
C PRO B 388 -31.03 -53.59 -8.37
N GLY B 389 -31.05 -54.21 -9.54
CA GLY B 389 -30.81 -53.49 -10.76
C GLY B 389 -32.09 -52.95 -11.38
N GLY B 390 -33.21 -53.11 -10.68
CA GLY B 390 -34.48 -52.60 -11.17
C GLY B 390 -35.05 -51.61 -10.17
N ARG B 391 -36.06 -50.83 -10.54
CA ARG B 391 -36.67 -49.87 -9.60
C ARG B 391 -38.16 -49.78 -9.90
N ASN B 392 -38.96 -49.57 -8.87
CA ASN B 392 -40.40 -49.45 -9.04
C ASN B 392 -40.99 -48.43 -8.08
N LEU B 393 -42.14 -47.87 -8.45
CA LEU B 393 -42.80 -46.90 -7.60
C LEU B 393 -43.79 -47.65 -6.73
N TYR B 394 -43.76 -47.39 -5.43
CA TYR B 394 -44.64 -48.06 -4.48
C TYR B 394 -45.30 -47.04 -3.61
N ARG B 395 -46.42 -47.43 -3.03
CA ARG B 395 -47.20 -46.59 -2.14
C ARG B 395 -47.48 -47.38 -0.86
N ILE B 396 -47.22 -46.78 0.30
CA ILE B 396 -47.44 -47.44 1.57
C ILE B 396 -48.41 -46.61 2.38
N GLN B 397 -49.28 -47.29 3.13
CA GLN B 397 -50.29 -46.62 3.94
C GLN B 397 -49.80 -46.19 5.32
N LEU B 398 -49.89 -44.90 5.61
CA LEU B 398 -49.39 -44.37 6.88
C LEU B 398 -50.06 -44.82 8.18
N ASN B 399 -51.30 -45.30 8.11
CA ASN B 399 -51.99 -45.79 9.31
C ASN B 399 -52.06 -47.33 9.25
N ASP B 400 -51.18 -47.93 8.47
CA ASP B 400 -51.11 -49.38 8.32
C ASP B 400 -50.04 -49.76 7.27
N TYR B 401 -48.83 -50.00 7.76
CA TYR B 401 -47.71 -50.32 6.88
C TYR B 401 -47.71 -51.68 6.22
N THR B 402 -48.72 -52.52 6.50
CA THR B 402 -48.78 -53.84 5.89
C THR B 402 -49.42 -53.67 4.52
N LYS B 403 -50.04 -52.51 4.33
CA LYS B 403 -50.69 -52.21 3.06
C LYS B 403 -49.78 -51.39 2.11
N VAL B 404 -49.04 -52.10 1.25
CA VAL B 404 -48.17 -51.44 0.30
C VAL B 404 -48.46 -51.94 -1.10
N THR B 405 -48.72 -51.01 -2.00
CA THR B 405 -49.00 -51.33 -3.40
C THR B 405 -47.80 -51.02 -4.27
N CYS B 406 -47.72 -51.71 -5.41
CA CYS B 406 -46.65 -51.39 -6.33
C CYS B 406 -47.39 -50.84 -7.53
N LEU B 407 -47.36 -49.53 -7.66
CA LEU B 407 -48.04 -48.85 -8.74
C LEU B 407 -47.42 -49.03 -10.13
N SER B 408 -46.20 -49.54 -10.22
CA SER B 408 -45.57 -49.67 -11.54
C SER B 408 -45.19 -51.07 -11.98
N CYS B 409 -44.89 -51.95 -11.04
CA CYS B 409 -44.47 -53.31 -11.36
C CYS B 409 -45.20 -53.98 -12.52
N GLU B 410 -46.52 -53.90 -12.51
CA GLU B 410 -47.32 -54.57 -13.53
C GLU B 410 -47.83 -53.81 -14.75
N LEU B 411 -47.34 -52.61 -15.00
CA LEU B 411 -47.80 -51.85 -16.16
C LEU B 411 -47.25 -52.41 -17.47
N ASN B 412 -46.05 -52.96 -17.40
CA ASN B 412 -45.37 -53.55 -18.56
C ASN B 412 -44.20 -54.37 -18.05
N PRO B 413 -44.49 -55.45 -17.34
CA PRO B 413 -43.43 -56.30 -16.80
C PRO B 413 -42.21 -56.61 -17.67
N GLU B 414 -42.42 -56.84 -18.96
CA GLU B 414 -41.28 -57.19 -19.81
C GLU B 414 -40.55 -55.98 -20.40
N ARG B 415 -41.29 -54.90 -20.64
CA ARG B 415 -40.73 -53.69 -21.20
C ARG B 415 -40.18 -52.76 -20.12
N CYS B 416 -40.85 -52.72 -18.96
CA CYS B 416 -40.48 -51.82 -17.87
C CYS B 416 -40.15 -52.35 -16.46
N GLN B 417 -38.85 -52.36 -16.13
CA GLN B 417 -38.36 -52.80 -14.83
C GLN B 417 -37.53 -51.73 -14.10
N TYR B 418 -37.38 -50.57 -14.72
CA TYR B 418 -36.59 -49.46 -14.16
C TYR B 418 -37.38 -48.18 -14.26
N TYR B 419 -37.97 -47.74 -13.16
CA TYR B 419 -38.78 -46.54 -13.16
C TYR B 419 -38.28 -45.42 -12.26
N SER B 420 -38.98 -44.29 -12.36
CA SER B 420 -38.75 -43.08 -11.57
C SER B 420 -40.04 -42.32 -11.80
N ALA B 421 -40.37 -41.37 -10.94
CA ALA B 421 -41.61 -40.66 -11.13
C ALA B 421 -41.47 -39.22 -10.76
N SER B 422 -42.44 -38.44 -11.20
CA SER B 422 -42.51 -37.02 -10.93
C SER B 422 -43.95 -36.78 -10.54
N PHE B 423 -44.18 -36.43 -9.29
CA PHE B 423 -45.52 -36.18 -8.81
C PHE B 423 -45.93 -34.73 -8.94
N SER B 424 -47.22 -34.48 -9.09
CA SER B 424 -47.74 -33.13 -9.21
C SER B 424 -47.73 -32.57 -7.79
N ASN B 425 -48.13 -31.32 -7.60
CA ASN B 425 -48.16 -30.78 -6.26
C ASN B 425 -49.25 -31.55 -5.55
N LYS B 426 -49.01 -31.84 -4.26
CA LYS B 426 -49.93 -32.59 -3.42
C LYS B 426 -50.15 -34.01 -3.90
N ALA B 427 -49.16 -34.55 -4.61
CA ALA B 427 -49.20 -35.92 -5.11
C ALA B 427 -50.50 -36.40 -5.78
N LYS B 428 -51.34 -35.48 -6.22
CA LYS B 428 -52.59 -35.86 -6.87
C LYS B 428 -52.36 -36.62 -8.16
N TYR B 429 -51.35 -36.20 -8.93
CA TYR B 429 -51.05 -36.87 -10.18
C TYR B 429 -49.57 -37.13 -10.22
N TYR B 430 -49.13 -37.96 -11.15
CA TYR B 430 -47.72 -38.25 -11.25
C TYR B 430 -47.36 -38.84 -12.58
N GLN B 431 -46.24 -38.43 -13.14
CA GLN B 431 -45.79 -38.97 -14.41
C GLN B 431 -44.88 -40.11 -14.04
N LEU B 432 -45.02 -41.23 -14.73
CA LEU B 432 -44.15 -42.40 -14.49
C LEU B 432 -43.14 -42.48 -15.63
N ARG B 433 -41.89 -42.75 -15.30
CA ARG B 433 -40.87 -42.85 -16.33
C ARG B 433 -40.14 -44.18 -16.24
N CYS B 434 -40.31 -44.97 -17.29
CA CYS B 434 -39.74 -46.29 -17.47
C CYS B 434 -38.50 -46.13 -18.35
N PHE B 435 -37.37 -46.67 -17.90
CA PHE B 435 -36.14 -46.54 -18.67
C PHE B 435 -35.66 -47.83 -19.26
N GLY B 436 -36.36 -48.92 -18.96
CA GLY B 436 -35.97 -50.22 -19.49
C GLY B 436 -36.48 -51.42 -18.73
N PRO B 437 -36.07 -52.63 -19.16
CA PRO B 437 -35.16 -52.86 -20.31
C PRO B 437 -35.69 -52.48 -21.69
N GLY B 438 -37.01 -52.38 -21.81
CA GLY B 438 -37.60 -52.01 -23.09
C GLY B 438 -37.32 -50.55 -23.43
N LEU B 439 -37.85 -50.09 -24.56
CA LEU B 439 -37.65 -48.70 -24.97
C LEU B 439 -38.35 -47.78 -23.98
N PRO B 440 -37.74 -46.62 -23.66
CA PRO B 440 -38.34 -45.67 -22.71
C PRO B 440 -39.78 -45.33 -23.01
N LEU B 441 -40.60 -45.41 -21.97
CA LEU B 441 -42.04 -45.17 -22.04
C LEU B 441 -42.55 -44.17 -20.99
N TYR B 442 -42.96 -42.98 -21.43
CA TYR B 442 -43.41 -42.02 -20.46
C TYR B 442 -44.93 -42.00 -20.42
N THR B 443 -45.47 -42.28 -19.23
CA THR B 443 -46.91 -42.29 -19.04
C THR B 443 -47.30 -41.30 -17.96
N LEU B 444 -48.60 -41.02 -17.87
CA LEU B 444 -49.13 -40.10 -16.90
C LEU B 444 -50.20 -40.85 -16.09
N HIS B 445 -50.27 -40.61 -14.78
CA HIS B 445 -51.24 -41.31 -13.95
C HIS B 445 -51.98 -40.45 -12.95
N SER B 446 -53.09 -41.00 -12.47
CA SER B 446 -53.92 -40.38 -11.47
C SER B 446 -53.46 -41.10 -10.23
N SER B 447 -53.27 -40.39 -9.13
CA SER B 447 -52.82 -41.05 -7.92
C SER B 447 -53.94 -41.78 -7.20
N SER B 448 -55.18 -41.34 -7.42
CA SER B 448 -56.33 -41.97 -6.78
C SER B 448 -56.85 -43.19 -7.55
N SER B 449 -57.35 -42.98 -8.75
CA SER B 449 -57.89 -44.10 -9.52
C SER B 449 -56.84 -45.15 -9.90
N ASP B 450 -55.57 -44.85 -9.68
CA ASP B 450 -54.50 -45.80 -10.03
C ASP B 450 -54.81 -46.37 -11.41
N LYS B 451 -55.17 -45.44 -12.30
CA LYS B 451 -55.51 -45.71 -13.68
C LYS B 451 -54.50 -44.93 -14.52
N GLU B 452 -54.11 -45.48 -15.66
CA GLU B 452 -53.15 -44.79 -16.52
C GLU B 452 -53.83 -43.86 -17.48
N LEU B 453 -53.94 -42.59 -17.09
CA LEU B 453 -54.59 -41.61 -17.92
C LEU B 453 -54.18 -41.71 -19.40
N ARG B 454 -52.87 -41.81 -19.66
CA ARG B 454 -52.41 -41.93 -21.05
C ARG B 454 -50.90 -42.00 -21.25
N VAL B 455 -50.50 -42.41 -22.44
CA VAL B 455 -49.09 -42.50 -22.81
C VAL B 455 -48.64 -41.13 -23.30
N LEU B 456 -47.62 -40.58 -22.65
CA LEU B 456 -47.07 -39.29 -23.04
C LEU B 456 -46.07 -39.46 -24.17
N GLU B 457 -45.43 -40.62 -24.19
CA GLU B 457 -44.42 -40.94 -25.18
C GLU B 457 -44.06 -42.43 -25.08
N ASP B 458 -44.09 -43.14 -26.22
CA ASP B 458 -43.77 -44.57 -26.23
C ASP B 458 -42.62 -44.95 -27.18
N ASN B 459 -42.03 -43.95 -27.82
CA ASN B 459 -40.93 -44.21 -28.75
C ASN B 459 -41.37 -45.23 -29.79
N SER B 460 -42.62 -45.14 -30.18
CA SER B 460 -43.19 -46.04 -31.18
C SER B 460 -42.32 -45.98 -32.43
N ALA B 461 -41.80 -44.79 -32.73
CA ALA B 461 -40.92 -44.56 -33.89
C ALA B 461 -39.64 -45.39 -33.80
N LEU B 462 -38.77 -45.06 -32.84
CA LEU B 462 -37.51 -45.77 -32.62
C LEU B 462 -37.67 -47.27 -32.80
N ASP B 463 -38.72 -47.82 -32.20
CA ASP B 463 -39.00 -49.25 -32.26
C ASP B 463 -39.05 -49.79 -33.68
N LYS B 464 -39.38 -48.91 -34.63
CA LYS B 464 -39.45 -49.30 -36.03
C LYS B 464 -38.05 -49.45 -36.58
N MET B 465 -37.33 -48.33 -36.65
CA MET B 465 -35.96 -48.31 -37.14
C MET B 465 -35.12 -49.39 -36.51
N LEU B 466 -35.42 -49.72 -35.26
CA LEU B 466 -34.68 -50.74 -34.52
C LEU B 466 -35.00 -52.18 -34.91
N GLN B 467 -35.87 -52.36 -35.91
CA GLN B 467 -36.21 -53.70 -36.38
C GLN B 467 -35.47 -53.98 -37.67
N ASP B 468 -35.10 -52.92 -38.37
CA ASP B 468 -34.34 -53.03 -39.61
C ASP B 468 -32.86 -53.00 -39.25
N VAL B 469 -32.55 -53.31 -37.98
CA VAL B 469 -31.18 -53.33 -37.50
C VAL B 469 -30.90 -54.47 -36.52
N GLN B 470 -29.70 -55.02 -36.62
CA GLN B 470 -29.26 -56.14 -35.80
C GLN B 470 -28.82 -55.73 -34.39
N MET B 471 -29.79 -55.47 -33.51
CA MET B 471 -29.50 -55.09 -32.14
C MET B 471 -29.05 -56.29 -31.32
N PRO B 472 -28.11 -56.08 -30.39
CA PRO B 472 -27.63 -57.20 -29.57
C PRO B 472 -28.63 -57.52 -28.48
N SER B 473 -28.38 -58.59 -27.74
CA SER B 473 -29.25 -58.98 -26.65
C SER B 473 -28.54 -58.64 -25.34
N LYS B 474 -29.32 -58.30 -24.31
CA LYS B 474 -28.76 -57.98 -22.99
C LYS B 474 -29.26 -58.98 -21.94
N LYS B 475 -28.36 -59.77 -21.38
CA LYS B 475 -28.74 -60.76 -20.39
C LYS B 475 -28.23 -60.44 -19.01
N LEU B 476 -29.10 -60.57 -18.01
CA LEU B 476 -28.76 -60.32 -16.62
C LEU B 476 -28.88 -61.62 -15.83
N ASP B 477 -27.90 -61.89 -14.97
CA ASP B 477 -27.93 -63.10 -14.18
C ASP B 477 -27.14 -62.92 -12.89
N VAL B 478 -26.73 -64.03 -12.29
CA VAL B 478 -26.01 -63.97 -11.05
C VAL B 478 -24.91 -65.01 -10.96
N ILE B 479 -23.94 -64.75 -10.10
CA ILE B 479 -22.83 -65.66 -9.85
C ILE B 479 -22.46 -65.46 -8.38
N ASN B 480 -21.77 -66.45 -7.82
CA ASN B 480 -21.37 -66.40 -6.43
C ASN B 480 -19.88 -66.17 -6.23
N LEU B 481 -19.56 -65.36 -5.22
CA LEU B 481 -18.19 -65.05 -4.87
C LEU B 481 -18.13 -65.02 -3.36
N HIS B 482 -17.10 -65.68 -2.80
CA HIS B 482 -16.90 -65.78 -1.35
C HIS B 482 -18.22 -66.09 -0.62
N GLY B 483 -19.18 -66.65 -1.35
CA GLY B 483 -20.45 -67.02 -0.75
C GLY B 483 -21.66 -66.14 -1.01
N THR B 484 -21.44 -64.98 -1.61
CA THR B 484 -22.55 -64.08 -1.89
C THR B 484 -22.84 -64.05 -3.39
N LYS B 485 -24.11 -63.84 -3.74
CA LYS B 485 -24.46 -63.79 -5.15
C LYS B 485 -24.34 -62.36 -5.64
N PHE B 486 -23.62 -62.18 -6.73
CA PHE B 486 -23.44 -60.86 -7.29
C PHE B 486 -23.95 -60.83 -8.71
N TRP B 487 -24.70 -59.78 -9.01
CA TRP B 487 -25.25 -59.60 -10.33
C TRP B 487 -24.23 -59.17 -11.38
N TYR B 488 -24.51 -59.52 -12.63
CA TYR B 488 -23.64 -59.16 -13.73
C TYR B 488 -24.54 -59.04 -14.96
N GLN B 489 -24.07 -58.35 -15.99
CA GLN B 489 -24.87 -58.24 -17.21
C GLN B 489 -23.94 -58.49 -18.37
N MET B 490 -24.52 -58.84 -19.51
CA MET B 490 -23.73 -59.07 -20.70
C MET B 490 -24.52 -58.56 -21.88
N ILE B 491 -23.82 -57.99 -22.85
CA ILE B 491 -24.47 -57.50 -24.06
C ILE B 491 -23.92 -58.45 -25.11
N LEU B 492 -24.76 -59.42 -25.48
CA LEU B 492 -24.40 -60.45 -26.46
C LEU B 492 -24.62 -59.97 -27.88
N PRO B 493 -23.73 -60.36 -28.81
CA PRO B 493 -23.93 -59.91 -30.20
C PRO B 493 -25.22 -60.52 -30.75
N PRO B 494 -25.66 -60.04 -31.92
CA PRO B 494 -26.88 -60.62 -32.49
C PRO B 494 -26.52 -62.00 -33.04
N HIS B 495 -27.54 -62.84 -33.27
CA HIS B 495 -27.29 -64.18 -33.79
C HIS B 495 -26.24 -64.81 -32.88
N PHE B 496 -26.36 -64.55 -31.58
CA PHE B 496 -25.40 -65.07 -30.62
C PHE B 496 -25.43 -66.58 -30.57
N ASP B 497 -24.39 -67.22 -31.11
CA ASP B 497 -24.31 -68.67 -31.09
C ASP B 497 -23.52 -69.19 -29.89
N LYS B 498 -24.24 -69.70 -28.90
CA LYS B 498 -23.67 -70.26 -27.67
C LYS B 498 -22.48 -71.18 -27.98
N SER B 499 -22.46 -71.69 -29.21
CA SER B 499 -21.41 -72.59 -29.67
C SER B 499 -20.07 -71.89 -29.75
N LYS B 500 -19.93 -71.01 -30.74
CA LYS B 500 -18.72 -70.22 -31.00
C LYS B 500 -18.05 -69.58 -29.78
N LYS B 501 -16.86 -69.02 -29.98
CA LYS B 501 -16.13 -68.34 -28.91
C LYS B 501 -15.93 -66.87 -29.26
N TYR B 502 -16.38 -66.00 -28.35
CA TYR B 502 -16.28 -64.56 -28.57
C TYR B 502 -15.33 -63.82 -27.63
N PRO B 503 -14.74 -62.72 -28.13
CA PRO B 503 -13.84 -61.94 -27.27
C PRO B 503 -14.73 -61.23 -26.26
N LEU B 504 -14.26 -61.14 -25.01
CA LEU B 504 -14.99 -60.51 -23.92
C LEU B 504 -14.34 -59.17 -23.56
N LEU B 505 -15.16 -58.13 -23.33
CA LEU B 505 -14.62 -56.83 -22.92
C LEU B 505 -15.32 -56.54 -21.61
N ILE B 506 -14.57 -56.33 -20.54
CA ILE B 506 -15.26 -56.02 -19.30
C ILE B 506 -15.36 -54.50 -19.25
N GLU B 507 -16.52 -54.00 -18.88
CA GLU B 507 -16.73 -52.57 -18.77
C GLU B 507 -16.96 -52.30 -17.29
N VAL B 508 -16.07 -51.53 -16.69
CA VAL B 508 -16.18 -51.27 -15.26
C VAL B 508 -16.21 -49.83 -14.74
N TYR B 509 -16.79 -49.71 -13.55
CA TYR B 509 -16.81 -48.47 -12.79
C TYR B 509 -16.39 -49.01 -11.43
N ALA B 510 -17.29 -49.78 -10.82
CA ALA B 510 -17.05 -50.43 -9.54
C ALA B 510 -16.69 -49.50 -8.41
N GLY B 511 -17.28 -48.31 -8.39
CA GLY B 511 -16.98 -47.40 -7.31
C GLY B 511 -17.88 -47.70 -6.14
N PRO B 512 -17.62 -47.11 -4.97
CA PRO B 512 -18.48 -47.40 -3.83
C PRO B 512 -19.91 -46.92 -4.05
N CYS B 513 -20.83 -47.84 -3.76
CA CYS B 513 -22.27 -47.65 -3.90
C CYS B 513 -22.67 -47.53 -5.35
N SER B 514 -21.78 -47.95 -6.24
CA SER B 514 -22.02 -47.91 -7.68
C SER B 514 -22.89 -49.07 -8.15
N GLN B 515 -23.42 -48.93 -9.36
CA GLN B 515 -24.27 -49.93 -10.02
C GLN B 515 -24.10 -49.89 -11.53
N LYS B 516 -23.36 -50.88 -12.05
CA LYS B 516 -23.09 -51.04 -13.47
C LYS B 516 -24.09 -52.00 -14.10
N VAL B 517 -24.64 -52.89 -13.27
CA VAL B 517 -25.61 -53.90 -13.69
C VAL B 517 -27.06 -53.55 -13.34
N ASP B 518 -27.81 -53.12 -14.35
CA ASP B 518 -29.21 -52.76 -14.14
C ASP B 518 -30.01 -53.00 -15.42
N THR B 519 -31.29 -52.61 -15.41
CA THR B 519 -32.12 -52.84 -16.57
C THR B 519 -32.49 -51.59 -17.33
N VAL B 520 -31.55 -50.67 -17.45
CA VAL B 520 -31.81 -49.44 -18.17
C VAL B 520 -31.41 -49.66 -19.62
N PHE B 521 -32.23 -49.17 -20.54
CA PHE B 521 -31.93 -49.33 -21.97
C PHE B 521 -30.92 -48.29 -22.44
N ARG B 522 -29.80 -48.73 -23.00
CA ARG B 522 -28.78 -47.79 -23.45
C ARG B 522 -28.22 -47.98 -24.87
N LEU B 523 -28.39 -46.99 -25.72
CA LEU B 523 -27.79 -47.07 -27.06
C LEU B 523 -26.36 -46.58 -26.76
N SER B 524 -25.37 -47.47 -26.89
CA SER B 524 -24.04 -47.05 -26.52
C SER B 524 -22.89 -47.50 -27.41
N TRP B 525 -21.68 -47.41 -26.85
CA TRP B 525 -20.47 -47.83 -27.53
C TRP B 525 -20.47 -49.36 -27.56
N ALA B 526 -20.93 -49.98 -26.47
CA ALA B 526 -20.98 -51.43 -26.37
C ALA B 526 -21.98 -52.03 -27.36
N THR B 527 -23.08 -51.33 -27.60
CA THR B 527 -24.11 -51.78 -28.54
C THR B 527 -23.43 -51.89 -29.89
N TYR B 528 -22.46 -51.02 -30.15
CA TYR B 528 -21.72 -51.06 -31.41
C TYR B 528 -20.70 -52.18 -31.38
N LEU B 529 -20.03 -52.34 -30.26
CA LEU B 529 -19.04 -53.39 -30.16
C LEU B 529 -19.69 -54.76 -30.28
N ALA B 530 -20.87 -54.94 -29.68
CA ALA B 530 -21.58 -56.22 -29.74
C ALA B 530 -22.32 -56.38 -31.07
N SER B 531 -23.04 -55.36 -31.49
CA SER B 531 -23.74 -55.44 -32.76
C SER B 531 -22.85 -55.59 -34.01
N THR B 532 -21.81 -54.78 -34.14
CA THR B 532 -20.94 -54.83 -35.32
C THR B 532 -19.63 -55.58 -35.18
N GLU B 533 -19.02 -55.52 -33.99
CA GLU B 533 -17.75 -56.19 -33.82
C GLU B 533 -17.92 -57.56 -33.19
N ASN B 534 -19.17 -57.94 -32.93
CA ASN B 534 -19.44 -59.23 -32.32
C ASN B 534 -18.54 -59.46 -31.13
N ILE B 535 -18.50 -58.49 -30.24
CA ILE B 535 -17.71 -58.61 -29.04
C ILE B 535 -18.72 -58.65 -27.92
N ILE B 536 -18.50 -59.53 -26.96
CA ILE B 536 -19.39 -59.59 -25.81
C ILE B 536 -18.85 -58.51 -24.87
N VAL B 537 -19.74 -57.75 -24.26
CA VAL B 537 -19.32 -56.71 -23.34
C VAL B 537 -20.06 -56.91 -22.01
N ALA B 538 -19.33 -57.37 -21.01
CA ALA B 538 -19.90 -57.66 -19.70
C ALA B 538 -19.58 -56.66 -18.58
N SER B 539 -20.44 -56.63 -17.58
CA SER B 539 -20.26 -55.78 -16.43
C SER B 539 -20.57 -56.59 -15.19
N PHE B 540 -20.01 -56.17 -14.06
CA PHE B 540 -20.23 -56.90 -12.83
C PHE B 540 -20.15 -56.00 -11.61
N ASP B 541 -21.14 -56.13 -10.71
CA ASP B 541 -21.17 -55.35 -9.47
C ASP B 541 -20.79 -56.31 -8.35
N GLY B 542 -19.57 -56.15 -7.83
CA GLY B 542 -19.11 -56.99 -6.75
C GLY B 542 -19.07 -56.27 -5.41
N ARG B 543 -18.08 -56.57 -4.58
CA ARG B 543 -17.98 -55.89 -3.31
C ARG B 543 -17.75 -54.41 -3.53
N GLY B 544 -18.34 -53.59 -2.66
CA GLY B 544 -18.19 -52.16 -2.80
C GLY B 544 -19.39 -51.49 -3.42
N SER B 545 -20.08 -52.20 -4.33
CA SER B 545 -21.26 -51.65 -5.00
C SER B 545 -22.43 -51.51 -4.03
N GLY B 546 -23.51 -50.89 -4.50
CA GLY B 546 -24.63 -50.62 -3.64
C GLY B 546 -26.00 -51.13 -4.02
N TYR B 547 -27.00 -50.67 -3.25
CA TYR B 547 -28.41 -51.06 -3.42
C TYR B 547 -28.66 -52.53 -2.99
N GLN B 548 -27.68 -53.13 -2.33
CA GLN B 548 -27.75 -54.51 -1.87
C GLN B 548 -27.37 -54.64 -0.39
N GLY B 549 -27.48 -53.55 0.35
CA GLY B 549 -27.15 -53.58 1.76
C GLY B 549 -25.74 -53.11 2.08
N ASP B 550 -25.56 -52.64 3.31
CA ASP B 550 -24.28 -52.15 3.78
C ASP B 550 -23.17 -53.16 3.87
N LYS B 551 -23.48 -54.44 4.00
CA LYS B 551 -22.38 -55.39 4.08
C LYS B 551 -21.64 -55.42 2.77
N ILE B 552 -22.38 -55.46 1.67
CA ILE B 552 -21.77 -55.47 0.34
C ILE B 552 -21.16 -54.10 0.06
N MET B 553 -21.84 -53.04 0.49
CA MET B 553 -21.37 -51.68 0.23
C MET B 553 -20.15 -51.26 1.01
N HIS B 554 -20.17 -51.45 2.32
CA HIS B 554 -19.05 -51.06 3.17
C HIS B 554 -17.90 -52.04 3.16
N ALA B 555 -17.94 -53.07 2.32
CA ALA B 555 -16.85 -54.04 2.30
C ALA B 555 -15.47 -53.42 1.98
N ILE B 556 -15.46 -52.35 1.18
CA ILE B 556 -14.21 -51.69 0.78
C ILE B 556 -13.87 -50.50 1.66
N ASN B 557 -14.66 -50.29 2.69
CA ASN B 557 -14.40 -49.17 3.59
C ASN B 557 -12.93 -49.07 3.97
N ARG B 558 -12.32 -47.93 3.68
CA ARG B 558 -10.92 -47.66 3.99
C ARG B 558 -9.89 -48.54 3.29
N ARG B 559 -10.30 -49.27 2.27
CA ARG B 559 -9.35 -50.08 1.52
C ARG B 559 -9.61 -50.08 0.02
N LEU B 560 -9.96 -48.91 -0.52
CA LEU B 560 -10.21 -48.73 -1.94
C LEU B 560 -9.13 -49.34 -2.78
N GLY B 561 -9.56 -50.01 -3.84
CA GLY B 561 -8.61 -50.65 -4.73
C GLY B 561 -8.33 -52.09 -4.34
N THR B 562 -9.11 -52.63 -3.41
CA THR B 562 -8.85 -54.02 -3.03
C THR B 562 -9.94 -54.99 -3.48
N PHE B 563 -10.93 -55.23 -2.61
CA PHE B 563 -12.00 -56.16 -2.92
C PHE B 563 -12.71 -55.88 -4.23
N GLU B 564 -12.95 -54.60 -4.55
CA GLU B 564 -13.65 -54.32 -5.79
C GLU B 564 -12.83 -54.75 -6.99
N VAL B 565 -11.53 -54.43 -6.99
CA VAL B 565 -10.64 -54.80 -8.09
C VAL B 565 -10.51 -56.31 -8.19
N GLU B 566 -10.29 -56.96 -7.04
CA GLU B 566 -10.14 -58.42 -6.97
C GLU B 566 -11.37 -59.15 -7.52
N ASP B 567 -12.55 -58.61 -7.23
CA ASP B 567 -13.78 -59.21 -7.70
C ASP B 567 -14.02 -59.03 -9.20
N GLN B 568 -13.48 -57.97 -9.79
CA GLN B 568 -13.66 -57.79 -11.24
C GLN B 568 -12.80 -58.81 -11.96
N ILE B 569 -11.83 -59.40 -11.27
CA ILE B 569 -10.98 -60.41 -11.88
C ILE B 569 -11.56 -61.82 -11.69
N GLU B 570 -12.14 -62.09 -10.51
CA GLU B 570 -12.78 -63.38 -10.21
C GLU B 570 -13.95 -63.61 -11.17
N ALA B 571 -14.79 -62.58 -11.31
CA ALA B 571 -15.93 -62.63 -12.21
C ALA B 571 -15.45 -62.95 -13.62
N THR B 572 -14.50 -62.17 -14.11
CA THR B 572 -13.93 -62.39 -15.43
C THR B 572 -13.47 -63.84 -15.57
N ARG B 573 -12.88 -64.37 -14.50
CA ARG B 573 -12.43 -65.74 -14.51
C ARG B 573 -13.64 -66.68 -14.69
N GLN B 574 -14.70 -66.48 -13.90
CA GLN B 574 -15.86 -67.32 -14.07
C GLN B 574 -16.40 -67.15 -15.49
N PHE B 575 -16.37 -65.92 -16.01
CA PHE B 575 -16.86 -65.67 -17.36
C PHE B 575 -16.01 -66.42 -18.39
N SER B 576 -14.69 -66.37 -18.22
CA SER B 576 -13.81 -67.06 -19.17
C SER B 576 -14.15 -68.55 -19.21
N LYS B 577 -14.63 -69.08 -18.09
CA LYS B 577 -15.01 -70.49 -17.99
C LYS B 577 -16.46 -70.76 -18.40
N MET B 578 -16.94 -70.06 -19.42
CA MET B 578 -18.31 -70.26 -19.86
C MET B 578 -18.35 -70.75 -21.31
N GLY B 579 -17.18 -70.98 -21.88
CA GLY B 579 -17.12 -71.51 -23.23
C GLY B 579 -17.41 -70.60 -24.39
N PHE B 580 -18.35 -69.68 -24.27
CA PHE B 580 -18.56 -68.81 -25.42
C PHE B 580 -17.56 -67.64 -25.33
N VAL B 581 -16.69 -67.72 -24.33
CA VAL B 581 -15.65 -66.72 -24.08
C VAL B 581 -14.28 -67.20 -24.55
N ASP B 582 -13.61 -66.39 -25.38
CA ASP B 582 -12.29 -66.72 -25.88
C ASP B 582 -11.21 -66.10 -24.97
N ASP B 583 -10.81 -66.81 -23.92
CA ASP B 583 -9.81 -66.26 -23.00
C ASP B 583 -8.55 -65.71 -23.65
N LYS B 584 -8.28 -66.05 -24.90
CA LYS B 584 -7.10 -65.50 -25.54
C LYS B 584 -7.36 -64.03 -25.93
N ARG B 585 -8.57 -63.55 -25.66
CA ARG B 585 -8.93 -62.16 -25.99
C ARG B 585 -9.96 -61.49 -25.05
N ILE B 586 -9.57 -61.23 -23.80
CA ILE B 586 -10.44 -60.56 -22.84
C ILE B 586 -9.80 -59.19 -22.57
N ALA B 587 -10.63 -58.15 -22.48
CA ALA B 587 -10.12 -56.81 -22.23
C ALA B 587 -10.94 -56.14 -21.12
N ILE B 588 -10.49 -54.96 -20.70
CA ILE B 588 -11.17 -54.23 -19.65
C ILE B 588 -11.01 -52.73 -19.88
N TRP B 589 -12.05 -51.98 -19.56
CA TRP B 589 -12.02 -50.52 -19.70
C TRP B 589 -13.02 -49.88 -18.76
N GLY B 590 -12.72 -48.62 -18.45
CA GLY B 590 -13.54 -47.84 -17.55
C GLY B 590 -13.11 -46.38 -17.62
N TRP B 591 -14.00 -45.51 -17.15
CA TRP B 591 -13.82 -44.07 -17.15
C TRP B 591 -13.91 -43.63 -15.70
N SER B 592 -13.03 -42.72 -15.28
CA SER B 592 -13.04 -42.21 -13.91
C SER B 592 -12.71 -43.35 -12.92
N TYR B 593 -13.55 -43.55 -11.89
CA TYR B 593 -13.29 -44.59 -10.92
C TYR B 593 -13.01 -45.91 -11.64
N GLY B 594 -13.72 -46.11 -12.75
CA GLY B 594 -13.56 -47.30 -13.56
C GLY B 594 -12.23 -47.35 -14.29
N GLY B 595 -11.56 -46.21 -14.40
CA GLY B 595 -10.26 -46.17 -15.08
C GLY B 595 -9.20 -46.57 -14.08
N TYR B 596 -9.53 -46.28 -12.82
CA TYR B 596 -8.68 -46.61 -11.68
C TYR B 596 -8.70 -48.15 -11.54
N VAL B 597 -9.89 -48.70 -11.33
CA VAL B 597 -10.04 -50.15 -11.19
C VAL B 597 -9.44 -50.84 -12.40
N THR B 598 -9.80 -50.38 -13.59
CA THR B 598 -9.25 -50.94 -14.82
C THR B 598 -7.74 -50.96 -14.75
N SER B 599 -7.14 -49.91 -14.18
CA SER B 599 -5.67 -49.85 -14.09
C SER B 599 -5.16 -50.80 -13.03
N MET B 600 -5.85 -50.80 -11.89
CA MET B 600 -5.46 -51.70 -10.79
C MET B 600 -5.59 -53.14 -11.26
N VAL B 601 -6.67 -53.46 -11.97
CA VAL B 601 -6.82 -54.83 -12.47
C VAL B 601 -5.65 -55.12 -13.41
N LEU B 602 -5.52 -54.36 -14.50
CA LEU B 602 -4.39 -54.60 -15.40
C LEU B 602 -3.07 -54.76 -14.67
N GLY B 603 -2.87 -53.98 -13.62
CA GLY B 603 -1.62 -54.07 -12.88
C GLY B 603 -1.55 -55.22 -11.89
N ALA B 604 -2.59 -56.06 -11.83
CA ALA B 604 -2.59 -57.18 -10.90
C ALA B 604 -1.75 -58.37 -11.39
N GLY B 605 -1.29 -58.32 -12.64
CA GLY B 605 -0.47 -59.38 -13.17
C GLY B 605 -1.12 -60.75 -13.17
N SER B 606 -2.45 -60.76 -13.10
CA SER B 606 -3.26 -61.97 -13.10
C SER B 606 -3.27 -62.62 -14.49
N GLY B 607 -2.58 -62.00 -15.44
CA GLY B 607 -2.53 -62.55 -16.78
C GLY B 607 -3.86 -62.92 -17.44
N VAL B 608 -4.98 -62.47 -16.88
CA VAL B 608 -6.27 -62.76 -17.48
C VAL B 608 -6.61 -61.83 -18.64
N PHE B 609 -6.40 -60.53 -18.45
CA PHE B 609 -6.72 -59.60 -19.51
C PHE B 609 -5.57 -59.42 -20.48
N LYS B 610 -5.90 -59.27 -21.75
CA LYS B 610 -4.87 -59.10 -22.75
C LYS B 610 -4.47 -57.65 -22.81
N CYS B 611 -5.46 -56.77 -22.81
CA CYS B 611 -5.22 -55.34 -22.87
C CYS B 611 -6.34 -54.64 -22.12
N GLY B 612 -6.17 -53.35 -21.87
CA GLY B 612 -7.17 -52.55 -21.18
C GLY B 612 -7.02 -51.06 -21.48
N ILE B 613 -8.09 -50.30 -21.31
CA ILE B 613 -8.08 -48.88 -21.57
C ILE B 613 -8.60 -48.12 -20.36
N ALA B 614 -7.88 -47.07 -19.96
CA ALA B 614 -8.30 -46.24 -18.83
C ALA B 614 -8.48 -44.80 -19.28
N VAL B 615 -9.66 -44.25 -19.01
CA VAL B 615 -9.95 -42.88 -19.40
C VAL B 615 -10.10 -42.04 -18.14
N ALA B 616 -9.31 -40.97 -18.05
CA ALA B 616 -9.33 -40.05 -16.91
C ALA B 616 -9.41 -40.76 -15.58
N PRO B 617 -8.48 -41.67 -15.30
CA PRO B 617 -8.49 -42.42 -14.05
C PRO B 617 -7.83 -41.72 -12.87
N VAL B 618 -8.28 -42.10 -11.67
CA VAL B 618 -7.66 -41.62 -10.46
C VAL B 618 -6.54 -42.62 -10.48
N SER B 619 -5.36 -42.23 -10.01
CA SER B 619 -4.20 -43.12 -10.00
C SER B 619 -3.60 -43.21 -8.58
N LYS B 620 -3.82 -42.16 -7.80
CA LYS B 620 -3.32 -42.08 -6.45
C LYS B 620 -4.33 -41.27 -5.66
N TRP B 621 -4.99 -41.93 -4.70
CA TRP B 621 -6.02 -41.30 -3.88
C TRP B 621 -5.67 -39.99 -3.20
N GLU B 622 -4.38 -39.76 -2.91
CA GLU B 622 -3.97 -38.52 -2.26
C GLU B 622 -4.13 -37.34 -3.22
N TYR B 623 -4.35 -37.63 -4.52
CA TYR B 623 -4.55 -36.56 -5.49
C TYR B 623 -5.99 -36.14 -5.66
N TYR B 624 -6.95 -36.98 -5.28
CA TYR B 624 -8.36 -36.66 -5.49
C TYR B 624 -8.96 -35.77 -4.41
N ASP B 625 -10.08 -35.12 -4.69
CA ASP B 625 -10.64 -34.24 -3.69
C ASP B 625 -10.89 -34.87 -2.32
N SER B 626 -10.92 -34.03 -1.31
CA SER B 626 -11.03 -34.48 0.07
C SER B 626 -12.36 -35.07 0.55
N VAL B 627 -13.49 -34.44 0.20
CA VAL B 627 -14.78 -34.93 0.64
C VAL B 627 -15.03 -36.38 0.24
N TYR B 628 -14.95 -36.66 -1.06
CA TYR B 628 -15.17 -38.01 -1.56
C TYR B 628 -14.14 -38.97 -0.99
N THR B 629 -12.89 -38.78 -1.41
CA THR B 629 -11.80 -39.63 -0.98
C THR B 629 -11.88 -40.00 0.52
N GLU B 630 -11.83 -39.00 1.37
CA GLU B 630 -11.88 -39.20 2.80
C GLU B 630 -13.07 -40.00 3.30
N ARG B 631 -14.25 -39.73 2.74
CA ARG B 631 -15.46 -40.42 3.14
C ARG B 631 -15.26 -41.93 3.26
N TYR B 632 -14.50 -42.49 2.32
CA TYR B 632 -14.26 -43.93 2.33
C TYR B 632 -12.87 -44.31 2.82
N MET B 633 -11.96 -43.34 2.92
CA MET B 633 -10.60 -43.69 3.31
C MET B 633 -10.01 -43.05 4.56
N GLY B 634 -10.73 -42.11 5.17
CA GLY B 634 -10.19 -41.44 6.33
C GLY B 634 -9.04 -40.54 5.89
N LEU B 635 -8.24 -40.07 6.83
CA LEU B 635 -7.14 -39.18 6.51
C LEU B 635 -5.88 -39.93 6.11
N PRO B 636 -5.07 -39.33 5.20
CA PRO B 636 -3.81 -39.91 4.70
C PRO B 636 -2.62 -39.74 5.65
N THR B 637 -2.90 -39.74 6.95
CA THR B 637 -1.87 -39.62 7.99
C THR B 637 -1.52 -41.00 8.50
N PRO B 638 -0.26 -41.22 8.89
CA PRO B 638 0.20 -42.50 9.40
C PRO B 638 -0.61 -42.93 10.63
N GLU B 639 -1.14 -41.94 11.36
CA GLU B 639 -1.97 -42.23 12.52
C GLU B 639 -3.25 -42.85 11.97
N ASP B 640 -3.82 -42.21 10.95
CA ASP B 640 -5.06 -42.67 10.36
C ASP B 640 -4.83 -43.79 9.37
N ASN B 641 -5.27 -43.62 8.12
CA ASN B 641 -5.14 -44.70 7.13
C ASN B 641 -4.12 -44.51 6.02
N LEU B 642 -3.04 -43.80 6.32
CA LEU B 642 -2.03 -43.58 5.29
C LEU B 642 -1.43 -44.85 4.69
N ASP B 643 -1.36 -45.92 5.45
CA ASP B 643 -0.72 -47.11 4.87
C ASP B 643 -1.48 -47.66 3.66
N TYR B 644 -2.81 -47.59 3.69
CA TYR B 644 -3.58 -48.07 2.56
C TYR B 644 -3.63 -47.07 1.41
N TYR B 645 -3.26 -45.82 1.70
CA TYR B 645 -3.23 -44.78 0.68
C TYR B 645 -2.09 -45.05 -0.27
N ARG B 646 -1.02 -45.65 0.25
CA ARG B 646 0.14 -45.92 -0.58
C ARG B 646 0.10 -47.22 -1.35
N ASN B 647 -0.23 -48.32 -0.69
CA ASN B 647 -0.23 -49.58 -1.40
C ASN B 647 -1.42 -49.67 -2.37
N SER B 648 -2.28 -48.65 -2.39
CA SER B 648 -3.41 -48.65 -3.31
C SER B 648 -3.26 -47.67 -4.50
N THR B 649 -2.08 -47.09 -4.70
CA THR B 649 -1.92 -46.20 -5.84
C THR B 649 -1.73 -47.12 -7.03
N VAL B 650 -1.97 -46.60 -8.24
CA VAL B 650 -1.81 -47.40 -9.45
C VAL B 650 -0.31 -47.50 -9.79
N MET B 651 0.50 -46.48 -9.47
CA MET B 651 1.92 -46.55 -9.81
C MET B 651 2.69 -47.62 -9.06
N SER B 652 2.13 -48.12 -7.96
CA SER B 652 2.80 -49.17 -7.20
C SER B 652 2.74 -50.52 -7.90
N ARG B 653 1.84 -50.66 -8.88
CA ARG B 653 1.70 -51.91 -9.65
C ARG B 653 2.31 -51.81 -11.06
N ALA B 654 3.10 -50.77 -11.32
CA ALA B 654 3.71 -50.52 -12.64
C ALA B 654 4.48 -51.62 -13.35
N GLU B 655 5.15 -52.49 -12.61
CA GLU B 655 5.94 -53.55 -13.25
C GLU B 655 5.02 -54.52 -13.98
N ASN B 656 3.93 -54.92 -13.33
CA ASN B 656 2.99 -55.84 -13.92
C ASN B 656 2.41 -55.34 -15.24
N PHE B 657 2.58 -54.07 -15.55
CA PHE B 657 2.03 -53.53 -16.81
C PHE B 657 2.80 -53.96 -18.03
N LYS B 658 3.96 -54.58 -17.83
CA LYS B 658 4.78 -55.03 -18.95
C LYS B 658 4.17 -56.27 -19.59
N GLN B 659 3.24 -56.89 -18.90
CA GLN B 659 2.59 -58.07 -19.41
C GLN B 659 1.34 -57.75 -20.23
N VAL B 660 0.85 -56.52 -20.17
CA VAL B 660 -0.36 -56.14 -20.88
C VAL B 660 -0.25 -54.93 -21.81
N GLU B 661 -1.24 -54.79 -22.69
CA GLU B 661 -1.34 -53.68 -23.63
C GLU B 661 -2.23 -52.65 -22.94
N TYR B 662 -1.70 -51.46 -22.71
CA TYR B 662 -2.46 -50.43 -22.01
C TYR B 662 -2.61 -49.11 -22.79
N LEU B 663 -3.78 -48.47 -22.63
CA LEU B 663 -4.08 -47.21 -23.28
C LEU B 663 -4.55 -46.21 -22.22
N LEU B 664 -3.75 -45.18 -21.96
CA LEU B 664 -4.09 -44.17 -20.96
C LEU B 664 -4.58 -42.88 -21.62
N ILE B 665 -5.79 -42.46 -21.24
CA ILE B 665 -6.38 -41.27 -21.80
C ILE B 665 -6.84 -40.28 -20.74
N HIS B 666 -6.63 -38.99 -20.99
CA HIS B 666 -7.03 -37.96 -20.04
C HIS B 666 -7.17 -36.62 -20.76
N GLY B 667 -8.14 -35.81 -20.34
CA GLY B 667 -8.37 -34.50 -20.92
C GLY B 667 -7.57 -33.51 -20.11
N THR B 668 -6.74 -32.71 -20.77
CA THR B 668 -5.87 -31.79 -20.04
C THR B 668 -6.54 -30.72 -19.23
N ALA B 669 -7.80 -30.44 -19.52
CA ALA B 669 -8.54 -29.45 -18.76
C ALA B 669 -9.44 -30.15 -17.76
N ASP B 670 -9.03 -31.33 -17.28
CA ASP B 670 -9.87 -32.01 -16.33
C ASP B 670 -9.75 -31.36 -14.96
N ASP B 671 -10.84 -30.81 -14.48
CA ASP B 671 -10.89 -30.14 -13.19
C ASP B 671 -11.36 -31.08 -12.05
N ASN B 672 -11.78 -32.28 -12.40
CA ASN B 672 -12.31 -33.21 -11.42
C ASN B 672 -11.22 -34.18 -11.00
N VAL B 673 -10.78 -35.00 -11.95
CA VAL B 673 -9.68 -35.90 -11.75
C VAL B 673 -8.61 -35.18 -12.58
N HIS B 674 -7.74 -34.46 -11.91
CA HIS B 674 -6.70 -33.69 -12.59
C HIS B 674 -5.77 -34.49 -13.51
N PHE B 675 -5.40 -33.87 -14.63
CA PHE B 675 -4.48 -34.45 -15.61
C PHE B 675 -3.21 -34.90 -14.90
N GLN B 676 -2.93 -34.29 -13.76
CA GLN B 676 -1.75 -34.64 -12.97
C GLN B 676 -1.76 -36.15 -12.70
N GLN B 677 -2.93 -36.69 -12.36
CA GLN B 677 -3.04 -38.12 -12.08
C GLN B 677 -2.43 -39.04 -13.16
N SER B 678 -2.74 -38.79 -14.42
CA SER B 678 -2.18 -39.63 -15.49
C SER B 678 -0.74 -39.23 -15.83
N ALA B 679 -0.41 -37.96 -15.62
CA ALA B 679 0.95 -37.52 -15.87
C ALA B 679 1.85 -38.27 -14.85
N GLN B 680 1.35 -38.43 -13.63
CA GLN B 680 2.14 -39.15 -12.62
C GLN B 680 2.19 -40.64 -12.95
N LEU B 681 1.05 -41.21 -13.36
CA LEU B 681 1.02 -42.61 -13.74
C LEU B 681 1.94 -42.83 -14.94
N SER B 682 1.79 -42.03 -16.00
CA SER B 682 2.66 -42.19 -17.17
C SER B 682 4.14 -42.09 -16.77
N LYS B 683 4.45 -41.15 -15.87
CA LYS B 683 5.83 -40.99 -15.44
C LYS B 683 6.32 -42.25 -14.72
N ALA B 684 5.50 -42.77 -13.80
CA ALA B 684 5.85 -44.00 -13.08
C ALA B 684 6.02 -45.11 -14.10
N LEU B 685 5.18 -45.14 -15.11
CA LEU B 685 5.37 -46.18 -16.13
C LEU B 685 6.64 -45.96 -16.99
N VAL B 686 6.94 -44.73 -17.41
CA VAL B 686 8.16 -44.49 -18.20
C VAL B 686 9.33 -44.92 -17.34
N ASP B 687 9.24 -44.62 -16.04
CA ASP B 687 10.31 -44.95 -15.10
C ASP B 687 10.48 -46.44 -14.86
N ALA B 688 9.41 -47.20 -15.04
CA ALA B 688 9.46 -48.66 -14.85
C ALA B 688 9.93 -49.34 -16.12
N GLY B 689 10.04 -48.55 -17.21
CA GLY B 689 10.47 -49.08 -18.49
C GLY B 689 9.32 -49.82 -19.17
N VAL B 690 8.10 -49.53 -18.75
CA VAL B 690 6.89 -50.16 -19.27
C VAL B 690 6.44 -49.56 -20.59
N ASP B 691 6.21 -50.37 -21.61
CA ASP B 691 5.72 -49.75 -22.85
C ASP B 691 4.18 -49.68 -22.88
N PHE B 692 3.68 -48.53 -23.29
CA PHE B 692 2.24 -48.33 -23.34
C PHE B 692 1.81 -47.19 -24.26
N GLN B 693 0.49 -47.09 -24.41
CA GLN B 693 -0.13 -46.11 -25.27
C GLN B 693 -0.77 -45.00 -24.52
N THR B 694 -0.60 -43.80 -25.06
CA THR B 694 -1.12 -42.62 -24.44
C THR B 694 -1.91 -41.75 -25.41
N MET B 695 -2.90 -41.03 -24.86
CA MET B 695 -3.68 -40.10 -25.65
C MET B 695 -4.26 -38.98 -24.77
N TRP B 696 -3.78 -37.76 -24.99
CA TRP B 696 -4.30 -36.62 -24.23
C TRP B 696 -5.31 -35.92 -25.11
N TYR B 697 -6.23 -35.21 -24.51
CA TYR B 697 -7.21 -34.46 -25.27
C TYR B 697 -7.19 -33.00 -24.80
N THR B 698 -6.69 -32.14 -25.67
CA THR B 698 -6.56 -30.72 -25.36
C THR B 698 -7.80 -29.93 -24.98
N ASP B 699 -7.77 -29.42 -23.75
CA ASP B 699 -8.83 -28.60 -23.19
C ASP B 699 -10.12 -29.36 -22.94
N GLU B 700 -10.10 -30.67 -22.99
CA GLU B 700 -11.33 -31.39 -22.71
C GLU B 700 -11.35 -31.65 -21.22
N ASP B 701 -12.52 -31.63 -20.62
CA ASP B 701 -12.56 -31.88 -19.19
C ASP B 701 -12.85 -33.35 -18.86
N HIS B 702 -13.43 -33.61 -17.69
CA HIS B 702 -13.66 -34.98 -17.26
C HIS B 702 -14.60 -35.80 -18.14
N GLY B 703 -15.47 -35.11 -18.89
CA GLY B 703 -16.38 -35.79 -19.78
C GLY B 703 -15.79 -36.04 -21.16
N ILE B 704 -14.84 -35.21 -21.59
CA ILE B 704 -14.26 -35.32 -22.93
C ILE B 704 -15.48 -35.42 -23.82
N ALA B 705 -16.40 -34.49 -23.56
CA ALA B 705 -17.71 -34.39 -24.18
C ALA B 705 -17.90 -33.39 -25.33
N SER B 706 -16.87 -32.64 -25.71
CA SER B 706 -17.10 -31.72 -26.82
C SER B 706 -17.45 -32.64 -28.00
N ASN B 707 -18.16 -32.08 -28.97
CA ASN B 707 -18.60 -32.86 -30.12
C ASN B 707 -17.52 -33.68 -30.80
N MET B 708 -16.48 -33.02 -31.30
CA MET B 708 -15.42 -33.72 -32.00
C MET B 708 -14.59 -34.62 -31.08
N ALA B 709 -14.34 -34.18 -29.85
CA ALA B 709 -13.54 -34.98 -28.91
C ALA B 709 -14.23 -36.31 -28.65
N HIS B 710 -15.49 -36.23 -28.23
CA HIS B 710 -16.27 -37.44 -28.01
C HIS B 710 -16.06 -38.47 -29.11
N GLN B 711 -16.29 -38.07 -30.37
CA GLN B 711 -16.14 -38.98 -31.52
C GLN B 711 -14.74 -39.56 -31.59
N HIS B 712 -13.76 -38.68 -31.51
CA HIS B 712 -12.36 -39.03 -31.57
C HIS B 712 -11.94 -40.09 -30.55
N ILE B 713 -12.35 -39.92 -29.30
CA ILE B 713 -11.96 -40.89 -28.29
C ILE B 713 -12.57 -42.30 -28.50
N TYR B 714 -13.86 -42.39 -28.82
CA TYR B 714 -14.43 -43.73 -29.06
C TYR B 714 -13.89 -44.33 -30.36
N THR B 715 -13.60 -43.47 -31.34
CA THR B 715 -13.05 -43.98 -32.58
C THR B 715 -11.71 -44.55 -32.19
N HIS B 716 -10.88 -43.72 -31.57
CA HIS B 716 -9.52 -44.14 -31.16
C HIS B 716 -9.52 -45.42 -30.32
N MET B 717 -10.45 -45.52 -29.38
CA MET B 717 -10.53 -46.69 -28.54
C MET B 717 -10.89 -47.95 -29.32
N SER B 718 -11.82 -47.83 -30.25
CA SER B 718 -12.21 -48.98 -31.04
C SER B 718 -10.99 -49.46 -31.81
N HIS B 719 -10.34 -48.57 -32.55
CA HIS B 719 -9.16 -48.98 -33.31
C HIS B 719 -8.16 -49.74 -32.47
N PHE B 720 -7.86 -49.23 -31.29
CA PHE B 720 -6.94 -49.90 -30.38
C PHE B 720 -7.55 -51.26 -29.95
N LEU B 721 -8.79 -51.24 -29.48
CA LEU B 721 -9.46 -52.46 -29.06
C LEU B 721 -9.51 -53.54 -30.14
N LYS B 722 -9.65 -53.10 -31.40
CA LYS B 722 -9.74 -54.05 -32.51
C LYS B 722 -8.42 -54.72 -32.85
N GLN B 723 -7.31 -54.02 -32.64
CA GLN B 723 -6.02 -54.61 -32.94
C GLN B 723 -5.69 -55.57 -31.80
N CYS B 724 -6.13 -55.22 -30.60
CA CYS B 724 -5.87 -56.07 -29.46
C CYS B 724 -6.63 -57.38 -29.66
N PHE B 725 -7.86 -57.29 -30.18
CA PHE B 725 -8.65 -58.48 -30.44
C PHE B 725 -8.39 -59.08 -31.84
N SER B 726 -7.37 -58.55 -32.51
CA SER B 726 -6.95 -58.98 -33.85
C SER B 726 -8.07 -58.89 -34.87
N LEU B 727 -9.13 -58.16 -34.54
CA LEU B 727 -10.23 -57.98 -35.46
C LEU B 727 -9.74 -57.06 -36.58
N PRO B 728 -10.03 -57.43 -37.84
CA PRO B 728 -9.65 -56.69 -39.05
C PRO B 728 -10.11 -55.24 -39.10
N SER C 1 21.05 72.98 24.38
CA SER C 1 20.18 73.69 23.39
C SER C 1 19.83 72.78 22.19
N ARG C 2 20.75 71.89 21.87
CA ARG C 2 20.61 70.94 20.76
C ARG C 2 19.63 69.79 20.99
N ARG C 3 19.61 68.87 20.02
CA ARG C 3 18.71 67.72 20.05
C ARG C 3 19.32 66.51 20.75
N THR C 4 18.49 65.50 21.02
CA THR C 4 18.95 64.26 21.63
C THR C 4 18.66 63.14 20.64
N TYR C 5 19.24 61.97 20.87
CA TYR C 5 18.98 60.82 20.00
C TYR C 5 17.59 60.33 20.44
N THR C 6 16.58 60.61 19.63
CA THR C 6 15.21 60.21 19.95
C THR C 6 14.93 58.77 19.56
N LEU C 7 13.88 58.22 20.15
CA LEU C 7 13.45 56.86 19.86
C LEU C 7 13.26 56.75 18.34
N THR C 8 12.54 57.70 17.77
CA THR C 8 12.30 57.73 16.34
C THR C 8 13.63 57.70 15.60
N ASP C 9 14.57 58.52 16.05
CA ASP C 9 15.88 58.57 15.41
C ASP C 9 16.40 57.15 15.31
N TYR C 10 16.33 56.43 16.42
CA TYR C 10 16.80 55.04 16.46
C TYR C 10 15.99 54.18 15.51
N LEU C 11 14.69 54.08 15.78
CA LEU C 11 13.77 53.28 14.98
C LEU C 11 13.80 53.50 13.47
N LYS C 12 13.76 54.76 13.05
CA LYS C 12 13.78 55.09 11.62
C LYS C 12 15.20 55.20 11.08
N SER C 13 16.19 54.92 11.92
CA SER C 13 17.58 55.03 11.49
C SER C 13 17.83 56.35 10.75
N THR C 14 17.63 57.46 11.45
CA THR C 14 17.84 58.77 10.87
C THR C 14 19.32 59.08 10.64
N PHE C 15 20.19 58.54 11.51
CA PHE C 15 21.63 58.76 11.40
C PHE C 15 22.30 57.51 10.86
N ARG C 16 22.58 57.50 9.56
CA ARG C 16 23.17 56.33 8.94
C ARG C 16 24.66 56.16 9.13
N VAL C 17 25.06 54.95 9.49
CA VAL C 17 26.47 54.61 9.67
C VAL C 17 26.86 53.88 8.38
N LYS C 18 27.65 54.54 7.53
CA LYS C 18 28.07 53.94 6.28
C LYS C 18 29.19 52.94 6.52
N PHE C 19 29.36 52.02 5.58
CA PHE C 19 30.40 51.00 5.67
C PHE C 19 31.01 50.74 4.30
N TYR C 20 31.97 49.83 4.23
CA TYR C 20 32.62 49.57 2.96
C TYR C 20 33.01 48.12 2.74
N THR C 21 32.06 47.34 2.20
CA THR C 21 32.25 45.92 1.93
C THR C 21 32.86 45.68 0.55
N LEU C 22 33.64 44.61 0.43
CA LEU C 22 34.27 44.27 -0.84
C LEU C 22 34.70 42.80 -0.89
N GLN C 23 34.87 42.29 -2.10
CA GLN C 23 35.26 40.90 -2.30
C GLN C 23 36.53 40.85 -3.12
N TRP C 24 37.61 40.36 -2.53
CA TRP C 24 38.85 40.25 -3.30
C TRP C 24 38.55 39.25 -4.41
N ILE C 25 39.35 39.26 -5.45
CA ILE C 25 39.15 38.32 -6.54
C ILE C 25 40.51 37.89 -7.08
N SER C 26 41.55 38.55 -6.58
CA SER C 26 42.94 38.26 -6.92
C SER C 26 43.71 38.69 -5.68
N ASP C 27 45.03 38.61 -5.71
CA ASP C 27 45.77 39.02 -4.53
C ASP C 27 45.92 40.53 -4.43
N HIS C 28 45.53 41.24 -5.48
CA HIS C 28 45.64 42.69 -5.47
C HIS C 28 44.50 43.39 -6.19
N GLU C 29 43.36 42.71 -6.31
CA GLU C 29 42.22 43.29 -6.99
C GLU C 29 40.99 42.97 -6.18
N TYR C 30 39.99 43.83 -6.23
CA TYR C 30 38.78 43.57 -5.49
C TYR C 30 37.60 44.27 -6.13
N LEU C 31 36.41 43.68 -5.97
CA LEU C 31 35.20 44.25 -6.52
C LEU C 31 34.44 45.03 -5.44
N TYR C 32 33.76 46.09 -5.87
CA TYR C 32 33.01 46.93 -4.95
C TYR C 32 31.74 47.41 -5.66
N LYS C 33 30.60 47.28 -4.99
CA LYS C 33 29.33 47.70 -5.54
C LYS C 33 28.85 49.02 -4.97
N GLN C 34 29.11 50.12 -5.68
CA GLN C 34 28.66 51.43 -5.23
C GLN C 34 27.32 51.71 -5.89
N GLU C 35 26.37 52.22 -5.10
CA GLU C 35 25.04 52.51 -5.61
C GLU C 35 24.44 51.21 -6.11
N ASN C 36 24.78 50.84 -7.34
CA ASN C 36 24.27 49.61 -7.93
C ASN C 36 25.19 49.16 -9.07
N ASN C 37 26.49 49.43 -8.92
CA ASN C 37 27.45 49.10 -9.97
C ASN C 37 28.73 48.48 -9.41
N ILE C 38 29.14 47.35 -9.99
CA ILE C 38 30.33 46.65 -9.55
C ILE C 38 31.57 47.22 -10.22
N LEU C 39 32.60 47.51 -9.42
CA LEU C 39 33.85 48.10 -9.91
C LEU C 39 35.09 47.31 -9.47
N LEU C 40 35.98 47.05 -10.41
CA LEU C 40 37.22 46.34 -10.08
C LEU C 40 38.29 47.35 -9.66
N PHE C 41 38.69 47.29 -8.38
CA PHE C 41 39.71 48.20 -7.86
C PHE C 41 41.07 47.50 -7.82
N ASN C 42 42.13 48.31 -7.79
CA ASN C 42 43.50 47.79 -7.76
C ASN C 42 44.15 48.17 -6.42
N ALA C 43 44.32 47.18 -5.56
CA ALA C 43 44.92 47.39 -4.23
C ALA C 43 46.42 47.57 -4.30
N GLU C 44 46.94 47.62 -5.52
CA GLU C 44 48.36 47.77 -5.73
C GLU C 44 48.64 49.20 -6.19
N TYR C 45 48.05 49.56 -7.33
CA TYR C 45 48.21 50.88 -7.92
C TYR C 45 47.12 51.87 -7.51
N GLY C 46 46.10 51.37 -6.81
CA GLY C 46 45.02 52.25 -6.36
C GLY C 46 43.89 52.55 -7.33
N ASN C 47 44.15 52.48 -8.64
CA ASN C 47 43.12 52.76 -9.63
C ASN C 47 41.98 51.75 -9.63
N SER C 48 41.03 51.93 -10.55
CA SER C 48 39.90 51.03 -10.67
C SER C 48 39.39 50.99 -12.12
N SER C 49 38.33 50.23 -12.34
CA SER C 49 37.73 50.11 -13.67
C SER C 49 36.40 49.39 -13.53
N ILE C 50 35.36 49.95 -14.14
CA ILE C 50 34.04 49.32 -14.07
C ILE C 50 34.12 47.88 -14.57
N PHE C 51 33.50 46.97 -13.84
CA PHE C 51 33.49 45.56 -14.22
C PHE C 51 32.18 45.30 -14.95
N LEU C 52 31.14 46.05 -14.56
CA LEU C 52 29.82 45.99 -15.19
C LEU C 52 28.89 47.03 -14.56
N GLU C 53 28.38 47.91 -15.41
CA GLU C 53 27.50 49.01 -15.05
C GLU C 53 26.23 48.73 -14.26
N ASN C 54 25.35 49.72 -14.27
CA ASN C 54 24.06 49.67 -13.59
C ASN C 54 23.08 49.08 -14.58
N SER C 55 23.10 49.59 -15.81
CA SER C 55 22.22 49.13 -16.87
C SER C 55 22.48 47.67 -17.23
N THR C 56 22.11 46.78 -16.31
CA THR C 56 22.28 45.35 -16.52
C THR C 56 21.42 44.62 -15.51
N PHE C 57 20.94 45.34 -14.52
CA PHE C 57 20.10 44.74 -13.49
C PHE C 57 18.63 44.87 -13.90
N ASP C 58 18.09 43.79 -14.47
CA ASP C 58 16.70 43.75 -14.91
C ASP C 58 15.76 43.18 -13.86
N GLU C 59 15.13 44.09 -13.13
CA GLU C 59 14.19 43.78 -12.05
C GLU C 59 13.13 42.73 -12.37
N LEU C 60 13.41 41.48 -12.00
CA LEU C 60 12.50 40.36 -12.22
C LEU C 60 11.54 40.13 -11.05
N GLY C 61 11.28 41.18 -10.27
CA GLY C 61 10.39 41.05 -9.14
C GLY C 61 10.28 42.32 -8.32
N TYR C 62 11.17 42.45 -7.33
CA TYR C 62 11.19 43.63 -6.47
C TYR C 62 12.61 44.20 -6.57
N SER C 63 13.41 43.96 -5.54
CA SER C 63 14.79 44.42 -5.53
C SER C 63 15.59 43.28 -6.15
N THR C 64 16.90 43.47 -6.32
CA THR C 64 17.71 42.42 -6.92
C THR C 64 19.14 42.38 -6.42
N ASN C 65 19.99 41.79 -7.26
CA ASN C 65 21.42 41.62 -7.03
C ASN C 65 21.90 41.21 -5.64
N ASP C 66 22.95 40.40 -5.67
CA ASP C 66 23.63 39.87 -4.49
C ASP C 66 24.78 39.09 -5.12
N TYR C 67 24.99 39.39 -6.39
CA TYR C 67 26.00 38.83 -7.27
C TYR C 67 27.17 38.05 -6.68
N SER C 68 27.76 37.21 -7.53
CA SER C 68 28.91 36.40 -7.18
C SER C 68 29.59 35.99 -8.49
N VAL C 69 30.71 36.63 -8.81
CA VAL C 69 31.45 36.35 -10.03
C VAL C 69 32.17 35.01 -9.93
N SER C 70 32.19 34.28 -11.03
CA SER C 70 32.88 33.00 -11.04
C SER C 70 34.35 33.36 -10.98
N PRO C 71 35.13 32.59 -10.21
CA PRO C 71 36.56 32.90 -10.14
C PRO C 71 37.17 33.36 -11.46
N ASP C 72 37.08 32.51 -12.48
CA ASP C 72 37.65 32.82 -13.81
C ASP C 72 37.18 34.17 -14.38
N ARG C 73 36.15 34.74 -13.77
CA ARG C 73 35.65 36.03 -14.21
C ARG C 73 34.86 35.97 -15.51
N GLN C 74 34.74 34.78 -16.07
CA GLN C 74 33.98 34.60 -17.32
C GLN C 74 32.49 34.82 -17.13
N PHE C 75 31.96 34.44 -15.98
CA PHE C 75 30.52 34.57 -15.71
C PHE C 75 30.25 35.23 -14.36
N ILE C 76 29.03 35.76 -14.20
CA ILE C 76 28.62 36.39 -12.94
C ILE C 76 27.22 35.94 -12.53
N LEU C 77 27.15 35.28 -11.38
CA LEU C 77 25.90 34.76 -10.83
C LEU C 77 25.12 35.84 -10.10
N PHE C 78 23.84 36.01 -10.43
CA PHE C 78 22.99 37.01 -9.78
C PHE C 78 21.88 36.31 -9.00
N GLU C 79 21.59 36.81 -7.80
CA GLU C 79 20.54 36.23 -6.94
C GLU C 79 19.35 37.14 -6.65
N TYR C 80 18.15 36.64 -6.86
CA TYR C 80 16.93 37.40 -6.60
C TYR C 80 15.84 36.44 -6.11
N ASN C 81 14.75 37.00 -5.62
CA ASN C 81 13.65 36.17 -5.16
C ASN C 81 14.01 35.50 -3.82
N TYR C 82 14.74 36.26 -3.00
CA TYR C 82 15.20 35.81 -1.68
C TYR C 82 14.06 35.43 -0.76
N VAL C 83 14.13 34.25 -0.16
CA VAL C 83 13.09 33.80 0.76
C VAL C 83 13.72 33.34 2.06
N LYS C 84 13.97 34.29 2.96
CA LYS C 84 14.59 33.95 4.23
C LYS C 84 13.94 32.75 4.87
N GLN C 85 14.78 31.88 5.38
CA GLN C 85 14.26 30.73 6.07
C GLN C 85 14.67 30.85 7.55
N TRP C 86 15.79 30.23 7.91
CA TRP C 86 16.25 30.29 9.30
C TRP C 86 17.26 31.41 9.47
N ARG C 87 18.09 31.32 10.51
CA ARG C 87 19.11 32.32 10.78
C ARG C 87 19.87 32.74 9.51
N HIS C 88 20.37 31.76 8.77
CA HIS C 88 21.11 31.97 7.54
C HIS C 88 20.42 31.36 6.32
N SER C 89 19.92 30.12 6.48
CA SER C 89 19.25 29.44 5.40
C SER C 89 18.16 30.31 4.76
N TYR C 90 17.95 30.08 3.46
CA TYR C 90 16.96 30.84 2.68
C TYR C 90 17.00 30.29 1.25
N THR C 91 15.91 30.46 0.51
CA THR C 91 15.88 29.99 -0.87
C THR C 91 15.65 31.17 -1.79
N ALA C 92 15.97 30.99 -3.08
CA ALA C 92 15.78 32.05 -4.05
C ALA C 92 16.09 31.57 -5.47
N SER C 93 15.92 32.47 -6.43
CA SER C 93 16.20 32.14 -7.82
C SER C 93 17.44 32.85 -8.34
N TYR C 94 18.17 32.20 -9.24
CA TYR C 94 19.41 32.71 -9.80
C TYR C 94 19.49 32.75 -11.34
N ASP C 95 20.20 33.76 -11.86
CA ASP C 95 20.40 33.92 -13.31
C ASP C 95 21.90 34.10 -13.56
N ILE C 96 22.44 33.34 -14.52
CA ILE C 96 23.86 33.43 -14.86
C ILE C 96 24.10 34.39 -16.01
N TYR C 97 24.72 35.52 -15.74
CA TYR C 97 24.98 36.49 -16.80
C TYR C 97 26.40 36.26 -17.32
N ASP C 98 26.51 36.02 -18.62
CA ASP C 98 27.81 35.81 -19.26
C ASP C 98 28.47 37.16 -19.43
N LEU C 99 29.69 37.28 -18.94
CA LEU C 99 30.42 38.54 -19.03
C LEU C 99 31.12 38.73 -20.39
N ASN C 100 31.50 37.62 -21.02
CA ASN C 100 32.17 37.67 -22.32
C ASN C 100 31.20 38.09 -23.42
N LYS C 101 30.41 37.15 -23.94
CA LYS C 101 29.43 37.45 -25.00
C LYS C 101 28.33 38.37 -24.46
N ARG C 102 28.62 38.99 -23.32
CA ARG C 102 27.72 39.92 -22.65
C ARG C 102 26.22 39.71 -22.84
N GLN C 103 25.71 38.61 -22.28
CA GLN C 103 24.28 38.30 -22.34
C GLN C 103 23.89 37.40 -21.18
N LEU C 104 22.61 37.45 -20.84
CA LEU C 104 22.06 36.65 -19.74
C LEU C 104 21.73 35.24 -20.21
N ILE C 105 22.49 34.24 -19.73
CA ILE C 105 22.23 32.85 -20.12
C ILE C 105 20.76 32.56 -19.94
N THR C 106 20.11 32.20 -21.03
CA THR C 106 18.68 31.91 -21.03
C THR C 106 18.36 30.42 -21.09
N GLU C 107 19.23 29.64 -21.73
CA GLU C 107 19.01 28.21 -21.83
C GLU C 107 19.58 27.51 -20.61
N GLU C 108 18.80 26.58 -20.04
CA GLU C 108 19.24 25.80 -18.90
C GLU C 108 19.26 26.53 -17.56
N ARG C 109 18.26 27.37 -17.31
CA ARG C 109 18.19 28.12 -16.08
C ARG C 109 18.34 27.22 -14.84
N ILE C 110 18.56 27.86 -13.69
CA ILE C 110 18.72 27.17 -12.41
C ILE C 110 17.39 27.18 -11.71
N PRO C 111 16.94 26.01 -11.24
CA PRO C 111 15.66 25.84 -10.53
C PRO C 111 15.26 26.97 -9.61
N ASN C 112 13.97 27.30 -9.58
CA ASN C 112 13.49 28.33 -8.67
C ASN C 112 13.56 27.56 -7.35
N ASN C 113 13.81 28.26 -6.25
CA ASN C 113 13.91 27.59 -4.95
C ASN C 113 15.21 26.85 -4.68
N THR C 114 16.33 27.32 -5.23
CA THR C 114 17.56 26.64 -4.95
C THR C 114 17.86 26.94 -3.49
N GLN C 115 18.46 25.98 -2.80
CA GLN C 115 18.76 26.14 -1.39
C GLN C 115 20.16 26.65 -1.15
N TRP C 116 21.03 26.46 -2.14
CA TRP C 116 22.40 26.92 -2.05
C TRP C 116 23.10 26.77 -3.38
N ILE C 117 24.10 27.61 -3.61
CA ILE C 117 24.82 27.60 -4.86
C ILE C 117 26.22 28.21 -4.66
N THR C 118 27.19 27.77 -5.44
CA THR C 118 28.56 28.26 -5.30
C THR C 118 29.48 27.88 -6.46
N TRP C 119 30.34 28.81 -6.88
CA TRP C 119 31.26 28.49 -7.96
C TRP C 119 32.34 27.63 -7.34
N SER C 120 33.25 27.18 -8.19
CA SER C 120 34.36 26.39 -7.73
C SER C 120 35.49 27.40 -7.44
N PRO C 121 36.59 26.96 -6.80
CA PRO C 121 37.67 27.91 -6.53
C PRO C 121 38.27 28.39 -7.86
N VAL C 122 38.59 27.44 -8.73
CA VAL C 122 39.15 27.75 -10.03
C VAL C 122 38.01 27.68 -11.06
N GLY C 123 38.32 27.95 -12.33
CA GLY C 123 37.33 27.90 -13.39
C GLY C 123 36.01 28.62 -13.17
N HIS C 124 34.95 28.08 -13.78
CA HIS C 124 33.61 28.64 -13.70
C HIS C 124 32.53 27.59 -13.44
N LYS C 125 32.88 26.52 -12.73
CA LYS C 125 31.91 25.46 -12.43
C LYS C 125 30.81 25.92 -11.48
N LEU C 126 29.95 25.00 -11.09
CA LEU C 126 28.84 25.29 -10.18
C LEU C 126 28.40 24.01 -9.52
N ALA C 127 27.71 24.16 -8.42
CA ALA C 127 27.21 23.02 -7.67
C ALA C 127 26.18 23.67 -6.79
N TYR C 128 24.98 23.09 -6.76
CA TYR C 128 23.92 23.66 -5.95
C TYR C 128 23.03 22.57 -5.37
N VAL C 129 22.14 23.00 -4.49
CA VAL C 129 21.23 22.09 -3.84
C VAL C 129 19.84 22.55 -4.14
N TRP C 130 19.02 21.61 -4.58
CA TRP C 130 17.63 21.87 -4.92
C TRP C 130 16.82 20.70 -4.37
N ASN C 131 15.92 20.96 -3.42
CA ASN C 131 15.16 19.88 -2.86
C ASN C 131 16.09 18.86 -2.18
N ASN C 132 17.03 19.37 -1.40
CA ASN C 132 17.98 18.53 -0.67
C ASN C 132 18.88 17.62 -1.51
N ASP C 133 19.06 17.95 -2.77
CA ASP C 133 19.95 17.14 -3.60
C ASP C 133 21.01 18.01 -4.26
N ILE C 134 22.16 17.42 -4.57
CA ILE C 134 23.26 18.17 -5.18
C ILE C 134 23.37 18.02 -6.70
N TYR C 135 23.59 19.15 -7.35
CA TYR C 135 23.74 19.18 -8.80
C TYR C 135 25.07 19.86 -9.12
N VAL C 136 25.51 19.78 -10.38
CA VAL C 136 26.76 20.41 -10.78
C VAL C 136 26.71 20.89 -12.22
N LYS C 137 27.11 22.14 -12.44
CA LYS C 137 27.14 22.70 -13.79
C LYS C 137 28.57 23.11 -14.16
N ASN C 138 29.19 22.36 -15.07
CA ASN C 138 30.53 22.66 -15.54
C ASN C 138 30.45 23.82 -16.51
N GLU C 139 29.24 24.07 -17.00
CA GLU C 139 28.97 25.12 -17.96
C GLU C 139 27.60 25.72 -17.68
N PRO C 140 27.52 27.05 -17.57
CA PRO C 140 26.26 27.75 -17.30
C PRO C 140 25.25 27.66 -18.45
N ASN C 141 25.63 26.94 -19.51
CA ASN C 141 24.74 26.78 -20.67
C ASN C 141 24.31 25.31 -20.87
N LEU C 142 25.09 24.39 -20.34
CA LEU C 142 24.80 22.97 -20.44
C LEU C 142 23.80 22.55 -19.37
N SER C 143 23.71 21.25 -19.12
CA SER C 143 22.78 20.73 -18.11
C SER C 143 23.44 20.24 -16.85
N SER C 144 22.93 20.69 -15.71
CA SER C 144 23.47 20.27 -14.43
C SER C 144 23.45 18.75 -14.38
N GLN C 145 24.04 18.18 -13.34
CA GLN C 145 24.07 16.72 -13.21
C GLN C 145 23.77 16.26 -11.79
N ARG C 146 22.58 15.73 -11.56
CA ARG C 146 22.24 15.31 -10.20
C ARG C 146 23.29 14.39 -9.59
N ILE C 147 23.71 14.71 -8.37
CA ILE C 147 24.74 13.96 -7.65
C ILE C 147 24.13 13.12 -6.54
N THR C 148 23.02 13.58 -5.99
CA THR C 148 22.36 12.86 -4.90
C THR C 148 20.90 12.63 -5.25
N TRP C 149 20.40 11.45 -4.92
CA TRP C 149 19.02 11.11 -5.23
C TRP C 149 18.21 10.82 -3.98
N THR C 150 18.81 11.06 -2.82
CA THR C 150 18.12 10.80 -1.57
C THR C 150 17.50 12.04 -0.91
N GLY C 151 17.77 13.21 -1.47
CA GLY C 151 17.23 14.44 -0.94
C GLY C 151 15.77 14.33 -0.55
N LYS C 152 15.40 14.85 0.62
CA LYS C 152 14.01 14.78 1.08
C LYS C 152 13.66 15.69 2.26
N GLU C 153 12.75 16.62 2.01
CA GLU C 153 12.27 17.57 3.00
C GLU C 153 12.12 17.01 4.41
N ASN C 154 12.70 17.74 5.38
CA ASN C 154 12.64 17.36 6.79
C ASN C 154 13.15 15.97 7.15
N VAL C 155 13.90 15.34 6.23
CA VAL C 155 14.41 14.00 6.51
C VAL C 155 15.86 13.82 6.10
N ILE C 156 16.14 13.98 4.81
CA ILE C 156 17.50 13.81 4.32
C ILE C 156 18.00 15.07 3.64
N TYR C 157 19.17 15.54 4.06
CA TYR C 157 19.75 16.75 3.49
C TYR C 157 21.14 16.46 2.91
N ASN C 158 21.32 16.75 1.63
CA ASN C 158 22.58 16.56 0.94
C ASN C 158 23.10 17.94 0.49
N GLY C 159 24.26 18.35 1.00
CA GLY C 159 24.81 19.64 0.60
C GLY C 159 24.44 20.83 1.47
N VAL C 160 23.30 20.79 2.13
CA VAL C 160 22.90 21.86 3.01
C VAL C 160 22.62 21.22 4.38
N THR C 161 22.57 22.07 5.41
CA THR C 161 22.36 21.63 6.78
C THR C 161 20.93 21.63 7.33
N ASP C 162 20.67 20.72 8.27
CA ASP C 162 19.35 20.66 8.88
C ASP C 162 19.27 21.84 9.83
N TRP C 163 18.23 21.90 10.66
CA TRP C 163 18.09 23.05 11.54
C TRP C 163 19.22 23.24 12.54
N VAL C 164 19.59 22.17 13.24
CA VAL C 164 20.61 22.25 14.26
C VAL C 164 22.06 22.40 13.80
N TYR C 165 22.44 21.86 12.64
CA TYR C 165 23.82 22.08 12.22
C TYR C 165 23.96 23.51 11.77
N GLU C 166 22.90 24.07 11.20
CA GLU C 166 22.97 25.45 10.75
C GLU C 166 23.14 26.40 11.92
N GLU C 167 22.32 26.21 12.95
CA GLU C 167 22.35 27.07 14.12
C GLU C 167 23.54 26.85 15.06
N GLU C 168 23.77 25.59 15.46
CA GLU C 168 24.83 25.32 16.42
C GLU C 168 26.15 24.70 15.95
N VAL C 169 26.32 24.42 14.67
CA VAL C 169 27.57 23.80 14.28
C VAL C 169 28.35 24.44 13.15
N PHE C 170 27.70 25.03 12.17
CA PHE C 170 28.43 25.66 11.06
C PHE C 170 28.12 27.13 11.01
N SER C 171 27.03 27.53 11.65
CA SER C 171 26.61 28.92 11.58
C SER C 171 26.55 29.23 10.09
N ALA C 172 25.93 28.31 9.35
CA ALA C 172 25.79 28.43 7.91
C ALA C 172 24.78 27.39 7.42
N TYR C 173 24.33 27.55 6.19
CA TYR C 173 23.37 26.64 5.62
C TYR C 173 24.07 25.60 4.76
N SER C 174 25.21 25.99 4.20
CA SER C 174 26.00 25.15 3.32
C SER C 174 26.66 23.91 3.93
N ALA C 175 26.63 22.81 3.20
CA ALA C 175 27.24 21.56 3.65
C ALA C 175 28.02 20.95 2.49
N LEU C 176 28.56 21.81 1.63
CA LEU C 176 29.36 21.36 0.50
C LEU C 176 30.65 22.20 0.37
N TRP C 177 31.72 21.52 -0.03
CA TRP C 177 33.03 22.15 -0.15
C TRP C 177 33.85 21.81 -1.40
N TRP C 178 34.04 22.77 -2.30
CA TRP C 178 34.86 22.51 -3.50
C TRP C 178 36.34 22.44 -3.08
N SER C 179 37.13 21.64 -3.80
CA SER C 179 38.59 21.56 -3.54
C SER C 179 39.21 22.70 -4.37
N PRO C 180 40.41 23.17 -3.99
CA PRO C 180 41.15 24.25 -4.64
C PRO C 180 41.08 24.32 -6.17
N ASN C 181 41.45 23.23 -6.84
CA ASN C 181 41.43 23.17 -8.29
C ASN C 181 40.13 22.57 -8.86
N GLY C 182 39.12 22.45 -8.02
CA GLY C 182 37.83 21.95 -8.46
C GLY C 182 37.71 20.50 -8.90
N THR C 183 38.73 19.71 -8.64
CA THR C 183 38.66 18.33 -9.05
C THR C 183 37.61 17.59 -8.23
N PHE C 184 37.57 17.83 -6.93
CA PHE C 184 36.60 17.13 -6.09
C PHE C 184 35.54 18.05 -5.52
N LEU C 185 34.44 17.45 -5.08
CA LEU C 185 33.36 18.19 -4.44
C LEU C 185 32.91 17.35 -3.25
N ALA C 186 33.14 17.87 -2.05
CA ALA C 186 32.79 17.19 -0.80
C ALA C 186 31.52 17.74 -0.20
N TYR C 187 30.79 16.88 0.51
CA TYR C 187 29.53 17.28 1.14
C TYR C 187 29.18 16.34 2.27
N ALA C 188 28.25 16.78 3.12
CA ALA C 188 27.80 15.96 4.23
C ALA C 188 26.32 15.66 4.07
N GLN C 189 25.94 14.50 4.56
CA GLN C 189 24.53 14.14 4.49
C GLN C 189 24.02 14.03 5.90
N PHE C 190 22.95 14.77 6.17
CA PHE C 190 22.32 14.74 7.47
C PHE C 190 21.02 13.94 7.36
N ASN C 191 20.72 13.16 8.40
CA ASN C 191 19.53 12.34 8.41
C ASN C 191 18.69 12.69 9.64
N ASP C 192 17.72 13.56 9.45
CA ASP C 192 16.86 13.97 10.55
C ASP C 192 15.72 13.00 10.79
N THR C 193 15.84 11.76 10.30
CA THR C 193 14.76 10.78 10.50
C THR C 193 14.27 10.66 11.93
N GLU C 194 15.10 10.22 12.85
CA GLU C 194 14.59 10.08 14.21
C GLU C 194 14.57 11.35 15.05
N VAL C 195 14.72 12.51 14.41
CA VAL C 195 14.71 13.78 15.15
C VAL C 195 13.28 14.29 15.38
N PRO C 196 12.86 14.42 16.64
CA PRO C 196 11.52 14.89 16.99
C PRO C 196 11.19 16.19 16.33
N LEU C 197 9.89 16.42 16.13
CA LEU C 197 9.40 17.65 15.50
C LEU C 197 8.84 18.71 16.43
N ILE C 198 9.37 19.94 16.36
CA ILE C 198 8.77 20.98 17.16
C ILE C 198 7.67 21.45 16.22
N GLU C 199 6.54 21.86 16.78
CA GLU C 199 5.48 22.33 15.92
C GLU C 199 4.84 23.58 16.46
N TYR C 200 4.45 24.47 15.57
CA TYR C 200 3.80 25.68 16.02
C TYR C 200 3.00 26.27 14.86
N SER C 201 1.95 27.00 15.22
CA SER C 201 1.09 27.60 14.23
C SER C 201 1.72 28.84 13.62
N PHE C 202 1.55 28.99 12.30
CA PHE C 202 2.01 30.15 11.54
C PHE C 202 0.72 30.72 10.92
N TYR C 203 0.23 31.85 11.42
CA TYR C 203 -1.01 32.42 10.94
C TYR C 203 -0.98 33.02 9.55
N SER C 204 0.20 33.45 9.15
CA SER C 204 0.37 33.99 7.83
C SER C 204 -0.49 35.20 7.58
N ASP C 205 -0.64 35.54 6.31
CA ASP C 205 -1.42 36.69 5.89
C ASP C 205 -2.91 36.59 6.27
N GLU C 206 -3.51 37.71 6.67
CA GLU C 206 -4.91 37.77 7.11
C GLU C 206 -5.92 36.98 6.30
N SER C 207 -5.65 36.79 5.02
CA SER C 207 -6.55 36.05 4.16
C SER C 207 -6.49 34.53 4.35
N LEU C 208 -5.47 34.02 5.03
CA LEU C 208 -5.40 32.57 5.24
C LEU C 208 -6.54 32.19 6.20
N GLN C 209 -7.52 31.45 5.71
CA GLN C 209 -8.64 31.08 6.55
C GLN C 209 -8.22 30.14 7.68
N TYR C 210 -7.34 29.19 7.36
CA TYR C 210 -6.85 28.24 8.35
C TYR C 210 -5.33 28.42 8.59
N PRO C 211 -4.92 28.44 9.87
CA PRO C 211 -3.51 28.59 10.23
C PRO C 211 -2.79 27.33 9.79
N LYS C 212 -1.52 27.47 9.40
CA LYS C 212 -0.77 26.29 9.01
C LYS C 212 0.08 25.89 10.18
N THR C 213 0.52 24.66 10.19
CA THR C 213 1.32 24.18 11.30
C THR C 213 2.70 23.91 10.81
N VAL C 214 3.67 24.65 11.34
CA VAL C 214 5.04 24.48 10.94
C VAL C 214 5.58 23.25 11.68
N ARG C 215 6.41 22.49 10.98
CA ARG C 215 7.04 21.32 11.55
C ARG C 215 8.50 21.33 11.13
N ILE C 216 9.40 21.30 12.11
CA ILE C 216 10.85 21.31 11.84
C ILE C 216 11.54 20.22 12.69
N PRO C 217 12.42 19.41 12.08
CA PRO C 217 13.06 18.41 12.97
C PRO C 217 14.02 19.25 13.84
N TYR C 218 13.74 19.31 15.14
CA TYR C 218 14.50 20.09 16.09
C TYR C 218 14.73 19.22 17.35
N PRO C 219 16.01 18.94 17.67
CA PRO C 219 16.39 18.13 18.83
C PRO C 219 16.57 18.92 20.12
N LYS C 220 15.68 18.71 21.08
CA LYS C 220 15.80 19.38 22.36
C LYS C 220 16.74 18.50 23.22
N ALA C 221 17.25 19.06 24.31
CA ALA C 221 18.15 18.35 25.20
C ALA C 221 17.80 16.85 25.36
N GLY C 222 18.82 16.01 25.19
CA GLY C 222 18.61 14.56 25.33
C GLY C 222 17.88 13.82 24.23
N ALA C 223 17.18 14.57 23.38
CA ALA C 223 16.43 13.99 22.26
C ALA C 223 17.38 13.33 21.28
N GLU C 224 16.80 12.60 20.33
CA GLU C 224 17.56 11.91 19.32
C GLU C 224 18.05 12.99 18.31
N ASN C 225 19.34 12.96 18.00
CA ASN C 225 19.96 13.94 17.09
C ASN C 225 20.10 13.50 15.62
N PRO C 226 20.35 14.45 14.72
CA PRO C 226 20.49 14.04 13.33
C PRO C 226 21.85 13.34 13.20
N THR C 227 21.97 12.39 12.26
CA THR C 227 23.24 11.73 12.04
C THR C 227 23.88 12.38 10.79
N VAL C 228 25.13 12.02 10.51
CA VAL C 228 25.84 12.64 9.41
C VAL C 228 26.72 11.66 8.63
N LYS C 229 26.98 12.01 7.37
CA LYS C 229 27.84 11.21 6.49
C LYS C 229 28.64 12.18 5.61
N PHE C 230 29.90 11.88 5.38
CA PHE C 230 30.76 12.74 4.58
C PHE C 230 31.21 12.01 3.32
N PHE C 231 31.10 12.68 2.16
CA PHE C 231 31.52 12.07 0.90
C PHE C 231 32.39 12.99 0.07
N VAL C 232 33.33 12.41 -0.66
CA VAL C 232 34.16 13.22 -1.53
C VAL C 232 33.84 12.76 -2.93
N VAL C 233 33.43 13.71 -3.77
CA VAL C 233 33.10 13.35 -5.12
C VAL C 233 34.12 13.84 -6.14
N ASP C 234 34.61 12.91 -6.95
CA ASP C 234 35.56 13.21 -8.00
C ASP C 234 34.73 13.71 -9.18
N THR C 235 34.61 15.03 -9.31
CA THR C 235 33.80 15.62 -10.38
C THR C 235 34.39 15.39 -11.76
N ARG C 236 35.50 14.67 -11.80
CA ARG C 236 36.17 14.38 -13.06
C ARG C 236 35.41 13.41 -13.94
N THR C 237 34.91 12.33 -13.32
CA THR C 237 34.19 11.29 -14.02
C THR C 237 32.73 11.63 -14.30
N LEU C 238 32.26 12.77 -13.81
CA LEU C 238 30.87 13.12 -14.06
C LEU C 238 30.57 13.14 -15.54
N SER C 239 29.44 12.53 -15.90
CA SER C 239 28.99 12.44 -17.27
C SER C 239 27.59 11.88 -17.17
N PRO C 240 26.68 12.33 -18.03
CA PRO C 240 25.29 11.86 -18.03
C PRO C 240 25.13 10.35 -18.15
N ASN C 241 26.16 9.65 -18.64
CA ASN C 241 26.06 8.20 -18.75
C ASN C 241 27.08 7.49 -17.89
N ALA C 242 27.53 8.17 -16.86
CA ALA C 242 28.49 7.57 -15.95
C ALA C 242 27.90 7.66 -14.56
N SER C 243 28.32 6.78 -13.68
CA SER C 243 27.82 6.85 -12.31
C SER C 243 28.76 7.81 -11.58
N VAL C 244 28.25 8.38 -10.48
CA VAL C 244 29.02 9.29 -9.66
C VAL C 244 30.17 8.59 -8.92
N THR C 245 31.38 9.13 -9.01
CA THR C 245 32.52 8.56 -8.30
C THR C 245 32.53 9.20 -6.90
N SER C 246 32.28 8.40 -5.86
CA SER C 246 32.22 8.90 -4.48
C SER C 246 32.90 8.04 -3.44
N TYR C 247 33.66 8.64 -2.54
CA TYR C 247 34.29 7.87 -1.48
C TYR C 247 33.68 8.42 -0.20
N GLN C 248 33.37 7.56 0.75
CA GLN C 248 32.77 7.99 2.02
C GLN C 248 33.82 7.97 3.12
N ILE C 249 34.01 9.11 3.77
CA ILE C 249 34.98 9.21 4.84
C ILE C 249 34.27 9.12 6.19
N VAL C 250 34.63 8.10 6.96
CA VAL C 250 34.05 7.86 8.27
C VAL C 250 34.93 8.49 9.33
N PRO C 251 34.33 8.92 10.45
CA PRO C 251 35.19 9.52 11.48
C PRO C 251 36.02 8.48 12.23
N PRO C 252 37.04 8.95 12.96
CA PRO C 252 37.93 8.08 13.74
C PRO C 252 37.15 7.34 14.80
N ALA C 253 37.51 6.09 15.03
CA ALA C 253 36.83 5.26 15.98
C ALA C 253 36.65 5.88 17.34
N SER C 254 37.55 6.75 17.74
CA SER C 254 37.43 7.38 19.04
C SER C 254 36.18 8.25 19.09
N VAL C 255 35.56 8.43 17.93
CA VAL C 255 34.34 9.21 17.84
C VAL C 255 33.14 8.30 17.53
N LEU C 256 33.31 7.43 16.54
CA LEU C 256 32.26 6.52 16.11
C LEU C 256 31.67 5.72 17.25
N ILE C 257 32.36 5.67 18.38
CA ILE C 257 31.88 4.92 19.55
C ILE C 257 30.47 5.35 19.95
N GLY C 258 30.17 6.60 19.73
CA GLY C 258 28.85 7.13 20.07
C GLY C 258 28.48 8.30 19.20
N ASP C 259 27.40 8.98 19.60
CA ASP C 259 26.92 10.13 18.87
C ASP C 259 28.02 11.12 18.75
N HIS C 260 27.97 11.91 17.69
CA HIS C 260 28.99 12.90 17.45
C HIS C 260 28.46 13.94 16.48
N TYR C 261 29.34 14.78 15.97
CA TYR C 261 28.94 15.78 15.03
C TYR C 261 30.10 16.05 14.11
N LEU C 262 29.83 16.68 12.99
CA LEU C 262 30.89 17.06 12.09
C LEU C 262 30.90 18.56 12.34
N CYS C 263 31.98 19.08 12.90
CA CYS C 263 32.02 20.52 13.15
C CYS C 263 32.91 21.31 12.22
N GLY C 264 33.64 20.64 11.34
CA GLY C 264 34.49 21.38 10.44
C GLY C 264 35.21 20.65 9.32
N VAL C 265 35.37 21.33 8.20
CA VAL C 265 36.06 20.77 7.04
C VAL C 265 37.03 21.78 6.44
N THR C 266 38.21 21.29 6.04
CA THR C 266 39.20 22.16 5.43
C THR C 266 40.05 21.44 4.36
N TRP C 267 40.09 22.02 3.17
CA TRP C 267 40.89 21.44 2.09
C TRP C 267 42.34 21.87 2.26
N VAL C 268 43.25 20.91 2.34
CA VAL C 268 44.66 21.22 2.50
C VAL C 268 45.31 21.30 1.12
N THR C 269 45.35 20.14 0.45
CA THR C 269 45.89 19.97 -0.90
C THR C 269 44.83 19.17 -1.67
N GLU C 270 44.77 19.31 -3.01
CA GLU C 270 43.77 18.57 -3.81
C GLU C 270 43.81 17.08 -3.52
N GLU C 271 44.59 16.67 -2.55
CA GLU C 271 44.68 15.26 -2.20
C GLU C 271 44.85 15.07 -0.70
N ARG C 272 44.49 16.12 0.04
CA ARG C 272 44.55 16.09 1.49
C ARG C 272 43.46 17.01 2.05
N ILE C 273 42.46 16.39 2.66
CA ILE C 273 41.36 17.14 3.24
C ILE C 273 41.39 16.90 4.76
N SER C 274 41.10 17.95 5.52
CA SER C 274 41.09 17.85 6.98
C SER C 274 39.65 17.93 7.47
N LEU C 275 39.28 16.96 8.29
CA LEU C 275 37.93 16.91 8.84
C LEU C 275 38.07 17.08 10.33
N GLN C 276 37.06 17.67 10.96
CA GLN C 276 37.07 17.90 12.40
C GLN C 276 35.78 17.43 13.07
N TRP C 277 35.87 16.30 13.77
CA TRP C 277 34.73 15.68 14.45
C TRP C 277 34.77 15.95 15.95
N ILE C 278 33.60 16.03 16.58
CA ILE C 278 33.50 16.25 18.02
C ILE C 278 32.45 15.30 18.56
N ARG C 279 32.74 14.69 19.71
CA ARG C 279 31.80 13.77 20.33
C ARG C 279 30.59 14.57 20.73
N ARG C 280 29.50 13.88 21.08
CA ARG C 280 28.32 14.59 21.50
C ARG C 280 28.58 15.24 22.87
N ALA C 281 29.50 14.65 23.63
CA ALA C 281 29.86 15.21 24.94
C ALA C 281 30.38 16.62 24.76
N GLN C 282 31.08 16.82 23.64
CA GLN C 282 31.65 18.11 23.28
C GLN C 282 32.74 18.51 24.27
N ASN C 283 33.47 17.52 24.76
CA ASN C 283 34.57 17.72 25.70
C ASN C 283 35.63 16.77 25.18
N TYR C 284 35.64 16.65 23.85
CA TYR C 284 36.55 15.81 23.10
C TYR C 284 36.32 16.06 21.61
N SER C 285 37.39 16.46 20.92
CA SER C 285 37.34 16.72 19.49
C SER C 285 38.59 16.08 18.88
N ILE C 286 38.51 15.70 17.61
CA ILE C 286 39.66 15.10 16.98
C ILE C 286 39.67 15.52 15.54
N ILE C 287 40.86 15.71 15.00
CA ILE C 287 41.00 16.12 13.62
C ILE C 287 41.66 15.01 12.84
N ASP C 288 40.94 14.48 11.87
CA ASP C 288 41.46 13.42 11.02
C ASP C 288 41.91 14.12 9.75
N ILE C 289 43.10 13.78 9.25
CA ILE C 289 43.60 14.40 8.02
C ILE C 289 43.78 13.29 7.00
N CYS C 290 42.87 13.25 6.02
CA CYS C 290 42.85 12.21 5.00
C CYS C 290 43.46 12.58 3.66
N ASP C 291 44.27 11.65 3.14
CA ASP C 291 44.95 11.83 1.87
C ASP C 291 44.36 10.93 0.78
N TYR C 292 44.38 11.44 -0.44
CA TYR C 292 43.87 10.73 -1.60
C TYR C 292 44.88 9.73 -2.15
N ASP C 293 44.47 8.48 -2.27
CA ASP C 293 45.33 7.42 -2.81
C ASP C 293 45.06 7.36 -4.31
N GLU C 294 45.80 8.14 -5.07
CA GLU C 294 45.65 8.23 -6.52
C GLU C 294 45.22 6.97 -7.29
N SER C 295 45.73 5.81 -6.88
CA SER C 295 45.41 4.58 -7.59
C SER C 295 44.09 3.90 -7.23
N THR C 296 43.43 4.37 -6.17
CA THR C 296 42.20 3.73 -5.77
C THR C 296 41.08 4.71 -5.59
N GLY C 297 41.39 6.00 -5.69
CA GLY C 297 40.35 7.00 -5.51
C GLY C 297 39.94 7.08 -4.04
N ARG C 298 40.61 6.28 -3.20
CA ARG C 298 40.31 6.25 -1.77
C ARG C 298 40.91 7.40 -0.98
N TRP C 299 40.28 7.70 0.15
CA TRP C 299 40.75 8.75 1.04
C TRP C 299 41.16 8.08 2.34
N ILE C 300 42.48 8.00 2.53
CA ILE C 300 43.04 7.34 3.70
C ILE C 300 43.31 8.22 4.90
N SER C 301 43.12 7.62 6.07
CA SER C 301 43.28 8.26 7.36
C SER C 301 44.46 7.61 8.10
N SER C 302 45.28 8.43 8.78
CA SER C 302 46.45 7.93 9.52
C SER C 302 46.43 8.29 11.02
N VAL C 303 46.60 7.29 11.89
CA VAL C 303 46.60 7.52 13.33
C VAL C 303 47.63 8.56 13.74
N ALA C 304 48.56 8.84 12.84
CA ALA C 304 49.61 9.82 13.07
C ALA C 304 49.16 11.15 12.52
N ARG C 305 48.11 11.15 11.70
CA ARG C 305 47.61 12.40 11.15
C ARG C 305 46.33 12.86 11.84
N GLN C 306 46.07 12.32 13.04
CA GLN C 306 44.90 12.67 13.83
C GLN C 306 45.32 13.37 15.12
N HIS C 307 44.70 14.51 15.42
CA HIS C 307 45.01 15.29 16.61
C HIS C 307 43.86 15.42 17.61
N ILE C 308 43.97 14.75 18.75
CA ILE C 308 42.93 14.83 19.78
C ILE C 308 43.06 16.12 20.60
N GLU C 309 41.93 16.74 20.91
CA GLU C 309 41.89 17.98 21.67
C GLU C 309 40.70 17.88 22.60
N ILE C 310 40.97 17.60 23.87
CA ILE C 310 39.93 17.46 24.89
C ILE C 310 39.90 18.64 25.88
N SER C 311 39.00 18.53 26.84
CA SER C 311 38.88 19.54 27.88
C SER C 311 38.32 18.86 29.12
N THR C 312 39.12 18.86 30.17
CA THR C 312 38.76 18.23 31.41
C THR C 312 37.95 19.16 32.28
N THR C 313 37.83 20.42 31.85
CA THR C 313 37.09 21.43 32.60
C THR C 313 35.86 21.99 31.87
N GLY C 314 35.45 21.34 30.79
CA GLY C 314 34.31 21.84 30.04
C GLY C 314 34.43 21.52 28.57
N TRP C 315 33.91 22.41 27.72
CA TRP C 315 33.94 22.17 26.27
C TRP C 315 35.11 22.76 25.52
N VAL C 316 35.39 22.15 24.38
CA VAL C 316 36.44 22.54 23.48
C VAL C 316 36.08 23.87 22.81
N GLY C 317 37.08 24.63 22.39
CA GLY C 317 36.84 25.92 21.74
C GLY C 317 35.90 26.83 22.50
N ARG C 318 35.63 28.00 21.93
CA ARG C 318 34.71 28.94 22.55
C ARG C 318 33.29 28.39 22.37
N PHE C 319 32.84 28.30 21.13
CA PHE C 319 31.53 27.72 20.84
C PHE C 319 31.80 26.37 20.20
N ARG C 320 32.77 26.35 19.30
CA ARG C 320 33.18 25.14 18.64
C ARG C 320 34.69 25.21 18.52
N PRO C 321 35.35 24.06 18.42
CA PRO C 321 36.81 24.11 18.30
C PRO C 321 37.26 25.06 17.19
N ALA C 322 38.52 25.49 17.24
CA ALA C 322 39.02 26.43 16.24
C ALA C 322 39.40 25.74 14.94
N GLU C 323 39.25 26.48 13.85
CA GLU C 323 39.57 25.97 12.53
C GLU C 323 41.07 25.96 12.28
N PRO C 324 41.65 24.78 12.00
CA PRO C 324 43.10 24.81 11.76
C PRO C 324 43.42 25.49 10.44
N HIS C 325 44.58 26.14 10.39
CA HIS C 325 45.04 26.81 9.18
C HIS C 325 46.30 26.07 8.73
N PHE C 326 46.35 25.72 7.45
CA PHE C 326 47.49 24.95 6.95
C PHE C 326 48.56 25.70 6.17
N THR C 327 49.75 25.09 6.18
CA THR C 327 50.91 25.59 5.46
C THR C 327 50.68 25.13 4.03
N SER C 328 50.96 25.98 3.05
CA SER C 328 50.77 25.62 1.64
C SER C 328 51.09 24.16 1.27
N ASP C 329 52.16 23.61 1.83
CA ASP C 329 52.50 22.22 1.55
C ASP C 329 51.52 21.28 2.28
N GLY C 330 51.01 21.75 3.40
CA GLY C 330 50.06 20.96 4.17
C GLY C 330 50.73 20.06 5.18
N ASN C 331 52.06 20.14 5.28
CA ASN C 331 52.76 19.29 6.22
C ASN C 331 52.63 19.75 7.65
N SER C 332 52.00 20.91 7.85
CA SER C 332 51.81 21.45 9.19
C SER C 332 50.76 22.55 9.14
N PHE C 333 50.13 22.80 10.28
CA PHE C 333 49.09 23.81 10.35
C PHE C 333 49.14 24.54 11.67
N TYR C 334 48.48 25.71 11.72
CA TYR C 334 48.42 26.52 12.94
C TYR C 334 46.96 26.61 13.43
N LYS C 335 46.73 26.13 14.66
CA LYS C 335 45.38 26.15 15.24
C LYS C 335 45.36 26.62 16.68
N ILE C 336 44.44 27.54 16.97
CA ILE C 336 44.26 28.08 18.31
C ILE C 336 43.80 27.03 19.30
N ILE C 337 44.42 26.97 20.47
CA ILE C 337 44.02 26.03 21.50
C ILE C 337 44.31 26.65 22.86
N SER C 338 43.58 26.17 23.86
CA SER C 338 43.76 26.65 25.22
C SER C 338 45.10 26.14 25.74
N ASN C 339 45.91 27.05 26.30
CA ASN C 339 47.23 26.68 26.83
C ASN C 339 47.23 26.24 28.29
N GLU C 340 48.43 26.05 28.83
CA GLU C 340 48.62 25.60 30.21
C GLU C 340 47.83 26.41 31.23
N GLU C 341 47.66 27.71 30.99
CA GLU C 341 46.93 28.55 31.94
C GLU C 341 45.50 28.92 31.60
N GLY C 342 44.99 28.42 30.48
CA GLY C 342 43.61 28.71 30.12
C GLY C 342 43.43 29.80 29.10
N TYR C 343 44.47 30.13 28.35
CA TYR C 343 44.30 31.17 27.35
C TYR C 343 44.29 30.66 25.92
N LYS C 344 43.62 31.42 25.07
CA LYS C 344 43.49 31.10 23.66
C LYS C 344 44.66 31.62 22.86
N HIS C 345 45.55 30.71 22.44
CA HIS C 345 46.72 31.08 21.66
C HIS C 345 47.06 30.17 20.48
N ILE C 346 47.65 30.78 19.46
CA ILE C 346 48.04 30.10 18.25
C ILE C 346 49.07 28.99 18.51
N CYS C 347 48.65 27.71 18.48
CA CYS C 347 49.58 26.58 18.67
C CYS C 347 49.93 25.95 17.34
N HIS C 348 51.21 25.68 17.11
CA HIS C 348 51.68 25.09 15.85
C HIS C 348 51.82 23.57 15.89
N PHE C 349 51.02 22.89 15.07
CA PHE C 349 51.07 21.44 14.99
C PHE C 349 51.64 20.97 13.65
N GLN C 350 52.24 19.78 13.68
CA GLN C 350 52.80 19.19 12.47
C GLN C 350 51.79 18.18 11.99
N THR C 351 51.38 18.33 10.73
CA THR C 351 50.39 17.45 10.13
C THR C 351 50.53 15.99 10.58
N ASP C 352 51.73 15.58 10.98
CA ASP C 352 51.95 14.20 11.42
C ASP C 352 52.53 13.97 12.82
N LYS C 353 52.62 15.00 13.64
CA LYS C 353 53.16 14.84 14.99
C LYS C 353 52.15 15.36 16.00
N SER C 354 51.97 14.62 17.09
CA SER C 354 51.01 14.96 18.14
C SER C 354 51.34 16.06 19.15
N ASN C 355 52.46 16.77 18.98
CA ASN C 355 52.77 17.85 19.91
C ASN C 355 52.83 19.16 19.15
N CYS C 356 52.47 20.27 19.80
CA CYS C 356 52.54 21.55 19.12
C CYS C 356 53.38 22.54 19.92
N THR C 357 53.74 23.65 19.28
CA THR C 357 54.56 24.67 19.92
C THR C 357 53.84 26.01 19.84
N PHE C 358 53.30 26.46 20.96
CA PHE C 358 52.59 27.73 21.02
C PHE C 358 53.46 28.84 20.45
N ILE C 359 52.89 29.71 19.63
CA ILE C 359 53.67 30.80 19.06
C ILE C 359 53.22 32.15 19.59
N THR C 360 52.32 32.11 20.58
CA THR C 360 51.84 33.32 21.27
C THR C 360 51.46 32.91 22.69
N LYS C 361 51.75 33.80 23.64
CA LYS C 361 51.47 33.54 25.05
C LYS C 361 51.03 34.84 25.71
N GLY C 362 50.73 34.77 27.00
CA GLY C 362 50.29 35.95 27.73
C GLY C 362 49.03 35.71 28.52
N ALA C 363 48.39 36.80 28.93
CA ALA C 363 47.15 36.73 29.69
C ALA C 363 46.05 37.48 28.94
N TRP C 364 46.00 37.21 27.62
CA TRP C 364 45.02 37.78 26.71
C TRP C 364 44.77 36.63 25.71
N GLU C 365 43.85 36.80 24.77
CA GLU C 365 43.55 35.73 23.83
C GLU C 365 43.51 36.11 22.36
N VAL C 366 43.87 35.15 21.52
CA VAL C 366 43.82 35.36 20.09
C VAL C 366 42.36 35.10 19.75
N ILE C 367 41.75 36.03 19.05
CA ILE C 367 40.36 35.88 18.67
C ILE C 367 40.29 34.87 17.54
N GLY C 368 41.36 34.80 16.74
CA GLY C 368 41.42 33.87 15.63
C GLY C 368 42.33 34.28 14.47
N ILE C 369 42.98 33.29 13.87
CA ILE C 369 43.87 33.53 12.75
C ILE C 369 43.12 34.25 11.61
N GLU C 370 43.86 34.90 10.73
CA GLU C 370 43.29 35.64 9.60
C GLU C 370 43.92 35.27 8.28
N ALA C 371 45.25 35.18 8.27
CA ALA C 371 45.98 34.87 7.07
C ALA C 371 47.19 34.03 7.40
N LEU C 372 47.98 33.68 6.39
CA LEU C 372 49.18 32.87 6.59
C LEU C 372 50.05 32.75 5.35
N THR C 373 51.31 33.16 5.49
CA THR C 373 52.27 33.05 4.40
C THR C 373 53.38 32.14 4.89
N SER C 374 54.50 32.13 4.17
CA SER C 374 55.64 31.30 4.54
C SER C 374 56.52 31.98 5.59
N ASP C 375 56.41 33.30 5.70
CA ASP C 375 57.19 34.07 6.67
C ASP C 375 56.36 34.49 7.87
N TYR C 376 55.15 34.94 7.60
CA TYR C 376 54.25 35.45 8.65
C TYR C 376 52.99 34.61 8.93
N LEU C 377 52.16 35.15 9.83
CA LEU C 377 50.88 34.56 10.25
C LEU C 377 50.19 35.68 10.99
N TYR C 378 49.28 36.37 10.33
CA TYR C 378 48.59 37.47 10.95
C TYR C 378 47.46 36.91 11.83
N TYR C 379 46.91 37.75 12.68
CA TYR C 379 45.83 37.33 13.58
C TYR C 379 45.22 38.47 14.36
N ILE C 380 44.23 38.13 15.18
CA ILE C 380 43.53 39.11 15.99
C ILE C 380 43.59 38.71 17.46
N SER C 381 43.74 39.72 18.31
CA SER C 381 43.81 39.50 19.74
C SER C 381 43.30 40.77 20.38
N ASN C 382 42.94 40.66 21.66
CA ASN C 382 42.43 41.79 22.42
C ASN C 382 43.52 42.36 23.33
N GLU C 383 44.73 41.85 23.16
CA GLU C 383 45.89 42.22 23.96
C GLU C 383 46.12 43.71 24.24
N HIS C 384 46.13 44.55 23.20
CA HIS C 384 46.34 46.00 23.36
C HIS C 384 45.70 46.48 24.68
N LYS C 385 46.35 47.43 25.35
CA LYS C 385 45.87 48.00 26.62
C LYS C 385 45.24 46.99 27.57
N GLY C 386 45.57 45.72 27.40
CA GLY C 386 45.00 44.70 28.25
C GLY C 386 43.48 44.58 28.31
N MET C 387 42.77 45.33 27.46
CA MET C 387 41.29 45.26 27.44
C MET C 387 40.76 44.07 26.64
N PRO C 388 40.14 43.09 27.31
CA PRO C 388 39.62 41.94 26.56
C PRO C 388 38.54 42.38 25.54
N GLY C 389 38.04 43.59 25.71
CA GLY C 389 37.01 44.11 24.82
C GLY C 389 37.54 44.99 23.69
N GLY C 390 38.79 44.77 23.30
CA GLY C 390 39.37 45.55 22.22
C GLY C 390 39.88 44.55 21.19
N ARG C 391 40.02 44.97 19.93
CA ARG C 391 40.48 44.04 18.91
C ARG C 391 41.60 44.59 18.01
N ASN C 392 42.68 43.83 17.87
CA ASN C 392 43.77 44.29 17.00
C ASN C 392 44.50 43.25 16.16
N LEU C 393 45.04 43.72 15.05
CA LEU C 393 45.77 42.91 14.07
C LEU C 393 47.26 42.73 14.44
N TYR C 394 47.69 41.49 14.54
CA TYR C 394 49.07 41.18 14.92
C TYR C 394 49.83 40.30 13.91
N ARG C 395 50.90 40.80 13.31
CA ARG C 395 51.67 39.96 12.39
C ARG C 395 52.86 39.33 13.08
N ILE C 396 52.80 38.02 13.29
CA ILE C 396 53.89 37.29 13.92
C ILE C 396 54.77 36.67 12.84
N GLN C 397 56.00 36.30 13.20
CA GLN C 397 56.97 35.70 12.27
C GLN C 397 57.13 34.19 12.55
N LEU C 398 57.07 33.37 11.51
CA LEU C 398 57.16 31.92 11.67
C LEU C 398 58.51 31.36 12.10
N ASN C 399 59.58 32.07 11.76
CA ASN C 399 60.93 31.65 12.13
C ASN C 399 61.29 32.18 13.53
N ASP C 400 60.93 33.43 13.77
CA ASP C 400 61.18 34.10 15.03
C ASP C 400 59.88 34.66 15.59
N TYR C 401 59.31 33.96 16.58
CA TYR C 401 58.05 34.39 17.18
C TYR C 401 58.27 35.72 17.90
N THR C 402 59.54 35.97 18.21
CA THR C 402 59.96 37.19 18.87
C THR C 402 59.48 38.41 18.10
N LYS C 403 59.77 38.43 16.80
CA LYS C 403 59.35 39.55 15.96
C LYS C 403 57.84 39.54 15.80
N VAL C 404 57.15 40.30 16.66
CA VAL C 404 55.69 40.38 16.63
C VAL C 404 55.19 41.83 16.63
N THR C 405 54.66 42.25 15.49
CA THR C 405 54.14 43.60 15.31
C THR C 405 52.63 43.63 15.53
N CYS C 406 52.10 44.83 15.74
CA CYS C 406 50.66 45.01 15.88
C CYS C 406 50.33 46.08 14.85
N LEU C 407 49.89 45.62 13.69
CA LEU C 407 49.58 46.50 12.56
C LEU C 407 48.44 47.49 12.75
N SER C 408 47.73 47.42 13.87
CA SER C 408 46.63 48.35 14.07
C SER C 408 46.55 49.07 15.42
N CYS C 409 47.24 48.54 16.42
CA CYS C 409 47.21 49.14 17.77
C CYS C 409 47.42 50.63 17.80
N GLU C 410 48.14 51.16 16.81
CA GLU C 410 48.45 52.58 16.78
C GLU C 410 48.18 53.35 15.49
N LEU C 411 47.08 53.05 14.82
CA LEU C 411 46.73 53.78 13.60
C LEU C 411 45.83 54.91 14.09
N ASN C 412 45.02 54.59 15.08
CA ASN C 412 44.11 55.51 15.75
C ASN C 412 43.81 54.87 17.10
N PRO C 413 44.67 55.10 18.11
CA PRO C 413 44.47 54.51 19.44
C PRO C 413 43.39 55.14 20.31
N GLU C 414 42.65 56.10 19.76
CA GLU C 414 41.57 56.75 20.51
C GLU C 414 40.18 56.42 19.94
N ARG C 415 40.08 56.44 18.62
CA ARG C 415 38.85 56.15 17.91
C ARG C 415 38.77 54.71 17.39
N CYS C 416 39.90 53.99 17.39
CA CYS C 416 39.92 52.63 16.89
C CYS C 416 40.59 51.57 17.76
N GLN C 417 39.79 50.84 18.51
CA GLN C 417 40.33 49.80 19.38
C GLN C 417 39.70 48.44 19.08
N TYR C 418 38.82 48.41 18.07
CA TYR C 418 38.16 47.19 17.67
C TYR C 418 38.36 47.00 16.18
N TYR C 419 39.04 45.92 15.82
CA TYR C 419 39.34 45.66 14.42
C TYR C 419 39.04 44.26 13.89
N SER C 420 39.00 44.16 12.56
CA SER C 420 38.79 42.92 11.83
C SER C 420 39.49 43.19 10.49
N ALA C 421 40.18 42.19 9.95
CA ALA C 421 40.90 42.36 8.70
C ALA C 421 40.42 41.48 7.53
N SER C 422 40.51 42.03 6.33
CA SER C 422 40.11 41.35 5.11
C SER C 422 41.31 41.22 4.18
N PHE C 423 42.06 40.14 4.30
CA PHE C 423 43.22 39.96 3.44
C PHE C 423 42.85 39.61 2.00
N SER C 424 43.77 39.89 1.08
CA SER C 424 43.56 39.61 -0.34
C SER C 424 44.19 38.23 -0.54
N ASN C 425 44.22 37.74 -1.77
CA ASN C 425 44.82 36.44 -2.01
C ASN C 425 46.30 36.52 -1.71
N LYS C 426 46.86 35.42 -1.20
CA LYS C 426 48.27 35.36 -0.83
C LYS C 426 48.55 36.26 0.38
N ALA C 427 47.55 37.08 0.73
CA ALA C 427 47.66 38.00 1.86
C ALA C 427 48.63 39.13 1.57
N LYS C 428 48.55 39.68 0.36
CA LYS C 428 49.44 40.74 -0.06
C LYS C 428 48.89 42.12 0.27
N TYR C 429 47.58 42.19 0.47
CA TYR C 429 46.93 43.44 0.81
C TYR C 429 45.86 43.07 1.79
N TYR C 430 45.27 44.04 2.46
CA TYR C 430 44.25 43.74 3.44
C TYR C 430 43.48 44.97 3.86
N GLN C 431 42.17 44.81 4.00
CA GLN C 431 41.32 45.91 4.43
C GLN C 431 41.24 45.82 5.96
N LEU C 432 41.19 46.97 6.61
CA LEU C 432 41.11 47.03 8.08
C LEU C 432 39.78 47.66 8.40
N ARG C 433 39.07 47.07 9.36
CA ARG C 433 37.77 47.61 9.75
C ARG C 433 37.72 47.97 11.21
N CYS C 434 37.49 49.26 11.46
CA CYS C 434 37.42 49.84 12.81
C CYS C 434 35.95 50.06 13.17
N PHE C 435 35.50 49.47 14.27
CA PHE C 435 34.10 49.63 14.68
C PHE C 435 33.86 50.54 15.88
N GLY C 436 34.93 50.91 16.57
CA GLY C 436 34.81 51.78 17.74
C GLY C 436 36.09 51.94 18.53
N PRO C 437 36.04 52.67 19.65
CA PRO C 437 34.84 53.36 20.18
C PRO C 437 34.38 54.57 19.39
N GLY C 438 35.16 54.98 18.41
CA GLY C 438 34.77 56.13 17.61
C GLY C 438 34.09 55.60 16.36
N LEU C 439 33.47 56.48 15.56
CA LEU C 439 32.82 56.05 14.33
C LEU C 439 33.71 55.02 13.65
N PRO C 440 33.12 54.12 12.84
CA PRO C 440 33.90 53.11 12.14
C PRO C 440 34.76 53.66 11.00
N LEU C 441 35.91 53.04 10.79
CA LEU C 441 36.83 53.46 9.75
C LEU C 441 37.35 52.27 8.95
N TYR C 442 37.15 52.30 7.64
CA TYR C 442 37.62 51.21 6.80
C TYR C 442 38.80 51.72 5.99
N THR C 443 39.88 50.94 5.98
CA THR C 443 41.10 51.32 5.28
C THR C 443 41.79 50.19 4.53
N LEU C 444 42.58 50.57 3.54
CA LEU C 444 43.33 49.63 2.72
C LEU C 444 44.82 49.72 3.09
N HIS C 445 45.52 48.60 3.06
CA HIS C 445 46.94 48.54 3.43
C HIS C 445 47.76 47.67 2.50
N SER C 446 49.02 47.44 2.86
CA SER C 446 49.93 46.63 2.09
C SER C 446 50.74 45.75 3.03
N SER C 447 50.86 44.46 2.72
CA SER C 447 51.61 43.55 3.58
C SER C 447 53.10 43.81 3.52
N SER C 448 53.56 44.39 2.42
CA SER C 448 54.97 44.71 2.23
C SER C 448 55.31 46.01 2.96
N SER C 449 54.84 47.14 2.41
CA SER C 449 55.10 48.47 2.98
C SER C 449 54.21 48.87 4.17
N ASP C 450 53.29 47.98 4.56
CA ASP C 450 52.36 48.22 5.67
C ASP C 450 51.63 49.56 5.59
N LYS C 451 52.03 50.38 4.62
CA LYS C 451 51.43 51.70 4.42
C LYS C 451 49.92 51.64 4.32
N GLU C 452 49.29 52.80 4.43
CA GLU C 452 47.86 52.90 4.34
C GLU C 452 47.54 53.54 2.98
N LEU C 453 47.81 52.77 1.93
CA LEU C 453 47.57 53.16 0.56
C LEU C 453 46.51 54.26 0.42
N ARG C 454 45.37 54.06 1.09
CA ARG C 454 44.25 55.00 1.01
C ARG C 454 43.15 54.73 2.05
N VAL C 455 42.10 55.54 1.99
CA VAL C 455 40.94 55.39 2.88
C VAL C 455 39.75 55.02 2.02
N LEU C 456 39.01 53.99 2.44
CA LEU C 456 37.85 53.54 1.70
C LEU C 456 36.58 54.19 2.24
N GLU C 457 36.55 54.43 3.55
CA GLU C 457 35.40 55.04 4.20
C GLU C 457 35.80 55.53 5.57
N ASP C 458 35.41 56.76 5.89
CA ASP C 458 35.74 57.40 7.16
C ASP C 458 34.52 57.89 7.92
N ASN C 459 33.36 57.86 7.27
CA ASN C 459 32.11 58.31 7.89
C ASN C 459 32.05 59.78 8.20
N SER C 460 32.80 60.59 7.45
CA SER C 460 32.81 62.04 7.65
C SER C 460 31.36 62.54 7.69
N ALA C 461 30.49 61.83 6.98
CA ALA C 461 29.07 62.15 6.89
C ALA C 461 28.35 62.22 8.23
N LEU C 462 28.30 61.08 8.91
CA LEU C 462 27.62 60.98 10.21
C LEU C 462 28.15 61.97 11.26
N ASP C 463 29.46 62.21 11.25
CA ASP C 463 30.06 63.12 12.21
C ASP C 463 29.46 64.52 12.16
N LYS C 464 29.47 65.16 10.99
CA LYS C 464 28.91 66.51 10.88
C LYS C 464 27.48 66.49 11.36
N MET C 465 26.86 65.32 11.23
CA MET C 465 25.48 65.10 11.60
C MET C 465 25.29 64.82 13.09
N LEU C 466 26.25 64.15 13.71
CA LEU C 466 26.15 63.83 15.13
C LEU C 466 26.59 64.93 16.11
N GLN C 467 27.44 65.83 15.66
CA GLN C 467 27.90 66.92 16.53
C GLN C 467 26.72 67.86 16.77
N ASP C 468 25.74 67.75 15.89
CA ASP C 468 24.53 68.54 15.94
C ASP C 468 23.55 68.00 17.01
N VAL C 469 23.96 66.95 17.73
CA VAL C 469 23.09 66.37 18.76
C VAL C 469 23.81 66.01 20.04
N GLN C 470 23.06 65.90 21.12
CA GLN C 470 23.58 65.55 22.45
C GLN C 470 23.74 64.04 22.65
N MET C 471 24.87 63.52 22.22
CA MET C 471 25.16 62.10 22.37
C MET C 471 25.60 61.75 23.79
N PRO C 472 25.44 60.48 24.19
CA PRO C 472 25.86 60.07 25.53
C PRO C 472 27.34 59.65 25.48
N SER C 473 27.84 59.10 26.57
CA SER C 473 29.24 58.65 26.61
C SER C 473 29.34 57.22 27.13
N LYS C 474 30.30 56.48 26.59
CA LYS C 474 30.49 55.09 26.99
C LYS C 474 31.79 54.87 27.73
N LYS C 475 31.69 54.66 29.03
CA LYS C 475 32.87 54.44 29.85
C LYS C 475 33.00 52.98 30.25
N LEU C 476 34.18 52.43 29.97
CA LEU C 476 34.48 51.06 30.35
C LEU C 476 35.41 51.20 31.55
N ASP C 477 35.33 50.23 32.45
CA ASP C 477 36.13 50.24 33.65
C ASP C 477 36.03 48.86 34.25
N VAL C 478 36.24 48.71 35.54
CA VAL C 478 36.18 47.39 36.17
C VAL C 478 35.70 47.43 37.60
N ILE C 479 35.57 46.25 38.20
CA ILE C 479 35.16 46.11 39.59
C ILE C 479 35.56 44.70 39.97
N ASN C 480 35.61 44.41 41.26
CA ASN C 480 36.03 43.10 41.74
C ASN C 480 34.90 42.27 42.35
N LEU C 481 34.92 40.99 42.00
CA LEU C 481 33.97 40.02 42.51
C LEU C 481 34.84 38.77 42.62
N HIS C 482 35.00 38.25 43.83
CA HIS C 482 35.84 37.05 44.07
C HIS C 482 37.33 37.30 43.77
N GLY C 483 37.77 38.53 44.00
CA GLY C 483 39.17 38.86 43.78
C GLY C 483 39.58 38.95 42.32
N THR C 484 38.60 38.86 41.43
CA THR C 484 38.85 38.92 40.00
C THR C 484 38.29 40.21 39.46
N LYS C 485 38.93 40.78 38.44
CA LYS C 485 38.47 42.01 37.85
C LYS C 485 37.72 41.73 36.58
N PHE C 486 36.40 41.91 36.65
CA PHE C 486 35.54 41.69 35.51
C PHE C 486 35.22 43.05 34.96
N TRP C 487 35.13 43.16 33.65
CA TRP C 487 34.83 44.45 33.04
C TRP C 487 33.35 44.80 33.01
N TYR C 488 33.08 46.08 32.75
CA TYR C 488 31.72 46.55 32.70
C TYR C 488 31.70 47.84 31.90
N GLN C 489 30.52 48.30 31.52
CA GLN C 489 30.44 49.55 30.77
C GLN C 489 29.14 50.25 31.11
N MET C 490 29.07 51.53 30.76
CA MET C 490 27.87 52.33 31.00
C MET C 490 27.69 53.38 29.91
N ILE C 491 26.46 53.57 29.48
CA ILE C 491 26.16 54.61 28.51
C ILE C 491 25.67 55.69 29.46
N LEU C 492 26.32 56.84 29.43
CA LEU C 492 25.95 57.91 30.32
C LEU C 492 25.24 59.03 29.57
N PRO C 493 24.18 59.59 30.18
CA PRO C 493 23.44 60.67 29.53
C PRO C 493 24.37 61.81 29.18
N PRO C 494 23.92 62.74 28.33
CA PRO C 494 24.77 63.87 27.94
C PRO C 494 24.96 64.80 29.15
N HIS C 495 26.07 65.52 29.17
CA HIS C 495 26.36 66.44 30.27
C HIS C 495 26.08 65.71 31.58
N PHE C 496 26.50 64.45 31.64
CA PHE C 496 26.31 63.59 32.81
C PHE C 496 26.45 64.41 34.11
N ASP C 497 25.31 64.78 34.70
CA ASP C 497 25.27 65.59 35.90
C ASP C 497 26.46 65.52 36.86
N LYS C 498 26.55 64.47 37.67
CA LYS C 498 27.68 64.36 38.60
C LYS C 498 27.45 63.28 39.65
N SER C 499 26.66 63.66 40.65
CA SER C 499 26.27 62.78 41.73
C SER C 499 24.76 62.81 41.73
N LYS C 500 24.19 63.56 40.78
CA LYS C 500 22.74 63.61 40.62
C LYS C 500 22.37 62.17 40.37
N LYS C 501 21.42 61.64 41.13
CA LYS C 501 21.05 60.25 40.95
C LYS C 501 20.16 59.98 39.74
N TYR C 502 20.62 59.04 38.91
CA TYR C 502 19.89 58.65 37.72
C TYR C 502 19.36 57.23 37.91
N PRO C 503 18.32 56.85 37.16
CA PRO C 503 17.77 55.50 37.28
C PRO C 503 18.68 54.64 36.43
N LEU C 504 18.90 53.40 36.85
CA LEU C 504 19.82 52.51 36.14
C LEU C 504 19.12 51.47 35.28
N LEU C 505 19.69 51.21 34.11
CA LEU C 505 19.13 50.16 33.26
C LEU C 505 20.18 49.12 32.92
N ILE C 506 20.05 47.94 33.53
CA ILE C 506 20.97 46.85 33.29
C ILE C 506 20.57 46.08 32.03
N GLU C 507 21.44 46.12 31.02
CA GLU C 507 21.23 45.43 29.75
C GLU C 507 22.13 44.20 29.81
N VAL C 508 21.51 43.02 29.77
CA VAL C 508 22.28 41.79 29.90
C VAL C 508 22.18 40.73 28.83
N TYR C 509 23.30 40.06 28.60
CA TYR C 509 23.33 38.92 27.71
C TYR C 509 23.80 37.87 28.71
N ALA C 510 25.10 37.88 28.98
CA ALA C 510 25.76 36.99 29.95
C ALA C 510 25.73 35.52 29.70
N GLY C 511 25.67 35.13 28.43
CA GLY C 511 25.65 33.72 28.12
C GLY C 511 27.07 33.24 28.00
N PRO C 512 27.29 31.92 28.06
CA PRO C 512 28.66 31.44 27.94
C PRO C 512 29.44 32.00 26.74
N CYS C 513 30.65 32.49 27.04
CA CYS C 513 31.59 33.08 26.09
C CYS C 513 31.09 34.35 25.45
N SER C 514 30.17 35.01 26.13
CA SER C 514 29.58 36.25 25.61
C SER C 514 30.43 37.48 25.97
N GLN C 515 30.10 38.60 25.34
CA GLN C 515 30.80 39.84 25.58
C GLN C 515 29.93 41.08 25.34
N LYS C 516 29.28 41.55 26.39
CA LYS C 516 28.44 42.73 26.31
C LYS C 516 29.31 43.98 26.30
N VAL C 517 30.38 43.93 27.07
CA VAL C 517 31.30 45.05 27.21
C VAL C 517 32.34 45.13 26.12
N ASP C 518 32.32 46.22 25.35
CA ASP C 518 33.31 46.39 24.30
C ASP C 518 33.38 47.81 23.73
N THR C 519 34.40 48.07 22.93
CA THR C 519 34.57 49.39 22.35
C THR C 519 33.82 49.63 21.07
N VAL C 520 33.06 48.64 20.63
CA VAL C 520 32.27 48.77 19.42
C VAL C 520 31.35 49.98 19.55
N PHE C 521 31.24 50.76 18.48
CA PHE C 521 30.38 51.94 18.47
C PHE C 521 28.99 51.52 17.96
N ARG C 522 27.92 52.04 18.57
CA ARG C 522 26.56 51.64 18.17
C ARG C 522 25.44 52.61 18.50
N LEU C 523 24.61 52.93 17.51
CA LEU C 523 23.45 53.78 17.74
C LEU C 523 22.36 52.78 18.10
N SER C 524 22.10 52.65 19.39
CA SER C 524 21.13 51.67 19.87
C SER C 524 20.01 52.23 20.73
N TRP C 525 19.14 51.33 21.20
CA TRP C 525 18.02 51.74 22.04
C TRP C 525 18.54 52.46 23.29
N ALA C 526 19.65 51.96 23.84
CA ALA C 526 20.25 52.56 25.03
C ALA C 526 20.71 53.99 24.72
N THR C 527 21.14 54.21 23.47
CA THR C 527 21.58 55.51 23.00
C THR C 527 20.45 56.52 23.14
N TYR C 528 19.22 56.05 23.07
CA TYR C 528 18.04 56.90 23.20
C TYR C 528 17.65 57.04 24.67
N LEU C 529 17.68 55.93 25.40
CA LEU C 529 17.32 56.01 26.81
C LEU C 529 18.23 57.04 27.49
N ALA C 530 19.54 56.82 27.43
CA ALA C 530 20.46 57.77 28.03
C ALA C 530 20.20 59.17 27.42
N SER C 531 20.62 59.36 26.16
CA SER C 531 20.44 60.62 25.47
C SER C 531 19.13 61.38 25.65
N THR C 532 18.00 60.71 25.45
CA THR C 532 16.72 61.40 25.57
C THR C 532 16.00 61.22 26.89
N GLU C 533 16.17 60.06 27.53
CA GLU C 533 15.48 59.82 28.79
C GLU C 533 16.36 59.97 30.03
N ASN C 534 17.65 60.21 29.83
CA ASN C 534 18.60 60.38 30.92
C ASN C 534 18.57 59.18 31.86
N ILE C 535 18.83 58.03 31.25
CA ILE C 535 18.87 56.74 31.94
C ILE C 535 20.26 56.17 31.68
N ILE C 536 20.89 55.63 32.72
CA ILE C 536 22.20 55.04 32.54
C ILE C 536 21.95 53.58 32.20
N VAL C 537 22.48 53.18 31.05
CA VAL C 537 22.35 51.81 30.61
C VAL C 537 23.70 51.15 30.85
N ALA C 538 23.73 50.17 31.75
CA ALA C 538 24.97 49.46 32.07
C ALA C 538 24.96 47.99 31.62
N SER C 539 26.15 47.39 31.55
CA SER C 539 26.32 45.98 31.16
C SER C 539 27.43 45.39 32.03
N PHE C 540 27.73 44.11 31.90
CA PHE C 540 28.76 43.54 32.73
C PHE C 540 29.04 42.10 32.31
N ASP C 541 30.30 41.79 32.00
CA ASP C 541 30.65 40.43 31.59
C ASP C 541 31.32 39.72 32.75
N GLY C 542 30.56 38.88 33.43
CA GLY C 542 31.12 38.17 34.58
C GLY C 542 31.54 36.74 34.31
N ARG C 543 31.26 35.86 35.27
CA ARG C 543 31.62 34.46 35.13
C ARG C 543 30.82 33.81 34.03
N GLY C 544 31.54 33.09 33.17
CA GLY C 544 30.92 32.45 32.05
C GLY C 544 31.24 33.27 30.80
N SER C 545 31.40 34.59 30.96
CA SER C 545 31.71 35.41 29.78
C SER C 545 33.04 34.92 29.19
N GLY C 546 33.35 35.35 27.98
CA GLY C 546 34.57 34.87 27.36
C GLY C 546 35.63 35.85 26.90
N TYR C 547 36.70 35.28 26.35
CA TYR C 547 37.85 36.04 25.84
C TYR C 547 38.77 36.49 26.98
N GLN C 548 38.62 35.84 28.13
CA GLN C 548 39.40 36.12 29.33
C GLN C 548 39.95 34.83 29.93
N GLY C 549 40.04 33.77 29.12
CA GLY C 549 40.56 32.50 29.60
C GLY C 549 39.54 31.51 30.13
N ASP C 550 39.82 30.21 29.95
CA ASP C 550 38.91 29.15 30.40
C ASP C 550 38.65 29.22 31.89
N LYS C 551 39.42 30.07 32.57
CA LYS C 551 39.24 30.22 34.01
C LYS C 551 37.86 30.78 34.23
N ILE C 552 37.64 31.96 33.66
CA ILE C 552 36.38 32.68 33.76
C ILE C 552 35.28 31.98 32.98
N MET C 553 35.55 31.75 31.70
CA MET C 553 34.57 31.11 30.84
C MET C 553 33.90 29.85 31.37
N HIS C 554 34.66 28.84 31.78
CA HIS C 554 34.05 27.60 32.28
C HIS C 554 33.46 27.65 33.68
N ALA C 555 33.39 28.83 34.28
CA ALA C 555 32.84 28.95 35.62
C ALA C 555 31.41 28.35 35.73
N ILE C 556 30.56 28.64 34.74
CA ILE C 556 29.19 28.14 34.71
C ILE C 556 29.04 26.80 34.01
N ASN C 557 30.14 26.08 33.81
CA ASN C 557 30.05 24.78 33.15
C ASN C 557 29.22 23.79 33.96
N ARG C 558 28.11 23.35 33.38
CA ARG C 558 27.19 22.40 33.99
C ARG C 558 26.33 22.96 35.10
N ARG C 559 26.19 24.28 35.12
CA ARG C 559 25.35 24.93 36.10
C ARG C 559 24.94 26.34 35.62
N LEU C 560 24.46 26.42 34.37
CA LEU C 560 24.00 27.68 33.78
C LEU C 560 22.89 28.26 34.65
N GLY C 561 22.78 29.58 34.66
CA GLY C 561 21.76 30.21 35.46
C GLY C 561 22.19 30.52 36.89
N THR C 562 23.40 30.13 37.27
CA THR C 562 23.85 30.39 38.63
C THR C 562 24.77 31.59 38.78
N PHE C 563 26.06 31.39 38.56
CA PHE C 563 27.02 32.47 38.70
C PHE C 563 26.81 33.69 37.83
N GLU C 564 26.67 33.51 36.51
CA GLU C 564 26.54 34.66 35.62
C GLU C 564 25.37 35.52 36.03
N VAL C 565 24.36 34.87 36.62
CA VAL C 565 23.16 35.55 37.11
C VAL C 565 23.55 36.29 38.39
N GLU C 566 24.09 35.52 39.33
CA GLU C 566 24.52 36.06 40.61
C GLU C 566 25.47 37.22 40.37
N ASP C 567 26.46 37.03 39.52
CA ASP C 567 27.41 38.11 39.22
C ASP C 567 26.73 39.33 38.59
N GLN C 568 25.56 39.14 37.99
CA GLN C 568 24.86 40.29 37.43
C GLN C 568 24.35 41.14 38.61
N ILE C 569 23.75 40.47 39.59
CA ILE C 569 23.21 41.11 40.80
C ILE C 569 24.25 41.86 41.66
N GLU C 570 25.40 41.23 41.86
CA GLU C 570 26.48 41.82 42.63
C GLU C 570 27.04 43.04 41.88
N ALA C 571 27.40 42.85 40.61
CA ALA C 571 27.92 43.95 39.83
C ALA C 571 26.94 45.12 39.82
N THR C 572 25.65 44.82 39.98
CA THR C 572 24.64 45.87 39.98
C THR C 572 24.67 46.54 41.34
N ARG C 573 24.87 45.72 42.36
CA ARG C 573 24.93 46.19 43.73
C ARG C 573 25.96 47.31 43.87
N GLN C 574 27.17 47.07 43.38
CA GLN C 574 28.22 48.07 43.43
C GLN C 574 27.86 49.27 42.57
N PHE C 575 27.23 49.02 41.43
CA PHE C 575 26.87 50.14 40.57
C PHE C 575 26.03 51.12 41.37
N SER C 576 25.24 50.59 42.31
CA SER C 576 24.40 51.44 43.14
C SER C 576 25.13 52.00 44.35
N LYS C 577 26.32 51.48 44.65
CA LYS C 577 27.07 51.98 45.80
C LYS C 577 27.64 53.31 45.34
N MET C 578 27.86 53.41 44.03
CA MET C 578 28.36 54.64 43.45
C MET C 578 27.21 55.61 43.67
N GLY C 579 27.51 56.86 44.01
CA GLY C 579 26.45 57.80 44.30
C GLY C 579 25.76 58.55 43.20
N PHE C 580 25.73 58.01 41.99
CA PHE C 580 25.07 58.69 40.88
C PHE C 580 23.95 57.82 40.34
N VAL C 581 23.54 56.85 41.14
CA VAL C 581 22.49 55.93 40.75
C VAL C 581 21.30 55.90 41.69
N ASP C 582 20.14 56.31 41.18
CA ASP C 582 18.96 56.26 42.01
C ASP C 582 18.76 54.76 42.20
N ASP C 583 18.91 54.28 43.42
CA ASP C 583 18.73 52.85 43.67
C ASP C 583 17.27 52.44 43.64
N LYS C 584 16.37 53.42 43.63
CA LYS C 584 14.94 53.12 43.62
C LYS C 584 14.40 52.97 42.19
N ARG C 585 15.28 53.11 41.21
CA ARG C 585 14.88 52.99 39.82
C ARG C 585 15.92 52.23 39.00
N ILE C 586 16.02 50.95 39.31
CA ILE C 586 16.94 50.08 38.61
C ILE C 586 16.18 48.95 37.92
N ALA C 587 16.38 48.83 36.62
CA ALA C 587 15.73 47.78 35.88
C ALA C 587 16.77 46.90 35.19
N ILE C 588 16.27 45.86 34.53
CA ILE C 588 17.14 44.97 33.79
C ILE C 588 16.36 44.32 32.65
N TRP C 589 16.96 44.29 31.47
CA TRP C 589 16.31 43.67 30.34
C TRP C 589 17.28 42.81 29.59
N GLY C 590 16.74 41.87 28.84
CA GLY C 590 17.58 40.98 28.05
C GLY C 590 16.82 40.31 26.92
N TRP C 591 17.56 39.74 25.98
CA TRP C 591 16.97 39.08 24.85
C TRP C 591 17.62 37.70 24.74
N SER C 592 16.86 36.69 24.31
CA SER C 592 17.41 35.35 24.19
C SER C 592 17.98 34.91 25.57
N TYR C 593 19.25 34.51 25.61
CA TYR C 593 19.90 34.10 26.85
C TYR C 593 19.75 35.23 27.89
N GLY C 594 19.87 36.47 27.42
CA GLY C 594 19.75 37.64 28.30
C GLY C 594 18.36 37.85 28.87
N GLY C 595 17.37 37.25 28.24
CA GLY C 595 16.02 37.36 28.74
C GLY C 595 15.97 36.29 29.82
N TYR C 596 16.75 35.23 29.61
CA TYR C 596 16.82 34.15 30.56
C TYR C 596 17.44 34.70 31.85
N VAL C 597 18.62 35.30 31.70
CA VAL C 597 19.34 35.90 32.81
C VAL C 597 18.44 36.95 33.46
N THR C 598 17.88 37.86 32.67
CA THR C 598 16.99 38.90 33.19
C THR C 598 15.87 38.31 34.06
N SER C 599 15.35 37.17 33.61
CA SER C 599 14.26 36.49 34.30
C SER C 599 14.74 35.82 35.58
N MET C 600 15.87 35.16 35.50
CA MET C 600 16.44 34.50 36.66
C MET C 600 16.76 35.57 37.71
N VAL C 601 17.31 36.70 37.26
CA VAL C 601 17.68 37.80 38.14
C VAL C 601 16.45 38.35 38.80
N LEU C 602 15.42 38.70 38.02
CA LEU C 602 14.20 39.23 38.63
C LEU C 602 13.60 38.25 39.63
N GLY C 603 13.62 36.97 39.32
CA GLY C 603 13.04 36.00 40.25
C GLY C 603 13.94 35.62 41.40
N ALA C 604 15.08 36.27 41.55
CA ALA C 604 16.00 35.92 42.64
C ALA C 604 15.59 36.43 44.03
N GLY C 605 15.02 37.64 44.09
CA GLY C 605 14.61 38.20 45.37
C GLY C 605 15.63 39.21 45.88
N SER C 606 16.49 39.64 44.98
CA SER C 606 17.55 40.58 45.31
C SER C 606 17.04 41.90 45.86
N GLY C 607 15.81 42.27 45.53
CA GLY C 607 15.28 43.55 45.99
C GLY C 607 15.97 44.69 45.26
N VAL C 608 17.01 44.35 44.50
CA VAL C 608 17.76 45.36 43.78
C VAL C 608 16.99 45.92 42.60
N PHE C 609 16.25 45.05 41.90
CA PHE C 609 15.51 45.46 40.73
C PHE C 609 14.03 45.70 40.96
N LYS C 610 13.54 46.78 40.35
CA LYS C 610 12.15 47.19 40.46
C LYS C 610 11.26 46.54 39.40
N CYS C 611 11.77 46.50 38.17
CA CYS C 611 11.03 45.93 37.07
C CYS C 611 12.05 45.36 36.08
N GLY C 612 11.56 44.64 35.08
CA GLY C 612 12.44 44.04 34.09
C GLY C 612 11.73 43.51 32.84
N ILE C 613 12.48 43.45 31.73
CA ILE C 613 11.97 42.99 30.44
C ILE C 613 12.77 41.79 29.95
N ALA C 614 12.07 40.77 29.45
CA ALA C 614 12.73 39.57 28.93
C ALA C 614 12.15 39.32 27.54
N VAL C 615 13.02 39.17 26.55
CA VAL C 615 12.57 38.96 25.19
C VAL C 615 13.02 37.64 24.63
N ALA C 616 12.05 36.81 24.22
CA ALA C 616 12.33 35.49 23.67
C ALA C 616 13.35 34.79 24.56
N PRO C 617 13.04 34.66 25.85
CA PRO C 617 13.97 34.02 26.79
C PRO C 617 13.78 32.54 26.90
N VAL C 618 14.88 31.83 27.15
CA VAL C 618 14.79 30.42 27.41
C VAL C 618 14.17 30.44 28.81
N SER C 619 13.47 29.40 29.21
CA SER C 619 12.90 29.43 30.54
C SER C 619 13.18 28.12 31.23
N LYS C 620 13.58 27.15 30.44
CA LYS C 620 13.85 25.83 30.97
C LYS C 620 14.67 25.15 29.89
N TRP C 621 15.91 24.78 30.23
CA TRP C 621 16.82 24.17 29.25
C TRP C 621 16.36 22.91 28.53
N GLU C 622 15.56 22.08 29.19
CA GLU C 622 15.05 20.89 28.55
C GLU C 622 14.42 21.26 27.20
N TYR C 623 14.01 22.52 27.08
CA TYR C 623 13.36 23.04 25.87
C TYR C 623 14.28 23.56 24.80
N TYR C 624 15.55 23.80 25.11
CA TYR C 624 16.41 24.35 24.09
C TYR C 624 17.02 23.24 23.24
N ASP C 625 17.74 23.58 22.16
CA ASP C 625 18.31 22.51 21.34
C ASP C 625 19.47 21.84 22.04
N SER C 626 19.76 20.60 21.65
CA SER C 626 20.80 19.83 22.28
C SER C 626 22.26 20.24 22.02
N VAL C 627 22.63 20.51 20.76
CA VAL C 627 24.01 20.87 20.51
C VAL C 627 24.47 21.96 21.48
N TYR C 628 23.62 22.96 21.72
CA TYR C 628 23.94 24.05 22.62
C TYR C 628 23.77 23.61 24.10
N THR C 629 22.54 23.36 24.51
CA THR C 629 22.29 23.00 25.90
C THR C 629 23.28 21.99 26.47
N GLU C 630 23.31 20.78 25.92
CA GLU C 630 24.19 19.70 26.38
C GLU C 630 25.67 20.09 26.45
N ARG C 631 26.11 20.95 25.54
CA ARG C 631 27.50 21.39 25.52
C ARG C 631 27.93 22.01 26.85
N TYR C 632 26.97 22.62 27.56
CA TYR C 632 27.26 23.28 28.82
C TYR C 632 26.63 22.56 30.02
N MET C 633 25.54 21.85 29.78
CA MET C 633 24.80 21.17 30.83
C MET C 633 24.90 19.65 30.80
N GLY C 634 25.54 19.13 29.76
CA GLY C 634 25.69 17.69 29.63
C GLY C 634 24.32 17.15 29.28
N LEU C 635 24.04 15.91 29.68
CA LEU C 635 22.74 15.32 29.40
C LEU C 635 21.84 15.61 30.57
N PRO C 636 20.51 15.63 30.36
CA PRO C 636 19.56 15.89 31.43
C PRO C 636 18.91 14.64 32.05
N THR C 637 19.74 13.66 32.39
CA THR C 637 19.27 12.41 32.99
C THR C 637 19.68 12.36 34.45
N PRO C 638 18.95 11.58 35.30
CA PRO C 638 19.29 11.48 36.72
C PRO C 638 20.69 10.90 36.90
N GLU C 639 21.13 10.14 35.90
CA GLU C 639 22.46 9.54 35.92
C GLU C 639 23.52 10.62 35.60
N ASP C 640 23.06 11.77 35.12
CA ASP C 640 23.95 12.86 34.74
C ASP C 640 23.63 14.17 35.44
N ASN C 641 23.36 15.22 34.66
CA ASN C 641 23.11 16.56 35.21
C ASN C 641 21.68 17.04 35.35
N LEU C 642 20.72 16.12 35.45
CA LEU C 642 19.33 16.48 35.60
C LEU C 642 19.03 17.45 36.73
N ASP C 643 19.73 17.34 37.85
CA ASP C 643 19.45 18.22 38.96
C ASP C 643 19.70 19.68 38.66
N TYR C 644 20.85 19.99 38.08
CA TYR C 644 21.14 21.37 37.76
C TYR C 644 20.25 21.86 36.62
N TYR C 645 19.61 20.90 35.97
CA TYR C 645 18.67 21.16 34.89
C TYR C 645 17.35 21.54 35.61
N ARG C 646 16.95 20.73 36.59
CA ARG C 646 15.70 20.96 37.32
C ARG C 646 15.59 22.26 38.12
N ASN C 647 16.65 22.70 38.77
CA ASN C 647 16.50 23.92 39.57
C ASN C 647 16.99 25.19 38.90
N SER C 648 17.18 25.14 37.60
CA SER C 648 17.61 26.31 36.86
C SER C 648 16.50 26.83 35.93
N THR C 649 15.24 26.49 36.23
CA THR C 649 14.14 26.94 35.40
C THR C 649 13.68 28.30 35.86
N VAL C 650 13.19 29.13 34.95
CA VAL C 650 12.73 30.43 35.40
C VAL C 650 11.43 30.25 36.21
N MET C 651 10.70 29.17 35.92
CA MET C 651 9.45 28.89 36.58
C MET C 651 9.63 28.66 38.07
N SER C 652 10.62 27.88 38.44
CA SER C 652 10.88 27.57 39.85
C SER C 652 11.00 28.79 40.77
N ARG C 653 11.38 29.94 40.20
CA ARG C 653 11.55 31.18 40.95
C ARG C 653 10.32 32.09 40.81
N ALA C 654 9.20 31.50 40.40
CA ALA C 654 7.96 32.24 40.15
C ALA C 654 7.42 33.12 41.27
N GLU C 655 7.30 32.55 42.45
CA GLU C 655 6.80 33.27 43.62
C GLU C 655 7.45 34.65 43.81
N ASN C 656 8.77 34.72 43.65
CA ASN C 656 9.47 35.98 43.81
C ASN C 656 9.15 37.05 42.77
N PHE C 657 8.41 36.71 41.72
CA PHE C 657 8.11 37.72 40.71
C PHE C 657 7.06 38.69 41.23
N LYS C 658 6.45 38.29 42.33
CA LYS C 658 5.45 39.12 42.96
C LYS C 658 6.09 40.42 43.41
N GLN C 659 7.41 40.44 43.49
CA GLN C 659 8.10 41.63 43.96
C GLN C 659 8.51 42.60 42.87
N VAL C 660 8.34 42.24 41.60
CA VAL C 660 8.77 43.12 40.53
C VAL C 660 7.77 43.31 39.42
N GLU C 661 8.01 44.32 38.60
CA GLU C 661 7.17 44.64 37.45
C GLU C 661 7.80 43.88 36.28
N TYR C 662 7.11 42.85 35.79
CA TYR C 662 7.64 42.03 34.71
C TYR C 662 6.91 42.19 33.35
N LEU C 663 7.70 42.17 32.28
CA LEU C 663 7.20 42.31 30.92
C LEU C 663 7.85 41.20 30.10
N LEU C 664 7.05 40.20 29.71
CA LEU C 664 7.51 39.04 28.92
C LEU C 664 7.12 39.13 27.44
N ILE C 665 8.09 39.12 26.54
CA ILE C 665 7.79 39.23 25.11
C ILE C 665 8.35 38.05 24.30
N HIS C 666 7.55 37.58 23.33
CA HIS C 666 7.97 36.45 22.48
C HIS C 666 7.31 36.41 21.10
N GLY C 667 8.07 36.02 20.08
CA GLY C 667 7.51 35.90 18.74
C GLY C 667 6.89 34.51 18.58
N THR C 668 5.58 34.46 18.32
CA THR C 668 4.87 33.19 18.17
C THR C 668 5.47 32.25 17.15
N ALA C 669 6.28 32.76 16.23
CA ALA C 669 6.90 31.93 15.20
C ALA C 669 8.43 31.87 15.33
N ASP C 670 8.91 31.96 16.56
CA ASP C 670 10.33 31.90 16.85
C ASP C 670 10.71 30.43 16.78
N ASP C 671 11.44 30.09 15.72
CA ASP C 671 11.91 28.72 15.47
C ASP C 671 13.11 28.33 16.34
N ASN C 672 13.67 29.31 17.07
CA ASN C 672 14.84 29.13 17.95
C ASN C 672 14.48 28.82 19.43
N VAL C 673 14.00 29.83 20.14
CA VAL C 673 13.55 29.63 21.52
C VAL C 673 12.04 29.55 21.30
N HIS C 674 11.54 28.33 21.19
CA HIS C 674 10.13 28.16 20.92
C HIS C 674 9.18 28.95 21.82
N PHE C 675 8.13 29.47 21.21
CA PHE C 675 7.14 30.25 21.94
C PHE C 675 6.70 29.49 23.17
N GLN C 676 6.96 28.18 23.14
CA GLN C 676 6.63 27.27 24.22
C GLN C 676 7.25 27.69 25.53
N GLN C 677 8.53 28.03 25.50
CA GLN C 677 9.26 28.44 26.70
C GLN C 677 8.62 29.63 27.41
N SER C 678 8.08 30.57 26.64
CA SER C 678 7.42 31.73 27.22
C SER C 678 6.00 31.38 27.59
N ALA C 679 5.42 30.41 26.91
CA ALA C 679 4.04 30.08 27.23
C ALA C 679 4.03 29.24 28.50
N GLN C 680 5.06 28.42 28.68
CA GLN C 680 5.19 27.58 29.86
C GLN C 680 5.44 28.44 31.09
N LEU C 681 6.24 29.48 30.91
CA LEU C 681 6.57 30.39 32.00
C LEU C 681 5.40 31.25 32.44
N SER C 682 4.71 31.86 31.50
CA SER C 682 3.58 32.67 31.89
C SER C 682 2.53 31.80 32.59
N LYS C 683 2.41 30.55 32.18
CA LYS C 683 1.43 29.65 32.79
C LYS C 683 1.79 29.45 34.26
N ALA C 684 3.08 29.38 34.55
CA ALA C 684 3.57 29.21 35.92
C ALA C 684 3.31 30.48 36.72
N LEU C 685 3.62 31.63 36.15
CA LEU C 685 3.38 32.89 36.85
C LEU C 685 1.90 32.97 37.18
N VAL C 686 1.05 32.70 36.19
CA VAL C 686 -0.38 32.72 36.42
C VAL C 686 -0.74 31.70 37.49
N ASP C 687 -0.12 30.53 37.44
CA ASP C 687 -0.41 29.50 38.43
C ASP C 687 -0.06 29.91 39.85
N ALA C 688 0.94 30.81 39.95
CA ALA C 688 1.42 31.34 41.24
C ALA C 688 0.77 32.67 41.66
N GLY C 689 -0.32 33.05 41.03
CA GLY C 689 -1.00 34.29 41.40
C GLY C 689 -0.18 35.55 41.16
N VAL C 690 0.82 35.47 40.28
CA VAL C 690 1.64 36.62 39.99
C VAL C 690 1.15 37.48 38.85
N ASP C 691 0.99 38.78 39.07
CA ASP C 691 0.56 39.63 37.96
C ASP C 691 1.76 40.18 37.18
N PHE C 692 1.62 40.16 35.86
CA PHE C 692 2.69 40.64 35.00
C PHE C 692 2.11 41.02 33.65
N GLN C 693 2.84 41.83 32.91
CA GLN C 693 2.41 42.25 31.58
C GLN C 693 2.96 41.26 30.58
N THR C 694 2.45 41.31 29.36
CA THR C 694 2.94 40.37 28.36
C THR C 694 2.73 40.93 26.94
N MET C 695 3.40 40.33 25.96
CA MET C 695 3.21 40.76 24.60
C MET C 695 3.68 39.68 23.61
N TRP C 696 2.74 39.14 22.82
CA TRP C 696 3.12 38.17 21.79
C TRP C 696 3.21 38.96 20.46
N TYR C 697 4.04 38.50 19.54
CA TYR C 697 4.15 39.18 18.25
C TYR C 697 3.86 38.15 17.17
N THR C 698 2.64 38.18 16.68
CA THR C 698 2.22 37.22 15.68
C THR C 698 3.16 37.05 14.49
N ASP C 699 3.63 35.82 14.33
CA ASP C 699 4.52 35.43 13.25
C ASP C 699 5.94 35.94 13.28
N GLU C 700 6.32 36.71 14.29
CA GLU C 700 7.70 37.17 14.33
C GLU C 700 8.54 36.01 14.86
N ASP C 701 9.79 35.92 14.45
CA ASP C 701 10.63 34.84 14.95
C ASP C 701 11.58 35.37 16.02
N HIS C 702 12.75 34.76 16.15
CA HIS C 702 13.68 35.17 17.19
C HIS C 702 14.14 36.61 17.22
N GLY C 703 14.39 37.20 16.04
CA GLY C 703 14.83 38.59 15.98
C GLY C 703 13.72 39.62 16.05
N ILE C 704 12.45 39.19 15.95
CA ILE C 704 11.32 40.13 15.96
C ILE C 704 11.79 41.36 15.19
N ALA C 705 12.36 41.11 14.01
CA ALA C 705 12.93 42.14 13.17
C ALA C 705 12.14 42.60 11.92
N SER C 706 10.87 42.25 11.83
CA SER C 706 10.13 42.74 10.68
C SER C 706 10.06 44.24 10.95
N ASN C 707 10.01 45.04 9.88
CA ASN C 707 10.01 46.49 10.00
C ASN C 707 9.07 47.08 11.01
N MET C 708 7.78 46.84 10.81
CA MET C 708 6.76 47.36 11.69
C MET C 708 6.84 46.79 13.11
N ALA C 709 7.24 45.52 13.24
CA ALA C 709 7.34 44.85 14.54
C ALA C 709 8.51 45.35 15.32
N HIS C 710 9.61 45.59 14.63
CA HIS C 710 10.79 46.09 15.27
C HIS C 710 10.42 47.35 16.04
N GLN C 711 9.83 48.31 15.32
CA GLN C 711 9.45 49.57 15.92
C GLN C 711 8.44 49.42 17.04
N HIS C 712 7.54 48.46 16.87
CA HIS C 712 6.51 48.23 17.86
C HIS C 712 7.05 47.70 19.18
N ILE C 713 7.93 46.72 19.15
CA ILE C 713 8.39 46.21 20.42
C ILE C 713 9.13 47.27 21.24
N TYR C 714 10.11 47.95 20.63
CA TYR C 714 10.88 48.99 21.34
C TYR C 714 10.02 50.13 21.87
N THR C 715 8.95 50.45 21.16
CA THR C 715 8.06 51.50 21.58
C THR C 715 7.29 50.97 22.77
N HIS C 716 6.93 49.70 22.72
CA HIS C 716 6.19 49.11 23.84
C HIS C 716 7.13 49.04 25.05
N MET C 717 8.40 48.72 24.79
CA MET C 717 9.39 48.63 25.87
C MET C 717 9.71 49.99 26.45
N SER C 718 9.91 50.98 25.57
CA SER C 718 10.20 52.32 26.04
C SER C 718 9.05 52.72 26.95
N HIS C 719 7.82 52.60 26.46
CA HIS C 719 6.65 52.94 27.28
C HIS C 719 6.69 52.22 28.64
N PHE C 720 7.12 50.97 28.64
CA PHE C 720 7.15 50.19 29.87
C PHE C 720 8.11 50.69 30.94
N LEU C 721 9.37 50.91 30.55
CA LEU C 721 10.38 51.41 31.48
C LEU C 721 9.99 52.76 32.08
N LYS C 722 9.61 53.70 31.21
CA LYS C 722 9.23 55.03 31.66
C LYS C 722 8.10 54.99 32.68
N GLN C 723 7.34 53.91 32.68
CA GLN C 723 6.24 53.73 33.64
C GLN C 723 6.85 53.22 34.94
N CYS C 724 7.91 52.43 34.81
CA CYS C 724 8.61 51.87 35.94
C CYS C 724 9.51 52.94 36.58
N PHE C 725 10.07 53.79 35.71
CA PHE C 725 10.95 54.88 36.13
C PHE C 725 10.21 56.21 36.27
N SER C 726 8.89 56.18 36.23
CA SER C 726 8.10 57.39 36.34
C SER C 726 8.58 58.50 35.41
N LEU C 727 9.23 58.11 34.31
CA LEU C 727 9.73 59.06 33.32
C LEU C 727 8.65 59.44 32.32
N PRO C 728 8.26 60.73 32.28
CA PRO C 728 7.23 61.21 31.37
C PRO C 728 7.70 61.34 29.92
N SER D 1 -19.14 52.83 56.18
CA SER D 1 -18.82 51.81 57.23
C SER D 1 -18.98 50.39 56.70
N ARG D 2 -20.22 50.02 56.34
CA ARG D 2 -20.52 48.69 55.80
C ARG D 2 -19.45 48.26 54.81
N ARG D 3 -19.13 46.97 54.79
CA ARG D 3 -18.11 46.46 53.86
C ARG D 3 -18.66 46.60 52.45
N THR D 4 -17.78 46.55 51.45
CA THR D 4 -18.23 46.61 50.06
C THR D 4 -17.99 45.23 49.46
N TYR D 5 -18.51 44.99 48.27
CA TYR D 5 -18.31 43.73 47.58
C TYR D 5 -16.98 43.94 46.86
N THR D 6 -15.98 43.16 47.27
CA THR D 6 -14.64 43.26 46.73
C THR D 6 -14.32 42.38 45.53
N LEU D 7 -13.15 42.63 44.96
CA LEU D 7 -12.71 41.83 43.84
C LEU D 7 -12.47 40.44 44.45
N THR D 8 -11.94 40.41 45.67
CA THR D 8 -11.67 39.13 46.34
C THR D 8 -12.96 38.38 46.61
N ASP D 9 -14.00 39.09 47.02
CA ASP D 9 -15.27 38.45 47.27
C ASP D 9 -15.71 37.69 46.02
N TYR D 10 -15.63 38.34 44.86
CA TYR D 10 -16.04 37.73 43.61
C TYR D 10 -15.15 36.60 43.11
N LEU D 11 -13.83 36.80 43.05
CA LEU D 11 -12.94 35.74 42.58
C LEU D 11 -13.03 34.50 43.46
N LYS D 12 -13.13 34.71 44.77
CA LYS D 12 -13.20 33.58 45.68
C LYS D 12 -14.61 33.26 46.16
N SER D 13 -15.60 33.75 45.42
CA SER D 13 -17.00 33.52 45.78
C SER D 13 -17.20 33.48 47.31
N THR D 14 -16.89 34.58 47.99
CA THR D 14 -17.06 34.58 49.43
C THR D 14 -18.54 34.50 49.80
N PHE D 15 -19.43 34.82 48.86
CA PHE D 15 -20.87 34.80 49.09
C PHE D 15 -21.56 33.80 48.19
N ARG D 16 -21.88 32.63 48.74
CA ARG D 16 -22.52 31.59 47.96
C ARG D 16 -24.03 31.70 47.76
N VAL D 17 -24.44 31.68 46.50
CA VAL D 17 -25.85 31.70 46.14
C VAL D 17 -26.32 30.26 46.07
N LYS D 18 -27.24 29.87 46.95
CA LYS D 18 -27.76 28.52 46.98
C LYS D 18 -28.85 28.25 45.95
N PHE D 19 -28.96 27.00 45.53
CA PHE D 19 -29.99 26.61 44.57
C PHE D 19 -30.57 25.27 45.00
N TYR D 20 -31.53 24.77 44.24
CA TYR D 20 -32.15 23.49 44.57
C TYR D 20 -32.37 22.66 43.32
N THR D 21 -31.43 21.76 43.05
CA THR D 21 -31.52 20.90 41.88
C THR D 21 -32.19 19.60 42.23
N LEU D 22 -33.15 19.19 41.40
CA LEU D 22 -33.86 17.93 41.62
C LEU D 22 -34.09 17.17 40.32
N GLN D 23 -34.40 15.88 40.42
CA GLN D 23 -34.67 15.07 39.24
C GLN D 23 -36.02 14.37 39.39
N TRP D 24 -36.99 14.75 38.56
CA TRP D 24 -38.30 14.13 38.65
C TRP D 24 -38.27 12.69 38.14
N ILE D 25 -38.59 11.73 38.99
CA ILE D 25 -38.57 10.34 38.52
C ILE D 25 -39.96 9.81 38.20
N SER D 26 -41.00 10.48 38.71
CA SER D 26 -42.36 10.05 38.45
C SER D 26 -43.18 11.29 38.21
N ASP D 27 -44.49 11.23 38.48
CA ASP D 27 -45.31 12.40 38.30
C ASP D 27 -45.56 13.06 39.65
N HIS D 28 -45.02 12.48 40.71
CA HIS D 28 -45.20 13.05 42.05
C HIS D 28 -43.98 12.85 42.97
N GLU D 29 -42.85 12.45 42.41
CA GLU D 29 -41.66 12.22 43.21
C GLU D 29 -40.40 12.77 42.54
N TYR D 30 -39.37 13.03 43.33
CA TYR D 30 -38.12 13.51 42.77
C TYR D 30 -36.94 13.12 43.62
N LEU D 31 -35.76 13.04 43.00
CA LEU D 31 -34.52 12.70 43.67
C LEU D 31 -33.79 13.99 44.02
N TYR D 32 -33.06 13.96 45.11
CA TYR D 32 -32.35 15.14 45.55
C TYR D 32 -31.11 14.73 46.34
N LYS D 33 -29.96 15.32 46.00
CA LYS D 33 -28.73 15.01 46.73
C LYS D 33 -28.65 16.03 47.87
N GLN D 34 -28.22 15.56 49.05
CA GLN D 34 -28.13 16.41 50.26
C GLN D 34 -27.10 15.87 51.26
N GLU D 35 -25.96 16.54 51.37
CA GLU D 35 -24.89 16.11 52.26
C GLU D 35 -24.36 14.81 51.68
N ASN D 36 -24.57 14.65 50.38
CA ASN D 36 -24.15 13.46 49.64
C ASN D 36 -25.10 12.30 49.83
N ASN D 37 -26.36 12.62 50.05
CA ASN D 37 -27.35 11.58 50.23
C ASN D 37 -28.46 11.76 49.23
N ILE D 38 -28.72 10.72 48.46
CA ILE D 38 -29.77 10.76 47.48
C ILE D 38 -31.03 10.53 48.28
N LEU D 39 -31.98 11.46 48.18
CA LEU D 39 -33.23 11.35 48.89
C LEU D 39 -34.37 11.29 47.90
N LEU D 40 -35.52 10.82 48.36
CA LEU D 40 -36.70 10.72 47.51
C LEU D 40 -37.84 11.49 48.13
N PHE D 41 -38.09 12.68 47.63
CA PHE D 41 -39.16 13.50 48.18
C PHE D 41 -40.45 13.19 47.48
N ASN D 42 -41.47 12.91 48.28
CA ASN D 42 -42.79 12.59 47.79
C ASN D 42 -43.60 13.88 47.80
N ALA D 43 -43.50 14.64 46.71
CA ALA D 43 -44.19 15.91 46.54
C ALA D 43 -45.55 15.96 47.24
N GLU D 44 -46.05 17.18 47.43
CA GLU D 44 -47.32 17.41 48.10
C GLU D 44 -47.16 17.24 49.60
N TYR D 45 -46.93 16.00 50.02
CA TYR D 45 -46.76 15.67 51.43
C TYR D 45 -45.45 16.20 52.03
N GLY D 46 -44.40 16.24 51.23
CA GLY D 46 -43.13 16.73 51.72
C GLY D 46 -42.27 15.63 52.33
N ASN D 47 -42.90 14.62 52.93
CA ASN D 47 -42.16 13.52 53.54
C ASN D 47 -41.09 13.03 52.58
N SER D 48 -39.98 12.56 53.11
CA SER D 48 -38.89 12.11 52.27
C SER D 48 -38.04 10.99 52.87
N SER D 49 -37.92 9.89 52.12
CA SER D 49 -37.13 8.74 52.55
C SER D 49 -35.71 8.79 52.00
N ILE D 50 -34.85 7.92 52.51
CA ILE D 50 -33.45 7.87 52.06
C ILE D 50 -33.29 6.88 50.94
N PHE D 51 -32.84 7.36 49.78
CA PHE D 51 -32.65 6.51 48.62
C PHE D 51 -31.26 5.86 48.63
N LEU D 52 -30.27 6.59 49.14
CA LEU D 52 -28.90 6.10 49.23
C LEU D 52 -28.11 7.00 50.16
N GLU D 53 -27.40 6.43 51.14
CA GLU D 53 -26.62 7.24 52.08
C GLU D 53 -25.15 7.42 51.72
N ASN D 54 -24.63 8.60 52.04
CA ASN D 54 -23.24 8.93 51.75
C ASN D 54 -22.28 7.77 51.99
N SER D 55 -22.60 6.91 52.95
CA SER D 55 -21.76 5.76 53.26
C SER D 55 -21.39 5.11 51.94
N THR D 56 -22.41 4.82 51.14
CA THR D 56 -22.23 4.21 49.83
C THR D 56 -21.24 5.01 49.00
N PHE D 57 -21.51 6.30 48.82
CA PHE D 57 -20.63 7.17 48.04
C PHE D 57 -19.18 7.01 48.51
N ASP D 58 -18.97 7.29 49.79
CA ASP D 58 -17.65 7.19 50.39
C ASP D 58 -17.04 5.79 50.27
N GLU D 59 -17.90 4.77 50.32
CA GLU D 59 -17.42 3.39 50.22
C GLU D 59 -17.05 3.00 48.79
N LEU D 60 -17.07 3.97 47.88
CA LEU D 60 -16.73 3.73 46.48
C LEU D 60 -15.45 4.48 46.17
N GLY D 61 -14.42 3.74 45.78
CA GLY D 61 -13.12 4.32 45.49
C GLY D 61 -13.08 5.36 44.38
N TYR D 62 -13.61 6.55 44.66
CA TYR D 62 -13.63 7.64 43.68
C TYR D 62 -14.59 8.72 44.13
N SER D 63 -14.56 9.83 43.39
CA SER D 63 -15.47 10.94 43.67
C SER D 63 -16.55 10.83 42.61
N THR D 64 -17.75 10.46 43.04
CA THR D 64 -18.86 10.30 42.13
C THR D 64 -19.43 11.69 41.86
N ASN D 65 -18.93 12.33 40.80
CA ASN D 65 -19.38 13.67 40.45
C ASN D 65 -20.78 13.69 39.83
N ASP D 66 -21.42 12.53 39.75
CA ASP D 66 -22.77 12.46 39.20
C ASP D 66 -23.33 11.05 39.15
N TYR D 67 -24.65 10.94 39.37
CA TYR D 67 -25.33 9.67 39.36
C TYR D 67 -26.60 9.75 38.50
N SER D 68 -27.17 8.59 38.20
CA SER D 68 -28.41 8.49 37.42
C SER D 68 -29.01 7.13 37.70
N VAL D 69 -30.24 7.09 38.18
CA VAL D 69 -30.84 5.78 38.46
C VAL D 69 -31.85 5.41 37.38
N SER D 70 -31.81 4.13 37.01
CA SER D 70 -32.68 3.54 36.00
C SER D 70 -34.14 3.81 36.33
N PRO D 71 -34.97 4.09 35.31
CA PRO D 71 -36.36 4.34 35.67
C PRO D 71 -37.00 3.30 36.59
N ASP D 72 -36.70 2.01 36.41
CA ASP D 72 -37.32 1.01 37.28
C ASP D 72 -36.87 1.16 38.74
N ARG D 73 -35.82 1.96 38.94
CA ARG D 73 -35.27 2.25 40.28
C ARG D 73 -34.47 1.13 40.89
N GLN D 74 -34.13 0.15 40.07
CA GLN D 74 -33.36 -1.00 40.52
C GLN D 74 -31.85 -0.77 40.40
N PHE D 75 -31.47 0.30 39.70
CA PHE D 75 -30.05 0.59 39.51
C PHE D 75 -29.69 2.05 39.61
N ILE D 76 -28.42 2.31 39.84
CA ILE D 76 -27.92 3.67 39.87
C ILE D 76 -26.57 3.67 39.20
N LEU D 77 -26.42 4.57 38.24
CA LEU D 77 -25.21 4.71 37.45
C LEU D 77 -24.31 5.75 38.09
N PHE D 78 -23.07 5.38 38.35
CA PHE D 78 -22.14 6.31 38.97
C PHE D 78 -21.09 6.76 37.97
N GLU D 79 -20.92 8.06 37.90
CA GLU D 79 -19.94 8.62 36.98
C GLU D 79 -18.72 9.15 37.70
N TYR D 80 -17.55 8.64 37.34
CA TYR D 80 -16.33 9.13 37.96
C TYR D 80 -15.30 9.33 36.84
N ASN D 81 -14.09 9.75 37.19
CA ASN D 81 -13.04 10.00 36.20
C ASN D 81 -13.51 10.89 35.05
N TYR D 82 -14.20 11.96 35.40
CA TYR D 82 -14.70 12.92 34.43
C TYR D 82 -13.56 13.70 33.78
N VAL D 83 -13.64 13.91 32.47
CA VAL D 83 -12.60 14.64 31.76
C VAL D 83 -13.23 15.45 30.63
N LYS D 84 -13.52 16.71 30.94
CA LYS D 84 -14.14 17.64 30.01
C LYS D 84 -13.54 17.66 28.59
N GLN D 85 -14.39 17.84 27.59
CA GLN D 85 -13.91 17.98 26.22
C GLN D 85 -14.28 19.40 25.75
N TRP D 86 -15.32 19.55 24.92
CA TRP D 86 -15.67 20.87 24.47
C TRP D 86 -16.70 21.44 25.43
N ARG D 87 -17.55 22.36 24.99
CA ARG D 87 -18.52 22.97 25.90
C ARG D 87 -19.41 21.99 26.65
N HIS D 88 -19.89 20.96 25.96
CA HIS D 88 -20.80 19.97 26.54
C HIS D 88 -20.27 18.56 26.67
N SER D 89 -19.44 18.17 25.70
CA SER D 89 -18.83 16.85 25.63
C SER D 89 -17.73 16.58 26.65
N TYR D 90 -17.62 15.31 27.05
CA TYR D 90 -16.64 14.84 28.02
C TYR D 90 -16.64 13.31 28.03
N THR D 91 -15.58 12.72 28.56
CA THR D 91 -15.48 11.26 28.67
C THR D 91 -15.36 10.90 30.16
N ALA D 92 -15.68 9.66 30.51
CA ALA D 92 -15.61 9.27 31.92
C ALA D 92 -15.72 7.78 32.08
N SER D 93 -15.55 7.32 33.32
CA SER D 93 -15.69 5.90 33.65
C SER D 93 -17.03 5.80 34.35
N TYR D 94 -17.59 4.61 34.43
CA TYR D 94 -18.86 4.46 35.14
C TYR D 94 -18.94 3.10 35.79
N ASP D 95 -19.72 3.05 36.86
CA ASP D 95 -19.95 1.80 37.59
C ASP D 95 -21.45 1.79 37.87
N ILE D 96 -22.05 0.63 37.73
CA ILE D 96 -23.48 0.49 37.96
C ILE D 96 -23.65 -0.13 39.34
N TYR D 97 -24.56 0.44 40.12
CA TYR D 97 -24.81 -0.05 41.46
C TYR D 97 -26.22 -0.62 41.54
N ASP D 98 -26.32 -1.86 42.04
CA ASP D 98 -27.59 -2.59 42.18
C ASP D 98 -28.29 -2.22 43.48
N LEU D 99 -29.32 -1.39 43.37
CA LEU D 99 -30.06 -0.96 44.55
C LEU D 99 -30.76 -2.05 45.35
N ASN D 100 -30.90 -3.24 44.77
CA ASN D 100 -31.58 -4.34 45.44
C ASN D 100 -30.60 -5.15 46.27
N LYS D 101 -29.77 -5.96 45.63
CA LYS D 101 -28.81 -6.75 46.39
C LYS D 101 -27.86 -5.81 47.11
N ARG D 102 -27.87 -4.55 46.68
CA ARG D 102 -27.05 -3.51 47.26
C ARG D 102 -25.54 -3.74 47.11
N GLN D 103 -25.12 -3.96 45.87
CA GLN D 103 -23.71 -4.19 45.58
C GLN D 103 -23.36 -3.40 44.33
N LEU D 104 -22.06 -3.31 44.04
CA LEU D 104 -21.61 -2.60 42.85
C LEU D 104 -21.39 -3.70 41.84
N ILE D 105 -22.00 -3.56 40.66
CA ILE D 105 -21.84 -4.57 39.63
C ILE D 105 -20.41 -4.52 39.14
N THR D 106 -19.71 -5.65 39.29
CA THR D 106 -18.31 -5.77 38.92
C THR D 106 -17.95 -6.51 37.64
N GLU D 107 -18.87 -7.31 37.11
CA GLU D 107 -18.55 -8.01 35.88
C GLU D 107 -19.23 -7.37 34.68
N GLU D 108 -18.48 -7.27 33.58
CA GLU D 108 -19.00 -6.65 32.37
C GLU D 108 -19.15 -5.16 32.62
N ARG D 109 -18.19 -4.58 33.36
CA ARG D 109 -18.22 -3.15 33.68
C ARG D 109 -18.25 -2.34 32.40
N ILE D 110 -18.55 -1.05 32.55
CA ILE D 110 -18.61 -0.14 31.42
C ILE D 110 -17.22 0.43 31.09
N PRO D 111 -16.89 0.50 29.79
CA PRO D 111 -15.59 1.01 29.32
C PRO D 111 -15.15 2.34 29.89
N ASN D 112 -13.84 2.53 29.97
CA ASN D 112 -13.28 3.78 30.43
C ASN D 112 -13.30 4.65 29.18
N ASN D 113 -13.37 5.97 29.36
CA ASN D 113 -13.39 6.89 28.22
C ASN D 113 -14.63 6.69 27.37
N THR D 114 -15.77 6.73 28.06
CA THR D 114 -17.05 6.58 27.44
C THR D 114 -17.53 7.99 27.18
N GLN D 115 -18.13 8.17 26.00
CA GLN D 115 -18.58 9.50 25.55
C GLN D 115 -20.01 9.88 25.85
N TRP D 116 -20.87 8.89 25.94
CA TRP D 116 -22.25 9.14 26.30
C TRP D 116 -22.84 7.84 26.83
N ILE D 117 -23.84 7.96 27.68
CA ILE D 117 -24.47 6.77 28.22
C ILE D 117 -25.83 7.25 28.67
N THR D 118 -26.82 6.38 28.63
CA THR D 118 -28.16 6.77 29.02
C THR D 118 -29.06 5.57 29.23
N TRP D 119 -30.04 5.72 30.12
CA TRP D 119 -30.99 4.64 30.34
C TRP D 119 -32.11 4.79 29.34
N SER D 120 -32.73 3.67 29.01
CA SER D 120 -33.87 3.63 28.13
C SER D 120 -34.88 4.46 28.94
N PRO D 121 -35.96 4.94 28.32
CA PRO D 121 -36.94 5.73 29.08
C PRO D 121 -37.65 4.90 30.14
N VAL D 122 -37.61 3.58 29.99
CA VAL D 122 -38.24 2.69 30.95
C VAL D 122 -37.28 1.53 31.20
N GLY D 123 -37.54 0.77 32.27
CA GLY D 123 -36.69 -0.36 32.57
C GLY D 123 -35.32 0.04 33.05
N HIS D 124 -34.31 -0.74 32.65
CA HIS D 124 -32.93 -0.47 33.02
C HIS D 124 -31.99 -0.91 31.90
N LYS D 125 -32.34 -0.56 30.67
CA LYS D 125 -31.49 -0.88 29.53
C LYS D 125 -30.45 0.25 29.48
N LEU D 126 -29.34 -0.02 28.82
CA LEU D 126 -28.27 0.96 28.68
C LEU D 126 -27.81 1.03 27.23
N ALA D 127 -27.50 2.25 26.79
CA ALA D 127 -27.00 2.52 25.44
C ALA D 127 -25.87 3.51 25.66
N TYR D 128 -24.74 3.30 25.02
CA TYR D 128 -23.63 4.22 25.22
C TYR D 128 -22.73 4.29 24.03
N VAL D 129 -21.92 5.34 23.96
CA VAL D 129 -21.02 5.52 22.85
C VAL D 129 -19.61 5.44 23.41
N TRP D 130 -18.78 4.64 22.76
CA TRP D 130 -17.38 4.46 23.16
C TRP D 130 -16.58 4.32 21.86
N ASN D 131 -15.56 5.15 21.67
CA ASN D 131 -14.74 5.12 20.45
C ASN D 131 -15.58 5.38 19.21
N ASN D 132 -16.52 6.31 19.35
CA ASN D 132 -17.45 6.70 18.30
C ASN D 132 -18.36 5.58 17.82
N ASP D 133 -18.55 4.58 18.67
CA ASP D 133 -19.42 3.47 18.32
C ASP D 133 -20.48 3.30 19.40
N ILE D 134 -21.69 2.93 18.98
CA ILE D 134 -22.81 2.72 19.89
C ILE D 134 -22.89 1.29 20.38
N TYR D 135 -23.17 1.15 21.66
CA TYR D 135 -23.28 -0.14 22.31
C TYR D 135 -24.57 -0.28 23.13
N VAL D 136 -25.01 -1.51 23.39
CA VAL D 136 -26.22 -1.67 24.16
C VAL D 136 -26.16 -2.76 25.23
N LYS D 137 -26.48 -2.39 26.46
CA LYS D 137 -26.51 -3.34 27.56
C LYS D 137 -27.96 -3.46 28.00
N ASN D 138 -28.62 -4.57 27.66
CA ASN D 138 -30.00 -4.75 28.11
C ASN D 138 -29.96 -4.95 29.63
N GLU D 139 -28.93 -5.63 30.12
CA GLU D 139 -28.78 -5.84 31.56
C GLU D 139 -27.46 -5.23 32.03
N PRO D 140 -27.44 -4.79 33.28
CA PRO D 140 -26.24 -4.18 33.86
C PRO D 140 -25.09 -5.14 34.06
N ASN D 141 -25.33 -6.46 34.02
CA ASN D 141 -24.24 -7.40 34.23
C ASN D 141 -23.86 -8.32 33.07
N LEU D 142 -24.58 -8.23 31.96
CA LEU D 142 -24.25 -9.05 30.79
C LEU D 142 -23.55 -8.22 29.72
N SER D 143 -22.99 -8.91 28.72
CA SER D 143 -22.30 -8.24 27.61
C SER D 143 -23.19 -7.20 26.95
N SER D 144 -22.56 -6.15 26.43
CA SER D 144 -23.30 -5.13 25.72
C SER D 144 -23.21 -5.64 24.29
N GLN D 145 -23.94 -5.05 23.37
CA GLN D 145 -23.96 -5.52 21.98
C GLN D 145 -23.53 -4.43 20.99
N ARG D 146 -22.34 -4.52 20.41
CA ARG D 146 -21.92 -3.47 19.48
C ARG D 146 -22.96 -3.24 18.41
N ILE D 147 -23.27 -1.98 18.12
CA ILE D 147 -24.28 -1.65 17.11
C ILE D 147 -23.69 -1.04 15.86
N THR D 148 -22.55 -0.36 15.99
CA THR D 148 -21.90 0.27 14.85
C THR D 148 -20.41 -0.09 14.80
N TRP D 149 -19.85 -0.10 13.60
CA TRP D 149 -18.45 -0.49 13.43
C TRP D 149 -17.66 0.49 12.61
N THR D 150 -18.24 1.66 12.34
CA THR D 150 -17.55 2.65 11.55
C THR D 150 -16.96 3.82 12.35
N GLY D 151 -17.08 3.77 13.66
CA GLY D 151 -16.57 4.84 14.49
C GLY D 151 -15.10 5.04 14.26
N LYS D 152 -14.69 6.31 14.23
CA LYS D 152 -13.30 6.71 14.05
C LYS D 152 -13.04 8.15 14.51
N GLU D 153 -12.12 8.27 15.44
CA GLU D 153 -11.71 9.55 16.03
C GLU D 153 -11.46 10.56 14.90
N ASN D 154 -12.13 11.71 15.01
CA ASN D 154 -12.04 12.80 14.03
C ASN D 154 -12.65 12.57 12.65
N VAL D 155 -13.29 11.42 12.41
CA VAL D 155 -13.90 11.19 11.10
C VAL D 155 -15.37 10.80 11.09
N ILE D 156 -15.72 9.78 11.87
CA ILE D 156 -17.09 9.29 11.86
C ILE D 156 -17.65 9.21 13.27
N TYR D 157 -18.79 9.87 13.48
CA TYR D 157 -19.41 9.89 14.78
C TYR D 157 -20.77 9.19 14.83
N ASN D 158 -20.90 8.19 15.70
CA ASN D 158 -22.15 7.48 15.85
C ASN D 158 -22.65 7.66 17.28
N GLY D 159 -23.81 8.29 17.45
CA GLY D 159 -24.34 8.47 18.79
C GLY D 159 -23.94 9.75 19.47
N VAL D 160 -22.88 10.40 18.99
CA VAL D 160 -22.42 11.68 19.54
C VAL D 160 -22.23 12.68 18.42
N THR D 161 -22.24 13.98 18.73
CA THR D 161 -22.06 15.02 17.70
C THR D 161 -20.61 15.41 17.43
N ASP D 162 -20.36 16.05 16.29
CA ASP D 162 -19.00 16.50 15.99
C ASP D 162 -18.81 17.91 16.58
N TRP D 163 -17.65 18.52 16.38
CA TRP D 163 -17.40 19.83 16.95
C TRP D 163 -18.49 20.86 16.74
N VAL D 164 -18.91 21.06 15.49
CA VAL D 164 -19.92 22.07 15.19
C VAL D 164 -21.37 21.64 15.45
N TYR D 165 -21.66 20.36 15.34
CA TYR D 165 -23.03 19.99 15.67
C TYR D 165 -23.22 20.15 17.17
N GLU D 166 -22.14 20.04 17.92
CA GLU D 166 -22.23 20.16 19.37
C GLU D 166 -22.37 21.59 19.88
N GLU D 167 -21.67 22.49 19.21
CA GLU D 167 -21.64 23.90 19.57
C GLU D 167 -22.70 24.76 18.91
N GLU D 168 -23.06 24.42 17.68
CA GLU D 168 -24.00 25.26 16.97
C GLU D 168 -25.37 24.69 16.62
N VAL D 169 -25.56 23.38 16.72
CA VAL D 169 -26.88 22.84 16.37
C VAL D 169 -27.68 22.17 17.49
N PHE D 170 -27.07 21.23 18.20
CA PHE D 170 -27.76 20.50 19.25
C PHE D 170 -27.54 21.06 20.65
N SER D 171 -26.50 21.87 20.83
CA SER D 171 -26.17 22.39 22.16
C SER D 171 -26.05 21.20 23.11
N ALA D 172 -25.53 20.11 22.59
CA ALA D 172 -25.37 18.90 23.37
C ALA D 172 -24.41 17.98 22.63
N TYR D 173 -23.82 17.05 23.36
CA TYR D 173 -22.88 16.15 22.74
C TYR D 173 -23.60 14.95 22.11
N SER D 174 -24.53 14.36 22.83
CA SER D 174 -25.23 13.19 22.35
C SER D 174 -26.13 13.34 21.13
N ALA D 175 -26.22 12.24 20.39
CA ALA D 175 -27.04 12.07 19.18
C ALA D 175 -27.67 10.67 19.30
N LEU D 176 -28.30 10.41 20.45
CA LEU D 176 -28.96 9.13 20.72
C LEU D 176 -30.33 9.40 21.27
N TRP D 177 -31.33 8.67 20.78
CA TRP D 177 -32.66 8.86 21.28
C TRP D 177 -33.48 7.58 21.38
N TRP D 178 -33.55 7.00 22.58
CA TRP D 178 -34.39 5.82 22.82
C TRP D 178 -35.86 6.22 22.60
N SER D 179 -36.67 5.31 22.07
CA SER D 179 -38.10 5.63 21.88
C SER D 179 -38.81 5.47 23.23
N PRO D 180 -39.99 6.08 23.38
CA PRO D 180 -40.75 6.01 24.63
C PRO D 180 -40.72 4.69 25.40
N ASN D 181 -40.99 3.57 24.72
CA ASN D 181 -40.98 2.28 25.42
C ASN D 181 -39.73 1.44 25.22
N GLY D 182 -38.70 1.99 24.58
CA GLY D 182 -37.46 1.26 24.41
C GLY D 182 -37.28 0.33 23.23
N THR D 183 -38.28 0.22 22.39
CA THR D 183 -38.15 -0.69 21.27
C THR D 183 -37.10 -0.21 20.30
N PHE D 184 -37.17 1.05 19.94
CA PHE D 184 -36.23 1.61 18.98
C PHE D 184 -35.20 2.52 19.60
N LEU D 185 -34.03 2.56 18.99
CA LEU D 185 -32.94 3.43 19.41
C LEU D 185 -32.57 4.21 18.16
N ALA D 186 -32.89 5.50 18.12
CA ALA D 186 -32.53 6.30 16.94
C ALA D 186 -31.16 6.91 17.19
N TYR D 187 -30.46 7.33 16.14
CA TYR D 187 -29.16 7.99 16.32
C TYR D 187 -28.70 8.63 15.05
N ALA D 188 -27.86 9.64 15.18
CA ALA D 188 -27.32 10.32 14.00
C ALA D 188 -25.91 9.90 13.81
N GLN D 189 -25.46 9.99 12.58
CA GLN D 189 -24.08 9.67 12.26
C GLN D 189 -23.42 10.87 11.59
N PHE D 190 -22.27 11.28 12.11
CA PHE D 190 -21.60 12.41 11.49
C PHE D 190 -20.33 12.00 10.75
N ASN D 191 -20.18 12.53 9.53
CA ASN D 191 -19.01 12.23 8.71
C ASN D 191 -18.21 13.51 8.49
N ASP D 192 -17.08 13.62 9.16
CA ASP D 192 -16.24 14.81 9.06
C ASP D 192 -15.11 14.72 8.06
N THR D 193 -15.02 13.61 7.35
CA THR D 193 -13.97 13.40 6.37
C THR D 193 -13.47 14.61 5.58
N GLU D 194 -14.37 15.47 5.13
CA GLU D 194 -13.93 16.58 4.32
C GLU D 194 -13.90 17.95 4.98
N VAL D 195 -14.08 17.96 6.29
CA VAL D 195 -14.06 19.16 7.09
C VAL D 195 -12.60 19.52 7.36
N PRO D 196 -12.18 20.76 7.08
CA PRO D 196 -10.78 21.09 7.34
C PRO D 196 -10.57 21.11 8.84
N LEU D 197 -9.35 20.82 9.25
CA LEU D 197 -9.00 20.78 10.66
C LEU D 197 -8.40 22.10 11.13
N ILE D 198 -8.77 22.54 12.33
CA ILE D 198 -8.13 23.73 12.88
C ILE D 198 -7.02 23.09 13.71
N GLU D 199 -5.82 23.65 13.63
CA GLU D 199 -4.71 23.09 14.39
C GLU D 199 -4.04 24.17 15.24
N TYR D 200 -3.86 23.88 16.54
CA TYR D 200 -3.19 24.79 17.44
C TYR D 200 -2.33 23.98 18.43
N SER D 201 -1.47 24.67 19.19
CA SER D 201 -0.60 23.99 20.15
C SER D 201 -1.19 23.93 21.53
N PHE D 202 -0.98 22.82 22.22
CA PHE D 202 -1.44 22.70 23.59
C PHE D 202 -0.11 22.39 24.30
N TYR D 203 0.33 23.22 25.23
CA TYR D 203 1.63 22.99 25.85
C TYR D 203 1.63 22.00 27.01
N SER D 204 0.48 21.80 27.61
CA SER D 204 0.41 20.85 28.70
C SER D 204 1.33 21.20 29.87
N ASP D 205 1.56 20.22 30.72
CA ASP D 205 2.39 20.34 31.90
C ASP D 205 3.84 20.67 31.54
N GLU D 206 4.43 21.55 32.33
CA GLU D 206 5.80 21.99 32.13
C GLU D 206 6.73 20.84 31.74
N SER D 207 6.49 19.68 32.32
CA SER D 207 7.31 18.51 32.04
C SER D 207 7.26 18.06 30.60
N LEU D 208 6.26 18.46 29.83
CA LEU D 208 6.18 18.05 28.42
C LEU D 208 7.25 18.72 27.53
N GLN D 209 8.24 17.95 27.09
CA GLN D 209 9.33 18.48 26.26
C GLN D 209 8.91 19.07 24.89
N TYR D 210 7.85 18.54 24.30
CA TYR D 210 7.39 19.05 23.01
C TYR D 210 5.90 19.37 23.07
N PRO D 211 5.51 20.51 22.48
CA PRO D 211 4.09 20.85 22.52
C PRO D 211 3.35 19.81 21.70
N LYS D 212 2.07 19.71 21.98
CA LYS D 212 1.20 18.78 21.29
C LYS D 212 0.43 19.68 20.31
N THR D 213 0.08 19.15 19.14
CA THR D 213 -0.69 19.93 18.19
C THR D 213 -2.07 19.32 18.18
N VAL D 214 -3.03 20.06 18.67
CA VAL D 214 -4.39 19.61 18.70
C VAL D 214 -4.97 19.94 17.33
N ARG D 215 -5.80 19.03 16.83
CA ARG D 215 -6.40 19.27 15.55
C ARG D 215 -7.84 18.86 15.64
N ILE D 216 -8.71 19.75 15.19
CA ILE D 216 -10.13 19.48 15.24
C ILE D 216 -10.79 19.74 13.90
N PRO D 217 -11.74 18.86 13.50
CA PRO D 217 -12.45 19.04 12.23
C PRO D 217 -13.40 20.17 12.57
N TYR D 218 -13.06 21.37 12.13
CA TYR D 218 -13.84 22.54 12.45
C TYR D 218 -14.06 23.26 11.14
N PRO D 219 -15.33 23.49 10.78
CA PRO D 219 -15.62 24.18 9.52
C PRO D 219 -15.77 25.68 9.65
N LYS D 220 -14.83 26.42 9.08
CA LYS D 220 -14.92 27.86 9.12
C LYS D 220 -15.97 28.30 8.09
N ALA D 221 -16.27 29.59 8.00
CA ALA D 221 -17.28 30.06 7.04
C ALA D 221 -17.01 29.64 5.58
N GLY D 222 -18.07 29.16 4.91
CA GLY D 222 -17.96 28.73 3.53
C GLY D 222 -17.28 27.40 3.27
N ALA D 223 -16.74 26.80 4.32
CA ALA D 223 -16.05 25.52 4.15
C ALA D 223 -16.96 24.29 4.10
N GLU D 224 -16.32 23.16 3.80
CA GLU D 224 -17.02 21.90 3.73
C GLU D 224 -17.55 21.55 5.13
N ASN D 225 -18.87 21.39 5.20
CA ASN D 225 -19.52 21.06 6.42
C ASN D 225 -19.53 19.57 6.55
N PRO D 226 -19.80 19.06 7.76
CA PRO D 226 -19.83 17.62 7.94
C PRO D 226 -21.23 17.13 7.45
N THR D 227 -21.29 15.90 6.95
CA THR D 227 -22.57 15.38 6.50
C THR D 227 -23.19 14.51 7.63
N VAL D 228 -24.51 14.31 7.56
CA VAL D 228 -25.24 13.56 8.58
C VAL D 228 -26.13 12.45 8.02
N LYS D 229 -26.52 11.54 8.92
CA LYS D 229 -27.38 10.42 8.59
C LYS D 229 -28.12 10.02 9.86
N PHE D 230 -29.39 9.65 9.67
CA PHE D 230 -30.26 9.26 10.76
C PHE D 230 -30.65 7.78 10.60
N PHE D 231 -30.64 7.04 11.70
CA PHE D 231 -30.97 5.62 11.69
C PHE D 231 -31.86 5.23 12.87
N VAL D 232 -32.84 4.38 12.62
CA VAL D 232 -33.71 3.89 13.68
C VAL D 232 -33.41 2.40 13.82
N VAL D 233 -32.92 2.03 14.98
CA VAL D 233 -32.59 0.64 15.22
C VAL D 233 -33.69 -0.09 16.00
N ASP D 234 -34.02 -1.29 15.54
CA ASP D 234 -35.03 -2.10 16.20
C ASP D 234 -34.30 -2.98 17.19
N THR D 235 -34.28 -2.58 18.45
CA THR D 235 -33.58 -3.33 19.49
C THR D 235 -34.04 -4.77 19.65
N ARG D 236 -35.24 -5.06 19.18
CA ARG D 236 -35.82 -6.39 19.30
C ARG D 236 -35.04 -7.56 18.68
N THR D 237 -34.46 -7.37 17.51
CA THR D 237 -33.75 -8.45 16.84
C THR D 237 -32.30 -8.52 17.25
N LEU D 238 -31.95 -7.71 18.22
CA LEU D 238 -30.58 -7.66 18.69
C LEU D 238 -30.14 -8.96 19.37
N SER D 239 -29.21 -9.65 18.73
CA SER D 239 -28.67 -10.89 19.25
C SER D 239 -27.26 -11.08 18.72
N PRO D 240 -26.39 -11.75 19.50
CA PRO D 240 -25.01 -11.94 19.03
C PRO D 240 -24.85 -12.54 17.64
N ASN D 241 -25.80 -13.36 17.21
CA ASN D 241 -25.70 -13.96 15.89
C ASN D 241 -26.70 -13.45 14.89
N ALA D 242 -27.28 -12.31 15.24
CA ALA D 242 -28.24 -11.62 14.40
C ALA D 242 -27.55 -10.36 13.85
N SER D 243 -27.83 -10.01 12.61
CA SER D 243 -27.25 -8.80 12.05
C SER D 243 -28.11 -7.72 12.74
N VAL D 244 -27.74 -6.45 12.58
CA VAL D 244 -28.50 -5.36 13.20
C VAL D 244 -29.61 -4.90 12.26
N THR D 245 -30.80 -4.68 12.80
CA THR D 245 -31.93 -4.22 12.02
C THR D 245 -32.11 -2.73 12.21
N SER D 246 -31.85 -1.94 11.18
CA SER D 246 -32.02 -0.49 11.29
C SER D 246 -32.47 0.12 9.99
N TYR D 247 -33.27 1.18 10.07
CA TYR D 247 -33.78 1.87 8.86
C TYR D 247 -33.21 3.29 8.78
N GLN D 248 -32.81 3.72 7.59
CA GLN D 248 -32.25 5.04 7.44
C GLN D 248 -33.31 6.00 6.95
N ILE D 249 -33.56 7.05 7.73
CA ILE D 249 -34.54 8.08 7.37
C ILE D 249 -33.82 9.28 6.72
N VAL D 250 -34.24 9.61 5.52
CA VAL D 250 -33.64 10.69 4.77
C VAL D 250 -34.51 11.93 4.89
N PRO D 251 -33.93 13.13 4.70
CA PRO D 251 -34.78 14.33 4.83
C PRO D 251 -35.61 14.56 3.59
N PRO D 252 -36.59 15.44 3.68
CA PRO D 252 -37.44 15.73 2.51
C PRO D 252 -36.60 16.17 1.32
N ALA D 253 -37.16 16.08 0.12
CA ALA D 253 -36.43 16.46 -1.08
C ALA D 253 -36.01 17.91 -1.11
N SER D 254 -36.85 18.83 -0.60
CA SER D 254 -36.51 20.25 -0.61
C SER D 254 -35.26 20.59 0.22
N VAL D 255 -34.93 19.74 1.18
CA VAL D 255 -33.76 19.90 2.04
C VAL D 255 -32.57 19.18 1.40
N LEU D 256 -32.79 17.92 1.06
CA LEU D 256 -31.80 17.04 0.45
C LEU D 256 -31.17 17.63 -0.81
N ILE D 257 -31.81 18.65 -1.37
CA ILE D 257 -31.32 19.29 -2.60
C ILE D 257 -29.90 19.86 -2.49
N GLY D 258 -29.56 20.34 -1.31
CA GLY D 258 -28.23 20.89 -1.10
C GLY D 258 -27.76 20.53 0.29
N ASP D 259 -26.81 21.31 0.82
CA ASP D 259 -26.29 21.07 2.16
C ASP D 259 -27.33 21.40 3.21
N HIS D 260 -27.43 20.54 4.22
CA HIS D 260 -28.42 20.75 5.25
C HIS D 260 -27.90 20.24 6.59
N TYR D 261 -28.67 20.47 7.64
CA TYR D 261 -28.28 20.02 8.97
C TYR D 261 -29.48 19.31 9.59
N LEU D 262 -29.21 18.44 10.55
CA LEU D 262 -30.26 17.79 11.29
C LEU D 262 -30.27 18.67 12.55
N CYS D 263 -31.40 19.28 12.86
CA CYS D 263 -31.46 20.09 14.07
C CYS D 263 -32.50 19.70 15.11
N GLY D 264 -33.15 18.56 14.93
CA GLY D 264 -34.14 18.17 15.92
C GLY D 264 -34.71 16.79 15.77
N VAL D 265 -34.91 16.13 16.90
CA VAL D 265 -35.48 14.80 16.89
C VAL D 265 -36.44 14.68 18.06
N THR D 266 -37.59 14.10 17.80
CA THR D 266 -38.60 13.94 18.81
C THR D 266 -39.51 12.74 18.58
N TRP D 267 -39.44 11.83 19.54
CA TRP D 267 -40.27 10.64 19.49
C TRP D 267 -41.65 11.19 19.84
N VAL D 268 -42.67 10.78 19.08
CA VAL D 268 -44.04 11.24 19.31
C VAL D 268 -44.82 10.10 20.01
N THR D 269 -44.59 8.87 19.52
CA THR D 269 -45.15 7.63 20.07
C THR D 269 -44.12 6.60 19.63
N GLU D 270 -44.40 5.33 19.90
CA GLU D 270 -43.50 4.23 19.54
C GLU D 270 -43.44 3.94 18.06
N GLU D 271 -44.31 4.56 17.30
CA GLU D 271 -44.29 4.29 15.88
C GLU D 271 -44.33 5.57 15.10
N ARG D 272 -44.03 6.66 15.79
CA ARG D 272 -44.02 7.96 15.16
C ARG D 272 -42.87 8.79 15.70
N ILE D 273 -42.01 9.26 14.81
CA ILE D 273 -40.86 10.06 15.19
C ILE D 273 -40.86 11.33 14.36
N SER D 274 -40.46 12.44 14.98
CA SER D 274 -40.43 13.72 14.29
C SER D 274 -39.00 14.25 14.08
N LEU D 275 -38.63 14.53 12.83
CA LEU D 275 -37.29 15.05 12.56
C LEU D 275 -37.45 16.47 12.04
N GLN D 276 -36.54 17.36 12.43
CA GLN D 276 -36.58 18.72 11.93
C GLN D 276 -35.26 18.97 11.25
N TRP D 277 -35.30 19.30 9.96
CA TRP D 277 -34.09 19.57 9.16
C TRP D 277 -34.12 21.02 8.69
N ILE D 278 -32.93 21.60 8.53
CA ILE D 278 -32.84 22.98 8.06
C ILE D 278 -31.74 23.05 7.00
N ARG D 279 -31.97 23.84 5.96
CA ARG D 279 -30.99 24.01 4.87
C ARG D 279 -29.75 24.74 5.40
N ARG D 280 -28.58 24.48 4.81
CA ARG D 280 -27.37 25.16 5.25
C ARG D 280 -27.69 26.64 5.29
N ALA D 281 -28.39 27.13 4.27
CA ALA D 281 -28.84 28.53 4.23
C ALA D 281 -30.00 28.41 5.22
N GLN D 282 -29.78 28.87 6.44
CA GLN D 282 -30.77 28.69 7.50
C GLN D 282 -32.09 29.47 7.57
N ASN D 283 -32.70 29.73 6.42
CA ASN D 283 -33.96 30.45 6.37
C ASN D 283 -35.04 29.54 5.82
N TYR D 284 -34.78 28.23 5.91
CA TYR D 284 -35.74 27.23 5.45
C TYR D 284 -35.62 25.96 6.27
N SER D 285 -36.61 25.70 7.11
CA SER D 285 -36.63 24.54 7.96
C SER D 285 -37.84 23.69 7.61
N ILE D 286 -37.84 22.43 8.05
CA ILE D 286 -38.97 21.55 7.77
C ILE D 286 -39.09 20.35 8.71
N ILE D 287 -40.29 20.13 9.23
CA ILE D 287 -40.53 19.00 10.10
C ILE D 287 -41.08 17.87 9.26
N ASP D 288 -40.54 16.67 9.48
CA ASP D 288 -40.97 15.46 8.78
C ASP D 288 -41.35 14.40 9.84
N ILE D 289 -42.65 14.21 10.04
CA ILE D 289 -43.16 13.23 11.00
C ILE D 289 -43.22 11.91 10.26
N CYS D 290 -42.47 10.95 10.76
CA CYS D 290 -42.38 9.64 10.13
C CYS D 290 -43.08 8.58 10.92
N ASP D 291 -43.83 7.77 10.19
CA ASP D 291 -44.61 6.67 10.75
C ASP D 291 -43.99 5.30 10.50
N TYR D 292 -44.01 4.46 11.53
CA TYR D 292 -43.47 3.11 11.43
C TYR D 292 -44.48 2.23 10.67
N ASP D 293 -44.01 1.47 9.70
CA ASP D 293 -44.88 0.58 8.93
C ASP D 293 -44.54 -0.81 9.39
N GLU D 294 -45.43 -1.40 10.18
CA GLU D 294 -45.18 -2.73 10.73
C GLU D 294 -44.99 -3.87 9.76
N SER D 295 -45.58 -3.79 8.58
CA SER D 295 -45.42 -4.89 7.66
C SER D 295 -44.03 -4.90 7.01
N THR D 296 -43.35 -3.77 7.06
CA THR D 296 -42.04 -3.66 6.41
C THR D 296 -40.90 -3.23 7.31
N GLY D 297 -41.20 -2.64 8.44
CA GLY D 297 -40.14 -2.20 9.32
C GLY D 297 -39.58 -0.87 8.87
N ARG D 298 -40.10 -0.35 7.76
CA ARG D 298 -39.65 0.93 7.24
C ARG D 298 -40.35 2.06 7.97
N TRP D 299 -39.74 3.25 7.97
CA TRP D 299 -40.32 4.45 8.60
C TRP D 299 -40.66 5.35 7.45
N ILE D 300 -41.95 5.61 7.31
CA ILE D 300 -42.49 6.38 6.21
C ILE D 300 -42.92 7.79 6.51
N SER D 301 -42.69 8.64 5.52
CA SER D 301 -43.01 10.05 5.61
C SER D 301 -43.92 10.39 4.46
N SER D 302 -44.77 11.40 4.64
CA SER D 302 -45.73 11.80 3.61
C SER D 302 -45.81 13.32 3.46
N VAL D 303 -45.99 13.78 2.23
CA VAL D 303 -46.05 15.21 1.98
C VAL D 303 -47.06 15.88 2.86
N ALA D 304 -47.98 15.09 3.41
CA ALA D 304 -49.03 15.61 4.27
C ALA D 304 -48.57 15.89 5.69
N ARG D 305 -47.60 15.12 6.16
CA ARG D 305 -47.12 15.32 7.51
C ARG D 305 -45.84 16.17 7.59
N GLN D 306 -45.58 16.94 6.54
CA GLN D 306 -44.43 17.82 6.50
C GLN D 306 -44.87 19.25 6.76
N HIS D 307 -44.07 19.98 7.53
CA HIS D 307 -44.38 21.36 7.87
C HIS D 307 -43.17 22.32 7.67
N ILE D 308 -43.16 22.96 6.50
CA ILE D 308 -42.13 23.91 6.14
C ILE D 308 -42.22 25.13 7.04
N GLU D 309 -41.10 25.83 7.22
CA GLU D 309 -41.03 27.04 8.05
C GLU D 309 -39.91 27.92 7.50
N ILE D 310 -40.25 29.09 6.95
CA ILE D 310 -39.23 29.96 6.37
C ILE D 310 -39.20 31.42 6.85
N SER D 311 -38.12 32.12 6.53
CA SER D 311 -37.98 33.52 6.90
C SER D 311 -37.60 34.34 5.68
N THR D 312 -38.28 35.46 5.48
CA THR D 312 -37.97 36.34 4.37
C THR D 312 -37.08 37.47 4.90
N THR D 313 -37.17 37.73 6.21
CA THR D 313 -36.36 38.77 6.83
C THR D 313 -34.99 38.28 7.28
N GLY D 314 -34.91 37.05 7.75
CA GLY D 314 -33.63 36.53 8.22
C GLY D 314 -33.49 35.03 8.25
N TRP D 315 -33.15 34.51 9.43
CA TRP D 315 -32.94 33.09 9.62
C TRP D 315 -34.15 32.59 10.41
N VAL D 316 -34.32 31.28 10.46
CA VAL D 316 -35.43 30.69 11.17
C VAL D 316 -35.11 30.50 12.63
N GLY D 317 -36.10 30.68 13.48
CA GLY D 317 -35.92 30.53 14.92
C GLY D 317 -34.91 31.49 15.52
N ARG D 318 -34.61 31.32 16.81
CA ARG D 318 -33.64 32.17 17.46
C ARG D 318 -32.23 31.70 17.11
N PHE D 319 -31.87 30.50 17.57
CA PHE D 319 -30.55 29.92 17.27
C PHE D 319 -30.70 28.61 16.48
N ARG D 320 -31.96 28.21 16.33
CA ARG D 320 -32.37 27.02 15.59
C ARG D 320 -33.89 27.12 15.59
N PRO D 321 -34.56 26.36 14.73
CA PRO D 321 -36.02 26.49 14.80
C PRO D 321 -36.54 25.94 16.11
N ALA D 322 -37.64 26.50 16.62
CA ALA D 322 -38.20 26.01 17.87
C ALA D 322 -38.63 24.57 17.65
N GLU D 323 -38.70 23.80 18.73
CA GLU D 323 -39.11 22.41 18.62
C GLU D 323 -40.61 22.19 18.85
N PRO D 324 -41.17 21.15 18.24
CA PRO D 324 -42.57 20.79 18.35
C PRO D 324 -42.89 19.99 19.63
N HIS D 325 -44.04 20.27 20.23
CA HIS D 325 -44.44 19.57 21.43
C HIS D 325 -45.74 18.85 21.08
N PHE D 326 -45.66 17.54 20.98
CA PHE D 326 -46.79 16.71 20.58
C PHE D 326 -47.79 16.27 21.64
N THR D 327 -49.04 16.14 21.20
CA THR D 327 -50.13 15.68 22.06
C THR D 327 -49.80 14.23 22.39
N SER D 328 -50.39 13.71 23.45
CA SER D 328 -50.14 12.34 23.88
C SER D 328 -50.43 11.36 22.74
N ASP D 329 -51.43 11.64 21.93
CA ASP D 329 -51.77 10.76 20.81
C ASP D 329 -50.89 11.10 19.60
N GLY D 330 -50.29 12.28 19.65
CA GLY D 330 -49.41 12.68 18.58
C GLY D 330 -50.02 13.16 17.28
N ASN D 331 -51.32 13.44 17.26
CA ASN D 331 -51.91 13.91 16.02
C ASN D 331 -51.83 15.42 15.85
N SER D 332 -51.40 16.10 16.90
CA SER D 332 -51.21 17.54 16.81
C SER D 332 -50.08 17.95 17.75
N PHE D 333 -49.42 19.05 17.42
CA PHE D 333 -48.32 19.54 18.24
C PHE D 333 -48.39 21.05 18.25
N TYR D 334 -47.83 21.63 19.30
CA TYR D 334 -47.76 23.08 19.44
C TYR D 334 -46.32 23.52 19.20
N LYS D 335 -46.10 24.53 18.38
CA LYS D 335 -44.74 24.99 18.07
C LYS D 335 -44.57 26.50 17.89
N ILE D 336 -43.63 27.07 18.63
CA ILE D 336 -43.36 28.50 18.54
C ILE D 336 -42.91 28.94 17.14
N ILE D 337 -43.57 29.95 16.60
CA ILE D 337 -43.21 30.50 15.30
C ILE D 337 -43.48 32.00 15.25
N SER D 338 -43.14 32.63 14.15
CA SER D 338 -43.35 34.06 14.02
C SER D 338 -44.71 34.47 13.51
N ASN D 339 -45.17 35.63 13.98
CA ASN D 339 -46.42 36.23 13.59
C ASN D 339 -46.21 36.81 12.22
N GLU D 340 -47.30 37.22 11.60
CA GLU D 340 -47.22 37.85 10.30
C GLU D 340 -46.82 39.25 10.72
N GLU D 341 -46.77 39.43 12.03
CA GLU D 341 -46.41 40.68 12.69
C GLU D 341 -44.90 40.67 13.05
N GLY D 342 -44.36 39.49 13.30
CA GLY D 342 -42.95 39.39 13.63
C GLY D 342 -42.62 38.89 15.03
N TYR D 343 -43.64 38.71 15.86
CA TYR D 343 -43.40 38.23 17.21
C TYR D 343 -43.56 36.72 17.28
N LYS D 344 -42.70 36.05 18.04
CA LYS D 344 -42.75 34.60 18.15
C LYS D 344 -43.74 34.10 19.19
N HIS D 345 -44.76 33.40 18.68
CA HIS D 345 -45.83 32.84 19.49
C HIS D 345 -46.15 31.36 19.20
N ILE D 346 -46.92 30.77 20.10
CA ILE D 346 -47.32 29.38 19.98
C ILE D 346 -48.35 29.14 18.89
N CYS D 347 -48.02 28.31 17.89
CA CYS D 347 -48.96 27.97 16.83
C CYS D 347 -49.37 26.53 17.07
N HIS D 348 -50.62 26.21 16.75
CA HIS D 348 -51.13 24.84 16.95
C HIS D 348 -51.20 24.16 15.61
N PHE D 349 -50.48 23.05 15.51
CA PHE D 349 -50.40 22.30 14.27
C PHE D 349 -51.06 20.96 14.31
N GLN D 350 -51.70 20.62 13.21
CA GLN D 350 -52.35 19.33 13.08
C GLN D 350 -51.27 18.50 12.41
N THR D 351 -50.81 17.45 13.09
CA THR D 351 -49.76 16.58 12.55
C THR D 351 -49.84 16.29 11.04
N ASP D 352 -51.02 16.35 10.44
CA ASP D 352 -51.16 16.06 9.00
C ASP D 352 -51.84 17.11 8.12
N LYS D 353 -51.99 18.33 8.62
CA LYS D 353 -52.61 19.42 7.86
C LYS D 353 -51.51 20.48 7.76
N SER D 354 -51.67 21.44 6.84
CA SER D 354 -50.62 22.45 6.70
C SER D 354 -50.81 23.73 7.50
N ASN D 355 -52.06 24.11 7.76
CA ASN D 355 -52.36 25.34 8.50
C ASN D 355 -52.30 25.22 10.03
N CYS D 356 -51.95 26.32 10.70
CA CYS D 356 -51.88 26.31 12.16
C CYS D 356 -52.64 27.48 12.76
N THR D 357 -53.00 27.33 14.03
CA THR D 357 -53.75 28.35 14.76
C THR D 357 -52.98 29.02 15.90
N PHE D 358 -52.68 30.31 15.73
CA PHE D 358 -51.96 31.03 16.79
C PHE D 358 -52.81 31.12 18.04
N ILE D 359 -52.28 30.61 19.14
CA ILE D 359 -53.00 30.59 20.41
C ILE D 359 -52.50 31.62 21.45
N THR D 360 -51.63 32.53 21.00
CA THR D 360 -51.10 33.61 21.84
C THR D 360 -50.61 34.70 20.89
N LYS D 361 -50.83 35.97 21.22
CA LYS D 361 -50.37 37.05 20.36
C LYS D 361 -49.97 38.23 21.21
N GLY D 362 -49.52 39.30 20.55
CA GLY D 362 -49.09 40.48 21.27
C GLY D 362 -47.72 40.95 20.85
N ALA D 363 -47.31 42.11 21.38
CA ALA D 363 -46.01 42.68 21.05
C ALA D 363 -45.03 42.22 22.13
N TRP D 364 -44.89 40.90 22.21
CA TRP D 364 -43.99 40.22 23.12
C TRP D 364 -43.73 38.86 22.49
N GLU D 365 -43.04 37.98 23.19
CA GLU D 365 -42.74 36.66 22.65
C GLU D 365 -42.81 35.58 23.71
N VAL D 366 -43.07 34.36 23.26
CA VAL D 366 -43.11 33.19 24.12
C VAL D 366 -41.66 32.69 24.08
N ILE D 367 -41.09 32.32 25.23
CA ILE D 367 -39.70 31.87 25.22
C ILE D 367 -39.63 30.39 24.99
N GLY D 368 -40.58 29.65 25.56
CA GLY D 368 -40.61 28.21 25.36
C GLY D 368 -41.84 27.53 25.93
N ILE D 369 -42.18 26.36 25.37
CA ILE D 369 -43.31 25.59 25.88
C ILE D 369 -42.73 24.64 26.92
N GLU D 370 -43.18 24.78 28.16
CA GLU D 370 -42.67 23.91 29.22
C GLU D 370 -43.29 22.53 29.27
N ALA D 371 -44.61 22.48 29.42
CA ALA D 371 -45.31 21.20 29.51
C ALA D 371 -46.58 21.28 28.70
N LEU D 372 -47.23 20.12 28.51
CA LEU D 372 -48.44 20.06 27.72
C LEU D 372 -49.26 18.85 28.15
N THR D 373 -50.51 19.09 28.51
CA THR D 373 -51.43 18.02 28.93
C THR D 373 -52.63 18.03 28.01
N SER D 374 -53.57 17.14 28.27
CA SER D 374 -54.77 17.08 27.45
C SER D 374 -55.57 18.37 27.64
N ASP D 375 -55.51 18.94 28.84
CA ASP D 375 -56.23 20.17 29.15
C ASP D 375 -55.48 21.47 28.86
N TYR D 376 -54.25 21.60 29.37
CA TYR D 376 -53.46 22.83 29.22
C TYR D 376 -52.05 22.69 28.65
N LEU D 377 -51.52 23.83 28.20
CA LEU D 377 -50.17 23.97 27.66
C LEU D 377 -49.52 25.02 28.55
N TYR D 378 -48.42 24.67 29.21
CA TYR D 378 -47.72 25.62 30.09
C TYR D 378 -46.48 26.18 29.40
N TYR D 379 -46.37 27.51 29.32
CA TYR D 379 -45.20 28.10 28.68
C TYR D 379 -44.54 29.23 29.49
N ILE D 380 -43.51 29.81 28.90
CA ILE D 380 -42.76 30.89 29.52
C ILE D 380 -42.58 32.02 28.51
N SER D 381 -42.88 33.24 28.95
CA SER D 381 -42.79 34.42 28.09
C SER D 381 -42.42 35.70 28.84
N ASN D 382 -42.17 36.77 28.09
CA ASN D 382 -41.80 38.03 28.69
C ASN D 382 -42.87 39.10 28.47
N GLU D 383 -44.13 38.68 28.48
CA GLU D 383 -45.25 39.60 28.29
C GLU D 383 -45.51 40.50 29.51
N HIS D 384 -45.30 39.94 30.70
CA HIS D 384 -45.55 40.68 31.93
C HIS D 384 -44.81 42.00 32.03
N LYS D 385 -45.57 43.09 32.13
CA LYS D 385 -45.00 44.42 32.24
C LYS D 385 -44.30 44.90 30.97
N GLY D 386 -44.52 44.19 29.87
CA GLY D 386 -43.91 44.60 28.61
C GLY D 386 -42.41 44.68 28.72
N MET D 387 -41.86 43.98 29.72
CA MET D 387 -40.42 43.94 29.92
C MET D 387 -39.85 42.75 29.20
N PRO D 388 -39.26 42.95 28.02
CA PRO D 388 -38.69 41.81 27.29
C PRO D 388 -37.67 41.04 28.13
N GLY D 389 -37.18 41.68 29.21
CA GLY D 389 -36.18 41.04 30.05
C GLY D 389 -36.74 40.34 31.25
N GLY D 390 -38.05 40.12 31.28
CA GLY D 390 -38.67 39.46 32.41
C GLY D 390 -39.10 38.08 31.95
N ARG D 391 -39.12 37.11 32.87
CA ARG D 391 -39.52 35.74 32.53
C ARG D 391 -40.67 35.22 33.39
N ASN D 392 -41.77 34.83 32.75
CA ASN D 392 -42.90 34.31 33.51
C ASN D 392 -43.58 33.07 32.95
N LEU D 393 -44.03 32.23 33.88
CA LEU D 393 -44.73 31.00 33.59
C LEU D 393 -46.20 31.28 33.41
N TYR D 394 -46.76 30.88 32.28
CA TYR D 394 -48.17 31.10 32.04
C TYR D 394 -48.77 29.75 31.75
N ARG D 395 -50.10 29.69 31.72
CA ARG D 395 -50.79 28.45 31.42
C ARG D 395 -51.99 28.83 30.58
N ILE D 396 -52.26 28.08 29.53
CA ILE D 396 -53.38 28.40 28.67
C ILE D 396 -54.24 27.17 28.47
N GLN D 397 -55.56 27.36 28.45
CA GLN D 397 -56.52 26.27 28.26
C GLN D 397 -56.64 25.88 26.80
N LEU D 398 -56.46 24.60 26.51
CA LEU D 398 -56.49 24.13 25.14
C LEU D 398 -57.82 24.32 24.42
N ASN D 399 -58.95 24.21 25.13
CA ASN D 399 -60.26 24.39 24.47
C ASN D 399 -60.67 25.87 24.38
N ASP D 400 -60.04 26.72 25.19
CA ASP D 400 -60.33 28.15 25.19
C ASP D 400 -59.04 28.93 25.45
N TYR D 401 -58.44 29.45 24.37
CA TYR D 401 -57.21 30.21 24.49
C TYR D 401 -57.46 31.61 25.03
N THR D 402 -58.66 31.83 25.56
CA THR D 402 -59.03 33.11 26.14
C THR D 402 -58.68 33.08 27.61
N LYS D 403 -58.66 31.89 28.17
CA LYS D 403 -58.35 31.69 29.58
C LYS D 403 -56.86 31.38 29.71
N VAL D 404 -56.05 32.42 29.96
CA VAL D 404 -54.60 32.28 30.08
C VAL D 404 -54.24 32.67 31.51
N THR D 405 -53.46 31.86 32.20
CA THR D 405 -53.12 32.17 33.58
C THR D 405 -51.63 32.31 33.91
N CYS D 406 -51.24 33.47 34.46
CA CYS D 406 -49.85 33.68 34.85
C CYS D 406 -49.58 33.15 36.25
N LEU D 407 -49.24 31.87 36.32
CA LEU D 407 -48.95 31.19 37.57
C LEU D 407 -47.82 31.77 38.40
N SER D 408 -47.05 32.70 37.83
CA SER D 408 -45.90 33.26 38.56
C SER D 408 -45.80 34.76 38.73
N CYS D 409 -46.51 35.53 37.93
CA CYS D 409 -46.43 36.99 37.99
C CYS D 409 -46.51 37.63 39.37
N GLU D 410 -47.39 37.12 40.24
CA GLU D 410 -47.54 37.74 41.56
C GLU D 410 -47.09 36.98 42.81
N LEU D 411 -46.23 35.98 42.65
CA LEU D 411 -45.74 35.25 43.81
C LEU D 411 -44.90 36.15 44.75
N ASN D 412 -44.03 36.97 44.15
CA ASN D 412 -43.18 37.93 44.88
C ASN D 412 -42.85 38.90 43.76
N PRO D 413 -43.84 39.61 43.25
CA PRO D 413 -43.67 40.58 42.16
C PRO D 413 -42.52 41.57 42.29
N GLU D 414 -42.02 41.77 43.51
CA GLU D 414 -40.93 42.72 43.73
C GLU D 414 -39.54 42.06 43.71
N ARG D 415 -39.50 40.78 44.04
CA ARG D 415 -38.25 40.02 44.08
C ARG D 415 -38.07 39.12 42.86
N CYS D 416 -39.18 38.55 42.40
CA CYS D 416 -39.18 37.60 41.29
C CYS D 416 -39.85 38.06 40.01
N GLN D 417 -39.04 38.25 38.98
CA GLN D 417 -39.55 38.69 37.71
C GLN D 417 -38.88 37.85 36.62
N TYR D 418 -38.21 36.79 37.04
CA TYR D 418 -37.50 35.92 36.11
C TYR D 418 -37.58 34.47 36.57
N TYR D 419 -38.41 33.67 35.92
CA TYR D 419 -38.57 32.29 36.34
C TYR D 419 -38.31 31.27 35.26
N SER D 420 -38.08 30.05 35.72
CA SER D 420 -37.90 28.87 34.87
C SER D 420 -38.68 27.80 35.64
N ALA D 421 -39.25 26.83 34.94
CA ALA D 421 -40.02 25.80 35.63
C ALA D 421 -39.57 24.38 35.29
N SER D 422 -39.81 23.46 36.21
CA SER D 422 -39.45 22.06 36.06
C SER D 422 -40.67 21.25 36.52
N PHE D 423 -41.45 20.74 35.56
CA PHE D 423 -42.67 19.98 35.87
C PHE D 423 -42.40 18.50 36.11
N SER D 424 -43.30 17.88 36.87
CA SER D 424 -43.22 16.45 37.16
C SER D 424 -43.64 15.76 35.86
N ASN D 425 -43.56 14.44 35.84
CA ASN D 425 -43.89 13.70 34.62
C ASN D 425 -45.21 14.03 33.95
N LYS D 426 -46.32 13.96 34.67
CA LYS D 426 -47.60 14.24 34.04
C LYS D 426 -47.99 15.70 34.26
N ALA D 427 -47.02 16.49 34.72
CA ALA D 427 -47.21 17.92 35.00
C ALA D 427 -48.09 18.06 36.23
N LYS D 428 -48.17 16.98 37.00
CA LYS D 428 -48.97 16.95 38.21
C LYS D 428 -48.41 17.98 39.19
N TYR D 429 -47.12 18.29 39.06
CA TYR D 429 -46.46 19.28 39.92
C TYR D 429 -45.39 20.03 39.17
N TYR D 430 -44.89 21.11 39.77
CA TYR D 430 -43.82 21.89 39.15
C TYR D 430 -43.01 22.73 40.12
N GLN D 431 -41.73 22.83 39.83
CA GLN D 431 -40.84 23.64 40.64
C GLN D 431 -40.66 24.98 39.93
N LEU D 432 -40.66 26.06 40.72
CA LEU D 432 -40.48 27.38 40.19
C LEU D 432 -39.13 27.94 40.62
N ARG D 433 -38.39 28.41 39.63
CA ARG D 433 -37.07 29.00 39.85
C ARG D 433 -37.07 30.50 39.60
N CYS D 434 -36.91 31.26 40.67
CA CYS D 434 -36.87 32.71 40.63
C CYS D 434 -35.39 33.11 40.63
N PHE D 435 -34.94 33.78 39.57
CA PHE D 435 -33.52 34.13 39.44
C PHE D 435 -33.08 35.59 39.57
N GLY D 436 -34.03 36.47 39.86
CA GLY D 436 -33.72 37.87 39.99
C GLY D 436 -35.01 38.62 39.84
N PRO D 437 -35.06 39.93 40.10
CA PRO D 437 -33.97 40.81 40.53
C PRO D 437 -33.50 40.59 41.96
N GLY D 438 -34.35 39.98 42.77
CA GLY D 438 -34.00 39.71 44.15
C GLY D 438 -33.22 38.41 44.24
N LEU D 439 -32.94 37.96 45.46
CA LEU D 439 -32.20 36.72 45.62
C LEU D 439 -33.03 35.58 45.08
N PRO D 440 -32.37 34.60 44.45
CA PRO D 440 -33.04 33.44 43.88
C PRO D 440 -33.93 32.78 44.91
N LEU D 441 -35.09 32.32 44.42
CA LEU D 441 -36.10 31.67 45.24
C LEU D 441 -36.52 30.42 44.54
N TYR D 442 -36.47 29.28 45.23
CA TYR D 442 -36.88 28.01 44.64
C TYR D 442 -38.05 27.41 45.38
N THR D 443 -39.17 27.24 44.70
CA THR D 443 -40.36 26.70 45.34
C THR D 443 -41.07 25.57 44.60
N LEU D 444 -41.86 24.82 45.35
CA LEU D 444 -42.64 23.70 44.80
C LEU D 444 -44.13 24.07 44.67
N HIS D 445 -44.76 23.64 43.57
CA HIS D 445 -46.17 23.94 43.34
C HIS D 445 -46.99 22.77 42.83
N SER D 446 -48.31 22.89 42.98
CA SER D 446 -49.24 21.87 42.52
C SER D 446 -50.03 22.48 41.36
N SER D 447 -50.14 21.75 40.26
CA SER D 447 -50.86 22.26 39.09
C SER D 447 -52.37 22.30 39.28
N SER D 448 -52.89 21.39 40.12
CA SER D 448 -54.32 21.30 40.39
C SER D 448 -54.84 22.52 41.14
N SER D 449 -54.36 22.71 42.36
CA SER D 449 -54.77 23.85 43.19
C SER D 449 -53.94 25.09 42.86
N ASP D 450 -52.72 24.85 42.38
CA ASP D 450 -51.79 25.90 42.04
C ASP D 450 -51.33 26.64 43.29
N LYS D 451 -51.47 25.97 44.43
CA LYS D 451 -51.06 26.53 45.70
C LYS D 451 -49.59 26.16 45.91
N GLU D 452 -48.84 27.05 46.57
CA GLU D 452 -47.43 26.79 46.83
C GLU D 452 -47.31 25.77 47.95
N LEU D 453 -46.86 24.56 47.61
CA LEU D 453 -46.72 23.50 48.59
C LEU D 453 -45.65 23.87 49.61
N ARG D 454 -44.51 24.38 49.13
CA ARG D 454 -43.43 24.76 50.04
C ARG D 454 -42.28 25.50 49.37
N VAL D 455 -41.38 26.04 50.22
CA VAL D 455 -40.19 26.75 49.78
C VAL D 455 -39.05 25.76 49.78
N LEU D 456 -38.43 25.56 48.63
CA LEU D 456 -37.33 24.62 48.56
C LEU D 456 -36.05 25.32 48.98
N GLU D 457 -35.83 26.52 48.46
CA GLU D 457 -34.63 27.30 48.78
C GLU D 457 -34.92 28.79 48.68
N ASP D 458 -34.71 29.48 49.80
CA ASP D 458 -34.99 30.90 49.94
C ASP D 458 -33.75 31.79 50.10
N ASN D 459 -32.57 31.18 50.08
CA ASN D 459 -31.32 31.90 50.26
C ASN D 459 -31.35 32.84 51.45
N SER D 460 -32.02 32.41 52.51
CA SER D 460 -32.15 33.20 53.73
C SER D 460 -30.80 33.58 54.31
N ALA D 461 -29.83 32.68 54.18
CA ALA D 461 -28.48 32.89 54.70
C ALA D 461 -27.72 33.97 53.94
N LEU D 462 -27.85 33.98 52.61
CA LEU D 462 -27.17 34.97 51.78
C LEU D 462 -27.78 36.36 52.01
N ASP D 463 -29.10 36.41 52.16
CA ASP D 463 -29.84 37.65 52.40
C ASP D 463 -29.23 38.35 53.61
N LYS D 464 -28.86 37.54 54.60
CA LYS D 464 -28.26 38.00 55.84
C LYS D 464 -26.92 38.66 55.56
N MET D 465 -26.00 37.90 54.99
CA MET D 465 -24.67 38.38 54.70
C MET D 465 -24.63 39.69 53.93
N LEU D 466 -25.46 39.81 52.90
CA LEU D 466 -25.44 41.01 52.06
C LEU D 466 -25.88 42.33 52.68
N GLN D 467 -26.83 42.27 53.60
CA GLN D 467 -27.30 43.50 54.25
C GLN D 467 -26.08 44.14 54.91
N ASP D 468 -25.13 43.30 55.29
CA ASP D 468 -23.91 43.71 55.97
C ASP D 468 -22.88 44.35 54.98
N VAL D 469 -23.28 44.50 53.73
CA VAL D 469 -22.38 45.08 52.74
C VAL D 469 -23.09 46.06 51.82
N GLN D 470 -22.35 47.03 51.33
CA GLN D 470 -22.88 48.04 50.41
C GLN D 470 -23.01 47.47 49.01
N MET D 471 -24.20 46.94 48.69
CA MET D 471 -24.46 46.36 47.38
C MET D 471 -24.97 47.42 46.41
N PRO D 472 -24.44 47.43 45.18
CA PRO D 472 -24.89 48.43 44.21
C PRO D 472 -26.34 48.21 43.83
N SER D 473 -26.85 49.08 42.98
CA SER D 473 -28.22 48.97 42.52
C SER D 473 -28.24 48.75 41.01
N LYS D 474 -29.31 48.14 40.52
CA LYS D 474 -29.43 47.87 39.09
C LYS D 474 -30.73 48.46 38.61
N LYS D 475 -30.65 49.47 37.77
CA LYS D 475 -31.86 50.09 37.25
C LYS D 475 -32.06 49.67 35.80
N LEU D 476 -33.29 49.32 35.47
CA LEU D 476 -33.63 48.94 34.11
C LEU D 476 -34.57 49.98 33.56
N ASP D 477 -34.16 50.58 32.44
CA ASP D 477 -34.98 51.59 31.83
C ASP D 477 -34.83 51.55 30.31
N VAL D 478 -35.44 52.52 29.64
CA VAL D 478 -35.38 52.56 28.19
C VAL D 478 -34.93 53.90 27.61
N ILE D 479 -34.53 53.88 26.35
CA ILE D 479 -34.15 55.12 25.67
C ILE D 479 -34.60 54.98 24.24
N ASN D 480 -34.52 56.06 23.50
CA ASN D 480 -34.99 56.00 22.12
C ASN D 480 -33.94 56.10 21.05
N LEU D 481 -33.90 55.10 20.19
CA LEU D 481 -32.98 55.11 19.08
C LEU D 481 -33.74 54.82 17.78
N HIS D 482 -33.41 55.57 16.73
CA HIS D 482 -34.02 55.40 15.42
C HIS D 482 -35.55 55.25 15.50
N GLY D 483 -36.15 55.80 16.54
CA GLY D 483 -37.59 55.72 16.67
C GLY D 483 -38.10 54.57 17.51
N THR D 484 -37.21 53.79 18.08
CA THR D 484 -37.66 52.66 18.89
C THR D 484 -37.14 52.72 20.31
N LYS D 485 -37.92 52.20 21.26
CA LYS D 485 -37.49 52.18 22.65
C LYS D 485 -36.70 50.88 22.85
N PHE D 486 -35.44 51.02 23.25
CA PHE D 486 -34.57 49.88 23.49
C PHE D 486 -34.22 49.89 24.96
N TRP D 487 -34.00 48.72 25.54
CA TRP D 487 -33.68 48.71 26.96
C TRP D 487 -32.19 48.71 27.29
N TYR D 488 -31.91 49.13 28.52
CA TYR D 488 -30.54 49.15 29.00
C TYR D 488 -30.66 49.01 30.49
N GLN D 489 -29.55 48.69 31.14
CA GLN D 489 -29.53 48.57 32.58
C GLN D 489 -28.30 49.26 33.05
N MET D 490 -28.27 49.58 34.33
CA MET D 490 -27.11 50.22 34.96
C MET D 490 -26.93 49.67 36.36
N ILE D 491 -25.71 49.21 36.63
CA ILE D 491 -25.36 48.73 37.94
C ILE D 491 -24.83 50.06 38.50
N LEU D 492 -25.47 50.53 39.56
CA LEU D 492 -25.10 51.79 40.19
C LEU D 492 -24.38 51.59 41.52
N PRO D 493 -23.31 52.37 41.74
CA PRO D 493 -22.55 52.24 42.99
C PRO D 493 -23.48 52.52 44.18
N PRO D 494 -23.27 51.84 45.32
CA PRO D 494 -24.14 52.11 46.47
C PRO D 494 -24.16 53.61 46.80
N HIS D 495 -25.29 54.11 47.30
CA HIS D 495 -25.40 55.53 47.65
C HIS D 495 -25.07 56.42 46.47
N PHE D 496 -25.67 56.08 45.34
CA PHE D 496 -25.49 56.81 44.09
C PHE D 496 -26.06 58.21 44.27
N ASP D 497 -25.39 59.18 43.68
CA ASP D 497 -25.83 60.56 43.76
C ASP D 497 -25.63 61.27 42.46
N LYS D 498 -26.70 61.55 41.74
CA LYS D 498 -26.53 62.29 40.50
C LYS D 498 -25.89 63.58 41.00
N SER D 499 -25.45 64.44 40.10
CA SER D 499 -24.78 65.68 40.53
C SER D 499 -23.32 65.34 40.75
N LYS D 500 -23.04 64.04 40.84
CA LYS D 500 -21.68 63.55 41.00
C LYS D 500 -21.39 62.80 39.70
N LYS D 501 -20.26 63.10 39.06
CA LYS D 501 -19.92 62.45 37.81
C LYS D 501 -19.06 61.20 37.97
N TYR D 502 -19.63 60.05 37.62
CA TYR D 502 -18.93 58.79 37.74
C TYR D 502 -18.36 58.30 36.43
N PRO D 503 -17.33 57.43 36.50
CA PRO D 503 -16.69 56.87 35.31
C PRO D 503 -17.66 55.79 34.83
N LEU D 504 -17.67 55.54 33.53
CA LEU D 504 -18.62 54.57 32.98
C LEU D 504 -18.05 53.42 32.18
N LEU D 505 -18.55 52.24 32.49
CA LEU D 505 -18.13 51.00 31.82
C LEU D 505 -19.29 50.35 31.09
N ILE D 506 -19.14 50.20 29.78
CA ILE D 506 -20.15 49.53 28.99
C ILE D 506 -19.71 48.07 28.88
N GLU D 507 -20.58 47.16 29.34
CA GLU D 507 -20.33 45.73 29.29
C GLU D 507 -21.22 45.28 28.16
N VAL D 508 -20.62 44.76 27.11
CA VAL D 508 -21.39 44.37 25.93
C VAL D 508 -21.30 42.93 25.48
N TYR D 509 -22.34 42.50 24.78
CA TYR D 509 -22.40 41.21 24.13
C TYR D 509 -22.86 41.66 22.75
N ALA D 510 -24.17 41.91 22.63
CA ALA D 510 -24.75 42.44 21.39
C ALA D 510 -24.80 41.53 20.15
N GLY D 511 -24.64 40.23 20.33
CA GLY D 511 -24.69 39.36 19.17
C GLY D 511 -26.12 39.10 18.79
N PRO D 512 -26.36 38.55 17.59
CA PRO D 512 -27.75 38.29 17.17
C PRO D 512 -28.53 37.40 18.14
N CYS D 513 -29.68 37.92 18.57
CA CYS D 513 -30.63 37.29 19.51
C CYS D 513 -30.17 37.26 20.95
N SER D 514 -29.24 38.16 21.23
CA SER D 514 -28.65 38.31 22.55
C SER D 514 -29.50 39.20 23.46
N GLN D 515 -29.27 39.07 24.77
CA GLN D 515 -29.96 39.87 25.77
C GLN D 515 -29.12 40.06 27.01
N LYS D 516 -28.43 41.21 27.08
CA LYS D 516 -27.58 41.57 28.22
C LYS D 516 -28.38 42.33 29.26
N VAL D 517 -29.51 42.89 28.82
CA VAL D 517 -30.33 43.67 29.73
C VAL D 517 -31.46 42.79 30.26
N ASP D 518 -31.34 42.34 31.51
CA ASP D 518 -32.40 41.51 32.09
C ASP D 518 -32.54 41.62 33.60
N THR D 519 -33.45 40.85 34.18
CA THR D 519 -33.67 40.90 35.63
C THR D 519 -33.06 39.79 36.46
N VAL D 520 -32.14 39.05 35.89
CA VAL D 520 -31.48 37.98 36.62
C VAL D 520 -30.65 38.64 37.73
N PHE D 521 -30.51 37.97 38.87
CA PHE D 521 -29.69 38.47 39.99
C PHE D 521 -28.30 37.87 39.81
N ARG D 522 -27.28 38.70 39.67
CA ARG D 522 -25.92 38.20 39.48
C ARG D 522 -24.83 38.86 40.32
N LEU D 523 -23.98 38.04 40.93
CA LEU D 523 -22.88 38.53 41.74
C LEU D 523 -21.70 38.55 40.77
N SER D 524 -21.56 39.65 40.04
CA SER D 524 -20.51 39.71 39.03
C SER D 524 -19.33 40.62 39.30
N TRP D 525 -18.53 40.74 38.24
CA TRP D 525 -17.36 41.59 38.25
C TRP D 525 -17.88 43.01 38.30
N ALA D 526 -18.92 43.28 37.52
CA ALA D 526 -19.52 44.60 37.47
C ALA D 526 -19.97 44.97 38.86
N THR D 527 -20.44 43.98 39.63
CA THR D 527 -20.87 44.22 41.02
C THR D 527 -19.72 44.92 41.74
N TYR D 528 -18.58 44.24 41.79
CA TYR D 528 -17.37 44.77 42.41
C TYR D 528 -17.07 46.22 41.98
N LEU D 529 -17.02 46.49 40.68
CA LEU D 529 -16.73 47.84 40.19
C LEU D 529 -17.68 48.89 40.74
N ALA D 530 -18.96 48.63 40.62
CA ALA D 530 -19.95 49.58 41.13
C ALA D 530 -19.69 49.78 42.62
N SER D 531 -19.84 48.69 43.39
CA SER D 531 -19.66 48.71 44.84
C SER D 531 -18.36 49.30 45.37
N THR D 532 -17.24 48.76 44.90
CA THR D 532 -15.97 49.22 45.41
C THR D 532 -15.28 50.32 44.65
N GLU D 533 -15.15 50.15 43.34
CA GLU D 533 -14.48 51.17 42.56
C GLU D 533 -15.41 52.31 42.14
N ASN D 534 -16.65 52.26 42.58
CA ASN D 534 -17.63 53.28 42.23
C ASN D 534 -17.75 53.57 40.73
N ILE D 535 -17.58 52.53 39.92
CA ILE D 535 -17.70 52.68 38.48
C ILE D 535 -19.14 52.29 38.07
N ILE D 536 -19.76 53.07 37.20
CA ILE D 536 -21.10 52.71 36.75
C ILE D 536 -20.95 51.74 35.58
N VAL D 537 -21.65 50.61 35.63
CA VAL D 537 -21.57 49.60 34.56
C VAL D 537 -22.91 49.45 33.84
N ALA D 538 -22.91 49.69 32.54
CA ALA D 538 -24.13 49.61 31.77
C ALA D 538 -24.06 48.60 30.61
N SER D 539 -25.23 48.09 30.22
CA SER D 539 -25.38 47.14 29.12
C SER D 539 -26.53 47.69 28.25
N PHE D 540 -26.57 47.31 26.99
CA PHE D 540 -27.62 47.81 26.11
C PHE D 540 -27.94 46.82 25.01
N ASP D 541 -29.23 46.52 24.85
CA ASP D 541 -29.68 45.61 23.81
C ASP D 541 -30.28 46.44 22.69
N GLY D 542 -29.55 46.57 21.59
CA GLY D 542 -30.03 47.36 20.47
C GLY D 542 -30.40 46.52 19.27
N ARG D 543 -30.16 47.08 18.09
CA ARG D 543 -30.46 46.40 16.84
C ARG D 543 -29.77 45.05 16.89
N GLY D 544 -30.52 44.00 16.57
CA GLY D 544 -29.92 42.69 16.60
C GLY D 544 -30.23 41.90 17.84
N SER D 545 -30.57 42.55 18.95
CA SER D 545 -30.90 41.80 20.16
C SER D 545 -32.20 41.03 19.98
N GLY D 546 -32.58 40.22 20.98
CA GLY D 546 -33.76 39.39 20.84
C GLY D 546 -34.82 39.44 21.90
N TYR D 547 -35.85 38.63 21.71
CA TYR D 547 -37.01 38.53 22.62
C TYR D 547 -37.87 39.79 22.53
N GLN D 548 -37.78 40.46 21.38
CA GLN D 548 -38.47 41.72 21.09
C GLN D 548 -39.01 41.78 19.68
N GLY D 549 -39.11 40.63 19.01
CA GLY D 549 -39.62 40.62 17.65
C GLY D 549 -38.54 40.62 16.58
N ASP D 550 -38.89 40.07 15.42
CA ASP D 550 -37.96 39.96 14.29
C ASP D 550 -37.55 41.27 13.60
N LYS D 551 -38.28 42.36 13.82
CA LYS D 551 -37.87 43.60 13.16
C LYS D 551 -36.59 44.05 13.82
N ILE D 552 -36.49 43.83 15.13
CA ILE D 552 -35.30 44.20 15.91
C ILE D 552 -34.17 43.19 15.62
N MET D 553 -34.47 41.92 15.85
CA MET D 553 -33.48 40.87 15.64
C MET D 553 -32.92 40.80 14.25
N HIS D 554 -33.76 40.62 13.25
CA HIS D 554 -33.24 40.50 11.89
C HIS D 554 -32.66 41.77 11.28
N ALA D 555 -32.55 42.82 12.07
CA ALA D 555 -32.02 44.08 11.60
C ALA D 555 -30.58 44.01 11.08
N ILE D 556 -29.73 43.24 11.73
CA ILE D 556 -28.33 43.09 11.32
C ILE D 556 -28.10 41.89 10.40
N ASN D 557 -29.18 41.26 9.94
CA ASN D 557 -29.06 40.11 9.05
C ASN D 557 -28.12 40.45 7.91
N ARG D 558 -27.27 39.49 7.55
CA ARG D 558 -26.29 39.68 6.49
C ARG D 558 -25.39 40.88 6.66
N ARG D 559 -25.52 41.56 7.80
CA ARG D 559 -24.67 42.70 8.08
C ARG D 559 -24.27 42.74 9.55
N LEU D 560 -23.48 41.76 9.98
CA LEU D 560 -23.00 41.71 11.38
C LEU D 560 -21.91 42.75 11.61
N GLY D 561 -21.93 43.35 12.78
CA GLY D 561 -20.91 44.32 13.07
C GLY D 561 -21.20 45.70 12.53
N THR D 562 -22.47 46.06 12.43
CA THR D 562 -22.78 47.40 11.97
C THR D 562 -23.71 48.09 12.93
N PHE D 563 -25.01 47.86 12.75
CA PHE D 563 -25.99 48.50 13.59
C PHE D 563 -25.84 48.16 15.07
N GLU D 564 -25.69 46.89 15.40
CA GLU D 564 -25.58 46.52 16.81
C GLU D 564 -24.43 47.28 17.46
N VAL D 565 -23.34 47.46 16.72
CA VAL D 565 -22.21 48.20 17.27
C VAL D 565 -22.56 49.67 17.24
N GLU D 566 -23.06 50.14 16.11
CA GLU D 566 -23.43 51.53 16.00
C GLU D 566 -24.37 51.89 17.16
N ASP D 567 -25.30 50.98 17.49
CA ASP D 567 -26.25 51.21 18.57
C ASP D 567 -25.68 51.19 20.00
N GLN D 568 -24.46 50.69 20.16
CA GLN D 568 -23.84 50.69 21.48
C GLN D 568 -23.30 52.11 21.64
N ILE D 569 -22.76 52.65 20.55
CA ILE D 569 -22.22 54.00 20.54
C ILE D 569 -23.27 55.08 20.82
N GLU D 570 -24.37 55.11 20.06
CA GLU D 570 -25.41 56.12 20.29
C GLU D 570 -26.00 56.00 21.67
N ALA D 571 -26.27 54.78 22.12
CA ALA D 571 -26.86 54.63 23.43
C ALA D 571 -25.89 55.19 24.45
N THR D 572 -24.61 54.87 24.27
CA THR D 572 -23.60 55.36 25.19
C THR D 572 -23.64 56.89 25.22
N ARG D 573 -23.44 57.52 24.05
CA ARG D 573 -23.47 58.98 23.98
C ARG D 573 -24.64 59.48 24.82
N GLN D 574 -25.84 58.98 24.55
CA GLN D 574 -26.97 59.43 25.36
C GLN D 574 -26.60 59.26 26.83
N PHE D 575 -26.25 58.05 27.23
CA PHE D 575 -25.87 57.82 28.63
C PHE D 575 -24.87 58.89 29.10
N SER D 576 -23.86 59.15 28.29
CA SER D 576 -22.84 60.13 28.65
C SER D 576 -23.36 61.52 28.93
N LYS D 577 -24.45 61.89 28.25
CA LYS D 577 -25.03 63.22 28.45
C LYS D 577 -26.05 63.31 29.57
N MET D 578 -26.07 62.31 30.44
CA MET D 578 -26.98 62.34 31.58
C MET D 578 -26.16 63.05 32.66
N GLY D 579 -26.83 63.73 33.57
CA GLY D 579 -26.09 64.48 34.57
C GLY D 579 -25.00 63.80 35.39
N PHE D 580 -25.09 62.48 35.55
CA PHE D 580 -24.17 61.74 36.41
C PHE D 580 -23.02 60.96 35.78
N VAL D 581 -22.70 61.24 34.52
CA VAL D 581 -21.63 60.52 33.86
C VAL D 581 -20.43 61.42 33.61
N ASP D 582 -19.22 60.89 33.81
CA ASP D 582 -18.00 61.65 33.55
C ASP D 582 -17.50 61.26 32.18
N ASP D 583 -17.95 61.98 31.16
CA ASP D 583 -17.58 61.64 29.78
C ASP D 583 -16.10 61.66 29.45
N LYS D 584 -15.26 62.06 30.40
CA LYS D 584 -13.82 62.05 30.14
C LYS D 584 -13.25 60.66 30.48
N ARG D 585 -14.08 59.82 31.08
CA ARG D 585 -13.67 58.46 31.47
C ARG D 585 -14.75 57.44 31.16
N ILE D 586 -14.81 57.04 29.89
CA ILE D 586 -15.79 56.05 29.47
C ILE D 586 -15.11 54.87 28.81
N ALA D 587 -15.42 53.69 29.32
CA ALA D 587 -14.84 52.47 28.78
C ALA D 587 -15.90 51.45 28.32
N ILE D 588 -15.45 50.46 27.57
CA ILE D 588 -16.31 49.41 27.06
C ILE D 588 -15.54 48.09 27.04
N TRP D 589 -16.16 47.03 27.49
CA TRP D 589 -15.47 45.74 27.43
C TRP D 589 -16.42 44.66 27.00
N GLY D 590 -15.89 43.60 26.42
CA GLY D 590 -16.74 42.51 26.01
C GLY D 590 -15.99 41.20 25.85
N TRP D 591 -16.75 40.09 25.89
CA TRP D 591 -16.18 38.75 25.76
C TRP D 591 -16.85 38.03 24.58
N SER D 592 -16.05 37.35 23.78
CA SER D 592 -16.59 36.63 22.63
C SER D 592 -17.18 37.66 21.66
N TYR D 593 -18.44 37.52 21.27
CA TYR D 593 -19.07 38.48 20.38
C TYR D 593 -18.94 39.86 21.03
N GLY D 594 -19.10 39.89 22.34
CA GLY D 594 -19.00 41.12 23.10
C GLY D 594 -17.63 41.73 22.91
N GLY D 595 -16.68 40.87 22.60
CA GLY D 595 -15.34 41.35 22.35
C GLY D 595 -15.22 41.85 20.92
N TYR D 596 -15.97 41.24 19.99
CA TYR D 596 -15.92 41.65 18.60
C TYR D 596 -16.45 43.07 18.54
N VAL D 597 -17.59 43.24 19.21
CA VAL D 597 -18.24 44.52 19.25
C VAL D 597 -17.33 45.52 19.90
N THR D 598 -16.99 45.28 21.16
CA THR D 598 -16.09 46.18 21.89
C THR D 598 -15.00 46.70 20.97
N SER D 599 -14.38 45.78 20.25
CA SER D 599 -13.29 46.13 19.36
C SER D 599 -13.73 46.93 18.17
N MET D 600 -14.96 46.71 17.72
CA MET D 600 -15.48 47.41 16.57
C MET D 600 -15.82 48.83 17.01
N VAL D 601 -16.29 48.97 18.25
CA VAL D 601 -16.60 50.29 18.76
C VAL D 601 -15.31 51.09 18.83
N LEU D 602 -14.32 50.56 19.52
CA LEU D 602 -13.06 51.26 19.64
C LEU D 602 -12.54 51.53 18.25
N GLY D 603 -12.85 50.65 17.31
CA GLY D 603 -12.35 50.87 15.97
C GLY D 603 -13.08 52.03 15.30
N ALA D 604 -14.33 52.22 15.69
CA ALA D 604 -15.18 53.25 15.13
C ALA D 604 -14.52 54.60 14.95
N GLY D 605 -14.14 55.24 16.04
CA GLY D 605 -13.51 56.54 15.96
C GLY D 605 -14.49 57.60 16.44
N SER D 606 -15.39 57.15 17.31
CA SER D 606 -16.42 57.99 17.87
C SER D 606 -15.80 58.97 18.88
N GLY D 607 -14.56 58.72 19.25
CA GLY D 607 -13.94 59.59 20.23
C GLY D 607 -14.74 59.53 21.52
N VAL D 608 -15.62 58.56 21.64
CA VAL D 608 -16.46 58.43 22.81
C VAL D 608 -15.83 57.64 23.94
N PHE D 609 -14.98 56.69 23.58
CA PHE D 609 -14.37 55.82 24.57
C PHE D 609 -12.90 56.08 24.81
N LYS D 610 -12.47 56.03 26.07
CA LYS D 610 -11.07 56.25 26.39
C LYS D 610 -10.35 54.91 26.27
N CYS D 611 -10.95 53.86 26.81
CA CYS D 611 -10.33 52.55 26.74
C CYS D 611 -11.33 51.39 26.58
N GLY D 612 -10.78 50.22 26.26
CA GLY D 612 -11.61 49.04 26.09
C GLY D 612 -10.83 47.75 26.24
N ILE D 613 -11.55 46.72 26.70
CA ILE D 613 -10.98 45.39 26.87
C ILE D 613 -11.78 44.41 26.03
N ALA D 614 -11.08 43.59 25.25
CA ALA D 614 -11.69 42.57 24.39
C ALA D 614 -11.20 41.19 24.84
N VAL D 615 -12.13 40.30 25.17
CA VAL D 615 -11.71 38.96 25.60
C VAL D 615 -12.21 37.85 24.64
N ALA D 616 -11.27 37.13 24.03
CA ALA D 616 -11.56 36.04 23.08
C ALA D 616 -12.56 36.51 22.00
N PRO D 617 -12.30 37.70 21.41
CA PRO D 617 -13.18 38.25 20.39
C PRO D 617 -12.99 37.64 19.04
N VAL D 618 -14.01 37.76 18.21
CA VAL D 618 -13.94 37.32 16.84
C VAL D 618 -13.27 38.54 16.20
N SER D 619 -12.61 38.39 15.07
CA SER D 619 -12.00 39.57 14.46
C SER D 619 -12.31 39.66 12.95
N LYS D 620 -12.54 38.51 12.32
CA LYS D 620 -12.82 38.46 10.90
C LYS D 620 -13.69 37.25 10.71
N TRP D 621 -14.99 37.47 10.45
CA TRP D 621 -15.94 36.36 10.31
C TRP D 621 -15.56 35.09 9.51
N GLU D 622 -14.72 35.20 8.50
CA GLU D 622 -14.32 34.02 7.75
C GLU D 622 -13.60 33.01 8.66
N TYR D 623 -13.30 33.41 9.90
CA TYR D 623 -12.59 32.56 10.83
C TYR D 623 -13.53 31.81 11.76
N TYR D 624 -14.75 32.29 11.92
CA TYR D 624 -15.63 31.61 12.83
C TYR D 624 -16.28 30.39 12.18
N ASP D 625 -17.00 29.57 12.96
CA ASP D 625 -17.59 28.37 12.36
C ASP D 625 -18.74 28.67 11.42
N SER D 626 -18.97 27.74 10.48
CA SER D 626 -20.03 27.88 9.49
C SER D 626 -21.49 27.90 9.95
N VAL D 627 -21.89 27.03 10.88
CA VAL D 627 -23.30 27.05 11.28
C VAL D 627 -23.71 28.40 11.78
N TYR D 628 -22.94 28.97 12.69
CA TYR D 628 -23.25 30.29 13.25
C TYR D 628 -23.01 31.47 12.30
N THR D 629 -21.83 31.59 11.70
CA THR D 629 -21.55 32.74 10.82
C THR D 629 -22.48 32.84 9.62
N GLU D 630 -22.62 31.72 8.91
CA GLU D 630 -23.45 31.64 7.71
C GLU D 630 -24.94 31.86 8.02
N ARG D 631 -25.32 31.65 9.27
CA ARG D 631 -26.69 31.83 9.64
C ARG D 631 -27.08 33.31 9.57
N TYR D 632 -26.09 34.19 9.76
CA TYR D 632 -26.37 35.63 9.77
C TYR D 632 -25.65 36.37 8.63
N MET D 633 -24.68 35.72 8.01
CA MET D 633 -23.90 36.34 6.94
C MET D 633 -24.01 35.73 5.54
N GLY D 634 -24.60 34.54 5.41
CA GLY D 634 -24.66 33.92 4.11
C GLY D 634 -23.26 33.43 3.79
N LEU D 635 -22.96 33.12 2.54
CA LEU D 635 -21.62 32.64 2.18
C LEU D 635 -20.71 33.78 1.77
N PRO D 636 -19.41 33.68 2.10
CA PRO D 636 -18.39 34.68 1.80
C PRO D 636 -17.91 34.66 0.36
N THR D 637 -18.84 34.66 -0.58
CA THR D 637 -18.48 34.66 -2.00
C THR D 637 -19.01 35.92 -2.66
N PRO D 638 -18.33 36.37 -3.73
CA PRO D 638 -18.73 37.58 -4.47
C PRO D 638 -20.18 37.51 -4.93
N GLU D 639 -20.71 36.29 -5.04
CA GLU D 639 -22.09 36.10 -5.44
C GLU D 639 -23.08 36.13 -4.27
N ASP D 640 -22.60 36.00 -3.03
CA ASP D 640 -23.51 36.04 -1.88
C ASP D 640 -23.31 37.26 -0.99
N ASN D 641 -22.34 37.20 -0.08
CA ASN D 641 -22.14 38.32 0.86
C ASN D 641 -20.69 38.70 1.18
N LEU D 642 -19.75 38.24 0.36
CA LEU D 642 -18.33 38.54 0.59
C LEU D 642 -18.00 40.01 0.89
N ASP D 643 -18.80 40.94 0.38
CA ASP D 643 -18.51 42.35 0.63
C ASP D 643 -18.76 42.79 2.04
N TYR D 644 -19.77 42.24 2.70
CA TYR D 644 -20.03 42.61 4.08
C TYR D 644 -19.12 41.86 5.02
N TYR D 645 -18.48 40.83 4.48
CA TYR D 645 -17.53 40.04 5.24
C TYR D 645 -16.27 40.89 5.25
N ARG D 646 -15.76 41.20 4.04
CA ARG D 646 -14.53 41.98 3.86
C ARG D 646 -14.54 43.30 4.59
N ASN D 647 -15.70 43.92 4.74
CA ASN D 647 -15.73 45.20 5.42
C ASN D 647 -16.17 45.20 6.88
N SER D 648 -16.23 44.04 7.53
CA SER D 648 -16.64 43.98 8.95
C SER D 648 -15.57 43.40 9.90
N THR D 649 -14.34 43.28 9.43
CA THR D 649 -13.25 42.76 10.25
C THR D 649 -12.74 43.89 11.12
N VAL D 650 -12.25 43.54 12.30
CA VAL D 650 -11.72 44.52 13.21
C VAL D 650 -10.45 45.12 12.58
N MET D 651 -9.69 44.29 11.89
CA MET D 651 -8.45 44.69 11.27
C MET D 651 -8.58 45.82 10.26
N SER D 652 -9.77 46.05 9.73
CA SER D 652 -9.89 47.10 8.73
C SER D 652 -9.88 48.49 9.37
N ARG D 653 -9.93 48.52 10.71
CA ARG D 653 -9.94 49.76 11.48
C ARG D 653 -8.75 49.94 12.41
N ALA D 654 -7.57 49.46 12.02
CA ALA D 654 -6.40 49.58 12.87
C ALA D 654 -6.02 51.02 13.21
N GLU D 655 -5.83 51.84 12.17
CA GLU D 655 -5.45 53.24 12.34
C GLU D 655 -6.17 53.91 13.48
N ASN D 656 -7.48 53.69 13.55
CA ASN D 656 -8.27 54.31 14.59
C ASN D 656 -7.94 53.91 16.02
N PHE D 657 -7.24 52.81 16.24
CA PHE D 657 -6.96 52.40 17.62
C PHE D 657 -6.01 53.33 18.34
N LYS D 658 -5.29 54.16 17.56
CA LYS D 658 -4.32 55.13 18.09
C LYS D 658 -4.98 56.06 19.09
N GLN D 659 -6.29 56.22 18.98
CA GLN D 659 -7.00 57.11 19.87
C GLN D 659 -7.43 56.50 21.18
N VAL D 660 -7.18 55.22 21.40
CA VAL D 660 -7.64 54.62 22.65
C VAL D 660 -6.66 53.69 23.30
N GLU D 661 -6.91 53.39 24.57
CA GLU D 661 -6.07 52.46 25.33
C GLU D 661 -6.85 51.14 25.15
N TYR D 662 -6.17 50.11 24.69
CA TYR D 662 -6.83 48.83 24.41
C TYR D 662 -6.14 47.55 24.89
N LEU D 663 -6.90 46.73 25.63
CA LEU D 663 -6.43 45.46 26.17
C LEU D 663 -7.02 44.32 25.34
N LEU D 664 -6.15 43.52 24.70
CA LEU D 664 -6.57 42.37 23.89
C LEU D 664 -6.19 41.04 24.59
N ILE D 665 -7.18 40.29 25.10
CA ILE D 665 -6.91 39.02 25.80
C ILE D 665 -7.44 37.78 25.08
N HIS D 666 -6.69 36.68 25.11
CA HIS D 666 -7.11 35.45 24.46
C HIS D 666 -6.41 34.18 24.97
N GLY D 667 -7.17 33.08 25.07
CA GLY D 667 -6.60 31.82 25.51
C GLY D 667 -5.95 31.18 24.29
N THR D 668 -4.82 30.50 24.47
CA THR D 668 -4.10 29.88 23.36
C THR D 668 -4.70 28.55 22.89
N ALA D 669 -5.56 27.98 23.73
CA ALA D 669 -6.24 26.72 23.42
C ALA D 669 -7.75 26.95 23.24
N ASP D 670 -8.11 28.07 22.61
CA ASP D 670 -9.53 28.39 22.38
C ASP D 670 -9.92 27.60 21.15
N ASP D 671 -10.78 26.59 21.33
CA ASP D 671 -11.21 25.76 20.21
C ASP D 671 -12.40 26.36 19.51
N ASN D 672 -13.08 27.28 20.21
CA ASN D 672 -14.27 27.98 19.68
C ASN D 672 -13.83 29.20 18.83
N VAL D 673 -13.36 30.26 19.49
CA VAL D 673 -12.82 31.44 18.79
C VAL D 673 -11.30 31.27 18.86
N HIS D 674 -10.72 30.69 17.83
CA HIS D 674 -9.30 30.45 17.78
C HIS D 674 -8.40 31.66 18.05
N PHE D 675 -7.29 31.39 18.70
CA PHE D 675 -6.29 32.39 19.05
C PHE D 675 -5.89 33.15 17.78
N GLN D 676 -5.99 32.46 16.66
CA GLN D 676 -5.67 33.02 15.34
C GLN D 676 -6.33 34.38 15.13
N GLN D 677 -7.57 34.48 15.60
CA GLN D 677 -8.32 35.71 15.44
C GLN D 677 -7.66 36.89 16.16
N SER D 678 -7.13 36.66 17.36
CA SER D 678 -6.47 37.72 18.11
C SER D 678 -5.05 37.87 17.58
N ALA D 679 -4.53 36.79 17.01
CA ALA D 679 -3.19 36.79 16.46
C ALA D 679 -3.16 37.59 15.14
N GLN D 680 -4.24 37.48 14.38
CA GLN D 680 -4.28 38.20 13.12
C GLN D 680 -4.60 39.67 13.42
N LEU D 681 -5.25 39.92 14.56
CA LEU D 681 -5.60 41.29 14.93
C LEU D 681 -4.39 42.03 15.52
N SER D 682 -3.68 41.39 16.45
CA SER D 682 -2.51 42.01 17.02
C SER D 682 -1.58 42.39 15.86
N LYS D 683 -1.35 41.45 14.94
CA LYS D 683 -0.46 41.72 13.81
C LYS D 683 -0.95 42.87 12.91
N ALA D 684 -2.24 43.16 12.97
CA ALA D 684 -2.81 44.24 12.16
C ALA D 684 -2.40 45.57 12.81
N LEU D 685 -2.76 45.72 14.08
CA LEU D 685 -2.45 46.91 14.83
C LEU D 685 -0.95 47.16 14.73
N VAL D 686 -0.15 46.11 14.90
CA VAL D 686 1.29 46.24 14.83
C VAL D 686 1.70 46.72 13.46
N ASP D 687 0.99 46.26 12.44
CA ASP D 687 1.31 46.64 11.07
C ASP D 687 1.02 48.14 10.88
N ALA D 688 0.00 48.61 11.59
CA ALA D 688 -0.42 50.00 11.47
C ALA D 688 0.17 50.88 12.57
N GLY D 689 1.27 50.44 13.15
CA GLY D 689 1.94 51.19 14.20
C GLY D 689 1.15 51.59 15.43
N VAL D 690 0.11 50.86 15.78
CA VAL D 690 -0.64 51.23 16.98
C VAL D 690 -0.04 50.57 18.21
N ASP D 691 -0.02 51.27 19.33
CA ASP D 691 0.52 50.66 20.53
C ASP D 691 -0.69 50.22 21.30
N PHE D 692 -0.64 49.01 21.84
CA PHE D 692 -1.78 48.48 22.59
C PHE D 692 -1.31 47.36 23.49
N GLN D 693 -2.17 46.95 24.42
CA GLN D 693 -1.79 45.87 25.33
C GLN D 693 -2.36 44.51 24.95
N THR D 694 -1.54 43.50 25.19
CA THR D 694 -1.85 42.13 24.88
C THR D 694 -1.72 41.23 26.11
N MET D 695 -2.46 40.12 26.12
CA MET D 695 -2.37 39.16 27.21
C MET D 695 -2.87 37.80 26.75
N TRP D 696 -1.95 36.86 26.57
CA TRP D 696 -2.31 35.49 26.18
C TRP D 696 -2.38 34.64 27.43
N TYR D 697 -3.28 33.67 27.47
CA TYR D 697 -3.37 32.77 28.63
C TYR D 697 -3.08 31.36 28.15
N THR D 698 -1.90 30.86 28.45
CA THR D 698 -1.51 29.52 28.01
C THR D 698 -2.51 28.41 28.36
N ASP D 699 -2.89 27.64 27.34
CA ASP D 699 -3.80 26.51 27.45
C ASP D 699 -5.19 26.76 28.00
N GLU D 700 -5.61 28.01 28.02
CA GLU D 700 -6.94 28.33 28.49
C GLU D 700 -7.85 28.35 27.26
N ASP D 701 -9.09 27.88 27.41
CA ASP D 701 -9.97 27.87 26.27
C ASP D 701 -10.84 29.12 26.23
N HIS D 702 -11.97 29.04 25.55
CA HIS D 702 -12.81 30.21 25.41
C HIS D 702 -13.34 30.77 26.70
N GLY D 703 -13.44 29.92 27.70
CA GLY D 703 -13.94 30.36 29.00
C GLY D 703 -12.85 30.89 29.89
N ILE D 704 -11.59 30.53 29.62
CA ILE D 704 -10.44 30.94 30.45
C ILE D 704 -10.87 30.76 31.92
N ALA D 705 -11.38 29.58 32.23
CA ALA D 705 -11.91 29.36 33.54
C ALA D 705 -11.19 28.43 34.52
N SER D 706 -9.92 28.15 34.29
CA SER D 706 -9.22 27.32 35.26
C SER D 706 -9.26 28.29 36.47
N ASN D 707 -9.36 27.75 37.68
CA ASN D 707 -9.42 28.60 38.86
C ASN D 707 -8.33 29.67 38.90
N MET D 708 -7.08 29.33 38.62
CA MET D 708 -6.06 30.35 38.67
C MET D 708 -6.12 31.38 37.56
N ALA D 709 -6.45 30.97 36.34
CA ALA D 709 -6.53 31.92 35.24
C ALA D 709 -7.75 32.83 35.39
N HIS D 710 -8.79 32.31 36.01
CA HIS D 710 -9.99 33.11 36.19
C HIS D 710 -9.69 34.32 37.06
N GLN D 711 -8.86 34.12 38.07
CA GLN D 711 -8.51 35.18 38.98
C GLN D 711 -7.55 36.15 38.33
N HIS D 712 -6.59 35.59 37.63
CA HIS D 712 -5.58 36.38 36.98
C HIS D 712 -6.18 37.33 35.96
N ILE D 713 -7.10 36.84 35.13
CA ILE D 713 -7.64 37.73 34.11
C ILE D 713 -8.45 38.87 34.68
N TYR D 714 -9.21 38.62 35.74
CA TYR D 714 -9.99 39.72 36.31
C TYR D 714 -9.11 40.73 37.02
N THR D 715 -8.10 40.21 37.73
CA THR D 715 -7.17 41.06 38.45
C THR D 715 -6.51 41.98 37.45
N HIS D 716 -6.09 41.43 36.31
CA HIS D 716 -5.45 42.22 35.27
C HIS D 716 -6.39 43.30 34.71
N MET D 717 -7.60 42.92 34.31
CA MET D 717 -8.55 43.89 33.74
C MET D 717 -8.89 44.98 34.75
N SER D 718 -9.08 44.60 36.00
CA SER D 718 -9.40 45.56 37.05
C SER D 718 -8.26 46.56 37.13
N HIS D 719 -7.03 46.08 37.08
CA HIS D 719 -5.87 46.96 37.11
C HIS D 719 -5.95 47.90 35.89
N PHE D 720 -6.03 47.31 34.70
CA PHE D 720 -6.13 48.07 33.46
C PHE D 720 -7.14 49.21 33.52
N LEU D 721 -8.38 48.88 33.88
CA LEU D 721 -9.42 49.89 33.96
C LEU D 721 -9.13 51.05 34.91
N LYS D 722 -8.62 50.74 36.09
CA LYS D 722 -8.29 51.75 37.09
C LYS D 722 -7.31 52.77 36.51
N GLN D 723 -6.28 52.30 35.79
CA GLN D 723 -5.32 53.23 35.16
C GLN D 723 -6.09 54.20 34.25
N CYS D 724 -6.81 53.61 33.30
CA CYS D 724 -7.60 54.35 32.34
C CYS D 724 -8.51 55.34 33.04
N PHE D 725 -9.06 54.93 34.17
CA PHE D 725 -9.97 55.77 34.94
C PHE D 725 -9.29 56.60 36.01
N SER D 726 -7.95 56.60 36.00
CA SER D 726 -7.15 57.35 36.98
C SER D 726 -7.55 56.99 38.40
N LEU D 727 -8.03 55.77 38.59
CA LEU D 727 -8.44 55.31 39.92
C LEU D 727 -7.31 54.66 40.71
N PRO D 728 -7.16 55.05 41.99
CA PRO D 728 -6.09 54.45 42.79
C PRO D 728 -6.36 52.95 42.91
C1 NAG E . 12.91 -2.21 -16.09
C2 NAG E . 13.36 -1.04 -15.24
C3 NAG E . 12.15 -0.33 -14.68
C4 NAG E . 11.20 0.08 -15.82
C5 NAG E . 10.91 -1.09 -16.75
C6 NAG E . 10.21 -0.63 -18.01
C7 NAG E . 15.51 -1.32 -14.18
C8 NAG E . 16.31 -1.82 -13.00
N2 NAG E . 14.20 -1.51 -14.15
O3 NAG E . 12.55 0.81 -13.95
O4 NAG E . 9.97 0.52 -15.25
O5 NAG E . 12.12 -1.73 -17.18
O6 NAG E . 9.27 -1.59 -18.45
O7 NAG E . 16.08 -0.76 -15.12
C1 NAG E . 9.60 1.83 -15.49
C2 NAG E . 8.20 2.04 -14.92
C3 NAG E . 7.80 3.52 -14.93
C4 NAG E . 8.89 4.37 -14.28
C5 NAG E . 10.24 4.08 -14.95
C6 NAG E . 11.36 4.83 -14.29
C7 NAG E . 7.02 0.01 -15.38
C8 NAG E . 6.46 -0.89 -16.48
N2 NAG E . 7.22 1.28 -15.68
O3 NAG E . 6.57 3.67 -14.21
O4 NAG E . 8.58 5.75 -14.40
O5 NAG E . 10.55 2.67 -14.83
O6 NAG E . 11.42 4.53 -12.92
O7 NAG E . 7.29 -0.45 -14.28
C1 NAG F . 1.23 -19.69 -48.31
C2 NAG F . 1.87 -21.01 -48.76
C3 NAG F . 2.82 -20.80 -49.96
C4 NAG F . 2.10 -20.03 -51.08
C5 NAG F . 1.56 -18.72 -50.49
C6 NAG F . 0.86 -17.78 -51.49
C7 NAG F . 2.30 -22.80 -47.20
C8 NAG F . 2.85 -23.21 -45.85
N2 NAG F . 2.61 -21.59 -47.66
O3 NAG F . 3.27 -22.05 -50.45
O4 NAG F . 3.02 -19.72 -52.15
O5 NAG F . 0.62 -19.03 -49.42
O6 NAG F . 0.12 -18.49 -52.47
O7 NAG F . 1.61 -23.60 -47.84
C1 NAG F . 2.75 -20.24 -53.41
C2 NAG F . 3.72 -19.61 -54.43
C3 NAG F . 3.57 -20.25 -55.80
C4 NAG F . 3.65 -21.76 -55.73
C5 NAG F . 2.70 -22.32 -54.64
C6 NAG F . 2.94 -23.80 -54.38
C7 NAG F . 4.15 -17.32 -53.79
C8 NAG F . 3.41 -16.04 -53.43
N2 NAG F . 3.47 -18.19 -54.54
O3 NAG F . 4.61 -19.78 -56.65
O4 NAG F . 3.32 -22.31 -57.01
O5 NAG F . 2.93 -21.66 -53.37
O6 NAG F . 2.01 -24.62 -55.06
O7 NAG F . 5.30 -17.52 -53.41
C1 NAG G . -44.26 -23.06 -34.70
C2 NAG G . -43.33 -24.08 -35.34
C3 NAG G . -44.11 -24.95 -36.33
C4 NAG G . -45.29 -25.62 -35.61
C5 NAG G . -46.16 -24.54 -34.92
C6 NAG G . -47.27 -25.16 -34.08
C7 NAG G . -41.00 -23.57 -35.63
C8 NAG G . -39.96 -22.59 -36.19
N2 NAG G . -42.25 -23.40 -36.02
O3 NAG G . -43.23 -25.94 -36.87
O4 NAG G . -46.09 -26.39 -36.54
O5 NAG G . -45.35 -23.73 -34.03
O6 NAG G . -48.55 -24.72 -34.51
O7 NAG G . -40.66 -24.46 -34.85
C1 NAG G . -45.91 -27.76 -36.50
C2 NAG G . -47.01 -28.50 -37.30
C3 NAG G . -46.74 -30.01 -37.23
C4 NAG G . -45.27 -30.39 -37.58
C5 NAG G . -44.26 -29.45 -36.88
C6 NAG G . -42.82 -29.59 -37.35
C7 NAG G . -49.04 -27.19 -37.14
C8 NAG G . -50.16 -26.72 -36.23
N2 NAG G . -48.31 -28.22 -36.72
O3 NAG G . -47.62 -30.71 -38.11
O4 NAG G . -45.02 -31.74 -37.12
O5 NAG G . -44.64 -28.07 -37.07
O6 NAG G . -42.64 -30.72 -38.20
O7 NAG G . -48.83 -26.62 -38.22
C1 BMA G . -44.78 -32.70 -38.09
C2 BMA G . -43.41 -33.37 -37.85
C3 BMA G . -43.18 -34.44 -38.93
C4 BMA G . -44.39 -35.41 -39.03
C5 BMA G . -45.72 -34.64 -39.11
C6 BMA G . -46.94 -35.54 -39.02
O2 BMA G . -43.38 -33.96 -36.55
O3 BMA G . -42.00 -35.18 -38.61
O4 BMA G . -44.25 -36.23 -40.17
O5 BMA G . -45.83 -33.68 -38.03
O6 BMA G . -47.50 -35.77 -40.31
C1 NAG H . -2.63 -53.33 0.65
C2 NAG H . -3.37 -54.32 -0.27
C3 NAG H . -4.29 -55.23 0.54
C4 NAG H . -3.52 -55.89 1.69
C5 NAG H . -2.90 -54.78 2.55
C6 NAG H . -2.16 -55.24 3.78
C7 NAG H . -3.63 -52.95 -2.25
C8 NAG H . -4.46 -51.85 -2.90
N2 NAG H . -4.18 -53.61 -1.24
O3 NAG H . -4.83 -56.21 -0.33
O4 NAG H . -4.42 -56.72 2.47
O5 NAG H . -1.98 -54.02 1.74
O6 NAG H . -1.33 -56.37 3.52
O7 NAG H . -2.49 -53.19 -2.68
C1 NAG H . -4.11 -58.09 2.50
C2 NAG H . -5.19 -58.86 3.30
C3 NAG H . -5.00 -60.38 3.14
C4 NAG H . -4.93 -60.76 1.67
C5 NAG H . -3.76 -59.98 1.05
C6 NAG H . -3.46 -60.32 -0.40
C7 NAG H . -5.24 -57.29 5.14
C8 NAG H . -4.19 -56.81 6.13
N2 NAG H . -5.10 -58.54 4.72
O3 NAG H . -6.08 -61.08 3.76
O4 NAG H . -4.73 -62.16 1.54
O5 NAG H . -4.04 -58.56 1.13
O6 NAG H . -4.16 -59.47 -1.31
O7 NAG H . -6.14 -56.54 4.77
C1 NAG I . 20.58 24.63 42.14
C2 NAG I . 21.01 26.13 42.18
C3 NAG I . 22.48 26.30 42.56
C4 NAG I . 22.81 25.47 43.81
C5 NAG I . 22.44 24.00 43.54
C6 NAG I . 22.82 23.02 44.64
C7 NAG I . 19.88 27.66 40.67
C8 NAG I . 19.91 28.43 39.35
N2 NAG I . 20.79 26.70 40.85
O3 NAG I . 22.75 27.68 42.80
O4 NAG I . 24.21 25.59 44.12
O5 NAG I . 21.01 23.91 43.33
O6 NAG I . 22.12 23.24 45.84
O7 NAG I . 19.03 27.93 41.51
C1 NAG I . 24.48 26.15 45.37
C2 NAG I . 25.98 26.01 45.69
C3 NAG I . 26.35 26.75 46.98
C4 NAG I . 25.76 28.17 47.04
C5 NAG I . 24.26 28.17 46.64
C6 NAG I . 23.67 29.57 46.53
C7 NAG I . 27.02 23.98 44.92
C8 NAG I . 26.96 22.46 44.93
N2 NAG I . 26.33 24.61 45.86
O3 NAG I . 27.76 26.82 47.09
O4 NAG I . 25.90 28.69 48.35
O5 NAG I . 24.08 27.52 45.36
O6 NAG I . 24.51 30.44 45.75
O7 NAG I . 27.69 24.57 44.07
C1 NAG J . -24.37 11.60 55.66
C2 NAG J . -23.48 12.81 55.90
C3 NAG J . -23.67 13.33 57.33
C4 NAG J . -25.15 13.59 57.61
C5 NAG J . -25.99 12.35 57.28
C6 NAG J . -27.47 12.66 57.39
C7 NAG J . -21.37 13.01 54.73
C8 NAG J . -19.93 13.38 55.06
N2 NAG J . -22.09 12.44 55.70
O3 NAG J . -22.94 14.54 57.51
O4 NAG J . -25.31 13.93 58.99
O5 NAG J . -25.75 11.94 55.92
O6 NAG J . -28.22 11.50 57.66
O7 NAG J . -21.81 13.23 53.61
C1 NAG J . -25.40 15.28 59.26
C2 NAG J . -26.40 15.52 60.38
C3 NAG J . -26.50 17.02 60.64
C4 NAG J . -25.10 17.64 60.89
C5 NAG J . -24.06 17.17 59.86
C6 NAG J . -22.64 17.51 60.30
C7 NAG J . -28.71 15.74 59.65
C8 NAG J . -29.84 15.91 60.66
N2 NAG J . -27.69 14.96 60.01
O3 NAG J . -27.32 17.25 61.77
O4 NAG J . -25.20 19.08 60.82
O5 NAG J . -24.11 15.73 59.69
O6 NAG J . -22.36 16.97 61.58
O7 NAG J . -28.77 16.31 58.56
C1 BMA J . -25.48 19.76 62.00
C2 BMA J . -24.73 21.10 62.03
C3 BMA J . -25.11 21.87 63.30
C4 BMA J . -26.63 22.00 63.44
C5 BMA J . -27.30 20.61 63.30
C6 BMA J . -28.83 20.70 63.29
O2 BMA J . -25.07 21.87 60.87
O3 BMA J . -24.51 23.16 63.27
O4 BMA J . -26.95 22.57 64.69
O5 BMA J . -26.90 19.97 62.07
O6 BMA J . -29.43 19.49 63.73
C1 NAG K . -17.53 9.60 4.83
C2 NAG K . -17.82 8.15 4.36
C3 NAG K . -16.75 7.75 3.35
C4 NAG K . -16.76 8.76 2.20
C5 NAG K . -16.47 10.14 2.75
C6 NAG K . -16.44 11.21 1.70
C7 NAG K . -18.86 6.65 5.93
C8 NAG K . -18.69 5.65 7.05
N2 NAG K . -17.76 7.25 5.49
O3 NAG K . -17.01 6.44 2.86
O4 NAG K . -15.78 8.40 1.22
O5 NAG K . -17.49 10.49 3.71
O6 NAG K . -17.64 11.95 1.69
O7 NAG K . -19.98 6.88 5.44
C1 NAG K . -16.32 8.01 0.01
C2 NAG K . -15.45 8.47 -1.15
C3 NAG K . -16.20 8.13 -2.43
C4 NAG K . -16.46 6.61 -2.49
C5 NAG K . -17.10 6.08 -1.18
C6 NAG K . -17.01 4.58 -1.09
C7 NAG K . -13.97 10.32 -0.78
C8 NAG K . -13.38 11.34 -1.73
N2 NAG K . -15.20 9.90 -1.06
O3 NAG K . -15.44 8.53 -3.55
O4 NAG K . -17.33 6.33 -3.58
O5 NAG K . -16.40 6.59 -0.01
O6 NAG K . -15.82 4.19 -0.42
O7 NAG K . -13.31 9.91 0.19
C1 NAG L . -32.90 32.17 1.87
C2 NAG L . -33.57 33.20 0.95
C3 NAG L . -32.93 33.28 -0.43
C4 NAG L . -31.41 33.41 -0.30
C5 NAG L . -30.92 32.22 0.52
C6 NAG L . -29.41 32.05 0.65
C7 NAG L . -35.89 33.79 0.86
C8 NAG L . -36.43 34.31 -0.46
N2 NAG L . -34.97 32.84 0.80
O3 NAG L . -33.45 34.40 -1.13
O4 NAG L . -30.80 33.43 -1.62
O5 NAG L . -31.48 32.32 1.84
O6 NAG L . -28.73 33.29 0.70
O7 NAG L . -36.30 34.25 1.94
C1 NAG L . -29.65 34.22 -1.71
C2 NAG L . -28.87 33.88 -2.99
C3 NAG L . -27.60 34.76 -3.02
C4 NAG L . -28.02 36.24 -2.96
C5 NAG L . -28.91 36.52 -1.74
C6 NAG L . -29.47 37.93 -1.76
C7 NAG L . -29.23 31.64 -3.79
C8 NAG L . -28.43 30.82 -4.80
N2 NAG L . -28.53 32.47 -3.01
O3 NAG L . -26.85 34.50 -4.20
O4 NAG L . -26.88 37.07 -2.92
O5 NAG L . -30.04 35.61 -1.72
O6 NAG L . -30.11 38.26 -0.54
O7 NAG L . -30.45 31.52 -3.73
C1 NAG M . -19.72 48.11 4.93
C2 NAG M . -20.05 48.77 6.28
C3 NAG M . -21.49 49.29 6.26
C4 NAG M . -21.76 50.20 5.06
C5 NAG M . -21.37 49.44 3.77
C6 NAG M . -21.53 50.20 2.47
C7 NAG M . -19.09 48.04 8.37
C8 NAG M . -19.41 47.36 9.70
N2 NAG M . -19.89 47.80 7.35
O3 NAG M . -21.76 49.99 7.46
O4 NAG M . -23.17 50.53 5.03
O5 NAG M . -19.98 49.02 3.85
O6 NAG M . -21.77 51.59 2.67
O7 NAG M . -18.11 48.78 8.30
C1 NAG M . -23.53 51.86 5.17
C2 NAG M . -25.05 51.98 5.21
C3 NAG M . -25.37 53.46 5.18
C4 NAG M . -24.82 54.08 6.46
C5 NAG M . -23.32 53.75 6.69
C6 NAG M . -22.95 53.98 8.16
C7 NAG M . -25.14 51.11 2.96
C8 NAG M . -25.24 49.73 2.33
N2 NAG M . -25.73 51.27 4.13
O3 NAG M . -26.76 53.65 5.09
O4 NAG M . -24.98 55.50 6.41
O5 NAG M . -23.02 52.34 6.43
O6 NAG M . -23.91 53.39 9.03
O7 NAG M . -24.53 52.01 2.37
C1 NAG N . 59.04 -31.85 -19.26
C2 NAG N . 58.41 -30.93 -18.24
C3 NAG N . 59.04 -29.55 -18.38
C4 NAG N . 60.57 -29.64 -18.24
C5 NAG N . 61.14 -30.74 -19.17
C6 NAG N . 62.62 -31.01 -18.93
C7 NAG N . 56.14 -31.49 -17.63
C8 NAG N . 55.07 -30.67 -16.93
N2 NAG N . 56.97 -30.85 -18.44
O3 NAG N . 58.52 -28.68 -17.39
O4 NAG N . 61.16 -28.39 -18.57
O5 NAG N . 60.44 -31.99 -18.99
O6 NAG N . 63.07 -32.13 -19.67
O7 NAG N . 56.21 -32.71 -17.42
C1 NAG O . 44.82 -42.32 -8.99
C2 NAG O . 43.81 -43.44 -9.24
C3 NAG O . 44.52 -44.79 -9.06
C4 NAG O . 45.65 -44.87 -10.08
C5 NAG O . 46.61 -43.68 -9.89
C6 NAG O . 47.67 -43.65 -10.98
C7 NAG O . 41.45 -43.25 -8.87
C8 NAG O . 40.61 -44.52 -8.91
N2 NAG O . 42.68 -43.34 -8.36
O3 NAG O . 43.61 -45.86 -9.25
O4 NAG O . 46.36 -46.09 -9.93
O5 NAG O . 45.89 -42.42 -9.95
O6 NAG O . 48.21 -42.35 -11.16
O7 NAG O . 40.98 -42.19 -9.32
C1 NAG P . 34.95 2.12 5.79
C2 NAG P . 36.25 2.31 6.59
C3 NAG P . 36.23 1.32 7.77
C4 NAG P . 34.93 1.41 8.60
C5 NAG P . 33.69 1.38 7.69
C6 NAG P . 32.42 1.71 8.46
C7 NAG P . 38.32 3.02 5.55
C8 NAG P . 39.62 2.86 6.33
N2 NAG P . 37.40 2.08 5.72
O3 NAG P . 37.33 1.57 8.63
O4 NAG P . 34.85 0.33 9.51
O5 NAG P . 33.81 2.37 6.63
O6 NAG P . 32.10 0.68 9.39
O7 NAG P . 38.17 3.99 4.81
C1 NAG Q . 15.05 -4.96 -43.30
C2 NAG Q . 14.99 -4.31 -44.68
C3 NAG Q . 13.94 -3.20 -44.71
C4 NAG Q . 12.59 -3.76 -44.30
C5 NAG Q . 12.70 -4.48 -42.95
C6 NAG Q . 11.39 -5.18 -42.61
C7 NAG Q . 16.98 -4.44 -46.02
C8 NAG Q . 18.48 -4.27 -46.01
N2 NAG Q . 16.29 -3.80 -45.08
O3 NAG Q . 13.86 -2.67 -46.03
O4 NAG Q . 11.63 -2.72 -44.23
O5 NAG Q . 13.75 -5.49 -42.99
O6 NAG Q . 11.59 -6.53 -42.17
O7 NAG Q . 16.44 -5.16 -46.88
S SO4 R . 33.77 -16.62 -35.83
O1 SO4 R . 34.67 -16.63 -37.03
O2 SO4 R . 33.56 -17.95 -35.29
O3 SO4 R . 34.43 -15.81 -34.78
O4 SO4 R . 32.54 -15.87 -36.19
N BPR S . 16.96 -21.85 -30.83
CA BPR S . 16.29 -22.56 -31.94
C BPR S . 15.47 -23.76 -31.48
O BPR S . 15.67 -24.27 -30.39
CB BPR S . 17.36 -22.99 -32.92
CG BPR S . 18.62 -22.95 -32.06
CD BPR S . 18.42 -21.84 -31.04
O1 BPR S . 14.55 -26.78 -33.86
N1 BPR S . 14.52 -24.21 -32.30
C1 BPR S . 14.03 -23.48 -33.50
C2 BPR S . 13.67 -25.36 -31.99
C3 BPR S . 12.42 -25.08 -32.81
C4 BPR S . 12.98 -24.39 -34.03
O2 BPR S . 15.61 -26.96 -31.70
B BPR S . 14.30 -26.75 -32.38
C1 NAG T . -59.28 -28.36 -19.74
C2 NAG T . -59.34 -26.81 -19.74
C3 NAG T . -60.04 -26.26 -18.49
C4 NAG T . -61.35 -26.99 -18.17
C5 NAG T . -61.12 -28.51 -18.19
C6 NAG T . -62.42 -29.28 -17.97
C7 NAG T . -57.45 -25.96 -20.98
C8 NAG T . -56.27 -26.83 -21.43
N2 NAG T . -58.00 -26.25 -19.81
O3 NAG T . -60.32 -24.89 -18.69
O4 NAG T . -61.84 -26.59 -16.89
O5 NAG T . -60.58 -28.92 -19.47
O6 NAG T . -63.21 -29.31 -19.16
O7 NAG T . -57.84 -25.03 -21.70
C1 NAG U . -12.68 -16.06 5.34
C2 NAG U . -13.18 -14.77 6.01
C3 NAG U . -11.98 -13.91 6.40
C4 NAG U . -11.03 -14.70 7.30
C5 NAG U . -10.63 -16.01 6.61
C6 NAG U . -9.83 -16.89 7.55
C7 NAG U . -15.36 -13.87 5.43
C8 NAG U . -16.22 -13.08 4.46
N2 NAG U . -14.06 -14.00 5.14
O3 NAG U . -12.43 -12.74 7.10
O4 NAG U . -9.88 -13.93 7.61
O5 NAG U . -11.80 -16.78 6.22
O6 NAG U . -9.43 -18.09 6.91
O7 NAG U . -15.88 -14.38 6.43
C1 NAG V . -34.07 5.94 -0.04
C2 NAG V . -35.42 6.66 -0.21
C3 NAG V . -35.37 7.75 -1.30
C4 NAG V . -34.14 8.64 -1.13
C5 NAG V . -32.89 7.76 -1.07
C6 NAG V . -31.61 8.58 -0.91
C7 NAG V . -37.26 5.19 0.32
C8 NAG V . -37.31 3.68 0.45
N2 NAG V . -36.43 5.69 -0.59
O3 NAG V . -36.54 8.55 -1.24
O4 NAG V . -34.05 9.55 -2.22
O5 NAG V . -32.98 6.88 0.07
O6 NAG V . -30.53 7.76 -0.49
O7 NAG V . -37.96 5.91 1.05
C1 NAG W . -15.60 -42.43 12.72
C2 NAG W . -15.77 -43.50 13.80
C3 NAG W . -14.77 -43.29 14.93
C4 NAG W . -13.36 -43.34 14.33
C5 NAG W . -13.28 -42.23 13.27
C6 NAG W . -11.94 -42.15 12.58
C7 NAG W . -17.64 -44.64 14.76
C8 NAG W . -18.80 -44.53 15.75
N2 NAG W . -17.11 -43.50 14.33
O3 NAG W . -14.94 -44.31 15.89
O4 NAG W . -12.37 -43.15 15.33
O5 NAG W . -14.25 -42.47 12.24
O6 NAG W . -12.09 -41.51 11.34
O7 NAG W . -17.24 -45.76 14.39
S SO4 X . -34.33 -39.17 -0.42
O1 SO4 X . -33.05 -39.51 0.28
O2 SO4 X . -34.25 -39.37 -1.87
O3 SO4 X . -35.38 -40.06 0.12
O4 SO4 X . -34.75 -37.81 0.00
N BPR Y . -17.90 -36.90 -7.98
CA BPR Y . -17.02 -38.09 -7.89
C BPR Y . -16.21 -38.36 -9.16
O BPR Y . -16.45 -37.75 -10.18
CB BPR Y . -17.88 -39.27 -7.53
CG BPR Y . -19.29 -38.65 -7.30
CD BPR Y . -19.09 -37.12 -7.16
O1 BPR Y . -15.31 -41.94 -10.93
N1 BPR Y . -15.24 -39.28 -9.10
C1 BPR Y . -14.79 -40.04 -7.89
C2 BPR Y . -14.42 -39.61 -10.28
C3 BPR Y . -13.26 -40.37 -9.67
C4 BPR Y . -13.91 -41.08 -8.46
O2 BPR Y . -16.54 -39.99 -11.73
B BPR Y . -15.17 -40.50 -11.41
C1 NAG Z . 45.23 50.15 -13.18
C2 NAG Z . 44.40 49.19 -14.05
C3 NAG Z . 45.29 48.08 -14.61
C4 NAG Z . 46.52 48.66 -15.31
C5 NAG Z . 47.24 49.63 -14.36
C6 NAG Z . 48.44 50.30 -15.01
C7 NAG Z . 42.07 48.92 -13.49
C8 NAG Z . 41.01 47.93 -13.00
N2 NAG Z . 43.34 48.61 -13.25
O3 NAG Z . 44.55 47.28 -15.52
O4 NAG Z . 47.39 47.61 -15.70
O5 NAG Z . 46.34 50.67 -13.92
O6 NAG Z . 49.64 50.07 -14.26
O7 NAG Z . 41.72 49.94 -14.08
C1 NAG AA . 22.24 53.34 -11.44
C2 NAG AA . 21.45 53.92 -10.25
C3 NAG AA . 21.46 55.45 -10.27
C4 NAG AA . 22.86 56.01 -10.49
C5 NAG AA . 23.52 55.35 -11.70
C6 NAG AA . 24.94 55.81 -11.94
C7 NAG AA . 19.44 53.04 -9.22
C8 NAG AA . 18.76 54.12 -8.37
N2 NAG AA . 20.08 53.44 -10.32
O3 NAG AA . 20.95 55.95 -9.03
O4 NAG AA . 22.80 57.42 -10.68
O5 NAG AA . 23.56 53.92 -11.51
O6 NAG AA . 25.16 56.12 -13.31
O7 NAG AA . 19.38 51.87 -8.87
C1 NAG BA . 18.12 7.64 7.60
C2 NAG BA . 18.47 6.64 6.50
C3 NAG BA . 17.47 5.49 6.56
C4 NAG BA . 17.47 4.84 7.94
C5 NAG BA . 17.24 5.90 9.03
C6 NAG BA . 17.48 5.29 10.38
C7 NAG BA . 19.39 7.54 4.45
C8 NAG BA . 19.16 8.30 3.15
N2 NAG BA . 18.33 7.31 5.21
O3 NAG BA . 17.81 4.50 5.60
O4 NAG BA . 16.45 3.85 8.00
O5 NAG BA . 18.18 7.00 8.89
O6 NAG BA . 16.74 5.96 11.38
O7 NAG BA . 20.52 7.17 4.75
C1 NAG CA . 24.24 9.13 -23.12
C2 NAG CA . 24.82 9.50 -24.49
C3 NAG CA . 23.68 9.91 -25.45
C4 NAG CA . 22.52 8.87 -25.44
C5 NAG CA . 22.11 8.53 -24.00
C6 NAG CA . 21.02 7.46 -23.88
C7 NAG CA . 26.92 10.59 -24.91
C8 NAG CA . 27.09 11.47 -26.15
N2 NAG CA . 25.73 10.61 -24.33
O3 NAG CA . 24.21 10.05 -26.76
O4 NAG CA . 21.41 9.37 -26.15
O5 NAG CA . 23.26 8.09 -23.25
O6 NAG CA . 20.10 7.76 -22.84
O7 NAG CA . 27.87 9.93 -24.49
C1 NAG DA . 33.29 14.35 29.10
C2 NAG DA . 33.87 13.83 30.42
C3 NAG DA . 33.05 12.61 30.87
C4 NAG DA . 31.58 13.04 31.05
C5 NAG DA . 31.07 13.65 29.73
C6 NAG DA . 29.66 14.20 29.82
C7 NAG DA . 36.22 14.37 30.68
C8 NAG DA . 36.12 14.96 32.08
N2 NAG DA . 35.28 13.50 30.29
O3 NAG DA . 33.58 12.09 32.08
O4 NAG DA . 30.79 11.92 31.43
O5 NAG DA . 31.93 14.75 29.31
O6 NAG DA . 29.08 13.91 31.09
O7 NAG DA . 37.16 14.70 29.96
S SO4 EA . 39.84 30.64 13.65
O1 SO4 EA . 39.33 29.87 12.46
O2 SO4 EA . 39.27 30.20 14.94
O3 SO4 EA . 41.31 30.40 13.72
O4 SO4 EA . 39.67 32.07 13.31
N BPR FA . 22.75 29.49 19.00
CA BPR FA . 22.45 29.94 20.37
C BPR FA . 21.23 30.83 20.56
O BPR FA . 20.69 31.39 19.59
CB BPR FA . 23.72 30.65 20.89
CG BPR FA . 24.67 30.64 19.65
CD BPR FA . 24.21 29.45 18.82
O1 BPR FA . 20.88 33.63 23.25
N1 BPR FA . 20.73 30.96 21.80
C1 BPR FA . 21.03 30.05 22.93
C2 BPR FA . 19.57 31.78 22.08
C3 BPR FA . 19.10 31.25 23.43
C4 BPR FA . 20.35 30.70 24.06
O2 BPR FA . 20.47 33.84 20.86
B BPR FA . 19.88 33.34 22.16
C1 NAG GA . -43.77 9.66 53.63
C2 NAG GA . -45.10 9.04 54.10
C3 NAG GA . -44.84 8.09 55.28
C4 NAG GA . -43.71 7.08 54.96
C5 NAG GA . -42.48 7.79 54.38
C6 NAG GA . -41.43 6.80 53.90
C7 NAG GA . -47.33 9.87 54.55
C8 NAG GA . -48.18 10.87 55.31
N2 NAG GA . -46.02 10.09 54.49
O3 NAG GA . -46.03 7.37 55.59
O4 NAG GA . -43.34 6.39 56.16
O5 NAG GA . -42.85 8.62 53.26
O6 NAG GA . -40.11 7.29 54.13
O7 NAG GA . -47.86 8.90 54.01
C1 NAG HA . -24.22 -17.91 18.02
C2 NAG HA . -22.73 -17.93 18.41
C3 NAG HA . -22.31 -19.35 18.81
C4 NAG HA . -23.27 -19.91 19.87
C5 NAG HA . -24.71 -19.83 19.33
C6 NAG HA . -25.77 -20.31 20.29
C7 NAG HA . -20.66 -17.08 17.47
C8 NAG HA . -19.56 -17.92 16.82
N2 NAG HA . -21.92 -17.48 17.28
O3 NAG HA . -20.98 -19.32 19.31
O4 NAG HA . -22.94 -21.26 20.14
O5 NAG HA . -25.03 -18.47 19.05
O6 NAG HA . -26.99 -19.62 20.05
O7 NAG HA . -20.36 -16.08 18.14
S SO4 IA . -39.19 25.26 22.85
O1 SO4 IA . -38.57 25.37 21.48
O2 SO4 IA . -39.07 23.92 23.45
O3 SO4 IA . -38.50 26.21 23.77
O4 SO4 IA . -40.58 25.75 22.72
N BPR JA . -21.78 29.42 19.23
CA BPR JA . -21.69 30.89 19.25
C BPR JA . -20.46 31.35 20.05
O BPR JA . -19.96 30.63 20.90
CB BPR JA . -22.98 31.40 19.87
CG BPR JA . -23.37 30.26 20.76
CD BPR JA . -22.99 28.99 19.97
O1 BPR JA . -20.09 34.92 21.53
N1 BPR JA . -19.94 32.55 19.74
C1 BPR JA . -20.16 33.27 18.46
C2 BPR JA . -18.76 33.07 20.45
C3 BPR JA . -18.09 33.96 19.40
C4 BPR JA . -19.26 34.47 18.59
O2 BPR JA . -19.52 33.01 22.88
B BPR JA . -19.05 33.88 21.77
#